data_6UZ4
#
_entry.id   6UZ4
#
loop_
_entity.id
_entity.type
_entity.pdbx_description
1 polymer Plasminogen
2 polymer 'M protein'
#
loop_
_entity_poly.entity_id
_entity_poly.type
_entity_poly.pdbx_seq_one_letter_code
_entity_poly.pdbx_strand_id
1 'polypeptide(L)'
;YVEFSEECMHGSGENYDGKISKTMSGLECQAWDSQSPHAHGYIPSKFPNKNLKKNYCRNPDRDLRPWCFTTDPNKRWEYC
DIPRCAA
;
A
2 'polypeptide(L)' GSAGLQEKERELEDLKDAELKRLNEERHDHDKREAERKALEDKLADKQEHLDGALRY B
#
# COMPACT_ATOMS: atom_id res chain seq x y z
N GLU A 6 -11.52 0.06 -15.41
CA GLU A 6 -10.53 -0.74 -16.11
C GLU A 6 -10.02 -1.86 -15.20
N GLU A 7 -9.94 -3.06 -15.74
CA GLU A 7 -9.46 -4.22 -14.99
C GLU A 7 -7.98 -4.46 -15.27
N CYS A 8 -7.35 -3.48 -15.91
CA CYS A 8 -5.94 -3.55 -16.24
C CYS A 8 -5.31 -2.19 -16.00
N MET A 9 -3.98 -2.14 -15.99
CA MET A 9 -3.28 -0.88 -15.76
C MET A 9 -2.44 -0.50 -16.98
N HIS A 10 -2.25 0.80 -17.16
CA HIS A 10 -1.45 1.31 -18.27
C HIS A 10 -0.07 1.67 -17.76
N GLY A 11 -0.04 2.42 -16.67
CA GLY A 11 1.21 2.84 -16.09
C GLY A 11 1.45 2.23 -14.72
N SER A 12 1.31 3.03 -13.68
CA SER A 12 1.52 2.56 -12.31
C SER A 12 0.24 1.99 -11.71
N GLY A 13 -0.89 2.24 -12.35
CA GLY A 13 -2.16 1.73 -11.87
C GLY A 13 -2.88 2.72 -10.97
N GLU A 14 -2.61 3.99 -11.15
CA GLU A 14 -3.24 5.06 -10.36
C GLU A 14 -4.71 5.20 -10.76
N ASN A 15 -5.00 4.84 -11.99
CA ASN A 15 -6.36 4.93 -12.51
C ASN A 15 -7.03 3.57 -12.54
N TYR A 16 -6.44 2.59 -11.85
CA TYR A 16 -6.99 1.26 -11.81
C TYR A 16 -8.13 1.16 -10.81
N ASP A 17 -9.33 0.87 -11.30
CA ASP A 17 -10.50 0.73 -10.46
C ASP A 17 -11.15 -0.62 -10.72
N GLY A 18 -10.32 -1.66 -10.68
CA GLY A 18 -10.80 -3.01 -10.92
C GLY A 18 -11.31 -3.68 -9.66
N LYS A 19 -11.76 -4.92 -9.79
CA LYS A 19 -12.31 -5.66 -8.67
C LYS A 19 -11.31 -6.67 -8.09
N ILE A 20 -10.03 -6.56 -8.46
CA ILE A 20 -9.01 -7.46 -7.93
C ILE A 20 -8.76 -7.13 -6.46
N SER A 21 -8.85 -8.14 -5.60
CA SER A 21 -8.66 -7.94 -4.18
C SER A 21 -7.66 -8.94 -3.59
N LYS A 22 -6.67 -9.32 -4.38
CA LYS A 22 -5.68 -10.27 -3.90
C LYS A 22 -4.28 -9.84 -4.29
N THR A 23 -3.33 -10.07 -3.39
CA THR A 23 -1.94 -9.71 -3.60
C THR A 23 -1.24 -10.71 -4.51
N MET A 24 -0.01 -10.40 -4.89
CA MET A 24 0.78 -11.28 -5.75
C MET A 24 1.13 -12.58 -5.01
N SER A 25 0.92 -12.57 -3.69
CA SER A 25 1.19 -13.73 -2.85
C SER A 25 -0.04 -14.62 -2.74
N GLY A 26 -1.19 -14.11 -3.20
CA GLY A 26 -2.41 -14.88 -3.14
C GLY A 26 -3.23 -14.60 -1.89
N LEU A 27 -2.84 -13.57 -1.16
CA LEU A 27 -3.55 -13.20 0.06
C LEU A 27 -4.64 -12.19 -0.23
N GLU A 28 -5.81 -12.40 0.37
CA GLU A 28 -6.94 -11.50 0.18
C GLU A 28 -6.68 -10.18 0.89
N CYS A 29 -6.77 -9.10 0.14
CA CYS A 29 -6.54 -7.77 0.68
C CYS A 29 -7.50 -7.43 1.81
N GLN A 30 -7.01 -6.65 2.76
CA GLN A 30 -7.80 -6.21 3.89
C GLN A 30 -8.65 -5.02 3.44
N ALA A 31 -9.87 -4.93 3.94
CA ALA A 31 -10.77 -3.83 3.59
C ALA A 31 -10.16 -2.49 4.01
N TRP A 32 -10.22 -1.52 3.10
CA TRP A 32 -9.67 -0.19 3.36
C TRP A 32 -10.45 0.49 4.48
N ASP A 33 -11.70 0.08 4.67
CA ASP A 33 -12.55 0.64 5.70
C ASP A 33 -12.41 -0.13 7.00
N SER A 34 -11.54 -1.14 6.98
CA SER A 34 -11.31 -1.97 8.15
C SER A 34 -9.92 -1.72 8.72
N GLN A 35 -9.80 -1.80 10.03
CA GLN A 35 -8.54 -1.62 10.71
C GLN A 35 -8.03 -2.96 11.24
N SER A 36 -8.61 -4.02 10.70
CA SER A 36 -8.25 -5.37 11.08
C SER A 36 -7.84 -6.16 9.84
N PRO A 37 -6.75 -6.92 9.90
CA PRO A 37 -5.92 -7.04 11.10
C PRO A 37 -4.81 -5.98 11.20
N HIS A 38 -4.62 -5.21 10.14
CA HIS A 38 -3.57 -4.18 10.13
C HIS A 38 -4.17 -2.79 10.26
N ALA A 39 -3.66 -2.01 11.21
CA ALA A 39 -4.12 -0.64 11.41
C ALA A 39 -3.37 0.28 10.46
N HIS A 40 -4.09 1.23 9.86
CA HIS A 40 -3.48 2.15 8.91
C HIS A 40 -4.20 3.50 8.91
N GLY A 41 -3.67 4.43 8.12
CA GLY A 41 -4.25 5.75 8.03
C GLY A 41 -4.77 6.04 6.63
N TYR A 42 -4.94 5.00 5.83
CA TYR A 42 -5.43 5.14 4.47
C TYR A 42 -6.95 5.01 4.47
N ILE A 43 -7.57 5.88 5.24
CA ILE A 43 -9.02 5.91 5.40
C ILE A 43 -9.70 6.34 4.11
N PRO A 44 -10.68 5.55 3.62
CA PRO A 44 -11.42 5.86 2.40
C PRO A 44 -12.07 7.25 2.43
N SER A 45 -12.52 7.67 3.60
CA SER A 45 -13.15 8.97 3.77
C SER A 45 -12.09 10.07 3.80
N LYS A 46 -10.86 9.70 4.10
CA LYS A 46 -9.75 10.64 4.16
C LYS A 46 -9.23 10.89 2.75
N PHE A 47 -9.25 9.84 1.94
CA PHE A 47 -8.80 9.92 0.55
C PHE A 47 -9.90 9.44 -0.37
N PRO A 48 -10.97 10.25 -0.56
CA PRO A 48 -12.10 9.87 -1.39
C PRO A 48 -11.80 9.96 -2.88
N ASN A 49 -10.71 10.64 -3.23
CA ASN A 49 -10.33 10.79 -4.63
C ASN A 49 -9.37 9.69 -5.06
N LYS A 50 -9.23 8.67 -4.22
CA LYS A 50 -8.38 7.54 -4.54
C LYS A 50 -9.22 6.30 -4.84
N ASN A 51 -10.54 6.48 -4.75
CA ASN A 51 -11.51 5.41 -5.03
C ASN A 51 -11.23 4.15 -4.21
N LEU A 52 -11.06 4.32 -2.91
CA LEU A 52 -10.80 3.20 -2.03
C LEU A 52 -12.10 2.48 -1.69
N LYS A 53 -12.41 1.43 -2.45
CA LYS A 53 -13.63 0.66 -2.27
C LYS A 53 -13.33 -0.76 -1.80
N LYS A 54 -14.12 -1.23 -0.84
CA LYS A 54 -13.99 -2.58 -0.29
C LYS A 54 -12.54 -2.90 0.07
N ASN A 55 -11.99 -3.90 -0.58
CA ASN A 55 -10.62 -4.33 -0.36
C ASN A 55 -9.91 -4.49 -1.70
N TYR A 56 -10.36 -3.73 -2.68
CA TYR A 56 -9.78 -3.79 -4.02
C TYR A 56 -8.39 -3.17 -4.02
N CYS A 57 -7.50 -3.76 -4.82
CA CYS A 57 -6.13 -3.26 -4.94
C CYS A 57 -6.13 -1.88 -5.57
N ARG A 58 -5.48 -0.92 -4.91
CA ARG A 58 -5.42 0.45 -5.41
C ARG A 58 -4.01 1.01 -5.26
N ASN A 59 -3.79 2.16 -5.89
CA ASN A 59 -2.51 2.85 -5.83
C ASN A 59 -2.76 4.29 -5.40
N PRO A 60 -2.92 4.52 -4.09
CA PRO A 60 -3.23 5.83 -3.55
C PRO A 60 -2.00 6.61 -3.05
N ASP A 61 -0.81 6.06 -3.25
CA ASP A 61 0.40 6.71 -2.79
C ASP A 61 1.38 6.95 -3.93
N ARG A 62 0.94 6.69 -5.15
CA ARG A 62 1.77 6.86 -6.35
C ARG A 62 2.96 5.90 -6.34
N ASP A 63 2.69 4.65 -6.00
CA ASP A 63 3.72 3.62 -5.96
C ASP A 63 3.93 3.02 -7.34
N LEU A 64 4.83 2.05 -7.43
CA LEU A 64 5.15 1.39 -8.69
C LEU A 64 3.94 0.63 -9.21
N ARG A 65 3.38 -0.21 -8.36
CA ARG A 65 2.22 -1.01 -8.72
C ARG A 65 1.21 -0.96 -7.57
N PRO A 66 -0.09 -1.14 -7.85
CA PRO A 66 -1.12 -1.12 -6.82
C PRO A 66 -0.83 -2.15 -5.73
N TRP A 67 -1.24 -1.85 -4.51
CA TRP A 67 -0.99 -2.74 -3.39
C TRP A 67 -2.17 -2.72 -2.42
N CYS A 68 -2.03 -3.47 -1.36
CA CYS A 68 -3.06 -3.57 -0.34
C CYS A 68 -2.52 -4.26 0.90
N PHE A 69 -3.25 -4.17 2.00
CA PHE A 69 -2.85 -4.83 3.22
C PHE A 69 -3.24 -6.30 3.13
N THR A 70 -2.40 -7.18 3.62
CA THR A 70 -2.69 -8.61 3.53
C THR A 70 -3.49 -9.10 4.72
N THR A 71 -3.96 -10.34 4.64
CA THR A 71 -4.71 -10.94 5.71
C THR A 71 -3.78 -11.69 6.65
N ASP A 72 -2.49 -11.53 6.40
CA ASP A 72 -1.45 -12.18 7.20
C ASP A 72 -0.78 -11.15 8.09
N PRO A 73 -0.92 -11.29 9.42
CA PRO A 73 -0.31 -10.37 10.39
C PRO A 73 1.21 -10.38 10.32
N ASN A 74 1.76 -11.34 9.58
CA ASN A 74 3.20 -11.47 9.43
C ASN A 74 3.72 -10.63 8.28
N LYS A 75 2.81 -9.97 7.58
CA LYS A 75 3.16 -9.14 6.43
C LYS A 75 2.19 -7.97 6.34
N ARG A 76 2.68 -6.78 6.66
CA ARG A 76 1.85 -5.58 6.64
C ARG A 76 1.12 -5.39 5.32
N TRP A 77 1.86 -5.20 4.25
CA TRP A 77 1.27 -4.99 2.94
C TRP A 77 2.12 -5.60 1.85
N GLU A 78 1.48 -5.93 0.73
CA GLU A 78 2.16 -6.51 -0.41
C GLU A 78 1.57 -5.93 -1.69
N TYR A 79 2.33 -6.01 -2.78
CA TYR A 79 1.86 -5.50 -4.05
C TYR A 79 0.93 -6.51 -4.70
N CYS A 80 -0.03 -6.03 -5.49
CA CYS A 80 -0.98 -6.90 -6.15
C CYS A 80 -0.51 -7.27 -7.54
N ASP A 81 -1.11 -8.33 -8.08
CA ASP A 81 -0.75 -8.80 -9.41
C ASP A 81 -1.90 -8.49 -10.37
N ILE A 82 -1.78 -7.37 -11.05
CA ILE A 82 -2.81 -6.94 -11.99
C ILE A 82 -2.24 -6.84 -13.40
N PRO A 83 -2.89 -7.46 -14.39
CA PRO A 83 -2.44 -7.43 -15.78
C PRO A 83 -2.45 -6.02 -16.38
N ARG A 84 -1.58 -5.79 -17.33
CA ARG A 84 -1.48 -4.51 -18.00
C ARG A 84 -2.36 -4.50 -19.24
N CYS A 85 -2.79 -3.33 -19.68
CA CYS A 85 -3.65 -3.21 -20.86
C CYS A 85 -2.83 -3.35 -22.15
N GLY B 1 -17.07 27.69 -5.31
CA GLY B 1 -17.00 29.11 -5.02
C GLY B 1 -18.08 29.90 -5.73
N SER B 2 -17.69 30.99 -6.37
CA SER B 2 -18.64 31.83 -7.08
C SER B 2 -19.06 31.18 -8.39
N ALA B 3 -18.11 30.51 -9.03
CA ALA B 3 -18.37 29.83 -10.29
C ALA B 3 -18.58 28.34 -10.07
N GLY B 4 -18.20 27.87 -8.88
CA GLY B 4 -18.36 26.47 -8.55
C GLY B 4 -17.23 25.63 -9.11
N LEU B 5 -16.19 26.29 -9.60
CA LEU B 5 -15.05 25.59 -10.17
C LEU B 5 -14.26 24.88 -9.08
N GLN B 6 -14.26 25.45 -7.88
CA GLN B 6 -13.54 24.87 -6.75
C GLN B 6 -14.10 23.49 -6.42
N GLU B 7 -15.42 23.36 -6.50
CA GLU B 7 -16.09 22.10 -6.20
C GLU B 7 -15.82 21.08 -7.32
N LYS B 8 -15.38 21.57 -8.47
CA LYS B 8 -15.07 20.71 -9.60
C LYS B 8 -13.62 20.28 -9.53
N GLU B 9 -12.74 21.21 -9.17
CA GLU B 9 -11.33 20.92 -9.04
C GLU B 9 -11.08 19.99 -7.86
N ARG B 10 -11.91 20.15 -6.83
CA ARG B 10 -11.85 19.33 -5.61
C ARG B 10 -10.47 19.35 -4.95
N GLU B 11 -9.70 20.40 -5.24
CA GLU B 11 -8.35 20.56 -4.69
C GLU B 11 -7.45 19.37 -5.02
N LEU B 12 -7.66 18.80 -6.20
CA LEU B 12 -6.87 17.66 -6.65
C LEU B 12 -5.39 18.01 -6.75
N GLU B 13 -5.11 19.21 -7.21
CA GLU B 13 -3.73 19.67 -7.35
C GLU B 13 -3.10 19.91 -5.99
N ASP B 14 -3.93 20.31 -5.04
CA ASP B 14 -3.49 20.56 -3.67
C ASP B 14 -3.10 19.24 -3.00
N LEU B 15 -3.91 18.22 -3.24
CA LEU B 15 -3.67 16.90 -2.68
C LEU B 15 -2.42 16.27 -3.30
N LYS B 16 -2.27 16.46 -4.60
CA LYS B 16 -1.13 15.92 -5.34
C LYS B 16 0.20 16.50 -4.83
N ASP B 17 0.18 17.75 -4.41
CA ASP B 17 1.38 18.41 -3.90
C ASP B 17 1.87 17.74 -2.62
N ALA B 18 0.92 17.25 -1.82
CA ALA B 18 1.24 16.58 -0.57
C ALA B 18 1.80 15.19 -0.82
N GLU B 19 1.37 14.57 -1.93
CA GLU B 19 1.82 13.23 -2.29
C GLU B 19 3.34 13.19 -2.42
N LEU B 20 3.89 14.14 -3.16
CA LEU B 20 5.33 14.22 -3.38
C LEU B 20 6.04 14.81 -2.17
N LYS B 21 5.30 15.54 -1.35
CA LYS B 21 5.87 16.15 -0.15
C LYS B 21 6.17 15.08 0.90
N ARG B 22 5.23 14.17 1.10
CA ARG B 22 5.40 13.09 2.06
C ARG B 22 6.39 12.07 1.51
N LEU B 23 6.14 11.62 0.28
CA LEU B 23 6.99 10.64 -0.40
C LEU B 23 7.12 9.34 0.38
N ASN B 24 6.13 9.07 1.24
CA ASN B 24 6.09 7.85 2.05
C ASN B 24 7.31 7.73 2.95
N GLU B 25 7.76 8.85 3.51
CA GLU B 25 8.92 8.85 4.40
C GLU B 25 8.68 7.96 5.62
N GLU B 26 7.41 7.89 6.04
CA GLU B 26 7.04 7.09 7.20
C GLU B 26 6.99 5.61 6.80
N ARG B 27 6.19 5.32 5.78
CA ARG B 27 6.04 3.96 5.26
C ARG B 27 7.40 3.35 4.91
N HIS B 28 8.32 4.19 4.45
CA HIS B 28 9.66 3.74 4.09
C HIS B 28 10.37 3.11 5.30
N ASP B 29 10.30 3.80 6.44
CA ASP B 29 10.92 3.31 7.68
C ASP B 29 10.21 2.05 8.16
N HIS B 30 8.90 1.99 7.92
CA HIS B 30 8.09 0.85 8.33
C HIS B 30 8.52 -0.41 7.61
N ASP B 31 8.74 -0.30 6.31
CA ASP B 31 9.16 -1.45 5.50
C ASP B 31 10.53 -1.93 5.94
N LYS B 32 11.44 -0.98 6.11
CA LYS B 32 12.81 -1.28 6.54
C LYS B 32 12.81 -1.96 7.91
N ARG B 33 11.86 -1.59 8.74
CA ARG B 33 11.72 -2.14 10.09
C ARG B 33 11.36 -3.62 10.02
N GLU B 34 10.35 -3.93 9.22
CA GLU B 34 9.87 -5.30 9.05
C GLU B 34 10.95 -6.16 8.38
N ALA B 35 11.76 -5.54 7.53
CA ALA B 35 12.82 -6.24 6.82
C ALA B 35 13.79 -6.92 7.80
N GLU B 36 14.39 -6.13 8.69
CA GLU B 36 15.32 -6.66 9.66
C GLU B 36 14.62 -7.58 10.66
N ARG B 37 13.36 -7.27 10.95
CA ARG B 37 12.57 -8.07 11.87
C ARG B 37 12.41 -9.49 11.34
N LYS B 38 12.17 -9.60 10.03
CA LYS B 38 12.02 -10.90 9.39
C LYS B 38 13.34 -11.65 9.40
N ALA B 39 14.43 -10.93 9.20
CA ALA B 39 15.76 -11.52 9.20
C ALA B 39 16.11 -12.07 10.58
N LEU B 40 15.64 -11.36 11.61
CA LEU B 40 15.87 -11.75 12.99
C LEU B 40 15.31 -13.16 13.24
N GLU B 41 14.20 -13.47 12.58
CA GLU B 41 13.56 -14.76 12.72
C GLU B 41 14.49 -15.87 12.22
N ASP B 42 15.18 -15.61 11.11
CA ASP B 42 16.10 -16.59 10.54
C ASP B 42 17.28 -16.80 11.47
N LYS B 43 17.68 -15.72 12.13
CA LYS B 43 18.80 -15.76 13.07
C LYS B 43 18.42 -16.61 14.28
N LEU B 44 17.14 -16.55 14.65
CA LEU B 44 16.63 -17.32 15.79
C LEU B 44 16.46 -18.78 15.40
N ALA B 45 16.23 -19.01 14.11
CA ALA B 45 16.05 -20.36 13.60
C ALA B 45 17.38 -21.08 13.50
N ASP B 46 18.40 -20.33 13.08
CA ASP B 46 19.76 -20.85 12.94
C ASP B 46 19.79 -21.98 11.91
N LYS B 47 19.67 -21.62 10.65
CA LYS B 47 19.70 -22.59 9.57
C LYS B 47 21.12 -22.81 9.07
N GLN B 48 21.93 -21.76 9.14
CA GLN B 48 23.31 -21.84 8.68
C GLN B 48 24.29 -21.39 9.77
N GLU B 49 23.88 -20.39 10.56
CA GLU B 49 24.74 -19.85 11.61
C GLU B 49 26.02 -19.25 11.03
N HIS B 50 25.86 -18.31 10.12
CA HIS B 50 27.00 -17.66 9.49
C HIS B 50 27.26 -16.30 10.12
N LEU B 51 26.71 -16.11 11.31
CA LEU B 51 26.88 -14.88 12.05
C LEU B 51 27.64 -15.16 13.34
N ASP B 52 28.87 -14.67 13.42
CA ASP B 52 29.72 -14.88 14.58
C ASP B 52 29.10 -14.26 15.83
N GLY B 53 28.44 -13.12 15.65
CA GLY B 53 27.79 -12.45 16.77
C GLY B 53 28.66 -11.35 17.34
N ALA B 54 29.86 -11.20 16.82
CA ALA B 54 30.78 -10.17 17.29
C ALA B 54 30.40 -8.81 16.74
N LEU B 55 30.19 -8.74 15.42
CA LEU B 55 29.84 -7.48 14.78
C LEU B 55 28.33 -7.28 14.79
N ARG B 56 27.61 -8.31 14.32
CA ARG B 56 26.15 -8.26 14.24
C ARG B 56 25.68 -7.07 13.40
N TYR B 57 26.41 -6.82 12.31
CA TYR B 57 26.11 -5.72 11.39
C TYR B 57 26.12 -4.38 12.12
N GLU A 6 -11.37 0.02 -14.87
CA GLU A 6 -10.60 -0.90 -15.71
C GLU A 6 -10.03 -2.02 -14.86
N GLU A 7 -10.04 -3.24 -15.41
CA GLU A 7 -9.50 -4.40 -14.70
C GLU A 7 -8.00 -4.49 -14.90
N CYS A 8 -7.49 -3.78 -15.89
CA CYS A 8 -6.07 -3.78 -16.19
C CYS A 8 -5.48 -2.40 -15.95
N MET A 9 -4.16 -2.32 -15.90
CA MET A 9 -3.47 -1.06 -15.69
C MET A 9 -2.69 -0.65 -16.93
N HIS A 10 -2.42 0.64 -17.06
CA HIS A 10 -1.68 1.17 -18.20
C HIS A 10 -0.27 1.54 -17.77
N GLY A 11 -0.16 2.17 -16.61
CA GLY A 11 1.13 2.57 -16.11
C GLY A 11 1.35 2.11 -14.68
N SER A 12 1.18 3.03 -13.74
CA SER A 12 1.37 2.72 -12.33
C SER A 12 0.09 2.20 -11.69
N GLY A 13 -1.04 2.44 -12.36
CA GLY A 13 -2.31 1.97 -11.83
C GLY A 13 -3.04 3.03 -11.03
N GLU A 14 -2.72 4.30 -11.32
CA GLU A 14 -3.35 5.43 -10.64
C GLU A 14 -4.83 5.51 -11.04
N ASN A 15 -5.09 5.11 -12.27
CA ASN A 15 -6.45 5.14 -12.80
C ASN A 15 -7.06 3.75 -12.75
N TYR A 16 -6.58 2.93 -11.81
CA TYR A 16 -7.08 1.58 -11.67
C TYR A 16 -8.22 1.52 -10.68
N ASP A 17 -9.37 1.05 -11.14
CA ASP A 17 -10.55 0.92 -10.29
C ASP A 17 -11.19 -0.45 -10.55
N GLY A 18 -10.33 -1.45 -10.68
CA GLY A 18 -10.78 -2.81 -10.94
C GLY A 18 -11.26 -3.53 -9.69
N LYS A 19 -11.57 -4.81 -9.83
CA LYS A 19 -12.06 -5.61 -8.71
C LYS A 19 -11.06 -6.65 -8.23
N ILE A 20 -9.78 -6.43 -8.49
CA ILE A 20 -8.75 -7.37 -8.04
C ILE A 20 -8.44 -7.09 -6.57
N SER A 21 -8.68 -8.09 -5.73
CA SER A 21 -8.44 -7.96 -4.30
C SER A 21 -7.53 -9.08 -3.81
N LYS A 22 -6.34 -9.17 -4.37
CA LYS A 22 -5.40 -10.20 -3.97
C LYS A 22 -3.96 -9.75 -4.23
N THR A 23 -3.08 -10.08 -3.29
CA THR A 23 -1.67 -9.73 -3.41
C THR A 23 -0.99 -10.61 -4.44
N MET A 24 0.29 -10.36 -4.70
CA MET A 24 1.03 -11.17 -5.65
C MET A 24 1.26 -12.57 -5.10
N SER A 25 1.24 -12.69 -3.78
CA SER A 25 1.41 -13.98 -3.13
C SER A 25 0.12 -14.80 -3.23
N GLY A 26 -1.01 -14.10 -3.33
CA GLY A 26 -2.29 -14.77 -3.43
C GLY A 26 -3.09 -14.69 -2.15
N LEU A 27 -2.96 -13.58 -1.44
CA LEU A 27 -3.67 -13.38 -0.19
C LEU A 27 -4.83 -12.41 -0.38
N GLU A 28 -5.88 -12.57 0.42
CA GLU A 28 -7.05 -11.70 0.34
C GLU A 28 -6.72 -10.35 0.98
N CYS A 29 -6.84 -9.30 0.19
CA CYS A 29 -6.56 -7.95 0.66
C CYS A 29 -7.52 -7.54 1.78
N GLN A 30 -7.02 -6.71 2.68
CA GLN A 30 -7.79 -6.20 3.79
C GLN A 30 -8.58 -4.97 3.34
N ALA A 31 -9.79 -4.81 3.86
CA ALA A 31 -10.63 -3.68 3.51
C ALA A 31 -10.02 -2.36 3.97
N TRP A 32 -10.08 -1.35 3.12
CA TRP A 32 -9.52 -0.04 3.41
C TRP A 32 -10.28 0.64 4.55
N ASP A 33 -11.53 0.25 4.75
CA ASP A 33 -12.34 0.83 5.83
C ASP A 33 -12.24 -0.02 7.08
N SER A 34 -11.40 -1.05 7.03
CA SER A 34 -11.19 -1.93 8.16
C SER A 34 -9.80 -1.71 8.74
N GLN A 35 -9.71 -1.73 10.06
CA GLN A 35 -8.44 -1.54 10.74
C GLN A 35 -7.97 -2.86 11.32
N SER A 36 -8.62 -3.93 10.91
CA SER A 36 -8.26 -5.26 11.35
C SER A 36 -7.90 -6.13 10.15
N PRO A 37 -6.82 -6.92 10.25
CA PRO A 37 -5.99 -6.99 11.45
C PRO A 37 -4.91 -5.90 11.50
N HIS A 38 -4.61 -5.29 10.36
CA HIS A 38 -3.58 -4.27 10.30
C HIS A 38 -4.19 -2.87 10.40
N ALA A 39 -3.75 -2.11 11.38
CA ALA A 39 -4.23 -0.75 11.58
C ALA A 39 -3.40 0.20 10.72
N HIS A 40 -4.08 0.98 9.89
CA HIS A 40 -3.42 1.91 9.00
C HIS A 40 -4.06 3.29 9.07
N GLY A 41 -3.70 4.15 8.12
CA GLY A 41 -4.25 5.49 8.09
C GLY A 41 -4.76 5.86 6.71
N TYR A 42 -5.08 4.85 5.91
CA TYR A 42 -5.60 5.06 4.56
C TYR A 42 -7.12 4.97 4.57
N ILE A 43 -7.75 5.91 5.24
CA ILE A 43 -9.20 5.94 5.35
C ILE A 43 -9.83 6.46 4.05
N PRO A 44 -10.81 5.71 3.49
CA PRO A 44 -11.50 6.10 2.25
C PRO A 44 -12.07 7.52 2.29
N SER A 45 -12.46 7.97 3.47
CA SER A 45 -13.00 9.31 3.64
C SER A 45 -11.91 10.38 3.49
N LYS A 46 -10.66 10.01 3.78
CA LYS A 46 -9.55 10.93 3.67
C LYS A 46 -9.03 10.98 2.24
N PHE A 47 -9.26 9.90 1.50
CA PHE A 47 -8.83 9.81 0.11
C PHE A 47 -9.97 9.30 -0.77
N PRO A 48 -11.03 10.10 -0.95
CA PRO A 48 -12.18 9.70 -1.76
C PRO A 48 -11.88 9.73 -3.26
N ASN A 49 -10.80 10.40 -3.62
CA ASN A 49 -10.40 10.52 -5.02
C ASN A 49 -9.49 9.36 -5.43
N LYS A 50 -9.17 8.49 -4.48
CA LYS A 50 -8.30 7.36 -4.75
C LYS A 50 -9.10 6.09 -4.99
N ASN A 51 -10.43 6.22 -4.93
CA ASN A 51 -11.34 5.12 -5.15
C ASN A 51 -11.04 3.92 -4.24
N LEU A 52 -10.80 4.19 -2.96
CA LEU A 52 -10.54 3.12 -2.01
C LEU A 52 -11.85 2.43 -1.69
N LYS A 53 -12.18 1.42 -2.48
CA LYS A 53 -13.44 0.70 -2.35
C LYS A 53 -13.22 -0.72 -1.86
N LYS A 54 -14.01 -1.12 -0.87
CA LYS A 54 -13.96 -2.46 -0.29
C LYS A 54 -12.54 -2.84 0.11
N ASN A 55 -12.00 -3.84 -0.57
CA ASN A 55 -10.65 -4.32 -0.30
C ASN A 55 -9.88 -4.48 -1.60
N TYR A 56 -10.32 -3.78 -2.64
CA TYR A 56 -9.67 -3.86 -3.94
C TYR A 56 -8.34 -3.15 -3.93
N CYS A 57 -7.37 -3.71 -4.66
CA CYS A 57 -6.04 -3.13 -4.76
C CYS A 57 -6.10 -1.76 -5.44
N ARG A 58 -5.51 -0.76 -4.80
CA ARG A 58 -5.51 0.59 -5.35
C ARG A 58 -4.12 1.21 -5.21
N ASN A 59 -3.96 2.40 -5.76
CA ASN A 59 -2.70 3.12 -5.69
C ASN A 59 -2.95 4.50 -5.05
N PRO A 60 -2.96 4.55 -3.71
CA PRO A 60 -3.24 5.78 -2.97
C PRO A 60 -2.01 6.63 -2.68
N ASP A 61 -0.81 6.05 -2.72
CA ASP A 61 0.39 6.79 -2.42
C ASP A 61 1.35 6.89 -3.62
N ARG A 62 0.80 6.65 -4.81
CA ARG A 62 1.56 6.74 -6.06
C ARG A 62 2.78 5.83 -6.09
N ASP A 63 2.55 4.53 -6.04
CA ASP A 63 3.64 3.57 -6.10
C ASP A 63 3.78 3.06 -7.53
N LEU A 64 4.72 2.15 -7.74
CA LEU A 64 4.95 1.59 -9.06
C LEU A 64 3.76 0.78 -9.52
N ARG A 65 3.24 -0.04 -8.62
CA ARG A 65 2.08 -0.87 -8.88
C ARG A 65 1.13 -0.81 -7.70
N PRO A 66 -0.18 -1.02 -7.91
CA PRO A 66 -1.16 -0.99 -6.83
C PRO A 66 -0.85 -2.02 -5.75
N TRP A 67 -1.24 -1.75 -4.52
CA TRP A 67 -0.97 -2.65 -3.42
C TRP A 67 -2.16 -2.69 -2.46
N CYS A 68 -2.05 -3.54 -1.45
CA CYS A 68 -3.10 -3.70 -0.46
C CYS A 68 -2.56 -4.34 0.80
N PHE A 69 -3.28 -4.19 1.90
CA PHE A 69 -2.89 -4.82 3.15
C PHE A 69 -3.29 -6.28 3.10
N THR A 70 -2.52 -7.15 3.71
CA THR A 70 -2.81 -8.57 3.66
C THR A 70 -3.64 -9.03 4.86
N THR A 71 -4.06 -10.29 4.80
CA THR A 71 -4.83 -10.88 5.86
C THR A 71 -3.91 -11.70 6.77
N ASP A 72 -2.61 -11.59 6.51
CA ASP A 72 -1.60 -12.31 7.27
C ASP A 72 -0.93 -11.38 8.27
N PRO A 73 -0.90 -11.76 9.57
CA PRO A 73 -0.29 -10.92 10.61
C PRO A 73 1.24 -10.86 10.54
N ASN A 74 1.84 -11.71 9.70
CA ASN A 74 3.29 -11.74 9.57
C ASN A 74 3.76 -10.87 8.41
N LYS A 75 2.81 -10.27 7.70
CA LYS A 75 3.12 -9.39 6.57
C LYS A 75 2.06 -8.31 6.50
N ARG A 76 2.46 -7.08 6.82
CA ARG A 76 1.54 -5.96 6.85
C ARG A 76 0.93 -5.67 5.46
N TRP A 77 1.77 -5.36 4.49
CA TRP A 77 1.28 -5.03 3.16
C TRP A 77 2.16 -5.66 2.08
N GLU A 78 1.59 -5.76 0.88
CA GLU A 78 2.29 -6.33 -0.27
C GLU A 78 1.66 -5.81 -1.56
N TYR A 79 2.41 -5.89 -2.65
CA TYR A 79 1.93 -5.43 -3.95
C TYR A 79 1.03 -6.50 -4.57
N CYS A 80 0.09 -6.06 -5.38
CA CYS A 80 -0.83 -6.97 -6.05
C CYS A 80 -0.36 -7.28 -7.47
N ASP A 81 -0.93 -8.31 -8.07
CA ASP A 81 -0.57 -8.67 -9.44
C ASP A 81 -1.75 -8.42 -10.35
N ILE A 82 -1.68 -7.29 -11.05
CA ILE A 82 -2.74 -6.88 -11.95
C ILE A 82 -2.26 -6.88 -13.40
N PRO A 83 -3.09 -7.35 -14.34
CA PRO A 83 -2.74 -7.38 -15.77
C PRO A 83 -2.58 -5.98 -16.34
N ARG A 84 -1.99 -5.88 -17.51
CA ARG A 84 -1.77 -4.58 -18.15
C ARG A 84 -2.45 -4.55 -19.50
N CYS A 85 -2.92 -3.37 -19.89
CA CYS A 85 -3.58 -3.19 -21.18
C CYS A 85 -2.57 -2.76 -22.22
N GLY B 1 -15.53 28.06 -7.57
CA GLY B 1 -15.37 29.42 -7.11
C GLY B 1 -16.44 30.34 -7.66
N SER B 2 -16.06 31.59 -7.90
CA SER B 2 -16.99 32.58 -8.44
C SER B 2 -17.57 32.13 -9.76
N ALA B 3 -16.72 31.93 -10.75
CA ALA B 3 -17.15 31.49 -12.07
C ALA B 3 -17.44 29.99 -12.05
N GLY B 4 -16.75 29.28 -11.17
CA GLY B 4 -16.94 27.85 -11.06
C GLY B 4 -15.76 27.07 -11.62
N LEU B 5 -14.90 27.75 -12.35
CA LEU B 5 -13.72 27.12 -12.93
C LEU B 5 -12.84 26.51 -11.85
N GLN B 6 -12.82 27.16 -10.70
CA GLN B 6 -12.03 26.70 -9.57
C GLN B 6 -12.54 25.35 -9.05
N GLU B 7 -13.85 25.17 -9.11
CA GLU B 7 -14.47 23.93 -8.66
C GLU B 7 -14.37 22.84 -9.73
N LYS B 8 -14.20 23.25 -10.98
CA LYS B 8 -14.07 22.30 -12.08
C LYS B 8 -12.72 21.60 -12.00
N GLU B 9 -11.71 22.35 -11.60
CA GLU B 9 -10.35 21.82 -11.47
C GLU B 9 -10.24 20.92 -10.25
N ARG B 10 -10.88 21.33 -9.15
CA ARG B 10 -10.88 20.58 -7.89
C ARG B 10 -9.50 20.55 -7.23
N GLU B 11 -8.57 21.33 -7.78
CA GLU B 11 -7.21 21.41 -7.25
C GLU B 11 -6.55 20.03 -7.17
N LEU B 12 -6.65 19.28 -8.26
CA LEU B 12 -6.07 17.94 -8.33
C LEU B 12 -4.55 17.99 -8.22
N GLU B 13 -3.95 18.99 -8.86
CA GLU B 13 -2.49 19.15 -8.85
C GLU B 13 -1.99 19.40 -7.42
N ASP B 14 -2.82 20.05 -6.61
CA ASP B 14 -2.46 20.35 -5.23
C ASP B 14 -2.24 19.06 -4.45
N LEU B 15 -3.16 18.12 -4.62
CA LEU B 15 -3.07 16.83 -3.94
C LEU B 15 -1.88 16.03 -4.47
N LYS B 16 -1.68 16.08 -5.77
CA LYS B 16 -0.59 15.36 -6.44
C LYS B 16 0.77 15.87 -5.95
N ASP B 17 0.87 17.16 -5.71
CA ASP B 17 2.11 17.75 -5.22
C ASP B 17 2.35 17.35 -3.77
N ALA B 18 1.27 17.20 -3.03
CA ALA B 18 1.34 16.80 -1.63
C ALA B 18 1.93 15.40 -1.51
N GLU B 19 1.51 14.52 -2.41
CA GLU B 19 2.00 13.14 -2.45
C GLU B 19 3.53 13.12 -2.54
N LEU B 20 4.07 14.01 -3.36
CA LEU B 20 5.53 14.10 -3.56
C LEU B 20 6.20 14.75 -2.35
N LYS B 21 5.47 15.57 -1.62
CA LYS B 21 6.00 16.26 -0.45
C LYS B 21 6.30 15.25 0.67
N ARG B 22 5.40 14.29 0.84
CA ARG B 22 5.57 13.27 1.87
C ARG B 22 6.53 12.19 1.38
N LEU B 23 6.34 11.77 0.12
CA LEU B 23 7.18 10.75 -0.51
C LEU B 23 7.08 9.40 0.22
N ASN B 24 6.04 9.25 1.02
CA ASN B 24 5.80 8.02 1.77
C ASN B 24 6.95 7.66 2.72
N GLU B 25 7.42 8.66 3.46
CA GLU B 25 8.52 8.44 4.39
C GLU B 25 8.10 7.51 5.52
N GLU B 26 6.88 7.69 6.01
CA GLU B 26 6.34 6.87 7.08
C GLU B 26 6.30 5.41 6.64
N ARG B 27 5.57 5.16 5.56
CA ARG B 27 5.45 3.81 5.00
C ARG B 27 6.80 3.16 4.77
N HIS B 28 7.78 3.96 4.33
CA HIS B 28 9.13 3.44 4.07
C HIS B 28 9.75 2.94 5.37
N ASP B 29 9.63 3.73 6.42
CA ASP B 29 10.19 3.36 7.73
C ASP B 29 9.46 2.13 8.27
N HIS B 30 8.18 2.02 7.92
CA HIS B 30 7.34 0.90 8.35
C HIS B 30 7.89 -0.41 7.80
N ASP B 31 8.36 -0.37 6.56
CA ASP B 31 8.91 -1.54 5.90
C ASP B 31 10.29 -1.87 6.47
N LYS B 32 11.04 -0.82 6.78
CA LYS B 32 12.38 -0.96 7.36
C LYS B 32 12.29 -1.76 8.66
N ARG B 33 11.30 -1.44 9.47
CA ARG B 33 11.08 -2.11 10.75
C ARG B 33 10.73 -3.58 10.53
N GLU B 34 9.97 -3.84 9.47
CA GLU B 34 9.54 -5.19 9.14
C GLU B 34 10.73 -6.07 8.75
N ALA B 35 11.79 -5.45 8.23
CA ALA B 35 12.98 -6.17 7.83
C ALA B 35 13.64 -6.86 9.01
N GLU B 36 13.82 -6.11 10.09
CA GLU B 36 14.44 -6.65 11.31
C GLU B 36 13.50 -7.66 11.96
N ARG B 37 12.21 -7.42 11.80
CA ARG B 37 11.19 -8.32 12.37
C ARG B 37 11.31 -9.71 11.76
N LYS B 38 11.50 -9.76 10.45
CA LYS B 38 11.62 -11.03 9.74
C LYS B 38 12.98 -11.65 10.01
N ALA B 39 14.04 -10.84 9.93
CA ALA B 39 15.39 -11.32 10.16
C ALA B 39 15.57 -11.87 11.56
N LEU B 40 14.86 -11.29 12.52
CA LEU B 40 14.94 -11.73 13.91
C LEU B 40 14.53 -13.20 14.03
N GLU B 41 13.56 -13.60 13.21
CA GLU B 41 13.06 -14.97 13.23
C GLU B 41 14.16 -15.94 12.77
N ASP B 42 14.94 -15.51 11.79
CA ASP B 42 16.04 -16.34 11.27
C ASP B 42 17.10 -16.51 12.33
N LYS B 43 17.35 -15.44 13.08
CA LYS B 43 18.33 -15.45 14.16
C LYS B 43 17.88 -16.36 15.30
N LEU B 44 16.59 -16.70 15.29
CA LEU B 44 16.03 -17.57 16.31
C LEU B 44 16.01 -19.01 15.81
N ALA B 45 16.18 -19.18 14.50
CA ALA B 45 16.18 -20.50 13.89
C ALA B 45 17.56 -21.13 13.97
N ASP B 46 18.59 -20.31 13.78
CA ASP B 46 19.98 -20.76 13.83
C ASP B 46 20.23 -21.84 12.79
N LYS B 47 19.98 -21.49 11.52
CA LYS B 47 20.16 -22.42 10.42
C LYS B 47 21.64 -22.68 10.17
N GLN B 48 22.43 -21.62 10.10
CA GLN B 48 23.86 -21.75 9.88
C GLN B 48 24.65 -20.91 10.89
N GLU B 49 23.95 -20.00 11.58
CA GLU B 49 24.58 -19.15 12.59
C GLU B 49 25.72 -18.32 11.99
N HIS B 50 25.56 -17.93 10.72
CA HIS B 50 26.58 -17.15 10.04
C HIS B 50 26.38 -15.65 10.31
N LEU B 51 25.49 -15.33 11.23
CA LEU B 51 25.23 -13.95 11.59
C LEU B 51 25.03 -13.81 13.09
N ASP B 52 25.94 -13.10 13.73
CA ASP B 52 25.86 -12.88 15.17
C ASP B 52 24.75 -11.89 15.49
N GLY B 53 24.67 -10.84 14.70
CA GLY B 53 23.66 -9.83 14.91
C GLY B 53 24.09 -8.82 15.95
N ALA B 54 25.40 -8.70 16.14
CA ALA B 54 25.96 -7.77 17.10
C ALA B 54 26.00 -6.36 16.54
N LEU B 55 26.13 -6.26 15.22
CA LEU B 55 26.18 -4.97 14.55
C LEU B 55 24.77 -4.39 14.40
N ARG B 56 23.90 -5.17 13.76
CA ARG B 56 22.50 -4.77 13.53
C ARG B 56 22.40 -3.59 12.57
N TYR B 57 23.52 -3.26 11.93
CA TYR B 57 23.61 -2.17 10.96
C TYR B 57 23.23 -0.82 11.59
N GLU A 6 -11.68 -0.58 -15.41
CA GLU A 6 -10.68 -1.40 -16.07
C GLU A 6 -10.10 -2.41 -15.10
N GLU A 7 -9.84 -3.61 -15.59
CA GLU A 7 -9.26 -4.67 -14.77
C GLU A 7 -7.77 -4.76 -15.01
N CYS A 8 -7.28 -3.93 -15.93
CA CYS A 8 -5.86 -3.90 -16.26
C CYS A 8 -5.33 -2.48 -16.08
N MET A 9 -4.01 -2.31 -16.17
CA MET A 9 -3.40 -1.00 -16.00
C MET A 9 -2.56 -0.63 -17.22
N HIS A 10 -2.34 0.67 -17.41
CA HIS A 10 -1.54 1.16 -18.52
C HIS A 10 -0.23 1.74 -18.02
N GLY A 11 -0.21 2.18 -16.77
CA GLY A 11 0.99 2.76 -16.19
C GLY A 11 1.26 2.24 -14.79
N SER A 12 1.21 3.13 -13.80
CA SER A 12 1.46 2.76 -12.41
C SER A 12 0.22 2.13 -11.77
N GLY A 13 -0.94 2.39 -12.35
CA GLY A 13 -2.17 1.84 -11.82
C GLY A 13 -2.93 2.81 -10.95
N GLU A 14 -2.71 4.10 -11.17
CA GLU A 14 -3.40 5.13 -10.40
C GLU A 14 -4.85 5.23 -10.82
N ASN A 15 -5.07 5.29 -12.12
CA ASN A 15 -6.41 5.38 -12.67
C ASN A 15 -6.97 3.98 -12.89
N TYR A 16 -6.78 3.14 -11.89
CA TYR A 16 -7.24 1.76 -11.94
C TYR A 16 -8.40 1.57 -10.96
N ASP A 17 -9.45 0.92 -11.42
CA ASP A 17 -10.62 0.66 -10.59
C ASP A 17 -11.18 -0.72 -10.92
N GLY A 18 -10.34 -1.73 -10.78
CA GLY A 18 -10.74 -3.10 -11.06
C GLY A 18 -11.25 -3.82 -9.83
N LYS A 19 -11.64 -5.07 -9.99
CA LYS A 19 -12.17 -5.85 -8.89
C LYS A 19 -11.16 -6.86 -8.36
N ILE A 20 -9.88 -6.60 -8.61
CA ILE A 20 -8.83 -7.49 -8.13
C ILE A 20 -8.50 -7.16 -6.68
N SER A 21 -8.66 -8.14 -5.80
CA SER A 21 -8.39 -7.96 -4.39
C SER A 21 -7.50 -9.07 -3.85
N LYS A 22 -6.48 -9.43 -4.61
CA LYS A 22 -5.56 -10.47 -4.21
C LYS A 22 -4.11 -10.02 -4.39
N THR A 23 -3.31 -10.23 -3.35
CA THR A 23 -1.91 -9.86 -3.39
C THR A 23 -1.15 -10.74 -4.39
N MET A 24 0.05 -10.33 -4.75
CA MET A 24 0.86 -11.10 -5.68
C MET A 24 1.17 -12.48 -5.10
N SER A 25 1.20 -12.54 -3.77
CA SER A 25 1.45 -13.78 -3.06
C SER A 25 0.24 -14.71 -3.14
N GLY A 26 -0.94 -14.10 -3.24
CA GLY A 26 -2.17 -14.88 -3.32
C GLY A 26 -2.99 -14.82 -2.05
N LEU A 27 -2.97 -13.67 -1.39
CA LEU A 27 -3.73 -13.49 -0.16
C LEU A 27 -4.84 -12.48 -0.38
N GLU A 28 -5.94 -12.61 0.37
CA GLU A 28 -7.05 -11.70 0.25
C GLU A 28 -6.71 -10.38 0.91
N CYS A 29 -6.88 -9.30 0.19
CA CYS A 29 -6.59 -7.98 0.72
C CYS A 29 -7.55 -7.58 1.83
N GLN A 30 -7.03 -6.80 2.77
CA GLN A 30 -7.82 -6.31 3.89
C GLN A 30 -8.62 -5.10 3.43
N ALA A 31 -9.86 -5.01 3.88
CA ALA A 31 -10.74 -3.91 3.52
C ALA A 31 -10.13 -2.56 3.93
N TRP A 32 -10.17 -1.61 3.01
CA TRP A 32 -9.62 -0.28 3.25
C TRP A 32 -10.37 0.43 4.37
N ASP A 33 -11.63 0.06 4.56
CA ASP A 33 -12.45 0.64 5.60
C ASP A 33 -12.36 -0.15 6.90
N SER A 34 -11.37 -1.04 6.97
CA SER A 34 -11.15 -1.85 8.16
C SER A 34 -9.75 -1.60 8.71
N GLN A 35 -9.62 -1.65 10.04
CA GLN A 35 -8.34 -1.42 10.69
C GLN A 35 -7.83 -2.70 11.33
N SER A 36 -8.30 -3.83 10.84
CA SER A 36 -7.90 -5.12 11.35
C SER A 36 -7.65 -6.09 10.20
N PRO A 37 -6.62 -6.94 10.30
CA PRO A 37 -5.73 -7.00 11.46
C PRO A 37 -4.61 -5.99 11.43
N HIS A 38 -4.53 -5.20 10.36
CA HIS A 38 -3.47 -4.20 10.23
C HIS A 38 -4.05 -2.80 10.34
N ALA A 39 -3.54 -2.02 11.28
CA ALA A 39 -3.98 -0.65 11.48
C ALA A 39 -3.22 0.27 10.54
N HIS A 40 -3.94 1.18 9.89
CA HIS A 40 -3.34 2.10 8.94
C HIS A 40 -3.98 3.48 9.02
N GLY A 41 -3.58 4.36 8.12
CA GLY A 41 -4.13 5.72 8.11
C GLY A 41 -4.84 6.05 6.81
N TYR A 42 -5.08 5.03 5.98
CA TYR A 42 -5.75 5.22 4.71
C TYR A 42 -7.26 5.25 4.90
N ILE A 43 -7.74 6.20 5.68
CA ILE A 43 -9.17 6.34 5.96
C ILE A 43 -9.90 6.80 4.70
N PRO A 44 -10.96 6.08 4.29
CA PRO A 44 -11.75 6.41 3.10
C PRO A 44 -12.27 7.85 3.11
N SER A 45 -12.50 8.40 4.31
CA SER A 45 -13.00 9.76 4.43
C SER A 45 -11.86 10.78 4.24
N LYS A 46 -10.62 10.33 4.41
CA LYS A 46 -9.47 11.21 4.24
C LYS A 46 -9.05 11.22 2.78
N PHE A 47 -9.18 10.06 2.13
CA PHE A 47 -8.85 9.91 0.73
C PHE A 47 -10.06 9.37 -0.04
N PRO A 48 -11.09 10.21 -0.24
CA PRO A 48 -12.31 9.79 -0.92
C PRO A 48 -12.13 9.68 -2.43
N ASN A 49 -11.10 10.33 -2.96
CA ASN A 49 -10.84 10.32 -4.39
C ASN A 49 -9.64 9.45 -4.73
N LYS A 50 -9.47 8.36 -3.98
CA LYS A 50 -8.35 7.45 -4.21
C LYS A 50 -8.84 6.03 -4.51
N ASN A 51 -10.11 5.93 -4.88
CA ASN A 51 -10.74 4.66 -5.23
C ASN A 51 -10.61 3.59 -4.15
N LEU A 52 -10.67 3.99 -2.89
CA LEU A 52 -10.56 3.04 -1.78
C LEU A 52 -11.90 2.32 -1.57
N LYS A 53 -12.19 1.39 -2.47
CA LYS A 53 -13.43 0.63 -2.41
C LYS A 53 -13.17 -0.81 -1.97
N LYS A 54 -13.88 -1.22 -0.92
CA LYS A 54 -13.78 -2.58 -0.37
C LYS A 54 -12.33 -2.93 -0.02
N ASN A 55 -11.82 -3.96 -0.66
CA ASN A 55 -10.45 -4.40 -0.43
C ASN A 55 -9.73 -4.55 -1.76
N TYR A 56 -10.25 -3.86 -2.77
CA TYR A 56 -9.68 -3.91 -4.10
C TYR A 56 -8.32 -3.21 -4.14
N CYS A 57 -7.38 -3.82 -4.84
CA CYS A 57 -6.03 -3.28 -4.97
C CYS A 57 -6.03 -1.94 -5.69
N ARG A 58 -5.44 -0.93 -5.06
CA ARG A 58 -5.39 0.40 -5.65
C ARG A 58 -4.02 1.04 -5.46
N ASN A 59 -3.79 2.15 -6.15
CA ASN A 59 -2.54 2.89 -6.07
C ASN A 59 -2.87 4.32 -5.64
N PRO A 60 -3.04 4.54 -4.34
CA PRO A 60 -3.40 5.84 -3.78
C PRO A 60 -2.23 6.65 -3.24
N ASP A 61 -1.00 6.22 -3.51
CA ASP A 61 0.16 6.94 -3.01
C ASP A 61 1.26 7.04 -4.06
N ARG A 62 0.89 6.90 -5.32
CA ARG A 62 1.83 6.98 -6.44
C ARG A 62 2.96 5.96 -6.31
N ASP A 63 2.60 4.70 -6.08
CA ASP A 63 3.59 3.64 -5.94
C ASP A 63 3.87 3.03 -7.31
N LEU A 64 4.77 2.05 -7.35
CA LEU A 64 5.12 1.39 -8.60
C LEU A 64 3.88 0.74 -9.21
N ARG A 65 3.28 -0.15 -8.44
CA ARG A 65 2.07 -0.85 -8.85
C ARG A 65 1.09 -0.87 -7.70
N PRO A 66 -0.23 -1.01 -7.97
CA PRO A 66 -1.25 -1.05 -6.92
C PRO A 66 -0.94 -2.10 -5.84
N TRP A 67 -1.27 -1.78 -4.60
CA TRP A 67 -1.00 -2.68 -3.49
C TRP A 67 -2.22 -2.78 -2.59
N CYS A 68 -2.09 -3.56 -1.52
CA CYS A 68 -3.17 -3.73 -0.57
C CYS A 68 -2.64 -4.38 0.71
N PHE A 69 -3.37 -4.21 1.80
CA PHE A 69 -2.99 -4.82 3.07
C PHE A 69 -3.38 -6.28 3.01
N THR A 70 -2.58 -7.15 3.62
CA THR A 70 -2.87 -8.57 3.59
C THR A 70 -3.69 -8.98 4.81
N THR A 71 -4.32 -10.15 4.73
CA THR A 71 -5.11 -10.66 5.84
C THR A 71 -4.22 -11.44 6.80
N ASP A 72 -2.93 -11.43 6.52
CA ASP A 72 -1.96 -12.15 7.35
C ASP A 72 -1.16 -11.15 8.18
N PRO A 73 -1.28 -11.23 9.51
CA PRO A 73 -0.55 -10.35 10.44
C PRO A 73 0.97 -10.43 10.26
N ASN A 74 1.43 -11.47 9.56
CA ASN A 74 2.86 -11.66 9.33
C ASN A 74 3.35 -10.79 8.16
N LYS A 75 2.41 -10.14 7.48
CA LYS A 75 2.74 -9.27 6.36
C LYS A 75 1.83 -8.06 6.35
N ARG A 76 2.39 -6.88 6.60
CA ARG A 76 1.60 -5.65 6.64
C ARG A 76 0.98 -5.34 5.29
N TRP A 77 1.81 -5.14 4.28
CA TRP A 77 1.33 -4.82 2.95
C TRP A 77 2.09 -5.61 1.90
N GLU A 78 1.47 -5.79 0.75
CA GLU A 78 2.08 -6.52 -0.36
C GLU A 78 1.55 -6.00 -1.68
N TYR A 79 2.37 -6.07 -2.73
CA TYR A 79 1.95 -5.62 -4.04
C TYR A 79 0.95 -6.60 -4.62
N CYS A 80 0.04 -6.11 -5.45
CA CYS A 80 -0.98 -6.97 -6.04
C CYS A 80 -0.61 -7.44 -7.44
N ASP A 81 -1.25 -8.51 -7.87
CA ASP A 81 -1.02 -9.07 -9.19
C ASP A 81 -2.07 -8.57 -10.16
N ILE A 82 -1.72 -7.56 -10.93
CA ILE A 82 -2.64 -6.98 -11.91
C ILE A 82 -1.96 -6.82 -13.26
N PRO A 83 -2.49 -7.50 -14.30
CA PRO A 83 -1.93 -7.43 -15.66
C PRO A 83 -2.05 -6.03 -16.27
N ARG A 84 -1.32 -5.82 -17.36
CA ARG A 84 -1.33 -4.54 -18.04
C ARG A 84 -2.03 -4.66 -19.40
N CYS A 85 -2.49 -3.53 -19.91
CA CYS A 85 -3.16 -3.52 -21.21
C CYS A 85 -2.19 -3.03 -22.28
N GLY B 1 -14.88 33.57 -5.22
CA GLY B 1 -16.23 34.04 -5.06
C GLY B 1 -16.65 34.97 -6.19
N SER B 2 -15.83 35.98 -6.44
CA SER B 2 -16.09 36.93 -7.51
C SER B 2 -15.79 36.29 -8.85
N ALA B 3 -14.61 35.71 -8.98
CA ALA B 3 -14.19 35.05 -10.19
C ALA B 3 -14.69 33.60 -10.21
N GLY B 4 -14.66 32.97 -9.04
CA GLY B 4 -15.10 31.60 -8.92
C GLY B 4 -14.05 30.61 -9.40
N LEU B 5 -12.81 31.05 -9.43
CA LEU B 5 -11.70 30.21 -9.86
C LEU B 5 -11.44 29.09 -8.87
N GLN B 6 -11.63 29.40 -7.59
CA GLN B 6 -11.41 28.42 -6.53
C GLN B 6 -12.45 27.31 -6.58
N GLU B 7 -13.64 27.64 -7.06
CA GLU B 7 -14.72 26.67 -7.18
C GLU B 7 -14.42 25.66 -8.28
N LYS B 8 -13.62 26.09 -9.26
CA LYS B 8 -13.24 25.22 -10.36
C LYS B 8 -12.13 24.27 -9.92
N GLU B 9 -11.19 24.80 -9.15
CA GLU B 9 -10.06 24.02 -8.65
C GLU B 9 -10.51 22.97 -7.64
N ARG B 10 -11.27 23.41 -6.64
CA ARG B 10 -11.76 22.51 -5.58
C ARG B 10 -10.61 21.95 -4.76
N GLU B 11 -9.42 22.51 -4.97
CA GLU B 11 -8.19 22.10 -4.27
C GLU B 11 -7.90 20.61 -4.50
N LEU B 12 -8.13 20.15 -5.73
CA LEU B 12 -7.88 18.76 -6.06
C LEU B 12 -6.38 18.49 -6.17
N GLU B 13 -5.65 19.51 -6.62
CA GLU B 13 -4.20 19.40 -6.78
C GLU B 13 -3.52 19.25 -5.42
N ASP B 14 -4.21 19.65 -4.36
CA ASP B 14 -3.68 19.56 -3.01
C ASP B 14 -3.46 18.11 -2.60
N LEU B 15 -4.38 17.24 -3.04
CA LEU B 15 -4.28 15.82 -2.73
C LEU B 15 -3.11 15.18 -3.48
N LYS B 16 -2.93 15.60 -4.72
CA LYS B 16 -1.85 15.07 -5.55
C LYS B 16 -0.49 15.53 -5.03
N ASP B 17 -0.45 16.75 -4.50
CA ASP B 17 0.78 17.29 -3.94
C ASP B 17 1.17 16.49 -2.69
N ALA B 18 0.16 16.07 -1.95
CA ALA B 18 0.38 15.29 -0.74
C ALA B 18 1.02 13.95 -1.06
N GLU B 19 0.65 13.40 -2.22
CA GLU B 19 1.20 12.11 -2.67
C GLU B 19 2.70 12.24 -2.93
N LEU B 20 3.10 13.43 -3.38
CA LEU B 20 4.50 13.71 -3.68
C LEU B 20 5.26 14.09 -2.42
N LYS B 21 4.54 14.58 -1.42
CA LYS B 21 5.16 14.99 -0.16
C LYS B 21 5.48 13.77 0.70
N ARG B 22 4.54 12.82 0.73
CA ARG B 22 4.73 11.60 1.51
C ARG B 22 5.93 10.80 1.00
N LEU B 23 5.95 10.56 -0.31
CA LEU B 23 7.04 9.83 -0.97
C LEU B 23 7.12 8.37 -0.46
N ASN B 24 6.06 7.94 0.23
CA ASN B 24 5.96 6.59 0.79
C ASN B 24 7.14 6.29 1.71
N GLU B 25 7.69 7.33 2.33
CA GLU B 25 8.83 7.19 3.24
C GLU B 25 8.53 6.23 4.39
N GLU B 26 7.39 6.43 5.04
CA GLU B 26 7.00 5.59 6.17
C GLU B 26 6.81 4.14 5.74
N ARG B 27 5.97 3.93 4.74
CA ARG B 27 5.71 2.60 4.22
C ARG B 27 7.01 1.90 3.79
N HIS B 28 7.92 2.66 3.19
CA HIS B 28 9.20 2.12 2.74
C HIS B 28 10.04 1.66 3.92
N ASP B 29 10.16 2.53 4.93
CA ASP B 29 10.92 2.21 6.14
C ASP B 29 10.34 0.98 6.83
N HIS B 30 9.03 0.85 6.77
CA HIS B 30 8.34 -0.27 7.39
C HIS B 30 8.78 -1.60 6.77
N ASP B 31 9.09 -1.57 5.48
CA ASP B 31 9.55 -2.77 4.78
C ASP B 31 10.95 -3.14 5.26
N LYS B 32 11.77 -2.12 5.46
CA LYS B 32 13.14 -2.31 5.95
C LYS B 32 13.11 -2.96 7.33
N ARG B 33 12.18 -2.51 8.17
CA ARG B 33 12.04 -3.04 9.50
C ARG B 33 11.49 -4.47 9.43
N GLU B 34 10.59 -4.70 8.49
CA GLU B 34 9.99 -6.00 8.28
C GLU B 34 11.06 -7.02 7.89
N ALA B 35 12.02 -6.58 7.08
CA ALA B 35 13.12 -7.43 6.65
C ALA B 35 13.90 -7.94 7.86
N GLU B 36 14.18 -7.02 8.79
CA GLU B 36 14.90 -7.36 10.01
C GLU B 36 14.08 -8.32 10.87
N ARG B 37 12.77 -8.13 10.86
CA ARG B 37 11.84 -8.97 11.62
C ARG B 37 11.86 -10.39 11.06
N LYS B 38 11.81 -10.48 9.73
CA LYS B 38 11.82 -11.77 9.06
C LYS B 38 13.17 -12.47 9.27
N ALA B 39 14.25 -11.72 9.11
CA ALA B 39 15.60 -12.27 9.28
C ALA B 39 15.81 -12.78 10.71
N LEU B 40 15.11 -12.19 11.66
CA LEU B 40 15.23 -12.60 13.05
C LEU B 40 14.74 -14.04 13.23
N GLU B 41 13.69 -14.39 12.49
CA GLU B 41 13.14 -15.74 12.55
C GLU B 41 14.03 -16.69 11.77
N ASP B 42 14.70 -16.14 10.76
CA ASP B 42 15.62 -16.89 9.92
C ASP B 42 16.82 -17.36 10.73
N LYS B 43 17.33 -16.47 11.58
CA LYS B 43 18.47 -16.76 12.44
C LYS B 43 18.08 -17.77 13.51
N LEU B 44 16.89 -17.58 14.06
CA LEU B 44 16.38 -18.44 15.13
C LEU B 44 16.15 -19.86 14.61
N ALA B 45 15.76 -19.97 13.34
CA ALA B 45 15.50 -21.26 12.72
C ALA B 45 16.80 -22.03 12.49
N ASP B 46 17.92 -21.31 12.53
CA ASP B 46 19.25 -21.90 12.32
C ASP B 46 19.31 -22.66 11.00
N LYS B 47 19.58 -21.94 9.92
CA LYS B 47 19.64 -22.54 8.60
C LYS B 47 21.01 -23.15 8.31
N GLN B 48 21.99 -22.30 8.03
CA GLN B 48 23.33 -22.79 7.71
C GLN B 48 24.40 -22.04 8.49
N GLU B 49 23.97 -21.10 9.35
CA GLU B 49 24.89 -20.29 10.15
C GLU B 49 25.89 -19.58 9.25
N HIS B 50 25.40 -18.97 8.18
CA HIS B 50 26.27 -18.26 7.24
C HIS B 50 26.13 -16.75 7.39
N LEU B 51 25.39 -16.33 8.40
CA LEU B 51 25.20 -14.91 8.65
C LEU B 51 25.40 -14.59 10.12
N ASP B 52 26.42 -13.80 10.42
CA ASP B 52 26.74 -13.41 11.78
C ASP B 52 25.92 -12.19 12.20
N GLY B 53 25.63 -11.33 11.23
CA GLY B 53 24.86 -10.13 11.51
C GLY B 53 25.66 -9.13 12.33
N ALA B 54 26.93 -8.98 12.00
CA ALA B 54 27.81 -8.06 12.71
C ALA B 54 27.50 -6.61 12.33
N LEU B 55 27.21 -6.39 11.06
CA LEU B 55 26.88 -5.05 10.57
C LEU B 55 25.42 -4.74 10.87
N ARG B 56 24.62 -5.80 10.94
CA ARG B 56 23.19 -5.69 11.23
C ARG B 56 22.47 -4.94 10.12
N TYR B 57 22.90 -5.19 8.88
CA TYR B 57 22.30 -4.57 7.70
C TYR B 57 22.46 -3.05 7.75
N GLU A 6 -11.37 0.02 -14.87
CA GLU A 6 -10.60 -0.90 -15.71
C GLU A 6 -10.03 -2.02 -14.86
N GLU A 7 -10.04 -3.24 -15.41
CA GLU A 7 -9.50 -4.40 -14.70
C GLU A 7 -8.00 -4.49 -14.90
N CYS A 8 -7.49 -3.78 -15.89
CA CYS A 8 -6.07 -3.78 -16.19
C CYS A 8 -5.48 -2.40 -15.95
N MET A 9 -4.16 -2.32 -15.90
CA MET A 9 -3.47 -1.06 -15.69
C MET A 9 -2.69 -0.65 -16.93
N HIS A 10 -2.42 0.64 -17.06
CA HIS A 10 -1.68 1.17 -18.20
C HIS A 10 -0.27 1.54 -17.77
N GLY A 11 -0.16 2.17 -16.61
CA GLY A 11 1.13 2.57 -16.11
C GLY A 11 1.35 2.11 -14.68
N SER A 12 1.18 3.03 -13.74
CA SER A 12 1.37 2.72 -12.33
C SER A 12 0.09 2.20 -11.69
N GLY A 13 -1.04 2.44 -12.36
CA GLY A 13 -2.31 1.97 -11.83
C GLY A 13 -3.04 3.03 -11.03
N GLU A 14 -2.72 4.30 -11.32
CA GLU A 14 -3.35 5.43 -10.64
C GLU A 14 -4.83 5.51 -11.04
N ASN A 15 -5.09 5.11 -12.27
CA ASN A 15 -6.45 5.14 -12.80
C ASN A 15 -7.06 3.75 -12.75
N TYR A 16 -6.58 2.93 -11.81
CA TYR A 16 -7.08 1.58 -11.67
C TYR A 16 -8.22 1.52 -10.68
N ASP A 17 -9.37 1.05 -11.14
CA ASP A 17 -10.55 0.92 -10.29
C ASP A 17 -11.19 -0.45 -10.55
N GLY A 18 -10.33 -1.45 -10.68
CA GLY A 18 -10.78 -2.81 -10.94
C GLY A 18 -11.26 -3.53 -9.69
N LYS A 19 -11.57 -4.81 -9.83
CA LYS A 19 -12.06 -5.61 -8.71
C LYS A 19 -11.06 -6.65 -8.23
N ILE A 20 -9.78 -6.43 -8.49
CA ILE A 20 -8.75 -7.37 -8.04
C ILE A 20 -8.44 -7.09 -6.57
N SER A 21 -8.68 -8.09 -5.73
CA SER A 21 -8.44 -7.96 -4.30
C SER A 21 -7.53 -9.08 -3.81
N LYS A 22 -6.34 -9.17 -4.37
CA LYS A 22 -5.40 -10.20 -3.97
C LYS A 22 -3.96 -9.75 -4.23
N THR A 23 -3.08 -10.08 -3.29
CA THR A 23 -1.67 -9.73 -3.41
C THR A 23 -0.99 -10.61 -4.44
N MET A 24 0.29 -10.36 -4.70
CA MET A 24 1.03 -11.17 -5.65
C MET A 24 1.26 -12.57 -5.10
N SER A 25 1.24 -12.69 -3.78
CA SER A 25 1.41 -13.98 -3.13
C SER A 25 0.12 -14.80 -3.23
N GLY A 26 -1.01 -14.10 -3.33
CA GLY A 26 -2.29 -14.77 -3.43
C GLY A 26 -3.09 -14.69 -2.15
N LEU A 27 -2.96 -13.58 -1.44
CA LEU A 27 -3.67 -13.38 -0.19
C LEU A 27 -4.83 -12.41 -0.38
N GLU A 28 -5.88 -12.57 0.42
CA GLU A 28 -7.05 -11.70 0.34
C GLU A 28 -6.72 -10.35 0.98
N CYS A 29 -6.84 -9.30 0.19
CA CYS A 29 -6.56 -7.95 0.66
C CYS A 29 -7.52 -7.54 1.78
N GLN A 30 -7.02 -6.71 2.68
CA GLN A 30 -7.79 -6.20 3.79
C GLN A 30 -8.58 -4.97 3.34
N ALA A 31 -9.79 -4.81 3.86
CA ALA A 31 -10.63 -3.68 3.51
C ALA A 31 -10.02 -2.36 3.97
N TRP A 32 -10.08 -1.35 3.12
CA TRP A 32 -9.52 -0.04 3.41
C TRP A 32 -10.28 0.64 4.55
N ASP A 33 -11.53 0.25 4.75
CA ASP A 33 -12.34 0.83 5.83
C ASP A 33 -12.24 -0.02 7.08
N SER A 34 -11.40 -1.05 7.03
CA SER A 34 -11.19 -1.93 8.16
C SER A 34 -9.80 -1.71 8.74
N GLN A 35 -9.71 -1.73 10.06
CA GLN A 35 -8.44 -1.54 10.74
C GLN A 35 -7.97 -2.86 11.32
N SER A 36 -8.62 -3.93 10.91
CA SER A 36 -8.26 -5.26 11.35
C SER A 36 -7.90 -6.13 10.15
N PRO A 37 -6.82 -6.92 10.25
CA PRO A 37 -5.99 -6.99 11.45
C PRO A 37 -4.91 -5.90 11.50
N HIS A 38 -4.61 -5.29 10.36
CA HIS A 38 -3.58 -4.27 10.30
C HIS A 38 -4.19 -2.87 10.40
N ALA A 39 -3.75 -2.11 11.38
CA ALA A 39 -4.23 -0.75 11.58
C ALA A 39 -3.40 0.20 10.72
N HIS A 40 -4.08 0.98 9.89
CA HIS A 40 -3.42 1.91 9.00
C HIS A 40 -4.06 3.29 9.07
N GLY A 41 -3.70 4.15 8.12
CA GLY A 41 -4.25 5.49 8.09
C GLY A 41 -4.76 5.86 6.71
N TYR A 42 -5.08 4.85 5.91
CA TYR A 42 -5.60 5.06 4.56
C TYR A 42 -7.12 4.97 4.57
N ILE A 43 -7.75 5.91 5.24
CA ILE A 43 -9.20 5.94 5.35
C ILE A 43 -9.83 6.46 4.05
N PRO A 44 -10.81 5.71 3.49
CA PRO A 44 -11.50 6.10 2.25
C PRO A 44 -12.07 7.52 2.29
N SER A 45 -12.46 7.97 3.47
CA SER A 45 -13.00 9.31 3.64
C SER A 45 -11.91 10.38 3.49
N LYS A 46 -10.66 10.01 3.78
CA LYS A 46 -9.55 10.93 3.67
C LYS A 46 -9.03 10.98 2.24
N PHE A 47 -9.26 9.90 1.50
CA PHE A 47 -8.83 9.81 0.11
C PHE A 47 -9.97 9.30 -0.77
N PRO A 48 -11.03 10.10 -0.95
CA PRO A 48 -12.18 9.70 -1.76
C PRO A 48 -11.88 9.73 -3.26
N ASN A 49 -10.80 10.40 -3.62
CA ASN A 49 -10.40 10.52 -5.02
C ASN A 49 -9.49 9.36 -5.43
N LYS A 50 -9.17 8.49 -4.48
CA LYS A 50 -8.30 7.36 -4.75
C LYS A 50 -9.10 6.09 -4.99
N ASN A 51 -10.43 6.22 -4.93
CA ASN A 51 -11.34 5.12 -5.15
C ASN A 51 -11.04 3.92 -4.24
N LEU A 52 -10.80 4.19 -2.96
CA LEU A 52 -10.54 3.12 -2.01
C LEU A 52 -11.85 2.43 -1.69
N LYS A 53 -12.18 1.42 -2.48
CA LYS A 53 -13.44 0.70 -2.35
C LYS A 53 -13.22 -0.72 -1.86
N LYS A 54 -14.01 -1.12 -0.87
CA LYS A 54 -13.96 -2.46 -0.29
C LYS A 54 -12.54 -2.84 0.11
N ASN A 55 -12.00 -3.84 -0.57
CA ASN A 55 -10.65 -4.32 -0.30
C ASN A 55 -9.88 -4.48 -1.60
N TYR A 56 -10.32 -3.78 -2.64
CA TYR A 56 -9.67 -3.86 -3.94
C TYR A 56 -8.34 -3.15 -3.93
N CYS A 57 -7.37 -3.71 -4.66
CA CYS A 57 -6.04 -3.13 -4.76
C CYS A 57 -6.10 -1.76 -5.44
N ARG A 58 -5.51 -0.76 -4.80
CA ARG A 58 -5.51 0.59 -5.35
C ARG A 58 -4.12 1.21 -5.21
N ASN A 59 -3.96 2.40 -5.76
CA ASN A 59 -2.70 3.12 -5.69
C ASN A 59 -2.95 4.50 -5.05
N PRO A 60 -2.96 4.55 -3.71
CA PRO A 60 -3.24 5.78 -2.97
C PRO A 60 -2.01 6.63 -2.68
N ASP A 61 -0.81 6.05 -2.72
CA ASP A 61 0.39 6.79 -2.42
C ASP A 61 1.35 6.89 -3.62
N ARG A 62 0.80 6.65 -4.81
CA ARG A 62 1.56 6.74 -6.06
C ARG A 62 2.78 5.83 -6.09
N ASP A 63 2.55 4.53 -6.04
CA ASP A 63 3.64 3.57 -6.10
C ASP A 63 3.78 3.06 -7.53
N LEU A 64 4.72 2.15 -7.74
CA LEU A 64 4.95 1.59 -9.06
C LEU A 64 3.76 0.78 -9.52
N ARG A 65 3.24 -0.04 -8.62
CA ARG A 65 2.08 -0.87 -8.88
C ARG A 65 1.13 -0.81 -7.70
N PRO A 66 -0.18 -1.02 -7.91
CA PRO A 66 -1.16 -0.99 -6.83
C PRO A 66 -0.85 -2.02 -5.75
N TRP A 67 -1.24 -1.75 -4.52
CA TRP A 67 -0.97 -2.65 -3.42
C TRP A 67 -2.16 -2.69 -2.46
N CYS A 68 -2.05 -3.54 -1.45
CA CYS A 68 -3.10 -3.70 -0.46
C CYS A 68 -2.56 -4.34 0.80
N PHE A 69 -3.28 -4.19 1.90
CA PHE A 69 -2.89 -4.82 3.15
C PHE A 69 -3.29 -6.28 3.10
N THR A 70 -2.52 -7.15 3.71
CA THR A 70 -2.81 -8.57 3.66
C THR A 70 -3.64 -9.03 4.86
N THR A 71 -4.06 -10.29 4.80
CA THR A 71 -4.83 -10.88 5.86
C THR A 71 -3.91 -11.70 6.77
N ASP A 72 -2.61 -11.59 6.51
CA ASP A 72 -1.60 -12.31 7.27
C ASP A 72 -0.93 -11.38 8.27
N PRO A 73 -0.90 -11.76 9.57
CA PRO A 73 -0.29 -10.92 10.61
C PRO A 73 1.24 -10.86 10.54
N ASN A 74 1.84 -11.71 9.70
CA ASN A 74 3.29 -11.74 9.57
C ASN A 74 3.76 -10.87 8.41
N LYS A 75 2.81 -10.27 7.70
CA LYS A 75 3.12 -9.39 6.57
C LYS A 75 2.06 -8.31 6.50
N ARG A 76 2.46 -7.08 6.82
CA ARG A 76 1.54 -5.96 6.85
C ARG A 76 0.93 -5.67 5.46
N TRP A 77 1.77 -5.36 4.49
CA TRP A 77 1.28 -5.03 3.16
C TRP A 77 2.16 -5.66 2.08
N GLU A 78 1.59 -5.76 0.88
CA GLU A 78 2.29 -6.33 -0.27
C GLU A 78 1.66 -5.81 -1.56
N TYR A 79 2.41 -5.89 -2.65
CA TYR A 79 1.93 -5.43 -3.95
C TYR A 79 1.03 -6.50 -4.57
N CYS A 80 0.09 -6.06 -5.38
CA CYS A 80 -0.83 -6.97 -6.05
C CYS A 80 -0.36 -7.28 -7.47
N ASP A 81 -0.93 -8.31 -8.07
CA ASP A 81 -0.57 -8.67 -9.44
C ASP A 81 -1.75 -8.42 -10.35
N ILE A 82 -1.68 -7.29 -11.05
CA ILE A 82 -2.74 -6.88 -11.95
C ILE A 82 -2.26 -6.88 -13.40
N PRO A 83 -3.09 -7.35 -14.34
CA PRO A 83 -2.74 -7.38 -15.77
C PRO A 83 -2.58 -5.98 -16.34
N ARG A 84 -1.99 -5.88 -17.51
CA ARG A 84 -1.77 -4.58 -18.15
C ARG A 84 -2.45 -4.55 -19.50
N CYS A 85 -2.92 -3.37 -19.89
CA CYS A 85 -3.58 -3.19 -21.18
C CYS A 85 -2.57 -2.76 -22.22
N GLY B 1 -15.53 28.06 -7.57
CA GLY B 1 -15.37 29.42 -7.11
C GLY B 1 -16.44 30.34 -7.66
N SER B 2 -16.06 31.59 -7.90
CA SER B 2 -16.99 32.58 -8.44
C SER B 2 -17.57 32.13 -9.76
N ALA B 3 -16.72 31.93 -10.75
CA ALA B 3 -17.15 31.49 -12.07
C ALA B 3 -17.44 29.99 -12.05
N GLY B 4 -16.75 29.28 -11.17
CA GLY B 4 -16.94 27.85 -11.06
C GLY B 4 -15.76 27.07 -11.62
N LEU B 5 -14.90 27.75 -12.35
CA LEU B 5 -13.72 27.12 -12.93
C LEU B 5 -12.84 26.51 -11.85
N GLN B 6 -12.82 27.16 -10.70
CA GLN B 6 -12.03 26.70 -9.57
C GLN B 6 -12.54 25.35 -9.05
N GLU B 7 -13.85 25.17 -9.11
CA GLU B 7 -14.47 23.93 -8.66
C GLU B 7 -14.37 22.84 -9.73
N LYS B 8 -14.20 23.25 -10.98
CA LYS B 8 -14.07 22.30 -12.08
C LYS B 8 -12.72 21.60 -12.00
N GLU B 9 -11.71 22.35 -11.60
CA GLU B 9 -10.35 21.82 -11.47
C GLU B 9 -10.24 20.92 -10.25
N ARG B 10 -10.88 21.33 -9.15
CA ARG B 10 -10.88 20.58 -7.89
C ARG B 10 -9.50 20.55 -7.23
N GLU B 11 -8.57 21.33 -7.78
CA GLU B 11 -7.21 21.41 -7.25
C GLU B 11 -6.55 20.03 -7.17
N LEU B 12 -6.65 19.28 -8.26
CA LEU B 12 -6.07 17.94 -8.33
C LEU B 12 -4.55 17.99 -8.22
N GLU B 13 -3.95 18.99 -8.86
CA GLU B 13 -2.49 19.15 -8.85
C GLU B 13 -1.99 19.40 -7.42
N ASP B 14 -2.82 20.05 -6.61
CA ASP B 14 -2.46 20.35 -5.23
C ASP B 14 -2.24 19.06 -4.45
N LEU B 15 -3.16 18.12 -4.62
CA LEU B 15 -3.07 16.83 -3.94
C LEU B 15 -1.88 16.03 -4.47
N LYS B 16 -1.68 16.08 -5.77
CA LYS B 16 -0.59 15.36 -6.44
C LYS B 16 0.77 15.87 -5.95
N ASP B 17 0.87 17.16 -5.71
CA ASP B 17 2.11 17.75 -5.22
C ASP B 17 2.35 17.35 -3.77
N ALA B 18 1.27 17.20 -3.03
CA ALA B 18 1.34 16.80 -1.63
C ALA B 18 1.93 15.40 -1.51
N GLU B 19 1.51 14.52 -2.41
CA GLU B 19 2.00 13.14 -2.45
C GLU B 19 3.53 13.12 -2.54
N LEU B 20 4.07 14.01 -3.36
CA LEU B 20 5.53 14.10 -3.56
C LEU B 20 6.20 14.75 -2.35
N LYS B 21 5.47 15.57 -1.62
CA LYS B 21 6.00 16.26 -0.45
C LYS B 21 6.30 15.25 0.67
N ARG B 22 5.40 14.29 0.84
CA ARG B 22 5.57 13.27 1.87
C ARG B 22 6.53 12.19 1.38
N LEU B 23 6.34 11.77 0.12
CA LEU B 23 7.18 10.75 -0.51
C LEU B 23 7.08 9.40 0.22
N ASN B 24 6.04 9.25 1.02
CA ASN B 24 5.80 8.02 1.77
C ASN B 24 6.95 7.66 2.72
N GLU B 25 7.42 8.66 3.46
CA GLU B 25 8.52 8.44 4.39
C GLU B 25 8.10 7.51 5.52
N GLU B 26 6.88 7.69 6.01
CA GLU B 26 6.34 6.87 7.08
C GLU B 26 6.30 5.41 6.64
N ARG B 27 5.57 5.16 5.56
CA ARG B 27 5.45 3.81 5.00
C ARG B 27 6.80 3.16 4.77
N HIS B 28 7.78 3.96 4.33
CA HIS B 28 9.13 3.44 4.07
C HIS B 28 9.75 2.94 5.37
N ASP B 29 9.63 3.73 6.42
CA ASP B 29 10.19 3.36 7.73
C ASP B 29 9.46 2.13 8.27
N HIS B 30 8.18 2.02 7.92
CA HIS B 30 7.34 0.90 8.35
C HIS B 30 7.89 -0.41 7.80
N ASP B 31 8.36 -0.37 6.56
CA ASP B 31 8.91 -1.54 5.90
C ASP B 31 10.29 -1.87 6.47
N LYS B 32 11.04 -0.82 6.78
CA LYS B 32 12.38 -0.96 7.36
C LYS B 32 12.29 -1.76 8.66
N ARG B 33 11.30 -1.44 9.47
CA ARG B 33 11.08 -2.11 10.75
C ARG B 33 10.73 -3.58 10.53
N GLU B 34 9.97 -3.84 9.47
CA GLU B 34 9.54 -5.19 9.14
C GLU B 34 10.73 -6.07 8.75
N ALA B 35 11.79 -5.45 8.23
CA ALA B 35 12.98 -6.17 7.83
C ALA B 35 13.64 -6.86 9.01
N GLU B 36 13.82 -6.11 10.09
CA GLU B 36 14.44 -6.65 11.31
C GLU B 36 13.50 -7.66 11.96
N ARG B 37 12.21 -7.42 11.80
CA ARG B 37 11.19 -8.32 12.37
C ARG B 37 11.31 -9.71 11.76
N LYS B 38 11.50 -9.76 10.45
CA LYS B 38 11.62 -11.03 9.74
C LYS B 38 12.98 -11.65 10.01
N ALA B 39 14.04 -10.84 9.93
CA ALA B 39 15.39 -11.32 10.16
C ALA B 39 15.57 -11.87 11.56
N LEU B 40 14.86 -11.29 12.52
CA LEU B 40 14.94 -11.73 13.91
C LEU B 40 14.53 -13.20 14.03
N GLU B 41 13.56 -13.60 13.21
CA GLU B 41 13.06 -14.97 13.23
C GLU B 41 14.16 -15.94 12.77
N ASP B 42 14.94 -15.51 11.79
CA ASP B 42 16.04 -16.34 11.27
C ASP B 42 17.10 -16.51 12.33
N LYS B 43 17.35 -15.44 13.08
CA LYS B 43 18.33 -15.45 14.16
C LYS B 43 17.88 -16.36 15.30
N LEU B 44 16.59 -16.70 15.29
CA LEU B 44 16.03 -17.57 16.31
C LEU B 44 16.01 -19.01 15.81
N ALA B 45 16.18 -19.18 14.50
CA ALA B 45 16.18 -20.50 13.89
C ALA B 45 17.56 -21.13 13.97
N ASP B 46 18.59 -20.31 13.78
CA ASP B 46 19.98 -20.76 13.83
C ASP B 46 20.23 -21.84 12.79
N LYS B 47 19.98 -21.49 11.52
CA LYS B 47 20.16 -22.42 10.42
C LYS B 47 21.64 -22.68 10.17
N GLN B 48 22.43 -21.62 10.10
CA GLN B 48 23.86 -21.75 9.88
C GLN B 48 24.65 -20.91 10.89
N GLU B 49 23.95 -20.00 11.58
CA GLU B 49 24.58 -19.15 12.59
C GLU B 49 25.72 -18.32 11.99
N HIS B 50 25.56 -17.93 10.72
CA HIS B 50 26.58 -17.15 10.04
C HIS B 50 26.38 -15.65 10.31
N LEU B 51 25.49 -15.33 11.23
CA LEU B 51 25.23 -13.95 11.59
C LEU B 51 25.03 -13.81 13.09
N ASP B 52 25.94 -13.10 13.73
CA ASP B 52 25.86 -12.88 15.17
C ASP B 52 24.75 -11.89 15.49
N GLY B 53 24.67 -10.84 14.70
CA GLY B 53 23.66 -9.83 14.91
C GLY B 53 24.09 -8.82 15.95
N ALA B 54 25.40 -8.70 16.14
CA ALA B 54 25.96 -7.77 17.10
C ALA B 54 26.00 -6.36 16.54
N LEU B 55 26.13 -6.26 15.22
CA LEU B 55 26.18 -4.97 14.55
C LEU B 55 24.77 -4.39 14.40
N ARG B 56 23.90 -5.17 13.76
CA ARG B 56 22.50 -4.77 13.53
C ARG B 56 22.40 -3.59 12.57
N TYR B 57 23.52 -3.26 11.93
CA TYR B 57 23.61 -2.17 10.96
C TYR B 57 23.23 -0.82 11.59
N GLU A 6 -11.68 -0.58 -15.41
CA GLU A 6 -10.68 -1.40 -16.07
C GLU A 6 -10.10 -2.41 -15.10
N GLU A 7 -9.84 -3.61 -15.59
CA GLU A 7 -9.26 -4.67 -14.77
C GLU A 7 -7.77 -4.76 -15.01
N CYS A 8 -7.28 -3.93 -15.93
CA CYS A 8 -5.86 -3.90 -16.26
C CYS A 8 -5.33 -2.48 -16.08
N MET A 9 -4.01 -2.31 -16.17
CA MET A 9 -3.40 -1.00 -16.00
C MET A 9 -2.56 -0.63 -17.22
N HIS A 10 -2.34 0.67 -17.41
CA HIS A 10 -1.54 1.16 -18.52
C HIS A 10 -0.23 1.74 -18.02
N GLY A 11 -0.21 2.18 -16.77
CA GLY A 11 0.99 2.76 -16.19
C GLY A 11 1.26 2.24 -14.79
N SER A 12 1.21 3.13 -13.80
CA SER A 12 1.46 2.76 -12.41
C SER A 12 0.22 2.13 -11.77
N GLY A 13 -0.94 2.39 -12.35
CA GLY A 13 -2.17 1.84 -11.82
C GLY A 13 -2.93 2.81 -10.95
N GLU A 14 -2.71 4.10 -11.17
CA GLU A 14 -3.40 5.13 -10.40
C GLU A 14 -4.85 5.23 -10.82
N ASN A 15 -5.07 5.29 -12.12
CA ASN A 15 -6.41 5.38 -12.67
C ASN A 15 -6.97 3.98 -12.89
N TYR A 16 -6.78 3.14 -11.89
CA TYR A 16 -7.24 1.76 -11.94
C TYR A 16 -8.40 1.57 -10.96
N ASP A 17 -9.45 0.92 -11.42
CA ASP A 17 -10.62 0.66 -10.59
C ASP A 17 -11.18 -0.72 -10.92
N GLY A 18 -10.34 -1.73 -10.78
CA GLY A 18 -10.74 -3.10 -11.06
C GLY A 18 -11.25 -3.82 -9.83
N LYS A 19 -11.64 -5.07 -9.99
CA LYS A 19 -12.17 -5.85 -8.89
C LYS A 19 -11.16 -6.86 -8.36
N ILE A 20 -9.88 -6.60 -8.61
CA ILE A 20 -8.83 -7.49 -8.13
C ILE A 20 -8.50 -7.16 -6.68
N SER A 21 -8.66 -8.14 -5.80
CA SER A 21 -8.39 -7.96 -4.39
C SER A 21 -7.50 -9.07 -3.85
N LYS A 22 -6.48 -9.43 -4.61
CA LYS A 22 -5.56 -10.47 -4.21
C LYS A 22 -4.11 -10.02 -4.39
N THR A 23 -3.31 -10.23 -3.35
CA THR A 23 -1.91 -9.86 -3.39
C THR A 23 -1.15 -10.74 -4.39
N MET A 24 0.05 -10.33 -4.75
CA MET A 24 0.86 -11.10 -5.68
C MET A 24 1.17 -12.48 -5.10
N SER A 25 1.20 -12.54 -3.77
CA SER A 25 1.45 -13.78 -3.06
C SER A 25 0.24 -14.71 -3.14
N GLY A 26 -0.94 -14.10 -3.24
CA GLY A 26 -2.17 -14.88 -3.32
C GLY A 26 -2.99 -14.82 -2.05
N LEU A 27 -2.97 -13.67 -1.39
CA LEU A 27 -3.73 -13.49 -0.16
C LEU A 27 -4.84 -12.48 -0.38
N GLU A 28 -5.94 -12.61 0.37
CA GLU A 28 -7.05 -11.70 0.25
C GLU A 28 -6.71 -10.38 0.91
N CYS A 29 -6.88 -9.30 0.19
CA CYS A 29 -6.59 -7.98 0.72
C CYS A 29 -7.55 -7.58 1.83
N GLN A 30 -7.03 -6.80 2.77
CA GLN A 30 -7.82 -6.31 3.89
C GLN A 30 -8.62 -5.10 3.43
N ALA A 31 -9.86 -5.01 3.88
CA ALA A 31 -10.74 -3.91 3.52
C ALA A 31 -10.13 -2.56 3.93
N TRP A 32 -10.17 -1.61 3.01
CA TRP A 32 -9.62 -0.28 3.25
C TRP A 32 -10.37 0.43 4.37
N ASP A 33 -11.63 0.06 4.56
CA ASP A 33 -12.45 0.64 5.60
C ASP A 33 -12.36 -0.15 6.90
N SER A 34 -11.37 -1.04 6.97
CA SER A 34 -11.15 -1.85 8.16
C SER A 34 -9.75 -1.60 8.71
N GLN A 35 -9.62 -1.65 10.04
CA GLN A 35 -8.34 -1.42 10.69
C GLN A 35 -7.83 -2.70 11.33
N SER A 36 -8.30 -3.83 10.84
CA SER A 36 -7.90 -5.12 11.35
C SER A 36 -7.65 -6.09 10.20
N PRO A 37 -6.62 -6.94 10.30
CA PRO A 37 -5.73 -7.00 11.46
C PRO A 37 -4.61 -5.99 11.43
N HIS A 38 -4.53 -5.20 10.36
CA HIS A 38 -3.47 -4.20 10.23
C HIS A 38 -4.05 -2.80 10.34
N ALA A 39 -3.54 -2.02 11.28
CA ALA A 39 -3.98 -0.65 11.48
C ALA A 39 -3.22 0.27 10.54
N HIS A 40 -3.94 1.18 9.89
CA HIS A 40 -3.34 2.10 8.94
C HIS A 40 -3.98 3.48 9.02
N GLY A 41 -3.58 4.36 8.12
CA GLY A 41 -4.13 5.72 8.11
C GLY A 41 -4.84 6.05 6.81
N TYR A 42 -5.08 5.03 5.98
CA TYR A 42 -5.75 5.22 4.71
C TYR A 42 -7.26 5.25 4.90
N ILE A 43 -7.74 6.20 5.68
CA ILE A 43 -9.17 6.34 5.96
C ILE A 43 -9.90 6.80 4.70
N PRO A 44 -10.96 6.08 4.29
CA PRO A 44 -11.75 6.41 3.10
C PRO A 44 -12.27 7.85 3.11
N SER A 45 -12.50 8.40 4.31
CA SER A 45 -13.00 9.76 4.43
C SER A 45 -11.86 10.78 4.24
N LYS A 46 -10.62 10.33 4.41
CA LYS A 46 -9.47 11.21 4.24
C LYS A 46 -9.05 11.22 2.78
N PHE A 47 -9.18 10.06 2.13
CA PHE A 47 -8.85 9.91 0.73
C PHE A 47 -10.06 9.37 -0.04
N PRO A 48 -11.09 10.21 -0.24
CA PRO A 48 -12.31 9.79 -0.92
C PRO A 48 -12.13 9.68 -2.43
N ASN A 49 -11.10 10.33 -2.96
CA ASN A 49 -10.84 10.32 -4.39
C ASN A 49 -9.64 9.45 -4.73
N LYS A 50 -9.47 8.36 -3.98
CA LYS A 50 -8.35 7.45 -4.21
C LYS A 50 -8.84 6.03 -4.51
N ASN A 51 -10.11 5.93 -4.88
CA ASN A 51 -10.74 4.66 -5.23
C ASN A 51 -10.61 3.59 -4.15
N LEU A 52 -10.67 3.99 -2.89
CA LEU A 52 -10.56 3.04 -1.78
C LEU A 52 -11.90 2.32 -1.57
N LYS A 53 -12.19 1.39 -2.47
CA LYS A 53 -13.43 0.63 -2.41
C LYS A 53 -13.17 -0.81 -1.97
N LYS A 54 -13.88 -1.22 -0.92
CA LYS A 54 -13.78 -2.58 -0.37
C LYS A 54 -12.33 -2.93 -0.02
N ASN A 55 -11.82 -3.96 -0.66
CA ASN A 55 -10.45 -4.40 -0.43
C ASN A 55 -9.73 -4.55 -1.76
N TYR A 56 -10.25 -3.86 -2.77
CA TYR A 56 -9.68 -3.91 -4.10
C TYR A 56 -8.32 -3.21 -4.14
N CYS A 57 -7.38 -3.82 -4.84
CA CYS A 57 -6.03 -3.28 -4.97
C CYS A 57 -6.03 -1.94 -5.69
N ARG A 58 -5.44 -0.93 -5.06
CA ARG A 58 -5.39 0.40 -5.65
C ARG A 58 -4.02 1.04 -5.46
N ASN A 59 -3.79 2.15 -6.15
CA ASN A 59 -2.54 2.89 -6.07
C ASN A 59 -2.87 4.32 -5.64
N PRO A 60 -3.04 4.54 -4.34
CA PRO A 60 -3.40 5.84 -3.78
C PRO A 60 -2.23 6.65 -3.24
N ASP A 61 -1.00 6.22 -3.51
CA ASP A 61 0.16 6.94 -3.01
C ASP A 61 1.26 7.04 -4.06
N ARG A 62 0.89 6.90 -5.32
CA ARG A 62 1.83 6.98 -6.44
C ARG A 62 2.96 5.96 -6.31
N ASP A 63 2.60 4.70 -6.08
CA ASP A 63 3.59 3.64 -5.94
C ASP A 63 3.87 3.03 -7.31
N LEU A 64 4.77 2.05 -7.35
CA LEU A 64 5.12 1.39 -8.60
C LEU A 64 3.88 0.74 -9.21
N ARG A 65 3.28 -0.15 -8.44
CA ARG A 65 2.07 -0.85 -8.85
C ARG A 65 1.09 -0.87 -7.70
N PRO A 66 -0.23 -1.01 -7.97
CA PRO A 66 -1.25 -1.05 -6.92
C PRO A 66 -0.94 -2.10 -5.84
N TRP A 67 -1.27 -1.78 -4.60
CA TRP A 67 -1.00 -2.68 -3.49
C TRP A 67 -2.22 -2.78 -2.59
N CYS A 68 -2.09 -3.56 -1.52
CA CYS A 68 -3.17 -3.73 -0.57
C CYS A 68 -2.64 -4.38 0.71
N PHE A 69 -3.37 -4.21 1.80
CA PHE A 69 -2.99 -4.82 3.07
C PHE A 69 -3.38 -6.28 3.01
N THR A 70 -2.58 -7.15 3.62
CA THR A 70 -2.87 -8.57 3.59
C THR A 70 -3.69 -8.98 4.81
N THR A 71 -4.32 -10.15 4.73
CA THR A 71 -5.11 -10.66 5.84
C THR A 71 -4.22 -11.44 6.80
N ASP A 72 -2.93 -11.43 6.52
CA ASP A 72 -1.96 -12.15 7.35
C ASP A 72 -1.16 -11.15 8.18
N PRO A 73 -1.28 -11.23 9.51
CA PRO A 73 -0.55 -10.35 10.44
C PRO A 73 0.97 -10.43 10.26
N ASN A 74 1.43 -11.47 9.56
CA ASN A 74 2.86 -11.66 9.33
C ASN A 74 3.35 -10.79 8.16
N LYS A 75 2.41 -10.14 7.48
CA LYS A 75 2.74 -9.27 6.36
C LYS A 75 1.83 -8.06 6.35
N ARG A 76 2.39 -6.88 6.60
CA ARG A 76 1.60 -5.65 6.64
C ARG A 76 0.98 -5.34 5.29
N TRP A 77 1.81 -5.14 4.28
CA TRP A 77 1.33 -4.82 2.95
C TRP A 77 2.09 -5.61 1.90
N GLU A 78 1.47 -5.79 0.75
CA GLU A 78 2.08 -6.52 -0.36
C GLU A 78 1.55 -6.00 -1.68
N TYR A 79 2.37 -6.07 -2.73
CA TYR A 79 1.95 -5.62 -4.04
C TYR A 79 0.95 -6.60 -4.62
N CYS A 80 0.04 -6.11 -5.45
CA CYS A 80 -0.98 -6.97 -6.04
C CYS A 80 -0.61 -7.44 -7.44
N ASP A 81 -1.25 -8.51 -7.87
CA ASP A 81 -1.02 -9.07 -9.19
C ASP A 81 -2.07 -8.57 -10.16
N ILE A 82 -1.72 -7.56 -10.93
CA ILE A 82 -2.64 -6.98 -11.91
C ILE A 82 -1.96 -6.82 -13.26
N PRO A 83 -2.49 -7.50 -14.30
CA PRO A 83 -1.93 -7.43 -15.66
C PRO A 83 -2.05 -6.03 -16.27
N ARG A 84 -1.32 -5.82 -17.36
CA ARG A 84 -1.33 -4.54 -18.04
C ARG A 84 -2.03 -4.66 -19.40
N CYS A 85 -2.49 -3.53 -19.91
CA CYS A 85 -3.16 -3.52 -21.21
C CYS A 85 -2.19 -3.03 -22.28
N GLY B 1 -14.88 33.57 -5.22
CA GLY B 1 -16.23 34.04 -5.06
C GLY B 1 -16.65 34.97 -6.19
N SER B 2 -15.83 35.98 -6.44
CA SER B 2 -16.09 36.93 -7.51
C SER B 2 -15.79 36.29 -8.85
N ALA B 3 -14.61 35.71 -8.98
CA ALA B 3 -14.19 35.05 -10.19
C ALA B 3 -14.69 33.60 -10.21
N GLY B 4 -14.66 32.97 -9.04
CA GLY B 4 -15.10 31.60 -8.92
C GLY B 4 -14.05 30.61 -9.40
N LEU B 5 -12.81 31.05 -9.43
CA LEU B 5 -11.70 30.21 -9.86
C LEU B 5 -11.44 29.09 -8.87
N GLN B 6 -11.63 29.40 -7.59
CA GLN B 6 -11.41 28.42 -6.53
C GLN B 6 -12.45 27.31 -6.58
N GLU B 7 -13.64 27.64 -7.06
CA GLU B 7 -14.72 26.67 -7.18
C GLU B 7 -14.42 25.66 -8.28
N LYS B 8 -13.62 26.09 -9.26
CA LYS B 8 -13.24 25.22 -10.36
C LYS B 8 -12.13 24.27 -9.92
N GLU B 9 -11.19 24.80 -9.15
CA GLU B 9 -10.06 24.02 -8.65
C GLU B 9 -10.51 22.97 -7.64
N ARG B 10 -11.27 23.41 -6.64
CA ARG B 10 -11.76 22.51 -5.58
C ARG B 10 -10.61 21.95 -4.76
N GLU B 11 -9.42 22.51 -4.97
CA GLU B 11 -8.19 22.10 -4.27
C GLU B 11 -7.90 20.61 -4.50
N LEU B 12 -8.13 20.15 -5.73
CA LEU B 12 -7.88 18.76 -6.06
C LEU B 12 -6.38 18.49 -6.17
N GLU B 13 -5.65 19.51 -6.62
CA GLU B 13 -4.20 19.40 -6.78
C GLU B 13 -3.52 19.25 -5.42
N ASP B 14 -4.21 19.65 -4.36
CA ASP B 14 -3.68 19.56 -3.01
C ASP B 14 -3.46 18.11 -2.60
N LEU B 15 -4.38 17.24 -3.04
CA LEU B 15 -4.28 15.82 -2.73
C LEU B 15 -3.11 15.18 -3.48
N LYS B 16 -2.93 15.60 -4.72
CA LYS B 16 -1.85 15.07 -5.55
C LYS B 16 -0.49 15.53 -5.03
N ASP B 17 -0.45 16.75 -4.50
CA ASP B 17 0.78 17.29 -3.94
C ASP B 17 1.17 16.49 -2.69
N ALA B 18 0.16 16.07 -1.95
CA ALA B 18 0.38 15.29 -0.74
C ALA B 18 1.02 13.95 -1.06
N GLU B 19 0.65 13.40 -2.22
CA GLU B 19 1.20 12.11 -2.67
C GLU B 19 2.70 12.24 -2.93
N LEU B 20 3.10 13.43 -3.38
CA LEU B 20 4.50 13.71 -3.68
C LEU B 20 5.26 14.09 -2.42
N LYS B 21 4.54 14.58 -1.42
CA LYS B 21 5.16 14.99 -0.16
C LYS B 21 5.48 13.77 0.70
N ARG B 22 4.54 12.82 0.73
CA ARG B 22 4.73 11.60 1.51
C ARG B 22 5.93 10.80 1.00
N LEU B 23 5.95 10.56 -0.31
CA LEU B 23 7.04 9.83 -0.97
C LEU B 23 7.12 8.37 -0.46
N ASN B 24 6.06 7.94 0.23
CA ASN B 24 5.96 6.59 0.79
C ASN B 24 7.14 6.29 1.71
N GLU B 25 7.69 7.33 2.33
CA GLU B 25 8.83 7.19 3.24
C GLU B 25 8.53 6.23 4.39
N GLU B 26 7.39 6.43 5.04
CA GLU B 26 7.00 5.59 6.17
C GLU B 26 6.81 4.14 5.74
N ARG B 27 5.97 3.93 4.74
CA ARG B 27 5.71 2.60 4.22
C ARG B 27 7.01 1.90 3.79
N HIS B 28 7.92 2.66 3.19
CA HIS B 28 9.20 2.12 2.74
C HIS B 28 10.04 1.66 3.92
N ASP B 29 10.16 2.53 4.93
CA ASP B 29 10.92 2.21 6.14
C ASP B 29 10.34 0.98 6.83
N HIS B 30 9.03 0.85 6.77
CA HIS B 30 8.34 -0.27 7.39
C HIS B 30 8.78 -1.60 6.77
N ASP B 31 9.09 -1.57 5.48
CA ASP B 31 9.55 -2.77 4.78
C ASP B 31 10.95 -3.14 5.26
N LYS B 32 11.77 -2.12 5.46
CA LYS B 32 13.14 -2.31 5.95
C LYS B 32 13.11 -2.96 7.33
N ARG B 33 12.18 -2.51 8.17
CA ARG B 33 12.04 -3.04 9.50
C ARG B 33 11.49 -4.47 9.43
N GLU B 34 10.59 -4.70 8.49
CA GLU B 34 9.99 -6.00 8.28
C GLU B 34 11.06 -7.02 7.89
N ALA B 35 12.02 -6.58 7.08
CA ALA B 35 13.12 -7.43 6.65
C ALA B 35 13.90 -7.94 7.86
N GLU B 36 14.18 -7.02 8.79
CA GLU B 36 14.90 -7.36 10.01
C GLU B 36 14.08 -8.32 10.87
N ARG B 37 12.77 -8.13 10.86
CA ARG B 37 11.84 -8.97 11.62
C ARG B 37 11.86 -10.39 11.06
N LYS B 38 11.81 -10.48 9.73
CA LYS B 38 11.82 -11.77 9.06
C LYS B 38 13.17 -12.47 9.27
N ALA B 39 14.25 -11.72 9.11
CA ALA B 39 15.60 -12.27 9.28
C ALA B 39 15.81 -12.78 10.71
N LEU B 40 15.11 -12.19 11.66
CA LEU B 40 15.23 -12.60 13.05
C LEU B 40 14.74 -14.04 13.23
N GLU B 41 13.69 -14.39 12.49
CA GLU B 41 13.14 -15.74 12.55
C GLU B 41 14.03 -16.69 11.77
N ASP B 42 14.70 -16.14 10.76
CA ASP B 42 15.62 -16.89 9.92
C ASP B 42 16.82 -17.36 10.73
N LYS B 43 17.33 -16.47 11.58
CA LYS B 43 18.47 -16.76 12.44
C LYS B 43 18.08 -17.77 13.51
N LEU B 44 16.89 -17.58 14.06
CA LEU B 44 16.38 -18.44 15.13
C LEU B 44 16.15 -19.86 14.61
N ALA B 45 15.76 -19.97 13.34
CA ALA B 45 15.50 -21.26 12.72
C ALA B 45 16.80 -22.03 12.49
N ASP B 46 17.92 -21.31 12.53
CA ASP B 46 19.25 -21.90 12.32
C ASP B 46 19.31 -22.66 11.00
N LYS B 47 19.58 -21.94 9.92
CA LYS B 47 19.64 -22.54 8.60
C LYS B 47 21.01 -23.15 8.31
N GLN B 48 21.99 -22.30 8.03
CA GLN B 48 23.33 -22.79 7.71
C GLN B 48 24.40 -22.04 8.49
N GLU B 49 23.97 -21.10 9.35
CA GLU B 49 24.89 -20.29 10.15
C GLU B 49 25.89 -19.58 9.25
N HIS B 50 25.40 -18.97 8.18
CA HIS B 50 26.27 -18.26 7.24
C HIS B 50 26.13 -16.75 7.39
N LEU B 51 25.39 -16.33 8.40
CA LEU B 51 25.20 -14.91 8.65
C LEU B 51 25.40 -14.59 10.12
N ASP B 52 26.42 -13.80 10.42
CA ASP B 52 26.74 -13.41 11.78
C ASP B 52 25.92 -12.19 12.20
N GLY B 53 25.63 -11.33 11.23
CA GLY B 53 24.86 -10.13 11.51
C GLY B 53 25.66 -9.13 12.33
N ALA B 54 26.93 -8.98 12.00
CA ALA B 54 27.81 -8.06 12.71
C ALA B 54 27.50 -6.61 12.33
N LEU B 55 27.21 -6.39 11.06
CA LEU B 55 26.88 -5.05 10.57
C LEU B 55 25.42 -4.74 10.87
N ARG B 56 24.62 -5.80 10.94
CA ARG B 56 23.19 -5.69 11.23
C ARG B 56 22.47 -4.94 10.12
N TYR B 57 22.90 -5.19 8.88
CA TYR B 57 22.30 -4.57 7.70
C TYR B 57 22.46 -3.05 7.75
N GLU A 6 -11.23 0.51 -14.89
CA GLU A 6 -10.58 -0.46 -15.75
C GLU A 6 -9.98 -1.60 -14.92
N GLU A 7 -9.89 -2.78 -15.51
CA GLU A 7 -9.35 -3.94 -14.83
C GLU A 7 -7.87 -4.14 -15.17
N CYS A 8 -7.32 -3.23 -15.94
CA CYS A 8 -5.92 -3.32 -16.33
C CYS A 8 -5.18 -2.05 -15.96
N MET A 9 -3.86 -2.07 -16.05
CA MET A 9 -3.05 -0.91 -15.71
C MET A 9 -2.31 -0.38 -16.94
N HIS A 10 -2.28 0.94 -17.06
CA HIS A 10 -1.59 1.60 -18.17
C HIS A 10 -0.20 2.02 -17.74
N GLY A 11 -0.09 2.47 -16.50
CA GLY A 11 1.19 2.90 -15.99
C GLY A 11 1.49 2.34 -14.62
N SER A 12 1.29 3.15 -13.59
CA SER A 12 1.55 2.74 -12.22
C SER A 12 0.31 2.11 -11.57
N GLY A 13 -0.81 2.17 -12.27
CA GLY A 13 -2.04 1.60 -11.75
C GLY A 13 -2.80 2.58 -10.88
N GLU A 14 -2.52 3.87 -11.06
CA GLU A 14 -3.18 4.91 -10.29
C GLU A 14 -4.61 5.12 -10.80
N ASN A 15 -4.80 4.88 -12.09
CA ASN A 15 -6.10 5.04 -12.70
C ASN A 15 -6.83 3.71 -12.77
N TYR A 16 -6.34 2.75 -11.99
CA TYR A 16 -6.93 1.43 -11.96
C TYR A 16 -8.12 1.37 -11.02
N ASP A 17 -9.23 0.86 -11.52
CA ASP A 17 -10.44 0.73 -10.72
C ASP A 17 -11.11 -0.60 -11.04
N GLY A 18 -10.53 -1.67 -10.52
CA GLY A 18 -11.05 -3.00 -10.77
C GLY A 18 -11.51 -3.69 -9.50
N LYS A 19 -11.74 -4.99 -9.58
CA LYS A 19 -12.21 -5.76 -8.44
C LYS A 19 -11.17 -6.75 -7.93
N ILE A 20 -9.91 -6.56 -8.31
CA ILE A 20 -8.85 -7.45 -7.84
C ILE A 20 -8.54 -7.15 -6.38
N SER A 21 -8.85 -8.10 -5.50
CA SER A 21 -8.62 -7.93 -4.07
C SER A 21 -7.67 -8.98 -3.53
N LYS A 22 -6.56 -9.21 -4.23
CA LYS A 22 -5.58 -10.19 -3.80
C LYS A 22 -4.17 -9.75 -4.19
N THR A 23 -3.21 -10.03 -3.33
CA THR A 23 -1.82 -9.68 -3.55
C THR A 23 -1.20 -10.55 -4.63
N MET A 24 0.06 -10.26 -4.98
CA MET A 24 0.78 -11.03 -5.98
C MET A 24 1.03 -12.45 -5.48
N SER A 25 0.96 -12.62 -4.16
CA SER A 25 1.15 -13.91 -3.53
C SER A 25 -0.14 -14.72 -3.55
N GLY A 26 -1.26 -14.02 -3.57
CA GLY A 26 -2.55 -14.69 -3.59
C GLY A 26 -3.26 -14.59 -2.25
N LEU A 27 -3.02 -13.50 -1.54
CA LEU A 27 -3.64 -13.28 -0.24
C LEU A 27 -4.80 -12.31 -0.37
N GLU A 28 -5.88 -12.58 0.35
CA GLU A 28 -7.04 -11.71 0.32
C GLU A 28 -6.74 -10.39 1.03
N CYS A 29 -6.81 -9.30 0.28
CA CYS A 29 -6.52 -7.98 0.82
C CYS A 29 -7.52 -7.58 1.91
N GLN A 30 -7.04 -6.78 2.85
CA GLN A 30 -7.86 -6.29 3.95
C GLN A 30 -8.64 -5.06 3.49
N ALA A 31 -9.87 -4.92 3.96
CA ALA A 31 -10.71 -3.78 3.59
C ALA A 31 -10.09 -2.48 4.08
N TRP A 32 -10.10 -1.47 3.23
CA TRP A 32 -9.53 -0.17 3.57
C TRP A 32 -10.31 0.50 4.70
N ASP A 33 -11.54 0.06 4.90
CA ASP A 33 -12.40 0.62 5.95
C ASP A 33 -12.21 -0.16 7.25
N SER A 34 -11.39 -1.20 7.20
CA SER A 34 -11.13 -2.02 8.36
C SER A 34 -9.75 -1.71 8.91
N GLN A 35 -9.59 -1.78 10.23
CA GLN A 35 -8.33 -1.51 10.87
C GLN A 35 -7.75 -2.78 11.48
N SER A 36 -8.31 -3.91 11.07
CA SER A 36 -7.86 -5.20 11.56
C SER A 36 -7.61 -6.14 10.39
N PRO A 37 -6.56 -6.97 10.44
CA PRO A 37 -5.64 -7.01 11.59
C PRO A 37 -4.56 -5.93 11.54
N HIS A 38 -4.46 -5.21 10.44
CA HIS A 38 -3.45 -4.16 10.30
C HIS A 38 -4.06 -2.77 10.40
N ALA A 39 -3.66 -2.01 11.42
CA ALA A 39 -4.15 -0.65 11.60
C ALA A 39 -3.35 0.30 10.73
N HIS A 40 -4.04 1.11 9.95
CA HIS A 40 -3.38 2.04 9.05
C HIS A 40 -4.03 3.41 9.08
N GLY A 41 -3.48 4.32 8.28
CA GLY A 41 -4.01 5.68 8.21
C GLY A 41 -4.58 6.00 6.85
N TYR A 42 -4.75 4.98 6.03
CA TYR A 42 -5.29 5.15 4.68
C TYR A 42 -6.82 5.09 4.71
N ILE A 43 -7.40 6.02 5.45
CA ILE A 43 -8.85 6.11 5.60
C ILE A 43 -9.51 6.44 4.26
N PRO A 44 -10.53 5.65 3.85
CA PRO A 44 -11.25 5.86 2.59
C PRO A 44 -11.85 7.26 2.49
N SER A 45 -12.19 7.84 3.64
CA SER A 45 -12.78 9.17 3.68
C SER A 45 -11.72 10.26 3.50
N LYS A 46 -10.45 9.89 3.61
CA LYS A 46 -9.36 10.84 3.44
C LYS A 46 -9.02 11.00 1.97
N PHE A 47 -9.02 9.89 1.26
CA PHE A 47 -8.73 9.90 -0.17
C PHE A 47 -9.84 9.20 -0.95
N PRO A 48 -11.02 9.84 -1.07
CA PRO A 48 -12.16 9.25 -1.78
C PRO A 48 -11.98 9.31 -3.29
N ASN A 49 -11.03 10.12 -3.73
CA ASN A 49 -10.76 10.29 -5.15
C ASN A 49 -9.81 9.20 -5.65
N LYS A 50 -9.41 8.32 -4.74
CA LYS A 50 -8.50 7.23 -5.11
C LYS A 50 -9.26 5.93 -5.31
N ASN A 51 -10.59 6.02 -5.25
CA ASN A 51 -11.47 4.86 -5.45
C ASN A 51 -11.19 3.74 -4.46
N LEU A 52 -11.01 4.10 -3.19
CA LEU A 52 -10.77 3.10 -2.15
C LEU A 52 -12.08 2.39 -1.81
N LYS A 53 -12.35 1.31 -2.51
CA LYS A 53 -13.58 0.55 -2.32
C LYS A 53 -13.29 -0.86 -1.83
N LYS A 54 -14.05 -1.29 -0.82
CA LYS A 54 -13.93 -2.62 -0.24
C LYS A 54 -12.49 -2.95 0.15
N ASN A 55 -11.95 -3.99 -0.46
CA ASN A 55 -10.60 -4.44 -0.20
C ASN A 55 -9.84 -4.61 -1.52
N TYR A 56 -10.27 -3.87 -2.52
CA TYR A 56 -9.65 -3.94 -3.84
C TYR A 56 -8.29 -3.24 -3.86
N CYS A 57 -7.38 -3.79 -4.64
CA CYS A 57 -6.04 -3.22 -4.77
C CYS A 57 -6.12 -1.87 -5.45
N ARG A 58 -5.51 -0.86 -4.84
CA ARG A 58 -5.52 0.48 -5.39
C ARG A 58 -4.15 1.13 -5.22
N ASN A 59 -3.99 2.30 -5.80
CA ASN A 59 -2.73 3.04 -5.71
C ASN A 59 -3.04 4.47 -5.27
N PRO A 60 -3.12 4.70 -3.95
CA PRO A 60 -3.44 6.01 -3.40
C PRO A 60 -2.22 6.86 -3.04
N ASP A 61 -1.03 6.29 -3.07
CA ASP A 61 0.17 7.03 -2.71
C ASP A 61 1.16 7.14 -3.87
N ARG A 62 0.67 6.89 -5.08
CA ARG A 62 1.49 7.00 -6.29
C ARG A 62 2.68 6.03 -6.28
N ASP A 63 2.45 4.80 -5.83
CA ASP A 63 3.51 3.81 -5.80
C ASP A 63 3.74 3.23 -7.20
N LEU A 64 4.73 2.36 -7.33
CA LEU A 64 5.06 1.75 -8.62
C LEU A 64 3.89 0.93 -9.16
N ARG A 65 3.35 0.07 -8.33
CA ARG A 65 2.22 -0.78 -8.71
C ARG A 65 1.21 -0.81 -7.58
N PRO A 66 -0.08 -1.08 -7.90
CA PRO A 66 -1.14 -1.16 -6.88
C PRO A 66 -0.79 -2.14 -5.78
N TRP A 67 -1.16 -1.79 -4.55
CA TRP A 67 -0.86 -2.62 -3.40
C TRP A 67 -2.08 -2.72 -2.49
N CYS A 68 -1.95 -3.53 -1.45
CA CYS A 68 -3.03 -3.72 -0.49
C CYS A 68 -2.51 -4.39 0.78
N PHE A 69 -3.23 -4.21 1.87
CA PHE A 69 -2.86 -4.85 3.13
C PHE A 69 -3.32 -6.29 3.09
N THR A 70 -2.51 -7.21 3.59
CA THR A 70 -2.88 -8.61 3.57
C THR A 70 -3.62 -8.99 4.85
N THR A 71 -4.29 -10.13 4.83
CA THR A 71 -5.02 -10.58 6.00
C THR A 71 -4.11 -11.39 6.93
N ASP A 72 -2.84 -11.51 6.54
CA ASP A 72 -1.86 -12.23 7.34
C ASP A 72 -1.15 -11.26 8.28
N PRO A 73 -1.28 -11.46 9.60
CA PRO A 73 -0.66 -10.60 10.60
C PRO A 73 0.87 -10.55 10.50
N ASN A 74 1.45 -11.53 9.79
CA ASN A 74 2.91 -11.57 9.63
C ASN A 74 3.33 -10.87 8.35
N LYS A 75 2.37 -10.30 7.64
CA LYS A 75 2.65 -9.59 6.39
C LYS A 75 1.70 -8.38 6.29
N ARG A 76 2.24 -7.20 6.52
CA ARG A 76 1.44 -5.97 6.51
C ARG A 76 0.83 -5.67 5.14
N TRP A 77 1.65 -5.24 4.20
CA TRP A 77 1.16 -4.89 2.88
C TRP A 77 2.05 -5.47 1.80
N GLU A 78 1.46 -5.74 0.64
CA GLU A 78 2.21 -6.28 -0.47
C GLU A 78 1.61 -5.80 -1.79
N TYR A 79 2.38 -5.92 -2.86
CA TYR A 79 1.93 -5.51 -4.17
C TYR A 79 0.99 -6.54 -4.77
N CYS A 80 0.08 -6.08 -5.61
CA CYS A 80 -0.86 -6.96 -6.27
C CYS A 80 -0.40 -7.26 -7.69
N ASP A 81 -0.90 -8.33 -8.27
CA ASP A 81 -0.50 -8.73 -9.62
C ASP A 81 -1.65 -8.49 -10.59
N ILE A 82 -1.80 -7.25 -11.01
CA ILE A 82 -2.86 -6.87 -11.92
C ILE A 82 -2.33 -6.76 -13.36
N PRO A 83 -2.98 -7.42 -14.32
CA PRO A 83 -2.57 -7.41 -15.72
C PRO A 83 -2.58 -6.00 -16.33
N ARG A 84 -1.65 -5.77 -17.24
CA ARG A 84 -1.54 -4.49 -17.93
C ARG A 84 -2.54 -4.42 -19.07
N CYS A 85 -2.70 -3.24 -19.66
CA CYS A 85 -3.64 -3.07 -20.77
C CYS A 85 -2.99 -3.43 -22.09
N GLY B 1 -17.50 26.34 -10.10
CA GLY B 1 -18.13 27.35 -9.27
C GLY B 1 -19.60 27.49 -9.56
N SER B 2 -19.93 28.37 -10.50
CA SER B 2 -21.31 28.60 -10.88
C SER B 2 -21.55 28.20 -12.33
N ALA B 3 -20.47 27.92 -13.05
CA ALA B 3 -20.55 27.53 -14.45
C ALA B 3 -20.73 26.02 -14.58
N GLY B 4 -20.35 25.29 -13.54
CA GLY B 4 -20.47 23.85 -13.56
C GLY B 4 -19.33 23.18 -14.33
N LEU B 5 -18.17 23.81 -14.31
CA LEU B 5 -17.01 23.28 -15.01
C LEU B 5 -15.99 22.75 -14.00
N GLN B 6 -15.78 23.50 -12.93
CA GLN B 6 -14.84 23.11 -11.88
C GLN B 6 -15.37 21.91 -11.13
N GLU B 7 -16.69 21.87 -10.95
CA GLU B 7 -17.35 20.78 -10.26
C GLU B 7 -17.15 19.47 -11.01
N LYS B 8 -16.81 19.57 -12.28
CA LYS B 8 -16.57 18.39 -13.11
C LYS B 8 -15.18 17.84 -12.84
N GLU B 9 -14.24 18.75 -12.61
CA GLU B 9 -12.86 18.37 -12.33
C GLU B 9 -12.71 17.96 -10.87
N ARG B 10 -13.46 18.64 -9.99
CA ARG B 10 -13.44 18.37 -8.55
C ARG B 10 -12.08 18.71 -7.94
N GLU B 11 -11.26 19.46 -8.68
CA GLU B 11 -9.94 19.87 -8.23
C GLU B 11 -9.10 18.68 -7.76
N LEU B 12 -8.90 17.72 -8.65
CA LEU B 12 -8.12 16.52 -8.33
C LEU B 12 -6.65 16.87 -8.10
N GLU B 13 -6.23 17.99 -8.66
CA GLU B 13 -4.85 18.47 -8.54
C GLU B 13 -4.42 18.63 -7.08
N ASP B 14 -5.37 18.93 -6.21
CA ASP B 14 -5.07 19.13 -4.78
C ASP B 14 -4.56 17.84 -4.15
N LEU B 15 -5.14 16.72 -4.54
CA LEU B 15 -4.73 15.42 -3.99
C LEU B 15 -3.43 14.96 -4.62
N LYS B 16 -3.20 15.36 -5.86
CA LYS B 16 -1.99 14.99 -6.59
C LYS B 16 -0.76 15.61 -5.94
N ASP B 17 -0.96 16.74 -5.27
CA ASP B 17 0.14 17.43 -4.60
C ASP B 17 0.60 16.65 -3.38
N ALA B 18 -0.36 16.04 -2.68
CA ALA B 18 -0.07 15.27 -1.48
C ALA B 18 0.70 13.99 -1.82
N GLU B 19 0.52 13.51 -3.04
CA GLU B 19 1.19 12.30 -3.50
C GLU B 19 2.70 12.47 -3.45
N LEU B 20 3.18 13.57 -4.03
CA LEU B 20 4.61 13.84 -4.07
C LEU B 20 5.10 14.36 -2.72
N LYS B 21 4.20 14.97 -1.96
CA LYS B 21 4.53 15.51 -0.65
C LYS B 21 4.97 14.40 0.29
N ARG B 22 4.20 13.32 0.32
CA ARG B 22 4.51 12.19 1.19
C ARG B 22 5.67 11.37 0.63
N LEU B 23 5.59 11.07 -0.68
CA LEU B 23 6.61 10.30 -1.38
C LEU B 23 6.80 8.90 -0.78
N ASN B 24 5.82 8.47 0.02
CA ASN B 24 5.82 7.14 0.65
C ASN B 24 7.04 6.93 1.56
N GLU B 25 7.48 8.01 2.21
CA GLU B 25 8.64 7.93 3.10
C GLU B 25 8.35 7.02 4.30
N GLU B 26 7.11 7.07 4.79
CA GLU B 26 6.72 6.26 5.94
C GLU B 26 6.62 4.79 5.54
N ARG B 27 5.87 4.52 4.47
CA ARG B 27 5.71 3.17 3.96
C ARG B 27 7.07 2.53 3.64
N HIS B 28 8.00 3.33 3.12
CA HIS B 28 9.34 2.85 2.79
C HIS B 28 10.03 2.30 4.03
N ASP B 29 9.94 3.04 5.13
CA ASP B 29 10.55 2.63 6.39
C ASP B 29 9.93 1.32 6.89
N HIS B 30 8.63 1.16 6.66
CA HIS B 30 7.92 -0.04 7.09
C HIS B 30 8.41 -1.26 6.35
N ASP B 31 8.77 -1.08 5.08
CA ASP B 31 9.27 -2.18 4.26
C ASP B 31 10.61 -2.66 4.83
N LYS B 32 11.35 -1.71 5.39
CA LYS B 32 12.64 -2.00 6.00
C LYS B 32 12.44 -2.84 7.26
N ARG B 33 11.39 -2.52 8.00
CA ARG B 33 11.06 -3.22 9.22
C ARG B 33 10.64 -4.66 8.92
N GLU B 34 9.79 -4.82 7.92
CA GLU B 34 9.30 -6.13 7.51
C GLU B 34 10.43 -6.97 6.92
N ALA B 35 11.42 -6.31 6.33
CA ALA B 35 12.56 -7.01 5.74
C ALA B 35 13.31 -7.80 6.80
N GLU B 36 13.60 -7.16 7.93
CA GLU B 36 14.30 -7.81 9.02
C GLU B 36 13.41 -8.86 9.66
N ARG B 37 12.10 -8.63 9.62
CA ARG B 37 11.13 -9.56 10.16
C ARG B 37 11.18 -10.87 9.38
N LYS B 38 11.27 -10.75 8.06
CA LYS B 38 11.35 -11.90 7.18
C LYS B 38 12.65 -12.66 7.43
N ALA B 39 13.72 -11.90 7.65
CA ALA B 39 15.03 -12.49 7.90
C ALA B 39 15.06 -13.18 9.27
N LEU B 40 14.25 -12.68 10.20
CA LEU B 40 14.19 -13.25 11.54
C LEU B 40 13.74 -14.71 11.49
N GLU B 41 12.84 -15.01 10.56
CA GLU B 41 12.35 -16.37 10.39
C GLU B 41 13.46 -17.26 9.87
N ASP B 42 14.28 -16.73 8.97
CA ASP B 42 15.40 -17.47 8.39
C ASP B 42 16.45 -17.78 9.45
N LYS B 43 16.77 -16.78 10.27
CA LYS B 43 17.75 -16.94 11.33
C LYS B 43 17.28 -18.01 12.31
N LEU B 44 15.99 -17.99 12.61
CA LEU B 44 15.38 -18.93 13.54
C LEU B 44 15.30 -20.33 12.94
N ALA B 45 15.36 -20.41 11.62
CA ALA B 45 15.27 -21.70 10.92
C ALA B 45 16.63 -22.37 10.86
N ASP B 46 17.69 -21.61 11.10
CA ASP B 46 19.06 -22.10 11.07
C ASP B 46 19.35 -22.87 9.78
N LYS B 47 19.40 -22.16 8.67
CA LYS B 47 19.65 -22.76 7.38
C LYS B 47 21.13 -23.07 7.20
N GLN B 48 21.96 -22.04 7.33
CA GLN B 48 23.39 -22.21 7.18
C GLN B 48 24.16 -21.55 8.33
N GLU B 49 23.44 -20.79 9.15
CA GLU B 49 24.05 -20.10 10.30
C GLU B 49 25.17 -19.18 9.84
N HIS B 50 25.00 -18.60 8.64
CA HIS B 50 26.01 -17.71 8.07
C HIS B 50 25.86 -16.29 8.58
N LEU B 51 24.78 -16.02 9.29
CA LEU B 51 24.54 -14.69 9.82
C LEU B 51 24.21 -14.75 11.30
N ASP B 52 25.18 -14.38 12.12
CA ASP B 52 24.99 -14.37 13.57
C ASP B 52 24.24 -13.11 13.98
N GLY B 53 24.45 -12.05 13.22
CA GLY B 53 23.81 -10.79 13.53
C GLY B 53 24.55 -10.06 14.62
N ALA B 54 25.88 -10.03 14.49
CA ALA B 54 26.73 -9.37 15.46
C ALA B 54 26.66 -7.85 15.29
N LEU B 55 26.64 -7.41 14.04
CA LEU B 55 26.57 -5.98 13.73
C LEU B 55 25.21 -5.44 14.12
N ARG B 56 24.16 -6.20 13.80
CA ARG B 56 22.77 -5.82 14.11
C ARG B 56 22.35 -4.57 13.35
N TYR B 57 22.95 -4.35 12.18
CA TYR B 57 22.65 -3.18 11.35
C TYR B 57 22.87 -1.88 12.12
N GLU A 6 -11.47 -0.02 -14.47
CA GLU A 6 -10.63 -0.84 -15.34
C GLU A 6 -9.98 -1.97 -14.54
N GLU A 7 -9.99 -3.17 -15.08
CA GLU A 7 -9.40 -4.32 -14.41
C GLU A 7 -7.92 -4.43 -14.76
N CYS A 8 -7.49 -3.64 -15.74
CA CYS A 8 -6.10 -3.64 -16.16
C CYS A 8 -5.46 -2.28 -15.89
N MET A 9 -4.14 -2.24 -15.92
CA MET A 9 -3.41 -1.00 -15.66
C MET A 9 -2.72 -0.52 -16.95
N HIS A 10 -2.63 0.79 -17.10
CA HIS A 10 -1.99 1.38 -18.27
C HIS A 10 -0.53 1.70 -17.98
N GLY A 11 -0.28 2.16 -16.77
CA GLY A 11 1.08 2.50 -16.39
C GLY A 11 1.45 1.98 -15.01
N SER A 12 1.23 2.79 -13.99
CA SER A 12 1.53 2.40 -12.62
C SER A 12 0.26 2.07 -11.85
N GLY A 13 -0.89 2.44 -12.42
CA GLY A 13 -2.16 2.16 -11.77
C GLY A 13 -2.79 3.41 -11.20
N GLU A 14 -2.48 4.55 -11.80
CA GLU A 14 -3.01 5.83 -11.37
C GLU A 14 -4.54 5.88 -11.51
N ASN A 15 -5.06 5.15 -12.50
CA ASN A 15 -6.49 5.13 -12.75
C ASN A 15 -7.04 3.71 -12.62
N TYR A 16 -6.31 2.84 -11.94
CA TYR A 16 -6.76 1.47 -11.79
C TYR A 16 -7.92 1.39 -10.80
N ASP A 17 -9.02 0.82 -11.24
CA ASP A 17 -10.20 0.65 -10.41
C ASP A 17 -10.85 -0.68 -10.76
N GLY A 18 -10.17 -1.76 -10.39
CA GLY A 18 -10.67 -3.09 -10.66
C GLY A 18 -11.17 -3.79 -9.42
N LYS A 19 -11.62 -5.03 -9.59
CA LYS A 19 -12.16 -5.81 -8.49
C LYS A 19 -11.14 -6.84 -7.98
N ILE A 20 -9.88 -6.63 -8.31
CA ILE A 20 -8.82 -7.54 -7.86
C ILE A 20 -8.40 -7.20 -6.44
N SER A 21 -8.60 -8.14 -5.53
CA SER A 21 -8.25 -7.95 -4.13
C SER A 21 -7.32 -9.06 -3.64
N LYS A 22 -6.32 -9.39 -4.46
CA LYS A 22 -5.37 -10.43 -4.11
C LYS A 22 -3.94 -9.96 -4.38
N THR A 23 -3.07 -10.17 -3.41
CA THR A 23 -1.66 -9.77 -3.53
C THR A 23 -0.91 -10.70 -4.47
N MET A 24 0.37 -10.43 -4.68
CA MET A 24 1.20 -11.26 -5.55
C MET A 24 1.34 -12.67 -4.98
N SER A 25 1.12 -12.80 -3.67
CA SER A 25 1.20 -14.09 -3.01
C SER A 25 -0.13 -14.82 -3.15
N GLY A 26 -1.20 -14.06 -3.33
CA GLY A 26 -2.52 -14.65 -3.48
C GLY A 26 -3.37 -14.47 -2.24
N LEU A 27 -2.89 -13.68 -1.29
CA LEU A 27 -3.62 -13.44 -0.05
C LEU A 27 -4.65 -12.33 -0.25
N GLU A 28 -5.86 -12.57 0.24
CA GLU A 28 -6.95 -11.60 0.14
C GLU A 28 -6.58 -10.34 0.92
N CYS A 29 -6.77 -9.20 0.28
CA CYS A 29 -6.46 -7.91 0.89
C CYS A 29 -7.43 -7.53 2.00
N GLN A 30 -6.93 -6.74 2.94
CA GLN A 30 -7.71 -6.25 4.05
C GLN A 30 -8.55 -5.07 3.58
N ALA A 31 -9.76 -4.94 4.12
CA ALA A 31 -10.65 -3.87 3.73
C ALA A 31 -10.08 -2.51 4.11
N TRP A 32 -10.18 -1.55 3.21
CA TRP A 32 -9.68 -0.20 3.43
C TRP A 32 -10.46 0.49 4.54
N ASP A 33 -11.69 0.04 4.76
CA ASP A 33 -12.54 0.61 5.80
C ASP A 33 -12.39 -0.17 7.10
N SER A 34 -11.51 -1.16 7.09
CA SER A 34 -11.27 -1.98 8.25
C SER A 34 -9.87 -1.72 8.81
N GLN A 35 -9.73 -1.78 10.12
CA GLN A 35 -8.45 -1.55 10.78
C GLN A 35 -7.91 -2.86 11.35
N SER A 36 -8.45 -3.97 10.85
CA SER A 36 -8.02 -5.28 11.29
C SER A 36 -7.60 -6.13 10.09
N PRO A 37 -6.50 -6.88 10.20
CA PRO A 37 -5.70 -6.97 11.43
C PRO A 37 -4.59 -5.92 11.50
N HIS A 38 -4.46 -5.08 10.47
CA HIS A 38 -3.42 -4.06 10.45
C HIS A 38 -4.02 -2.66 10.57
N ALA A 39 -3.47 -1.88 11.51
CA ALA A 39 -3.92 -0.51 11.73
C ALA A 39 -3.20 0.42 10.77
N HIS A 40 -3.96 1.25 10.08
CA HIS A 40 -3.38 2.18 9.11
C HIS A 40 -4.15 3.50 9.07
N GLY A 41 -3.68 4.42 8.23
CA GLY A 41 -4.32 5.71 8.10
C GLY A 41 -4.89 5.94 6.71
N TYR A 42 -5.17 4.85 6.00
CA TYR A 42 -5.71 4.93 4.66
C TYR A 42 -7.22 4.81 4.70
N ILE A 43 -7.86 5.82 5.29
CA ILE A 43 -9.31 5.83 5.43
C ILE A 43 -9.95 6.35 4.14
N PRO A 44 -10.98 5.65 3.62
CA PRO A 44 -11.69 6.05 2.40
C PRO A 44 -12.29 7.46 2.47
N SER A 45 -12.42 7.98 3.68
CA SER A 45 -12.97 9.32 3.88
C SER A 45 -11.85 10.35 3.76
N LYS A 46 -10.62 9.90 3.98
CA LYS A 46 -9.45 10.76 3.89
C LYS A 46 -9.06 10.93 2.42
N PHE A 47 -9.22 9.86 1.66
CA PHE A 47 -8.93 9.87 0.23
C PHE A 47 -10.12 9.32 -0.55
N PRO A 48 -11.21 10.10 -0.63
CA PRO A 48 -12.44 9.68 -1.33
C PRO A 48 -12.31 9.73 -2.85
N ASN A 49 -11.25 10.37 -3.32
CA ASN A 49 -11.02 10.50 -4.75
C ASN A 49 -9.90 9.57 -5.21
N LYS A 50 -9.64 8.51 -4.46
CA LYS A 50 -8.58 7.57 -4.83
C LYS A 50 -9.13 6.15 -5.01
N ASN A 51 -10.46 6.04 -5.07
CA ASN A 51 -11.14 4.76 -5.27
C ASN A 51 -10.79 3.71 -4.20
N LEU A 52 -10.84 4.11 -2.94
CA LEU A 52 -10.56 3.17 -1.85
C LEU A 52 -11.84 2.40 -1.54
N LYS A 53 -12.19 1.49 -2.44
CA LYS A 53 -13.40 0.71 -2.32
C LYS A 53 -13.12 -0.70 -1.79
N LYS A 54 -13.90 -1.08 -0.77
CA LYS A 54 -13.81 -2.39 -0.14
C LYS A 54 -12.37 -2.78 0.22
N ASN A 55 -11.85 -3.80 -0.46
CA ASN A 55 -10.50 -4.28 -0.19
C ASN A 55 -9.72 -4.50 -1.49
N TYR A 56 -10.13 -3.80 -2.54
CA TYR A 56 -9.48 -3.96 -3.84
C TYR A 56 -8.13 -3.26 -3.86
N CYS A 57 -7.17 -3.88 -4.56
CA CYS A 57 -5.82 -3.33 -4.67
C CYS A 57 -5.85 -1.98 -5.37
N ARG A 58 -5.24 -0.98 -4.75
CA ARG A 58 -5.21 0.36 -5.31
C ARG A 58 -3.82 0.98 -5.16
N ASN A 59 -3.62 2.08 -5.86
CA ASN A 59 -2.36 2.80 -5.81
C ASN A 59 -2.63 4.25 -5.41
N PRO A 60 -2.88 4.48 -4.11
CA PRO A 60 -3.18 5.80 -3.59
C PRO A 60 -1.96 6.54 -3.07
N ASP A 61 -0.76 6.03 -3.36
CA ASP A 61 0.46 6.66 -2.90
C ASP A 61 1.40 6.95 -4.05
N ARG A 62 0.92 6.72 -5.27
CA ARG A 62 1.71 6.92 -6.48
C ARG A 62 2.96 6.05 -6.46
N ASP A 63 2.77 4.81 -6.01
CA ASP A 63 3.87 3.85 -5.93
C ASP A 63 4.05 3.16 -7.28
N LEU A 64 4.89 2.12 -7.30
CA LEU A 64 5.17 1.37 -8.52
C LEU A 64 3.90 0.74 -9.09
N ARG A 65 3.34 -0.19 -8.34
CA ARG A 65 2.13 -0.88 -8.74
C ARG A 65 1.13 -0.89 -7.59
N PRO A 66 -0.18 -1.07 -7.88
CA PRO A 66 -1.21 -1.11 -6.83
C PRO A 66 -0.86 -2.09 -5.72
N TRP A 67 -1.15 -1.68 -4.49
CA TRP A 67 -0.83 -2.51 -3.34
C TRP A 67 -2.05 -2.63 -2.42
N CYS A 68 -1.92 -3.44 -1.38
CA CYS A 68 -2.99 -3.63 -0.43
C CYS A 68 -2.46 -4.31 0.83
N PHE A 69 -3.20 -4.19 1.92
CA PHE A 69 -2.84 -4.84 3.16
C PHE A 69 -3.31 -6.29 3.08
N THR A 70 -2.58 -7.21 3.70
CA THR A 70 -2.98 -8.60 3.64
C THR A 70 -3.75 -9.01 4.89
N THR A 71 -4.40 -10.16 4.82
CA THR A 71 -5.18 -10.66 5.94
C THR A 71 -4.29 -11.46 6.90
N ASP A 72 -3.01 -11.54 6.58
CA ASP A 72 -2.05 -12.26 7.41
C ASP A 72 -1.32 -11.26 8.29
N PRO A 73 -1.46 -11.37 9.62
CA PRO A 73 -0.79 -10.48 10.57
C PRO A 73 0.74 -10.51 10.42
N ASN A 74 1.24 -11.55 9.76
CA ASN A 74 2.68 -11.70 9.54
C ASN A 74 3.11 -10.95 8.29
N LYS A 75 2.15 -10.39 7.57
CA LYS A 75 2.42 -9.63 6.35
C LYS A 75 1.54 -8.39 6.32
N ARG A 76 2.14 -7.23 6.56
CA ARG A 76 1.41 -5.98 6.59
C ARG A 76 0.84 -5.60 5.23
N TRP A 77 1.72 -5.45 4.25
CA TRP A 77 1.28 -5.05 2.92
C TRP A 77 2.13 -5.70 1.85
N GLU A 78 1.60 -5.75 0.65
CA GLU A 78 2.30 -6.33 -0.48
C GLU A 78 1.68 -5.81 -1.78
N TYR A 79 2.43 -5.87 -2.87
CA TYR A 79 1.93 -5.43 -4.16
C TYR A 79 1.09 -6.52 -4.80
N CYS A 80 0.11 -6.12 -5.58
CA CYS A 80 -0.76 -7.08 -6.25
C CYS A 80 -0.33 -7.26 -7.70
N ASP A 81 -0.95 -8.20 -8.41
CA ASP A 81 -0.62 -8.43 -9.80
C ASP A 81 -1.78 -8.03 -10.69
N ILE A 82 -1.68 -6.84 -11.26
CA ILE A 82 -2.71 -6.33 -12.15
C ILE A 82 -2.23 -6.40 -13.59
N PRO A 83 -3.03 -7.02 -14.48
CA PRO A 83 -2.66 -7.15 -15.89
C PRO A 83 -2.58 -5.80 -16.60
N ARG A 84 -1.65 -5.71 -17.53
CA ARG A 84 -1.46 -4.49 -18.30
C ARG A 84 -2.44 -4.46 -19.47
N CYS A 85 -2.93 -3.28 -19.81
CA CYS A 85 -3.87 -3.13 -20.92
C CYS A 85 -3.15 -3.18 -22.26
N GLY B 1 -17.02 26.93 -7.01
CA GLY B 1 -16.81 28.37 -7.08
C GLY B 1 -17.88 29.06 -7.90
N SER B 2 -17.66 30.34 -8.17
CA SER B 2 -18.63 31.12 -8.95
C SER B 2 -18.68 30.64 -10.40
N ALA B 3 -17.53 30.29 -10.94
CA ALA B 3 -17.44 29.82 -12.32
C ALA B 3 -17.88 28.36 -12.41
N GLY B 4 -17.71 27.63 -11.31
CA GLY B 4 -18.09 26.22 -11.27
C GLY B 4 -17.01 25.30 -11.77
N LEU B 5 -16.03 25.87 -12.47
CA LEU B 5 -14.92 25.10 -13.03
C LEU B 5 -14.03 24.56 -11.91
N GLN B 6 -13.96 25.30 -10.81
CA GLN B 6 -13.16 24.90 -9.66
C GLN B 6 -13.73 23.64 -9.02
N GLU B 7 -15.04 23.48 -9.14
CA GLU B 7 -15.71 22.32 -8.57
C GLU B 7 -15.45 21.08 -9.42
N LYS B 8 -15.17 21.30 -10.69
CA LYS B 8 -14.90 20.21 -11.63
C LYS B 8 -13.53 19.60 -11.32
N GLU B 9 -12.63 20.44 -10.82
CA GLU B 9 -11.29 19.99 -10.48
C GLU B 9 -11.31 19.08 -9.26
N ARG B 10 -12.15 19.43 -8.29
CA ARG B 10 -12.30 18.65 -7.06
C ARG B 10 -11.00 18.59 -6.27
N GLU B 11 -10.08 19.53 -6.55
CA GLU B 11 -8.78 19.59 -5.90
C GLU B 11 -8.03 18.26 -5.98
N LEU B 12 -8.14 17.60 -7.12
CA LEU B 12 -7.47 16.32 -7.34
C LEU B 12 -5.96 16.48 -7.25
N GLU B 13 -5.47 17.65 -7.68
CA GLU B 13 -4.04 17.92 -7.67
C GLU B 13 -3.52 18.09 -6.24
N ASP B 14 -4.42 18.39 -5.30
CA ASP B 14 -4.04 18.56 -3.91
C ASP B 14 -3.72 17.20 -3.29
N LEU B 15 -4.53 16.22 -3.63
CA LEU B 15 -4.35 14.86 -3.13
C LEU B 15 -3.12 14.23 -3.75
N LYS B 16 -2.93 14.45 -5.05
CA LYS B 16 -1.79 13.90 -5.77
C LYS B 16 -0.48 14.54 -5.30
N ASP B 17 -0.58 15.72 -4.72
CA ASP B 17 0.59 16.43 -4.21
C ASP B 17 1.07 15.77 -2.93
N ALA B 18 0.13 15.35 -2.11
CA ALA B 18 0.42 14.70 -0.84
C ALA B 18 1.12 13.36 -1.06
N GLU B 19 0.70 12.66 -2.11
CA GLU B 19 1.28 11.36 -2.45
C GLU B 19 2.80 11.48 -2.63
N LEU B 20 3.20 12.53 -3.34
CA LEU B 20 4.62 12.76 -3.60
C LEU B 20 5.30 13.39 -2.37
N LYS B 21 4.52 14.06 -1.54
CA LYS B 21 5.06 14.71 -0.34
C LYS B 21 5.42 13.66 0.70
N ARG B 22 4.55 12.68 0.88
CA ARG B 22 4.76 11.62 1.85
C ARG B 22 5.87 10.67 1.39
N LEU B 23 5.75 10.20 0.14
CA LEU B 23 6.73 9.29 -0.46
C LEU B 23 6.76 7.94 0.25
N ASN B 24 5.66 7.60 0.93
CA ASN B 24 5.52 6.32 1.65
C ASN B 24 6.67 6.06 2.62
N GLU B 25 7.10 7.10 3.33
CA GLU B 25 8.19 6.98 4.28
C GLU B 25 7.84 6.00 5.41
N GLU B 26 6.61 6.08 5.89
CA GLU B 26 6.13 5.22 6.97
C GLU B 26 5.98 3.79 6.47
N ARG B 27 5.16 3.64 5.44
CA ARG B 27 4.91 2.33 4.82
C ARG B 27 6.21 1.57 4.55
N HIS B 28 7.24 2.29 4.09
CA HIS B 28 8.53 1.67 3.80
C HIS B 28 9.27 1.30 5.08
N ASP B 29 9.24 2.20 6.07
CA ASP B 29 9.91 1.97 7.35
C ASP B 29 9.41 0.67 7.99
N HIS B 30 8.11 0.44 7.87
CA HIS B 30 7.49 -0.75 8.44
C HIS B 30 7.96 -2.02 7.73
N ASP B 31 8.24 -1.90 6.44
CA ASP B 31 8.71 -3.03 5.65
C ASP B 31 10.08 -3.50 6.16
N LYS B 32 10.89 -2.53 6.54
CA LYS B 32 12.23 -2.80 7.07
C LYS B 32 12.13 -3.66 8.33
N ARG B 33 11.12 -3.37 9.14
CA ARG B 33 10.89 -4.11 10.38
C ARG B 33 10.38 -5.52 10.07
N GLU B 34 9.54 -5.61 9.05
CA GLU B 34 8.96 -6.87 8.62
C GLU B 34 10.06 -7.82 8.11
N ALA B 35 11.07 -7.25 7.46
CA ALA B 35 12.18 -8.04 6.95
C ALA B 35 12.95 -8.70 8.09
N GLU B 36 13.09 -7.98 9.19
CA GLU B 36 13.80 -8.48 10.37
C GLU B 36 13.04 -9.64 10.99
N ARG B 37 11.72 -9.63 10.85
CA ARG B 37 10.88 -10.69 11.41
C ARG B 37 11.21 -12.02 10.74
N LYS B 38 11.37 -12.00 9.43
CA LYS B 38 11.68 -13.20 8.67
C LYS B 38 13.08 -13.69 9.02
N ALA B 39 14.06 -12.80 8.92
CA ALA B 39 15.44 -13.14 9.23
C ALA B 39 15.60 -13.66 10.66
N LEU B 40 14.74 -13.21 11.56
CA LEU B 40 14.80 -13.64 12.95
C LEU B 40 14.55 -15.14 13.05
N GLU B 41 13.60 -15.64 12.26
CA GLU B 41 13.28 -17.05 12.26
C GLU B 41 14.39 -17.84 11.58
N ASP B 42 15.07 -17.18 10.66
CA ASP B 42 16.17 -17.78 9.93
C ASP B 42 17.38 -17.95 10.84
N LYS B 43 17.67 -16.92 11.63
CA LYS B 43 18.79 -16.95 12.57
C LYS B 43 18.57 -17.96 13.67
N LEU B 44 17.30 -18.18 14.01
CA LEU B 44 16.94 -19.14 15.06
C LEU B 44 17.19 -20.58 14.61
N ALA B 45 17.38 -20.77 13.32
CA ALA B 45 17.64 -22.10 12.77
C ALA B 45 19.12 -22.47 12.87
N ASP B 46 19.93 -21.51 13.35
CA ASP B 46 21.38 -21.70 13.50
C ASP B 46 21.98 -22.18 12.19
N LYS B 47 22.00 -21.30 11.20
CA LYS B 47 22.51 -21.64 9.88
C LYS B 47 24.04 -21.62 9.87
N GLN B 48 24.62 -20.44 9.77
CA GLN B 48 26.07 -20.30 9.74
C GLN B 48 26.59 -19.73 11.05
N GLU B 49 25.76 -18.92 11.71
CA GLU B 49 26.13 -18.29 12.98
C GLU B 49 27.37 -17.40 12.81
N HIS B 50 27.43 -16.72 11.66
CA HIS B 50 28.55 -15.86 11.35
C HIS B 50 28.31 -14.44 11.85
N LEU B 51 27.08 -14.16 12.25
CA LEU B 51 26.72 -12.85 12.74
C LEU B 51 26.79 -12.80 14.26
N ASP B 52 27.97 -12.51 14.78
CA ASP B 52 28.18 -12.43 16.22
C ASP B 52 27.46 -11.22 16.79
N GLY B 53 27.57 -10.10 16.09
CA GLY B 53 26.92 -8.89 16.52
C GLY B 53 27.91 -7.87 17.06
N ALA B 54 28.96 -7.61 16.29
CA ALA B 54 29.97 -6.64 16.70
C ALA B 54 29.53 -5.23 16.34
N LEU B 55 29.00 -5.09 15.13
CA LEU B 55 28.54 -3.79 14.64
C LEU B 55 27.07 -3.56 15.04
N ARG B 56 26.28 -4.62 14.90
CA ARG B 56 24.85 -4.57 15.24
C ARG B 56 24.12 -3.54 14.38
N TYR B 57 24.30 -3.65 13.06
CA TYR B 57 23.68 -2.74 12.09
C TYR B 57 24.18 -1.31 12.29
N GLU A 6 -11.00 0.53 -15.31
CA GLU A 6 -10.66 -0.69 -16.04
C GLU A 6 -10.10 -1.74 -15.07
N GLU A 7 -10.14 -3.00 -15.50
CA GLU A 7 -9.65 -4.10 -14.68
C GLU A 7 -8.15 -4.31 -14.87
N CYS A 8 -7.54 -3.48 -15.69
CA CYS A 8 -6.11 -3.58 -15.94
C CYS A 8 -5.43 -2.22 -15.78
N MET A 9 -4.12 -2.22 -15.80
CA MET A 9 -3.37 -0.98 -15.65
C MET A 9 -2.62 -0.62 -16.92
N HIS A 10 -2.57 0.67 -17.22
CA HIS A 10 -1.87 1.16 -18.41
C HIS A 10 -0.53 1.75 -17.97
N GLY A 11 -0.51 2.32 -16.78
CA GLY A 11 0.70 2.90 -16.24
C GLY A 11 1.06 2.28 -14.91
N SER A 12 1.18 3.10 -13.87
CA SER A 12 1.52 2.62 -12.54
C SER A 12 0.30 2.00 -11.86
N GLY A 13 -0.87 2.22 -12.43
CA GLY A 13 -2.10 1.68 -11.87
C GLY A 13 -2.90 2.71 -11.10
N GLU A 14 -2.65 3.98 -11.40
CA GLU A 14 -3.36 5.07 -10.74
C GLU A 14 -4.81 5.13 -11.20
N ASN A 15 -5.01 4.88 -12.50
CA ASN A 15 -6.34 4.92 -13.09
C ASN A 15 -7.01 3.55 -12.99
N TYR A 16 -6.52 2.72 -12.08
CA TYR A 16 -7.05 1.38 -11.89
C TYR A 16 -8.23 1.41 -10.92
N ASP A 17 -9.35 0.85 -11.37
CA ASP A 17 -10.56 0.79 -10.55
C ASP A 17 -11.22 -0.56 -10.78
N GLY A 18 -10.40 -1.61 -10.73
CA GLY A 18 -10.87 -2.96 -10.93
C GLY A 18 -11.32 -3.63 -9.64
N LYS A 19 -11.66 -4.91 -9.74
CA LYS A 19 -12.14 -5.67 -8.60
C LYS A 19 -11.10 -6.67 -8.05
N ILE A 20 -9.85 -6.53 -8.44
CA ILE A 20 -8.81 -7.44 -7.93
C ILE A 20 -8.54 -7.14 -6.46
N SER A 21 -8.72 -8.16 -5.62
CA SER A 21 -8.50 -8.01 -4.19
C SER A 21 -7.50 -9.05 -3.66
N LYS A 22 -6.48 -9.35 -4.44
CA LYS A 22 -5.49 -10.32 -4.03
C LYS A 22 -4.07 -9.84 -4.34
N THR A 23 -3.16 -10.12 -3.43
CA THR A 23 -1.77 -9.74 -3.59
C THR A 23 -1.05 -10.68 -4.56
N MET A 24 0.23 -10.43 -4.78
CA MET A 24 1.02 -11.28 -5.67
C MET A 24 1.23 -12.65 -5.04
N SER A 25 1.05 -12.72 -3.72
CA SER A 25 1.20 -13.96 -2.98
C SER A 25 -0.11 -14.75 -2.98
N GLY A 26 -1.20 -14.08 -3.35
CA GLY A 26 -2.49 -14.73 -3.40
C GLY A 26 -3.28 -14.54 -2.12
N LEU A 27 -2.93 -13.51 -1.36
CA LEU A 27 -3.60 -13.22 -0.11
C LEU A 27 -4.73 -12.24 -0.35
N GLU A 28 -5.83 -12.42 0.37
CA GLU A 28 -6.99 -11.55 0.25
C GLU A 28 -6.71 -10.21 0.90
N CYS A 29 -6.78 -9.14 0.12
CA CYS A 29 -6.52 -7.80 0.61
C CYS A 29 -7.48 -7.42 1.74
N GLN A 30 -6.94 -6.68 2.70
CA GLN A 30 -7.71 -6.20 3.84
C GLN A 30 -8.58 -5.02 3.41
N ALA A 31 -9.74 -4.87 4.03
CA ALA A 31 -10.65 -3.79 3.70
C ALA A 31 -10.05 -2.44 4.06
N TRP A 32 -10.15 -1.48 3.14
CA TRP A 32 -9.60 -0.14 3.33
C TRP A 32 -10.32 0.59 4.47
N ASP A 33 -11.52 0.15 4.80
CA ASP A 33 -12.29 0.78 5.87
C ASP A 33 -12.24 -0.06 7.14
N SER A 34 -11.36 -1.06 7.14
CA SER A 34 -11.21 -1.92 8.30
C SER A 34 -9.82 -1.75 8.89
N GLN A 35 -9.73 -1.79 10.20
CA GLN A 35 -8.47 -1.64 10.90
C GLN A 35 -7.94 -3.00 11.33
N SER A 36 -8.58 -4.05 10.85
CA SER A 36 -8.19 -5.41 11.16
C SER A 36 -7.79 -6.15 9.89
N PRO A 37 -6.71 -6.95 9.92
CA PRO A 37 -5.90 -7.14 11.13
C PRO A 37 -4.77 -6.13 11.27
N HIS A 38 -4.60 -5.26 10.28
CA HIS A 38 -3.54 -4.26 10.32
C HIS A 38 -4.11 -2.85 10.44
N ALA A 39 -3.63 -2.12 11.44
CA ALA A 39 -4.09 -0.74 11.66
C ALA A 39 -3.39 0.20 10.70
N HIS A 40 -4.14 1.08 10.06
CA HIS A 40 -3.58 2.02 9.10
C HIS A 40 -4.35 3.33 9.09
N GLY A 41 -3.81 4.31 8.37
CA GLY A 41 -4.44 5.61 8.27
C GLY A 41 -4.94 5.91 6.88
N TYR A 42 -5.20 4.87 6.10
CA TYR A 42 -5.70 5.02 4.74
C TYR A 42 -7.21 5.03 4.74
N ILE A 43 -7.79 5.89 5.57
CA ILE A 43 -9.23 6.01 5.68
C ILE A 43 -9.85 6.46 4.35
N PRO A 44 -10.85 5.70 3.84
CA PRO A 44 -11.52 6.03 2.58
C PRO A 44 -12.12 7.43 2.58
N SER A 45 -12.50 7.92 3.76
CA SER A 45 -13.07 9.25 3.90
C SER A 45 -12.00 10.33 3.82
N LYS A 46 -10.74 9.91 3.97
CA LYS A 46 -9.62 10.83 3.91
C LYS A 46 -9.18 11.00 2.46
N PHE A 47 -9.20 9.90 1.73
CA PHE A 47 -8.82 9.90 0.32
C PHE A 47 -9.95 9.30 -0.52
N PRO A 48 -11.11 9.98 -0.60
CA PRO A 48 -12.27 9.47 -1.36
C PRO A 48 -12.04 9.48 -2.86
N ASN A 49 -11.13 10.33 -3.31
CA ASN A 49 -10.83 10.46 -4.73
C ASN A 49 -9.79 9.44 -5.18
N LYS A 50 -9.35 8.58 -4.26
CA LYS A 50 -8.35 7.56 -4.61
C LYS A 50 -9.04 6.23 -4.92
N ASN A 51 -10.36 6.27 -5.00
CA ASN A 51 -11.18 5.11 -5.33
C ASN A 51 -10.96 3.95 -4.37
N LEU A 52 -10.79 4.26 -3.08
CA LEU A 52 -10.59 3.21 -2.07
C LEU A 52 -11.93 2.54 -1.76
N LYS A 53 -12.24 1.49 -2.51
CA LYS A 53 -13.49 0.77 -2.34
C LYS A 53 -13.25 -0.66 -1.86
N LYS A 54 -14.04 -1.06 -0.86
CA LYS A 54 -13.97 -2.40 -0.28
C LYS A 54 -12.55 -2.79 0.12
N ASN A 55 -12.00 -3.76 -0.59
CA ASN A 55 -10.65 -4.24 -0.32
C ASN A 55 -9.91 -4.49 -1.63
N TYR A 56 -10.30 -3.76 -2.67
CA TYR A 56 -9.66 -3.91 -3.98
C TYR A 56 -8.30 -3.22 -3.99
N CYS A 57 -7.34 -3.81 -4.69
CA CYS A 57 -6.01 -3.26 -4.79
C CYS A 57 -6.04 -1.89 -5.45
N ARG A 58 -5.40 -0.91 -4.83
CA ARG A 58 -5.37 0.45 -5.36
C ARG A 58 -3.99 1.07 -5.16
N ASN A 59 -3.80 2.23 -5.74
CA ASN A 59 -2.54 2.95 -5.62
C ASN A 59 -2.84 4.35 -5.08
N PRO A 60 -2.71 4.53 -3.76
CA PRO A 60 -3.00 5.80 -3.11
C PRO A 60 -1.77 6.69 -2.88
N ASP A 61 -0.58 6.19 -3.17
CA ASP A 61 0.63 6.98 -2.96
C ASP A 61 1.52 7.03 -4.21
N ARG A 62 0.95 6.62 -5.34
CA ARG A 62 1.67 6.61 -6.62
C ARG A 62 2.91 5.72 -6.55
N ASP A 63 2.69 4.48 -6.12
CA ASP A 63 3.76 3.50 -6.01
C ASP A 63 4.05 2.90 -7.39
N LEU A 64 4.91 1.90 -7.42
CA LEU A 64 5.26 1.24 -8.67
C LEU A 64 4.05 0.50 -9.23
N ARG A 65 3.43 -0.30 -8.38
CA ARG A 65 2.25 -1.07 -8.73
C ARG A 65 1.23 -0.98 -7.60
N PRO A 66 -0.06 -1.12 -7.89
CA PRO A 66 -1.10 -1.09 -6.86
C PRO A 66 -0.81 -2.10 -5.76
N TRP A 67 -1.23 -1.78 -4.55
CA TRP A 67 -0.97 -2.66 -3.42
C TRP A 67 -2.13 -2.64 -2.44
N CYS A 68 -1.99 -3.41 -1.37
CA CYS A 68 -3.03 -3.51 -0.36
C CYS A 68 -2.46 -4.16 0.90
N PHE A 69 -3.22 -4.10 1.99
CA PHE A 69 -2.82 -4.74 3.21
C PHE A 69 -3.24 -6.20 3.14
N THR A 70 -2.45 -7.10 3.68
CA THR A 70 -2.78 -8.52 3.58
C THR A 70 -3.59 -8.99 4.78
N THR A 71 -4.16 -10.19 4.66
CA THR A 71 -4.94 -10.77 5.73
C THR A 71 -4.04 -11.59 6.65
N ASP A 72 -2.75 -11.52 6.38
CA ASP A 72 -1.74 -12.23 7.15
C ASP A 72 -1.05 -11.26 8.10
N PRO A 73 -1.18 -11.47 9.42
CA PRO A 73 -0.57 -10.61 10.43
C PRO A 73 0.94 -10.54 10.29
N ASN A 74 1.54 -11.53 9.64
CA ASN A 74 2.98 -11.57 9.46
C ASN A 74 3.45 -10.76 8.26
N LYS A 75 2.51 -10.12 7.56
CA LYS A 75 2.84 -9.31 6.40
C LYS A 75 1.88 -8.11 6.35
N ARG A 76 2.39 -6.94 6.69
CA ARG A 76 1.58 -5.73 6.71
C ARG A 76 1.04 -5.37 5.33
N TRP A 77 1.92 -5.16 4.37
CA TRP A 77 1.49 -4.76 3.03
C TRP A 77 2.33 -5.44 1.97
N GLU A 78 1.76 -5.58 0.79
CA GLU A 78 2.45 -6.19 -0.34
C GLU A 78 1.83 -5.70 -1.65
N TYR A 79 2.57 -5.84 -2.74
CA TYR A 79 2.11 -5.42 -4.04
C TYR A 79 1.13 -6.43 -4.63
N CYS A 80 0.18 -5.92 -5.40
CA CYS A 80 -0.82 -6.77 -6.02
C CYS A 80 -0.42 -7.11 -7.46
N ASP A 81 -1.09 -8.10 -8.02
CA ASP A 81 -0.81 -8.51 -9.39
C ASP A 81 -2.01 -8.21 -10.29
N ILE A 82 -1.87 -7.19 -11.11
CA ILE A 82 -2.93 -6.77 -12.02
C ILE A 82 -2.41 -6.74 -13.45
N PRO A 83 -3.15 -7.35 -14.39
CA PRO A 83 -2.76 -7.37 -15.82
C PRO A 83 -2.55 -5.97 -16.38
N ARG A 84 -1.71 -5.88 -17.41
CA ARG A 84 -1.42 -4.60 -18.04
C ARG A 84 -2.01 -4.53 -19.44
N CYS A 85 -2.50 -3.35 -19.80
CA CYS A 85 -3.11 -3.14 -21.11
C CYS A 85 -2.38 -2.03 -21.85
N GLY B 1 -19.09 25.72 -5.98
CA GLY B 1 -19.52 27.08 -5.76
C GLY B 1 -20.87 27.37 -6.38
N SER B 2 -20.99 28.51 -7.05
CA SER B 2 -22.23 28.90 -7.69
C SER B 2 -22.51 28.01 -8.90
N ALA B 3 -21.47 27.78 -9.68
CA ALA B 3 -21.57 26.94 -10.88
C ALA B 3 -21.54 25.46 -10.51
N GLY B 4 -20.79 25.15 -9.46
CA GLY B 4 -20.68 23.77 -9.02
C GLY B 4 -19.81 22.94 -9.94
N LEU B 5 -18.86 23.60 -10.59
CA LEU B 5 -17.95 22.93 -11.52
C LEU B 5 -16.76 22.35 -10.77
N GLN B 6 -16.25 23.11 -9.81
CA GLN B 6 -15.10 22.68 -9.02
C GLN B 6 -15.50 21.54 -8.09
N GLU B 7 -16.77 21.51 -7.72
CA GLU B 7 -17.29 20.48 -6.84
C GLU B 7 -17.26 19.12 -7.53
N LYS B 8 -17.29 19.13 -8.86
CA LYS B 8 -17.25 17.91 -9.64
C LYS B 8 -15.81 17.39 -9.70
N GLU B 9 -14.87 18.31 -9.52
CA GLU B 9 -13.45 17.97 -9.54
C GLU B 9 -13.03 17.40 -8.19
N ARG B 10 -13.62 17.94 -7.12
CA ARG B 10 -13.35 17.51 -5.75
C ARG B 10 -11.91 17.73 -5.34
N GLU B 11 -11.22 18.66 -6.00
CA GLU B 11 -9.83 18.99 -5.69
C GLU B 11 -8.93 17.76 -5.67
N LEU B 12 -8.60 17.24 -6.85
CA LEU B 12 -7.73 16.08 -6.95
C LEU B 12 -6.31 16.44 -6.55
N GLU B 13 -5.89 17.63 -6.94
CA GLU B 13 -4.55 18.14 -6.66
C GLU B 13 -4.25 18.16 -5.16
N ASP B 14 -5.26 18.48 -4.36
CA ASP B 14 -5.11 18.55 -2.91
C ASP B 14 -4.67 17.21 -2.35
N LEU B 15 -5.32 16.15 -2.77
CA LEU B 15 -5.00 14.80 -2.30
C LEU B 15 -3.67 14.32 -2.88
N LYS B 16 -3.33 14.82 -4.06
CA LYS B 16 -2.10 14.45 -4.72
C LYS B 16 -0.89 14.97 -3.96
N ASP B 17 -1.12 15.99 -3.12
CA ASP B 17 -0.04 16.57 -2.32
C ASP B 17 0.39 15.59 -1.22
N ALA B 18 -0.58 14.84 -0.70
CA ALA B 18 -0.33 13.87 0.37
C ALA B 18 0.62 12.77 -0.09
N GLU B 19 0.60 12.48 -1.38
CA GLU B 19 1.46 11.44 -1.97
C GLU B 19 2.93 11.70 -1.63
N LEU B 20 3.37 12.94 -1.85
CA LEU B 20 4.74 13.32 -1.57
C LEU B 20 4.92 13.72 -0.12
N LYS B 21 3.83 14.20 0.47
CA LYS B 21 3.84 14.63 1.87
C LYS B 21 4.27 13.49 2.80
N ARG B 22 3.62 12.34 2.66
CA ARG B 22 3.93 11.19 3.49
C ARG B 22 5.25 10.56 3.08
N LEU B 23 5.41 10.35 1.77
CA LEU B 23 6.63 9.76 1.20
C LEU B 23 6.78 8.27 1.57
N ASN B 24 5.83 7.76 2.35
CA ASN B 24 5.82 6.36 2.79
C ASN B 24 7.07 6.05 3.62
N GLU B 25 7.50 7.04 4.39
CA GLU B 25 8.68 6.91 5.23
C GLU B 25 8.52 5.76 6.23
N GLU B 26 7.33 5.65 6.80
CA GLU B 26 7.07 4.60 7.78
C GLU B 26 7.03 3.22 7.13
N ARG B 27 6.35 3.14 5.99
CA ARG B 27 6.25 1.89 5.23
C ARG B 27 7.61 1.24 5.01
N HIS B 28 8.62 2.04 4.68
CA HIS B 28 9.95 1.52 4.44
C HIS B 28 10.59 1.01 5.73
N ASP B 29 10.45 1.77 6.80
CA ASP B 29 11.01 1.40 8.11
C ASP B 29 10.36 0.13 8.64
N HIS B 30 9.06 -0.01 8.37
CA HIS B 30 8.31 -1.19 8.81
C HIS B 30 8.85 -2.46 8.17
N ASP B 31 9.21 -2.36 6.89
CA ASP B 31 9.75 -3.51 6.16
C ASP B 31 11.14 -3.87 6.68
N LYS B 32 11.88 -2.84 7.10
CA LYS B 32 13.21 -3.03 7.65
C LYS B 32 13.17 -3.90 8.90
N ARG B 33 12.23 -3.60 9.79
CA ARG B 33 12.07 -4.36 11.02
C ARG B 33 11.56 -5.76 10.73
N GLU B 34 10.82 -5.89 9.63
CA GLU B 34 10.26 -7.18 9.22
C GLU B 34 11.39 -8.15 8.90
N ALA B 35 12.42 -7.65 8.23
CA ALA B 35 13.58 -8.47 7.86
C ALA B 35 14.29 -9.01 9.09
N GLU B 36 14.43 -8.15 10.10
CA GLU B 36 15.09 -8.54 11.35
C GLU B 36 14.32 -9.65 12.04
N ARG B 37 12.99 -9.57 12.01
CA ARG B 37 12.13 -10.57 12.62
C ARG B 37 12.29 -11.89 11.86
N LYS B 38 12.37 -11.79 10.55
CA LYS B 38 12.53 -12.93 9.68
C LYS B 38 13.83 -13.66 9.98
N ALA B 39 14.93 -12.92 10.06
CA ALA B 39 16.23 -13.48 10.34
C ALA B 39 16.32 -14.02 11.77
N LEU B 40 15.53 -13.44 12.68
CA LEU B 40 15.50 -13.86 14.07
C LEU B 40 15.07 -15.32 14.17
N GLU B 41 14.05 -15.69 13.41
CA GLU B 41 13.55 -17.05 13.42
C GLU B 41 14.49 -17.98 12.67
N ASP B 42 15.23 -17.41 11.73
CA ASP B 42 16.19 -18.16 10.92
C ASP B 42 17.36 -18.60 11.81
N LYS B 43 17.77 -17.71 12.70
CA LYS B 43 18.87 -17.98 13.62
C LYS B 43 18.38 -18.82 14.80
N LEU B 44 17.11 -18.65 15.16
CA LEU B 44 16.50 -19.38 16.27
C LEU B 44 16.53 -20.88 16.03
N ALA B 45 16.46 -21.29 14.76
CA ALA B 45 16.49 -22.71 14.41
C ALA B 45 17.89 -23.14 13.98
N ASP B 46 18.77 -22.15 13.75
CA ASP B 46 20.14 -22.41 13.31
C ASP B 46 20.16 -23.26 12.05
N LYS B 47 19.85 -22.64 10.92
CA LYS B 47 19.82 -23.35 9.64
C LYS B 47 21.21 -23.75 9.17
N GLN B 48 22.14 -22.80 9.17
CA GLN B 48 23.50 -23.09 8.71
C GLN B 48 24.56 -22.58 9.69
N GLU B 49 24.19 -21.60 10.50
CA GLU B 49 25.11 -21.01 11.49
C GLU B 49 26.30 -20.35 10.80
N HIS B 50 26.03 -19.73 9.65
CA HIS B 50 27.09 -19.06 8.89
C HIS B 50 26.95 -17.55 8.98
N LEU B 51 26.08 -17.10 9.86
CA LEU B 51 25.84 -15.68 10.04
C LEU B 51 25.46 -15.37 11.48
N ASP B 52 26.17 -14.43 12.09
CA ASP B 52 25.90 -14.04 13.47
C ASP B 52 25.09 -12.75 13.52
N GLY B 53 25.75 -11.65 13.21
CA GLY B 53 25.11 -10.36 13.23
C GLY B 53 26.03 -9.29 13.76
N ALA B 54 27.30 -9.36 13.36
CA ALA B 54 28.31 -8.40 13.79
C ALA B 54 27.98 -7.00 13.29
N LEU B 55 27.33 -6.92 12.15
CA LEU B 55 26.95 -5.64 11.56
C LEU B 55 25.47 -5.36 11.82
N ARG B 56 24.63 -6.32 11.41
CA ARG B 56 23.18 -6.22 11.58
C ARG B 56 22.61 -5.04 10.80
N TYR B 57 22.75 -5.09 9.48
CA TYR B 57 22.25 -4.06 8.58
C TYR B 57 22.83 -2.69 8.93
N GLU A 6 -10.29 0.86 -15.67
CA GLU A 6 -10.15 -0.47 -16.24
C GLU A 6 -9.66 -1.45 -15.18
N GLU A 7 -9.71 -2.74 -15.50
CA GLU A 7 -9.25 -3.77 -14.59
C GLU A 7 -7.78 -4.08 -14.84
N CYS A 8 -7.22 -3.42 -15.83
CA CYS A 8 -5.84 -3.58 -16.18
C CYS A 8 -5.09 -2.29 -15.88
N MET A 9 -3.77 -2.35 -15.82
CA MET A 9 -2.97 -1.18 -15.53
C MET A 9 -2.39 -0.59 -16.81
N HIS A 10 -2.64 0.70 -17.03
CA HIS A 10 -2.15 1.40 -18.20
C HIS A 10 -0.75 1.94 -17.94
N GLY A 11 -0.43 2.09 -16.66
CA GLY A 11 0.88 2.60 -16.27
C GLY A 11 1.26 2.14 -14.88
N SER A 12 1.28 3.08 -13.94
CA SER A 12 1.62 2.77 -12.56
C SER A 12 0.45 2.14 -11.81
N GLY A 13 -0.75 2.34 -12.34
CA GLY A 13 -1.93 1.79 -11.71
C GLY A 13 -2.74 2.84 -10.98
N GLU A 14 -2.48 4.09 -11.32
CA GLU A 14 -3.19 5.22 -10.72
C GLU A 14 -4.67 5.19 -11.12
N ASN A 15 -4.91 4.94 -12.40
CA ASN A 15 -6.27 4.89 -12.93
C ASN A 15 -6.81 3.47 -12.90
N TYR A 16 -6.50 2.74 -11.84
CA TYR A 16 -6.97 1.38 -11.70
C TYR A 16 -8.16 1.32 -10.76
N ASP A 17 -9.28 0.82 -11.26
CA ASP A 17 -10.50 0.69 -10.47
C ASP A 17 -11.08 -0.71 -10.66
N GLY A 18 -10.18 -1.67 -10.87
CA GLY A 18 -10.60 -3.04 -11.08
C GLY A 18 -11.09 -3.70 -9.80
N LYS A 19 -11.57 -4.94 -9.92
CA LYS A 19 -12.10 -5.66 -8.79
C LYS A 19 -11.16 -6.77 -8.30
N ILE A 20 -9.86 -6.52 -8.36
CA ILE A 20 -8.88 -7.47 -7.88
C ILE A 20 -8.55 -7.16 -6.42
N SER A 21 -8.76 -8.11 -5.54
CA SER A 21 -8.51 -7.92 -4.12
C SER A 21 -7.54 -8.94 -3.55
N LYS A 22 -6.54 -9.31 -4.34
CA LYS A 22 -5.56 -10.30 -3.88
C LYS A 22 -4.15 -9.87 -4.25
N THR A 23 -3.21 -10.13 -3.34
CA THR A 23 -1.82 -9.79 -3.54
C THR A 23 -1.17 -10.72 -4.56
N MET A 24 0.10 -10.46 -4.88
CA MET A 24 0.83 -11.29 -5.83
C MET A 24 1.07 -12.69 -5.25
N SER A 25 1.06 -12.79 -3.93
CA SER A 25 1.26 -14.07 -3.26
C SER A 25 -0.05 -14.87 -3.22
N GLY A 26 -1.16 -14.18 -3.46
CA GLY A 26 -2.45 -14.84 -3.44
C GLY A 26 -3.16 -14.69 -2.12
N LEU A 27 -2.96 -13.56 -1.47
CA LEU A 27 -3.61 -13.28 -0.18
C LEU A 27 -4.70 -12.25 -0.37
N GLU A 28 -5.87 -12.53 0.19
CA GLU A 28 -6.99 -11.62 0.09
C GLU A 28 -6.72 -10.36 0.91
N CYS A 29 -6.78 -9.23 0.24
CA CYS A 29 -6.52 -7.93 0.87
C CYS A 29 -7.56 -7.58 1.94
N GLN A 30 -7.13 -6.77 2.89
CA GLN A 30 -7.99 -6.29 3.97
C GLN A 30 -8.76 -5.08 3.50
N ALA A 31 -9.97 -4.90 3.99
CA ALA A 31 -10.81 -3.78 3.61
C ALA A 31 -10.18 -2.47 4.08
N TRP A 32 -10.20 -1.46 3.21
CA TRP A 32 -9.62 -0.16 3.51
C TRP A 32 -10.40 0.54 4.63
N ASP A 33 -11.67 0.20 4.77
CA ASP A 33 -12.51 0.81 5.80
C ASP A 33 -12.38 0.05 7.13
N SER A 34 -11.56 -0.99 7.13
CA SER A 34 -11.34 -1.79 8.31
C SER A 34 -9.94 -1.55 8.84
N GLN A 35 -9.75 -1.81 10.14
CA GLN A 35 -8.45 -1.64 10.77
C GLN A 35 -7.98 -2.97 11.32
N SER A 36 -8.62 -4.04 10.87
CA SER A 36 -8.27 -5.38 11.31
C SER A 36 -7.90 -6.25 10.11
N PRO A 37 -6.80 -7.01 10.20
CA PRO A 37 -5.95 -7.05 11.39
C PRO A 37 -4.83 -6.00 11.38
N HIS A 38 -4.78 -5.18 10.34
CA HIS A 38 -3.74 -4.16 10.24
C HIS A 38 -4.32 -2.75 10.31
N ALA A 39 -3.80 -1.95 11.23
CA ALA A 39 -4.24 -0.57 11.40
C ALA A 39 -3.39 0.33 10.51
N HIS A 40 -4.02 1.27 9.83
CA HIS A 40 -3.31 2.16 8.93
C HIS A 40 -3.95 3.55 8.89
N GLY A 41 -3.46 4.39 7.99
CA GLY A 41 -3.98 5.74 7.86
C GLY A 41 -4.58 6.01 6.49
N TYR A 42 -4.80 4.95 5.72
CA TYR A 42 -5.36 5.09 4.39
C TYR A 42 -6.88 4.94 4.46
N ILE A 43 -7.49 5.79 5.25
CA ILE A 43 -8.93 5.78 5.46
C ILE A 43 -9.66 6.26 4.19
N PRO A 44 -10.66 5.49 3.72
CA PRO A 44 -11.43 5.83 2.51
C PRO A 44 -12.07 7.21 2.58
N SER A 45 -12.51 7.62 3.77
CA SER A 45 -13.13 8.92 3.95
C SER A 45 -12.08 10.03 3.91
N LYS A 46 -10.85 9.69 4.24
CA LYS A 46 -9.77 10.66 4.24
C LYS A 46 -9.33 10.95 2.81
N PHE A 47 -9.30 9.90 1.99
CA PHE A 47 -8.92 10.03 0.59
C PHE A 47 -10.01 9.44 -0.30
N PRO A 48 -11.16 10.14 -0.43
CA PRO A 48 -12.29 9.66 -1.25
C PRO A 48 -12.02 9.77 -2.73
N ASN A 49 -10.96 10.50 -3.09
CA ASN A 49 -10.61 10.71 -4.48
C ASN A 49 -9.59 9.65 -4.94
N LYS A 50 -9.49 8.56 -4.20
CA LYS A 50 -8.56 7.50 -4.55
C LYS A 50 -9.28 6.21 -4.90
N ASN A 51 -10.62 6.24 -4.83
CA ASN A 51 -11.45 5.08 -5.17
C ASN A 51 -11.14 3.87 -4.29
N LEU A 52 -11.04 4.10 -2.99
CA LEU A 52 -10.76 3.03 -2.05
C LEU A 52 -12.05 2.28 -1.74
N LYS A 53 -12.34 1.27 -2.55
CA LYS A 53 -13.56 0.49 -2.40
C LYS A 53 -13.27 -0.91 -1.86
N LYS A 54 -14.04 -1.30 -0.85
CA LYS A 54 -13.93 -2.62 -0.23
C LYS A 54 -12.49 -2.94 0.16
N ASN A 55 -11.93 -3.96 -0.48
CA ASN A 55 -10.57 -4.39 -0.24
C ASN A 55 -9.81 -4.52 -1.55
N TYR A 56 -10.27 -3.80 -2.56
CA TYR A 56 -9.65 -3.86 -3.88
C TYR A 56 -8.31 -3.16 -3.88
N CYS A 57 -7.32 -3.76 -4.55
CA CYS A 57 -5.98 -3.19 -4.64
C CYS A 57 -6.01 -1.85 -5.36
N ARG A 58 -5.33 -0.87 -4.80
CA ARG A 58 -5.29 0.47 -5.37
C ARG A 58 -3.89 1.06 -5.27
N ASN A 59 -3.72 2.25 -5.82
CA ASN A 59 -2.45 2.96 -5.79
C ASN A 59 -2.70 4.38 -5.31
N PRO A 60 -2.75 4.58 -3.98
CA PRO A 60 -3.02 5.88 -3.38
C PRO A 60 -1.78 6.67 -2.97
N ASP A 61 -0.63 6.02 -2.95
CA ASP A 61 0.61 6.71 -2.55
C ASP A 61 1.61 6.83 -3.68
N ARG A 62 1.11 6.79 -4.90
CA ARG A 62 1.93 6.95 -6.11
C ARG A 62 3.04 5.91 -6.20
N ASP A 63 2.75 4.68 -5.82
CA ASP A 63 3.76 3.61 -5.91
C ASP A 63 3.90 3.18 -7.36
N LEU A 64 4.86 2.31 -7.63
CA LEU A 64 5.10 1.83 -8.98
C LEU A 64 3.95 0.96 -9.45
N ARG A 65 3.48 0.09 -8.56
CA ARG A 65 2.37 -0.80 -8.86
C ARG A 65 1.37 -0.81 -7.72
N PRO A 66 0.08 -1.07 -8.01
CA PRO A 66 -0.96 -1.11 -6.99
C PRO A 66 -0.66 -2.14 -5.89
N TRP A 67 -1.09 -1.85 -4.68
CA TRP A 67 -0.85 -2.73 -3.55
C TRP A 67 -2.05 -2.72 -2.61
N CYS A 68 -1.95 -3.50 -1.54
CA CYS A 68 -3.01 -3.59 -0.55
C CYS A 68 -2.46 -4.18 0.74
N PHE A 69 -3.27 -4.15 1.80
CA PHE A 69 -2.88 -4.73 3.06
C PHE A 69 -3.32 -6.18 3.09
N THR A 70 -2.44 -7.07 3.52
CA THR A 70 -2.78 -8.48 3.55
C THR A 70 -3.57 -8.83 4.81
N THR A 71 -4.19 -9.99 4.80
CA THR A 71 -4.95 -10.46 5.93
C THR A 71 -4.06 -11.30 6.85
N ASP A 72 -2.77 -11.28 6.55
CA ASP A 72 -1.78 -12.01 7.32
C ASP A 72 -1.11 -11.09 8.33
N PRO A 73 -1.21 -11.40 9.62
CA PRO A 73 -0.63 -10.58 10.70
C PRO A 73 0.90 -10.51 10.66
N ASN A 74 1.52 -11.31 9.80
CA ASN A 74 2.98 -11.32 9.70
C ASN A 74 3.44 -10.59 8.43
N LYS A 75 2.50 -9.98 7.73
CA LYS A 75 2.81 -9.24 6.51
C LYS A 75 1.89 -8.03 6.41
N ARG A 76 2.44 -6.85 6.69
CA ARG A 76 1.67 -5.62 6.66
C ARG A 76 1.01 -5.37 5.32
N TRP A 77 1.79 -5.24 4.27
CA TRP A 77 1.24 -4.98 2.95
C TRP A 77 2.09 -5.63 1.87
N GLU A 78 1.51 -5.78 0.68
CA GLU A 78 2.21 -6.38 -0.44
C GLU A 78 1.59 -5.89 -1.74
N TYR A 79 2.38 -5.94 -2.81
CA TYR A 79 1.92 -5.52 -4.12
C TYR A 79 1.00 -6.57 -4.72
N CYS A 80 0.00 -6.12 -5.45
CA CYS A 80 -0.94 -7.03 -6.08
C CYS A 80 -0.53 -7.28 -7.53
N ASP A 81 -1.13 -8.26 -8.16
CA ASP A 81 -0.81 -8.56 -9.55
C ASP A 81 -1.97 -8.17 -10.45
N ILE A 82 -1.79 -7.06 -11.17
CA ILE A 82 -2.80 -6.57 -12.08
C ILE A 82 -2.33 -6.71 -13.53
N PRO A 83 -3.19 -7.20 -14.44
CA PRO A 83 -2.85 -7.38 -15.85
C PRO A 83 -2.55 -6.05 -16.55
N ARG A 84 -1.86 -6.13 -17.67
CA ARG A 84 -1.52 -4.93 -18.44
C ARG A 84 -2.45 -4.79 -19.63
N CYS A 85 -2.67 -3.56 -20.07
CA CYS A 85 -3.55 -3.31 -21.22
C CYS A 85 -2.76 -3.25 -22.51
N GLY B 1 -19.35 29.81 -4.24
CA GLY B 1 -20.50 30.41 -3.61
C GLY B 1 -21.51 30.91 -4.61
N SER B 2 -21.42 32.19 -4.95
CA SER B 2 -22.32 32.79 -5.92
C SER B 2 -22.04 32.24 -7.31
N ALA B 3 -20.76 32.06 -7.60
CA ALA B 3 -20.33 31.52 -8.89
C ALA B 3 -20.30 30.00 -8.84
N GLY B 4 -19.82 29.47 -7.72
CA GLY B 4 -19.73 28.03 -7.56
C GLY B 4 -18.44 27.46 -8.12
N LEU B 5 -17.47 28.33 -8.36
CA LEU B 5 -16.19 27.93 -8.92
C LEU B 5 -15.45 26.96 -7.99
N GLN B 6 -15.48 27.25 -6.69
CA GLN B 6 -14.81 26.42 -5.70
C GLN B 6 -15.51 25.06 -5.60
N GLU B 7 -16.84 25.08 -5.65
CA GLU B 7 -17.63 23.87 -5.58
C GLU B 7 -17.34 22.96 -6.77
N LYS B 8 -17.08 23.56 -7.93
CA LYS B 8 -16.76 22.81 -9.14
C LYS B 8 -15.39 22.14 -9.03
N GLU B 9 -14.44 22.87 -8.46
CA GLU B 9 -13.09 22.36 -8.29
C GLU B 9 -13.04 21.19 -7.32
N ARG B 10 -13.75 21.34 -6.19
CA ARG B 10 -13.82 20.30 -5.16
C ARG B 10 -12.47 20.11 -4.45
N GLU B 11 -11.51 20.96 -4.79
CA GLU B 11 -10.17 20.93 -4.21
C GLU B 11 -9.52 19.55 -4.37
N LEU B 12 -9.37 19.12 -5.62
CA LEU B 12 -8.76 17.83 -5.91
C LEU B 12 -7.25 17.91 -5.70
N GLU B 13 -6.68 19.03 -6.13
CA GLU B 13 -5.24 19.26 -6.01
C GLU B 13 -4.82 19.34 -4.55
N ASP B 14 -5.75 19.72 -3.68
CA ASP B 14 -5.47 19.85 -2.25
C ASP B 14 -5.07 18.50 -1.65
N LEU B 15 -5.77 17.45 -2.05
CA LEU B 15 -5.47 16.11 -1.55
C LEU B 15 -4.17 15.59 -2.16
N LYS B 16 -3.89 16.02 -3.38
CA LYS B 16 -2.69 15.60 -4.09
C LYS B 16 -1.43 16.23 -3.48
N ASP B 17 -1.61 17.34 -2.76
CA ASP B 17 -0.48 18.00 -2.13
C ASP B 17 0.03 17.16 -0.96
N ALA B 18 -0.88 16.44 -0.33
CA ALA B 18 -0.54 15.59 0.80
C ALA B 18 0.30 14.40 0.36
N GLU B 19 0.11 13.99 -0.90
CA GLU B 19 0.86 12.87 -1.47
C GLU B 19 2.36 13.17 -1.45
N LEU B 20 2.72 14.37 -1.86
CA LEU B 20 4.11 14.79 -1.92
C LEU B 20 4.61 15.21 -0.54
N LYS B 21 3.71 15.63 0.33
CA LYS B 21 4.08 16.05 1.67
C LYS B 21 4.45 14.85 2.53
N ARG B 22 3.71 13.76 2.35
CA ARG B 22 3.97 12.54 3.11
C ARG B 22 5.28 11.88 2.68
N LEU B 23 5.46 11.76 1.35
CA LEU B 23 6.67 11.17 0.76
C LEU B 23 6.76 9.65 1.03
N ASN B 24 5.74 9.10 1.71
CA ASN B 24 5.68 7.67 2.02
C ASN B 24 6.85 7.25 2.90
N GLU B 25 7.40 8.19 3.66
CA GLU B 25 8.54 7.93 4.54
C GLU B 25 8.18 6.89 5.61
N GLU B 26 6.99 7.02 6.18
CA GLU B 26 6.55 6.09 7.23
C GLU B 26 6.38 4.69 6.65
N ARG B 27 5.55 4.58 5.63
CA ARG B 27 5.30 3.31 4.96
C ARG B 27 6.61 2.61 4.58
N HIS B 28 7.59 3.39 4.14
CA HIS B 28 8.89 2.86 3.73
C HIS B 28 9.65 2.29 4.94
N ASP B 29 9.67 3.04 6.04
CA ASP B 29 10.38 2.59 7.24
C ASP B 29 9.70 1.37 7.85
N HIS B 30 8.38 1.35 7.78
CA HIS B 30 7.60 0.24 8.32
C HIS B 30 8.00 -1.07 7.67
N ASP B 31 8.11 -1.06 6.34
CA ASP B 31 8.48 -2.25 5.59
C ASP B 31 9.92 -2.66 5.91
N LYS B 32 10.75 -1.65 6.15
CA LYS B 32 12.15 -1.86 6.49
C LYS B 32 12.26 -2.64 7.81
N ARG B 33 11.42 -2.26 8.76
CA ARG B 33 11.40 -2.91 10.07
C ARG B 33 10.84 -4.33 9.95
N GLU B 34 9.85 -4.50 9.08
CA GLU B 34 9.24 -5.82 8.87
C GLU B 34 10.26 -6.81 8.31
N ALA B 35 11.16 -6.32 7.46
CA ALA B 35 12.19 -7.16 6.87
C ALA B 35 13.07 -7.79 7.95
N GLU B 36 13.33 -7.03 9.01
CA GLU B 36 14.15 -7.52 10.11
C GLU B 36 13.39 -8.53 10.96
N ARG B 37 12.06 -8.46 10.89
CA ARG B 37 11.20 -9.37 11.65
C ARG B 37 11.36 -10.80 11.14
N LYS B 38 11.46 -10.93 9.82
CA LYS B 38 11.61 -12.23 9.19
C LYS B 38 12.98 -12.82 9.52
N ALA B 39 14.01 -11.99 9.38
CA ALA B 39 15.38 -12.41 9.65
C ALA B 39 15.54 -12.84 11.10
N LEU B 40 14.78 -12.20 11.98
CA LEU B 40 14.82 -12.51 13.41
C LEU B 40 14.44 -13.96 13.67
N GLU B 41 13.34 -14.40 13.06
CA GLU B 41 12.86 -15.76 13.25
C GLU B 41 13.68 -16.74 12.41
N ASP B 42 14.27 -16.23 11.33
CA ASP B 42 15.08 -17.05 10.43
C ASP B 42 16.34 -17.50 11.14
N LYS B 43 16.99 -16.56 11.84
CA LYS B 43 18.22 -16.86 12.58
C LYS B 43 17.91 -17.50 13.93
N LEU B 44 16.70 -17.27 14.45
CA LEU B 44 16.29 -17.82 15.74
C LEU B 44 16.10 -19.33 15.66
N ALA B 45 16.15 -19.87 14.45
CA ALA B 45 16.00 -21.30 14.25
C ALA B 45 17.36 -21.99 14.24
N ASP B 46 18.41 -21.21 14.48
CA ASP B 46 19.79 -21.73 14.50
C ASP B 46 20.10 -22.48 13.21
N LYS B 47 20.44 -21.74 12.17
CA LYS B 47 20.74 -22.36 10.89
C LYS B 47 22.21 -22.75 10.76
N GLN B 48 23.09 -21.76 10.82
CA GLN B 48 24.51 -22.04 10.71
C GLN B 48 25.28 -21.49 11.91
N GLU B 49 24.68 -20.52 12.58
CA GLU B 49 25.30 -19.88 13.75
C GLU B 49 26.65 -19.27 13.41
N HIS B 50 26.72 -18.54 12.30
CA HIS B 50 27.97 -17.91 11.88
C HIS B 50 27.98 -16.44 12.31
N LEU B 51 27.04 -16.07 13.16
CA LEU B 51 26.94 -14.71 13.64
C LEU B 51 27.05 -14.67 15.16
N ASP B 52 28.16 -14.14 15.65
CA ASP B 52 28.40 -14.04 17.10
C ASP B 52 27.42 -13.06 17.74
N GLY B 53 27.21 -11.94 17.07
CA GLY B 53 26.32 -10.93 17.59
C GLY B 53 27.07 -9.82 18.29
N ALA B 54 28.34 -9.65 17.93
CA ALA B 54 29.18 -8.63 18.53
C ALA B 54 29.01 -7.30 17.80
N LEU B 55 29.34 -7.30 16.51
CA LEU B 55 29.22 -6.10 15.68
C LEU B 55 27.77 -5.65 15.60
N ARG B 56 26.89 -6.64 15.44
CA ARG B 56 25.45 -6.40 15.35
C ARG B 56 25.13 -5.52 14.15
N TYR B 57 25.72 -5.85 13.01
CA TYR B 57 25.50 -5.10 11.76
C TYR B 57 25.83 -3.62 11.94
N GLU A 6 -11.53 -0.15 -15.42
CA GLU A 6 -10.73 -1.10 -16.18
C GLU A 6 -10.07 -2.11 -15.25
N GLU A 7 -10.00 -3.35 -15.70
CA GLU A 7 -9.39 -4.42 -14.91
C GLU A 7 -7.95 -4.64 -15.37
N CYS A 8 -7.32 -3.57 -15.81
CA CYS A 8 -5.94 -3.64 -16.27
C CYS A 8 -5.18 -2.38 -15.84
N MET A 9 -3.87 -2.43 -15.93
CA MET A 9 -3.02 -1.31 -15.53
C MET A 9 -2.33 -0.68 -16.74
N HIS A 10 -2.52 0.63 -16.92
CA HIS A 10 -1.88 1.35 -18.01
C HIS A 10 -0.51 1.85 -17.59
N GLY A 11 -0.49 2.66 -16.54
CA GLY A 11 0.77 3.20 -16.05
C GLY A 11 1.21 2.53 -14.76
N SER A 12 1.07 3.24 -13.66
CA SER A 12 1.47 2.71 -12.35
C SER A 12 0.28 2.07 -11.65
N GLY A 13 -0.91 2.26 -12.21
CA GLY A 13 -2.10 1.68 -11.63
C GLY A 13 -2.90 2.67 -10.80
N GLU A 14 -2.59 3.94 -10.97
CA GLU A 14 -3.29 5.00 -10.23
C GLU A 14 -4.74 5.12 -10.69
N ASN A 15 -4.94 4.92 -11.99
CA ASN A 15 -6.28 5.02 -12.58
C ASN A 15 -6.95 3.65 -12.64
N TYR A 16 -6.35 2.67 -12.00
CA TYR A 16 -6.91 1.32 -11.99
C TYR A 16 -8.03 1.23 -10.97
N ASP A 17 -9.21 0.87 -11.43
CA ASP A 17 -10.37 0.74 -10.55
C ASP A 17 -11.06 -0.59 -10.81
N GLY A 18 -10.30 -1.66 -10.66
CA GLY A 18 -10.81 -3.00 -10.88
C GLY A 18 -11.31 -3.64 -9.60
N LYS A 19 -11.65 -4.93 -9.68
CA LYS A 19 -12.18 -5.64 -8.51
C LYS A 19 -11.18 -6.65 -7.95
N ILE A 20 -9.94 -6.62 -8.43
CA ILE A 20 -8.93 -7.54 -7.93
C ILE A 20 -8.59 -7.24 -6.47
N SER A 21 -8.74 -8.23 -5.60
CA SER A 21 -8.46 -8.07 -4.18
C SER A 21 -7.49 -9.13 -3.69
N LYS A 22 -6.52 -9.47 -4.53
CA LYS A 22 -5.54 -10.49 -4.19
C LYS A 22 -4.12 -10.00 -4.49
N THR A 23 -3.22 -10.25 -3.56
CA THR A 23 -1.83 -9.86 -3.69
C THR A 23 -1.10 -10.80 -4.64
N MET A 24 0.13 -10.44 -5.00
CA MET A 24 0.94 -11.26 -5.88
C MET A 24 1.33 -12.57 -5.17
N SER A 25 1.16 -12.58 -3.85
CA SER A 25 1.46 -13.74 -3.04
C SER A 25 0.22 -14.64 -2.91
N GLY A 26 -0.90 -14.16 -3.43
CA GLY A 26 -2.13 -14.92 -3.37
C GLY A 26 -2.92 -14.69 -2.09
N LEU A 27 -2.63 -13.59 -1.40
CA LEU A 27 -3.31 -13.28 -0.16
C LEU A 27 -4.47 -12.33 -0.41
N GLU A 28 -5.53 -12.47 0.39
CA GLU A 28 -6.71 -11.61 0.26
C GLU A 28 -6.47 -10.26 0.92
N CYS A 29 -6.67 -9.19 0.16
CA CYS A 29 -6.50 -7.84 0.66
C CYS A 29 -7.50 -7.49 1.76
N GLN A 30 -7.05 -6.71 2.73
CA GLN A 30 -7.88 -6.27 3.84
C GLN A 30 -8.69 -5.06 3.41
N ALA A 31 -9.91 -4.94 3.92
CA ALA A 31 -10.78 -3.82 3.58
C ALA A 31 -10.14 -2.49 4.00
N TRP A 32 -10.21 -1.50 3.12
CA TRP A 32 -9.63 -0.19 3.38
C TRP A 32 -10.31 0.49 4.57
N ASP A 33 -11.58 0.15 4.78
CA ASP A 33 -12.34 0.73 5.88
C ASP A 33 -12.10 -0.04 7.17
N SER A 34 -11.39 -1.16 7.07
CA SER A 34 -11.10 -1.99 8.22
C SER A 34 -9.73 -1.63 8.79
N GLN A 35 -9.60 -1.71 10.11
CA GLN A 35 -8.34 -1.41 10.78
C GLN A 35 -7.79 -2.70 11.37
N SER A 36 -8.34 -3.81 10.94
CA SER A 36 -7.93 -5.12 11.40
C SER A 36 -7.64 -6.02 10.20
N PRO A 37 -6.59 -6.84 10.25
CA PRO A 37 -5.71 -6.93 11.42
C PRO A 37 -4.61 -5.86 11.43
N HIS A 38 -4.52 -5.09 10.37
CA HIS A 38 -3.49 -4.04 10.28
C HIS A 38 -4.11 -2.66 10.32
N ALA A 39 -3.65 -1.85 11.29
CA ALA A 39 -4.12 -0.48 11.43
C ALA A 39 -3.35 0.43 10.49
N HIS A 40 -4.06 1.30 9.79
CA HIS A 40 -3.42 2.19 8.84
C HIS A 40 -4.13 3.54 8.77
N GLY A 41 -3.57 4.46 7.99
CA GLY A 41 -4.15 5.78 7.86
C GLY A 41 -4.74 6.01 6.48
N TYR A 42 -4.99 4.94 5.75
CA TYR A 42 -5.57 5.04 4.41
C TYR A 42 -7.09 4.90 4.50
N ILE A 43 -7.69 5.76 5.31
CA ILE A 43 -9.13 5.75 5.51
C ILE A 43 -9.85 6.32 4.29
N PRO A 44 -10.85 5.61 3.76
CA PRO A 44 -11.63 6.04 2.59
C PRO A 44 -12.22 7.45 2.73
N SER A 45 -12.54 7.85 3.94
CA SER A 45 -13.10 9.18 4.18
C SER A 45 -12.03 10.26 4.03
N LYS A 46 -10.78 9.89 4.30
CA LYS A 46 -9.66 10.81 4.19
C LYS A 46 -9.25 10.93 2.73
N PHE A 47 -9.32 9.82 2.02
CA PHE A 47 -8.97 9.78 0.61
C PHE A 47 -10.16 9.29 -0.22
N PRO A 48 -11.23 10.09 -0.33
CA PRO A 48 -12.44 9.69 -1.07
C PRO A 48 -12.22 9.71 -2.58
N ASN A 49 -11.24 10.49 -3.00
CA ASN A 49 -10.94 10.60 -4.43
C ASN A 49 -9.79 9.70 -4.83
N LYS A 50 -9.60 8.62 -4.09
CA LYS A 50 -8.53 7.67 -4.39
C LYS A 50 -9.10 6.30 -4.72
N ASN A 51 -10.42 6.25 -4.85
CA ASN A 51 -11.14 5.02 -5.19
C ASN A 51 -10.88 3.90 -4.19
N LEU A 52 -10.86 4.23 -2.91
CA LEU A 52 -10.64 3.24 -1.86
C LEU A 52 -11.94 2.49 -1.60
N LYS A 53 -12.22 1.50 -2.45
CA LYS A 53 -13.45 0.74 -2.36
C LYS A 53 -13.20 -0.68 -1.88
N LYS A 54 -13.94 -1.08 -0.85
CA LYS A 54 -13.86 -2.42 -0.26
C LYS A 54 -12.42 -2.82 0.07
N ASN A 55 -11.93 -3.83 -0.63
CA ASN A 55 -10.59 -4.33 -0.41
C ASN A 55 -9.87 -4.53 -1.75
N TYR A 56 -10.23 -3.71 -2.72
CA TYR A 56 -9.64 -3.80 -4.04
C TYR A 56 -8.24 -3.19 -4.05
N CYS A 57 -7.34 -3.79 -4.81
CA CYS A 57 -5.97 -3.31 -4.93
C CYS A 57 -5.93 -1.95 -5.59
N ARG A 58 -5.30 -0.98 -4.95
CA ARG A 58 -5.23 0.36 -5.49
C ARG A 58 -3.82 0.93 -5.35
N ASN A 59 -3.63 2.11 -5.93
CA ASN A 59 -2.35 2.80 -5.86
C ASN A 59 -2.61 4.26 -5.50
N PRO A 60 -2.86 4.54 -4.21
CA PRO A 60 -3.18 5.88 -3.73
C PRO A 60 -1.97 6.68 -3.26
N ASP A 61 -0.79 6.09 -3.32
CA ASP A 61 0.42 6.78 -2.87
C ASP A 61 1.41 6.96 -4.01
N ARG A 62 0.97 6.61 -5.22
CA ARG A 62 1.80 6.71 -6.42
C ARG A 62 2.99 5.77 -6.35
N ASP A 63 2.77 4.58 -5.80
CA ASP A 63 3.82 3.59 -5.69
C ASP A 63 4.09 2.98 -7.07
N LEU A 64 5.03 2.05 -7.13
CA LEU A 64 5.37 1.39 -8.38
C LEU A 64 4.16 0.71 -8.99
N ARG A 65 3.58 -0.23 -8.25
CA ARG A 65 2.42 -0.97 -8.71
C ARG A 65 1.35 -1.00 -7.62
N PRO A 66 0.07 -1.23 -7.99
CA PRO A 66 -1.02 -1.30 -7.02
C PRO A 66 -0.74 -2.31 -5.93
N TRP A 67 -1.12 -1.98 -4.71
CA TRP A 67 -0.89 -2.85 -3.57
C TRP A 67 -2.08 -2.82 -2.63
N CYS A 68 -1.97 -3.57 -1.54
CA CYS A 68 -3.03 -3.64 -0.56
C CYS A 68 -2.51 -4.26 0.73
N PHE A 69 -3.26 -4.06 1.81
CA PHE A 69 -2.90 -4.65 3.09
C PHE A 69 -3.36 -6.10 3.08
N THR A 70 -2.56 -7.00 3.61
CA THR A 70 -2.92 -8.40 3.60
C THR A 70 -3.70 -8.77 4.86
N THR A 71 -4.37 -9.90 4.81
CA THR A 71 -5.14 -10.38 5.94
C THR A 71 -4.26 -11.23 6.86
N ASP A 72 -2.98 -11.29 6.52
CA ASP A 72 -2.01 -12.06 7.31
C ASP A 72 -1.31 -11.14 8.31
N PRO A 73 -1.41 -11.46 9.61
CA PRO A 73 -0.80 -10.66 10.69
C PRO A 73 0.73 -10.62 10.62
N ASN A 74 1.31 -11.38 9.71
CA ASN A 74 2.76 -11.42 9.57
C ASN A 74 3.22 -10.62 8.36
N LYS A 75 2.27 -10.00 7.66
CA LYS A 75 2.59 -9.20 6.49
C LYS A 75 1.64 -8.01 6.38
N ARG A 76 2.18 -6.81 6.56
CA ARG A 76 1.39 -5.59 6.50
C ARG A 76 0.84 -5.32 5.11
N TRP A 77 1.73 -5.06 4.15
CA TRP A 77 1.30 -4.77 2.79
C TRP A 77 2.04 -5.61 1.77
N GLU A 78 1.36 -5.87 0.67
CA GLU A 78 1.93 -6.66 -0.42
C GLU A 78 1.47 -6.08 -1.75
N TYR A 79 2.26 -6.27 -2.79
CA TYR A 79 1.91 -5.77 -4.11
C TYR A 79 0.91 -6.71 -4.77
N CYS A 80 0.08 -6.18 -5.63
CA CYS A 80 -0.92 -6.98 -6.31
C CYS A 80 -0.52 -7.27 -7.75
N ASP A 81 -1.19 -8.23 -8.35
CA ASP A 81 -0.89 -8.62 -9.73
C ASP A 81 -2.04 -8.20 -10.64
N ILE A 82 -1.84 -7.10 -11.35
CA ILE A 82 -2.85 -6.58 -12.27
C ILE A 82 -2.33 -6.67 -13.71
N PRO A 83 -3.09 -7.33 -14.60
CA PRO A 83 -2.70 -7.48 -16.01
C PRO A 83 -2.58 -6.13 -16.73
N ARG A 84 -1.61 -6.07 -17.64
CA ARG A 84 -1.38 -4.87 -18.42
C ARG A 84 -2.44 -4.72 -19.50
N CYS A 85 -2.62 -3.51 -20.00
CA CYS A 85 -3.61 -3.25 -21.05
C CYS A 85 -2.98 -3.37 -22.42
N GLY B 1 -15.42 34.77 -5.73
CA GLY B 1 -15.94 36.11 -5.52
C GLY B 1 -17.22 36.36 -6.28
N SER B 2 -17.28 37.48 -6.98
CA SER B 2 -18.45 37.84 -7.76
C SER B 2 -18.66 36.85 -8.91
N ALA B 3 -17.56 36.46 -9.54
CA ALA B 3 -17.61 35.51 -10.64
C ALA B 3 -17.48 34.10 -10.12
N GLY B 4 -16.73 33.95 -9.03
CA GLY B 4 -16.54 32.64 -8.42
C GLY B 4 -15.53 31.79 -9.16
N LEU B 5 -14.40 32.39 -9.52
CA LEU B 5 -13.35 31.66 -10.23
C LEU B 5 -12.71 30.64 -9.31
N GLN B 6 -12.67 30.95 -8.01
CA GLN B 6 -12.11 30.05 -7.01
C GLN B 6 -12.87 28.74 -6.98
N GLU B 7 -14.19 28.84 -7.14
CA GLU B 7 -15.06 27.66 -7.11
C GLU B 7 -14.89 26.84 -8.38
N LYS B 8 -14.30 27.44 -9.41
CA LYS B 8 -14.08 26.76 -10.68
C LYS B 8 -12.79 25.94 -10.61
N GLU B 9 -11.86 26.37 -9.77
CA GLU B 9 -10.59 25.68 -9.61
C GLU B 9 -10.75 24.49 -8.66
N ARG B 10 -11.42 24.74 -7.51
CA ARG B 10 -11.70 23.71 -6.50
C ARG B 10 -10.44 23.27 -5.73
N GLU B 11 -9.26 23.51 -6.29
CA GLU B 11 -7.98 23.15 -5.65
C GLU B 11 -7.92 21.66 -5.29
N LEU B 12 -8.27 20.82 -6.26
CA LEU B 12 -8.27 19.37 -6.04
C LEU B 12 -6.84 18.82 -6.09
N GLU B 13 -5.92 19.61 -6.63
CA GLU B 13 -4.52 19.23 -6.75
C GLU B 13 -3.89 18.99 -5.38
N ASP B 14 -4.48 19.58 -4.35
CA ASP B 14 -3.98 19.46 -2.98
C ASP B 14 -3.96 17.99 -2.53
N LEU B 15 -4.92 17.21 -3.02
CA LEU B 15 -5.02 15.81 -2.67
C LEU B 15 -3.90 14.99 -3.29
N LYS B 16 -3.60 15.23 -4.56
CA LYS B 16 -2.54 14.50 -5.26
C LYS B 16 -1.17 14.94 -4.77
N ASP B 17 -1.11 16.11 -4.16
CA ASP B 17 0.13 16.66 -3.62
C ASP B 17 0.56 15.87 -2.39
N ALA B 18 -0.39 15.16 -1.79
CA ALA B 18 -0.13 14.38 -0.58
C ALA B 18 0.84 13.23 -0.84
N GLU B 19 0.73 12.58 -1.99
CA GLU B 19 1.60 11.47 -2.34
C GLU B 19 3.08 11.84 -2.23
N LEU B 20 3.43 13.01 -2.74
CA LEU B 20 4.81 13.48 -2.73
C LEU B 20 5.18 14.09 -1.38
N LYS B 21 4.18 14.60 -0.66
CA LYS B 21 4.42 15.21 0.64
C LYS B 21 4.63 14.14 1.71
N ARG B 22 3.87 13.06 1.60
CA ARG B 22 3.97 11.96 2.54
C ARG B 22 5.22 11.13 2.27
N LEU B 23 5.33 10.65 1.03
CA LEU B 23 6.45 9.82 0.60
C LEU B 23 6.52 8.49 1.38
N ASN B 24 5.38 8.13 2.00
CA ASN B 24 5.26 6.90 2.77
C ASN B 24 6.27 6.87 3.92
N GLU B 25 6.42 8.01 4.58
CA GLU B 25 7.35 8.14 5.69
C GLU B 25 7.05 7.12 6.79
N GLU B 26 5.78 7.00 7.18
CA GLU B 26 5.38 6.05 8.21
C GLU B 26 5.41 4.62 7.68
N ARG B 27 4.78 4.42 6.52
CA ARG B 27 4.75 3.11 5.87
C ARG B 27 6.15 2.51 5.74
N HIS B 28 7.12 3.33 5.36
CA HIS B 28 8.50 2.87 5.19
C HIS B 28 9.07 2.35 6.51
N ASP B 29 8.88 3.10 7.59
CA ASP B 29 9.37 2.70 8.91
C ASP B 29 8.67 1.43 9.37
N HIS B 30 7.39 1.31 9.07
CA HIS B 30 6.61 0.13 9.44
C HIS B 30 7.19 -1.11 8.75
N ASP B 31 7.58 -0.93 7.49
CA ASP B 31 8.17 -2.00 6.70
C ASP B 31 9.51 -2.41 7.30
N LYS B 32 10.26 -1.40 7.74
CA LYS B 32 11.56 -1.62 8.36
C LYS B 32 11.41 -2.45 9.63
N ARG B 33 10.43 -2.11 10.44
CA ARG B 33 10.18 -2.82 11.69
C ARG B 33 9.68 -4.25 11.41
N GLU B 34 8.92 -4.39 10.33
CA GLU B 34 8.38 -5.69 9.93
C GLU B 34 9.51 -6.67 9.61
N ALA B 35 10.56 -6.14 8.99
CA ALA B 35 11.72 -6.96 8.63
C ALA B 35 12.35 -7.60 9.85
N GLU B 36 12.41 -6.85 10.94
CA GLU B 36 13.00 -7.34 12.19
C GLU B 36 12.21 -8.53 12.71
N ARG B 37 10.89 -8.50 12.52
CA ARG B 37 10.03 -9.56 12.98
C ARG B 37 10.19 -10.82 12.12
N LYS B 38 10.19 -10.63 10.81
CA LYS B 38 10.33 -11.75 9.88
C LYS B 38 11.68 -12.45 10.05
N ALA B 39 12.76 -11.69 10.08
CA ALA B 39 14.10 -12.26 10.23
C ALA B 39 14.24 -13.03 11.55
N LEU B 40 13.54 -12.56 12.59
CA LEU B 40 13.59 -13.21 13.89
C LEU B 40 13.06 -14.64 13.81
N GLU B 41 12.08 -14.85 12.95
CA GLU B 41 11.48 -16.16 12.78
C GLU B 41 12.41 -17.08 11.99
N ASP B 42 13.03 -16.52 10.96
CA ASP B 42 13.95 -17.29 10.11
C ASP B 42 15.17 -17.72 10.93
N LYS B 43 15.65 -16.81 11.76
CA LYS B 43 16.81 -17.09 12.60
C LYS B 43 16.48 -18.16 13.63
N LEU B 44 15.29 -18.07 14.22
CA LEU B 44 14.84 -19.04 15.22
C LEU B 44 14.68 -20.43 14.61
N ALA B 45 14.51 -20.47 13.29
CA ALA B 45 14.34 -21.73 12.58
C ALA B 45 15.68 -22.45 12.41
N ASP B 46 16.77 -21.71 12.58
CA ASP B 46 18.13 -22.26 12.45
C ASP B 46 18.29 -22.98 11.11
N LYS B 47 17.78 -22.38 10.04
CA LYS B 47 17.86 -22.97 8.71
C LYS B 47 19.31 -23.18 8.28
N GLN B 48 20.02 -22.09 8.05
CA GLN B 48 21.41 -22.15 7.63
C GLN B 48 22.33 -21.48 8.63
N GLU B 49 21.82 -20.44 9.30
CA GLU B 49 22.60 -19.70 10.29
C GLU B 49 23.91 -19.18 9.68
N HIS B 50 23.80 -18.23 8.77
CA HIS B 50 24.97 -17.65 8.12
C HIS B 50 24.83 -16.13 8.04
N LEU B 51 24.16 -15.58 9.04
CA LEU B 51 23.93 -14.15 9.12
C LEU B 51 23.83 -13.73 10.57
N ASP B 52 24.90 -13.12 11.07
CA ASP B 52 24.93 -12.66 12.46
C ASP B 52 23.85 -11.62 12.70
N GLY B 53 23.71 -10.70 11.75
CA GLY B 53 22.71 -9.66 11.88
C GLY B 53 23.27 -8.46 12.62
N ALA B 54 24.53 -8.14 12.35
CA ALA B 54 25.19 -7.01 12.99
C ALA B 54 24.80 -5.70 12.33
N LEU B 55 25.03 -5.61 11.03
CA LEU B 55 24.73 -4.40 10.27
C LEU B 55 23.22 -4.18 10.16
N ARG B 56 22.52 -5.20 9.66
CA ARG B 56 21.07 -5.12 9.47
C ARG B 56 20.69 -3.94 8.59
N TYR B 57 21.39 -3.80 7.47
CA TYR B 57 21.16 -2.72 6.52
C TYR B 57 21.29 -1.36 7.20
N GLU A 6 -11.41 -0.34 -15.36
CA GLU A 6 -10.39 -1.15 -16.00
C GLU A 6 -9.84 -2.19 -15.03
N GLU A 7 -9.79 -3.44 -15.47
CA GLU A 7 -9.28 -4.52 -14.65
C GLU A 7 -7.77 -4.67 -14.87
N CYS A 8 -7.23 -3.82 -15.72
CA CYS A 8 -5.81 -3.85 -16.04
C CYS A 8 -5.19 -2.46 -15.85
N MET A 9 -3.87 -2.40 -15.91
CA MET A 9 -3.15 -1.15 -15.76
C MET A 9 -2.39 -0.81 -17.04
N HIS A 10 -2.22 0.48 -17.29
CA HIS A 10 -1.48 0.93 -18.47
C HIS A 10 -0.05 1.26 -18.06
N GLY A 11 0.08 1.93 -16.91
CA GLY A 11 1.38 2.30 -16.41
C GLY A 11 1.57 1.87 -14.97
N SER A 12 1.44 2.82 -14.05
CA SER A 12 1.60 2.52 -12.63
C SER A 12 0.32 1.90 -12.06
N GLY A 13 -0.82 2.46 -12.43
CA GLY A 13 -2.08 1.95 -11.94
C GLY A 13 -2.73 2.88 -10.94
N GLU A 14 -2.38 4.16 -11.04
CA GLU A 14 -2.93 5.18 -10.14
C GLU A 14 -4.42 5.38 -10.43
N ASN A 15 -4.80 5.07 -11.66
CA ASN A 15 -6.19 5.22 -12.08
C ASN A 15 -6.85 3.85 -12.23
N TYR A 16 -6.25 2.85 -11.61
CA TYR A 16 -6.77 1.49 -11.67
C TYR A 16 -7.95 1.33 -10.72
N ASP A 17 -9.11 1.01 -11.27
CA ASP A 17 -10.31 0.80 -10.47
C ASP A 17 -10.92 -0.57 -10.78
N GLY A 18 -10.11 -1.60 -10.61
CA GLY A 18 -10.56 -2.95 -10.87
C GLY A 18 -11.11 -3.62 -9.62
N LYS A 19 -11.58 -4.84 -9.75
CA LYS A 19 -12.15 -5.57 -8.62
C LYS A 19 -11.24 -6.70 -8.14
N ILE A 20 -9.93 -6.49 -8.26
CA ILE A 20 -8.97 -7.49 -7.79
C ILE A 20 -8.65 -7.23 -6.33
N SER A 21 -8.86 -8.24 -5.49
CA SER A 21 -8.62 -8.10 -4.06
C SER A 21 -7.64 -9.15 -3.56
N LYS A 22 -6.56 -9.37 -4.30
CA LYS A 22 -5.57 -10.36 -3.90
C LYS A 22 -4.16 -9.89 -4.24
N THR A 23 -3.25 -10.13 -3.32
CA THR A 23 -1.85 -9.76 -3.50
C THR A 23 -1.15 -10.68 -4.50
N MET A 24 0.14 -10.47 -4.71
CA MET A 24 0.90 -11.30 -5.63
C MET A 24 1.00 -12.72 -5.10
N SER A 25 0.90 -12.86 -3.77
CA SER A 25 0.97 -14.16 -3.13
C SER A 25 -0.40 -14.85 -3.19
N GLY A 26 -1.44 -14.07 -3.48
CA GLY A 26 -2.77 -14.61 -3.56
C GLY A 26 -3.54 -14.46 -2.26
N LEU A 27 -3.11 -13.55 -1.41
CA LEU A 27 -3.77 -13.31 -0.14
C LEU A 27 -4.90 -12.32 -0.31
N GLU A 28 -6.03 -12.55 0.36
CA GLU A 28 -7.17 -11.65 0.26
C GLU A 28 -6.82 -10.33 0.92
N CYS A 29 -6.94 -9.25 0.16
CA CYS A 29 -6.64 -7.91 0.65
C CYS A 29 -7.57 -7.49 1.77
N GLN A 30 -7.02 -6.74 2.71
CA GLN A 30 -7.79 -6.22 3.82
C GLN A 30 -8.60 -5.01 3.35
N ALA A 31 -9.81 -4.88 3.88
CA ALA A 31 -10.68 -3.77 3.50
C ALA A 31 -10.08 -2.44 3.89
N TRP A 32 -10.15 -1.46 2.98
CA TRP A 32 -9.60 -0.13 3.21
C TRP A 32 -10.37 0.58 4.33
N ASP A 33 -11.59 0.13 4.59
CA ASP A 33 -12.41 0.73 5.62
C ASP A 33 -12.30 -0.06 6.93
N SER A 34 -11.46 -1.08 6.92
CA SER A 34 -11.26 -1.91 8.09
C SER A 34 -9.89 -1.64 8.70
N GLN A 35 -9.82 -1.58 10.02
CA GLN A 35 -8.58 -1.31 10.73
C GLN A 35 -8.03 -2.60 11.34
N SER A 36 -8.55 -3.72 10.87
CA SER A 36 -8.11 -5.02 11.36
C SER A 36 -7.79 -5.94 10.17
N PRO A 37 -6.73 -6.75 10.27
CA PRO A 37 -5.86 -6.82 11.45
C PRO A 37 -4.81 -5.70 11.50
N HIS A 38 -4.59 -5.05 10.37
CA HIS A 38 -3.59 -3.98 10.31
C HIS A 38 -4.26 -2.61 10.39
N ALA A 39 -3.78 -1.79 11.31
CA ALA A 39 -4.30 -0.44 11.48
C ALA A 39 -3.53 0.51 10.57
N HIS A 40 -4.24 1.13 9.64
CA HIS A 40 -3.61 2.02 8.69
C HIS A 40 -4.25 3.41 8.70
N GLY A 41 -3.67 4.32 7.92
CA GLY A 41 -4.19 5.67 7.83
C GLY A 41 -4.80 5.96 6.49
N TYR A 42 -4.99 4.92 5.69
CA TYR A 42 -5.58 5.07 4.36
C TYR A 42 -7.09 5.01 4.46
N ILE A 43 -7.64 5.94 5.22
CA ILE A 43 -9.08 6.03 5.44
C ILE A 43 -9.79 6.44 4.15
N PRO A 44 -10.78 5.65 3.71
CA PRO A 44 -11.54 5.95 2.49
C PRO A 44 -12.23 7.30 2.56
N SER A 45 -12.56 7.72 3.78
CA SER A 45 -13.22 8.99 4.00
C SER A 45 -12.20 10.14 3.94
N LYS A 46 -10.94 9.82 4.25
CA LYS A 46 -9.87 10.82 4.22
C LYS A 46 -9.44 11.08 2.78
N PHE A 47 -9.46 10.03 1.98
CA PHE A 47 -9.10 10.13 0.57
C PHE A 47 -10.24 9.58 -0.27
N PRO A 48 -11.36 10.33 -0.37
CA PRO A 48 -12.55 9.89 -1.12
C PRO A 48 -12.34 9.93 -2.64
N ASN A 49 -11.29 10.61 -3.06
CA ASN A 49 -11.01 10.73 -4.48
C ASN A 49 -9.86 9.80 -4.90
N LYS A 50 -9.61 8.79 -4.09
CA LYS A 50 -8.55 7.84 -4.38
C LYS A 50 -9.13 6.47 -4.72
N ASN A 51 -10.46 6.42 -4.83
CA ASN A 51 -11.18 5.20 -5.19
C ASN A 51 -10.88 4.05 -4.23
N LEU A 52 -10.88 4.33 -2.94
CA LEU A 52 -10.62 3.31 -1.93
C LEU A 52 -11.91 2.59 -1.60
N LYS A 53 -12.27 1.61 -2.43
CA LYS A 53 -13.49 0.85 -2.25
C LYS A 53 -13.22 -0.59 -1.84
N LYS A 54 -13.97 -1.04 -0.85
CA LYS A 54 -13.87 -2.41 -0.33
C LYS A 54 -12.44 -2.80 0.00
N ASN A 55 -11.96 -3.86 -0.62
CA ASN A 55 -10.61 -4.36 -0.39
C ASN A 55 -9.88 -4.55 -1.72
N TYR A 56 -10.31 -3.82 -2.74
CA TYR A 56 -9.68 -3.93 -4.05
C TYR A 56 -8.32 -3.24 -4.04
N CYS A 57 -7.34 -3.87 -4.68
CA CYS A 57 -5.99 -3.32 -4.75
C CYS A 57 -6.00 -1.96 -5.41
N ARG A 58 -5.35 -0.99 -4.77
CA ARG A 58 -5.29 0.37 -5.30
C ARG A 58 -3.90 0.95 -5.12
N ASN A 59 -3.59 1.97 -5.90
CA ASN A 59 -2.32 2.68 -5.82
C ASN A 59 -2.61 4.15 -5.60
N PRO A 60 -2.94 4.52 -4.35
CA PRO A 60 -3.29 5.88 -3.99
C PRO A 60 -2.14 6.69 -3.40
N ASP A 61 -0.91 6.19 -3.57
CA ASP A 61 0.25 6.87 -3.03
C ASP A 61 1.36 7.03 -4.06
N ARG A 62 1.02 6.79 -5.34
CA ARG A 62 1.98 6.92 -6.44
C ARG A 62 3.23 6.08 -6.20
N ASP A 63 3.10 4.96 -5.52
CA ASP A 63 4.24 4.10 -5.22
C ASP A 63 4.79 3.45 -6.48
N LEU A 64 4.10 2.44 -6.97
CA LEU A 64 4.53 1.73 -8.16
C LEU A 64 3.36 0.98 -8.78
N ARG A 65 2.88 -0.04 -8.08
CA ARG A 65 1.76 -0.84 -8.55
C ARG A 65 0.72 -0.96 -7.46
N PRO A 66 -0.56 -1.17 -7.83
CA PRO A 66 -1.64 -1.32 -6.87
C PRO A 66 -1.27 -2.32 -5.78
N TRP A 67 -1.53 -1.96 -4.55
CA TRP A 67 -1.18 -2.80 -3.42
C TRP A 67 -2.34 -2.86 -2.44
N CYS A 68 -2.14 -3.60 -1.36
CA CYS A 68 -3.17 -3.74 -0.35
C CYS A 68 -2.59 -4.39 0.89
N PHE A 69 -3.26 -4.23 2.02
CA PHE A 69 -2.84 -4.86 3.25
C PHE A 69 -3.24 -6.33 3.19
N THR A 70 -2.37 -7.21 3.62
CA THR A 70 -2.65 -8.63 3.53
C THR A 70 -3.33 -9.15 4.80
N THR A 71 -3.92 -10.33 4.69
CA THR A 71 -4.59 -10.97 5.80
C THR A 71 -3.60 -11.73 6.66
N ASP A 72 -2.33 -11.70 6.27
CA ASP A 72 -1.28 -12.39 6.98
C ASP A 72 -0.68 -11.45 8.03
N PRO A 73 -0.66 -11.88 9.31
CA PRO A 73 -0.12 -11.07 10.40
C PRO A 73 1.39 -10.81 10.31
N ASN A 74 2.07 -11.53 9.42
CA ASN A 74 3.52 -11.36 9.27
C ASN A 74 3.85 -10.62 7.98
N LYS A 75 2.84 -10.04 7.35
CA LYS A 75 3.02 -9.27 6.13
C LYS A 75 1.99 -8.15 6.11
N ARG A 76 2.44 -6.95 6.48
CA ARG A 76 1.55 -5.79 6.55
C ARG A 76 0.93 -5.47 5.19
N TRP A 77 1.76 -5.23 4.19
CA TRP A 77 1.25 -4.88 2.86
C TRP A 77 2.11 -5.52 1.78
N GLU A 78 1.49 -5.80 0.64
CA GLU A 78 2.20 -6.40 -0.48
C GLU A 78 1.61 -5.91 -1.79
N TYR A 79 2.42 -5.93 -2.84
CA TYR A 79 1.97 -5.50 -4.17
C TYR A 79 1.05 -6.55 -4.76
N CYS A 80 0.03 -6.11 -5.46
CA CYS A 80 -0.91 -7.03 -6.10
C CYS A 80 -0.45 -7.32 -7.52
N ASP A 81 -0.98 -8.38 -8.10
CA ASP A 81 -0.61 -8.76 -9.46
C ASP A 81 -1.76 -8.48 -10.41
N ILE A 82 -1.69 -7.35 -11.10
CA ILE A 82 -2.73 -6.95 -12.03
C ILE A 82 -2.15 -6.85 -13.45
N PRO A 83 -2.84 -7.48 -14.43
CA PRO A 83 -2.41 -7.46 -15.83
C PRO A 83 -2.33 -6.05 -16.43
N ARG A 84 -1.70 -5.94 -17.59
CA ARG A 84 -1.54 -4.66 -18.26
C ARG A 84 -2.40 -4.62 -19.52
N CYS A 85 -2.87 -3.44 -19.87
CA CYS A 85 -3.71 -3.27 -21.05
C CYS A 85 -2.84 -3.04 -22.29
N GLY B 1 -18.60 29.58 -4.78
CA GLY B 1 -18.75 30.83 -4.04
C GLY B 1 -19.64 31.82 -4.76
N SER B 2 -19.08 32.95 -5.13
CA SER B 2 -19.81 34.00 -5.82
C SER B 2 -20.11 33.60 -7.27
N ALA B 3 -19.28 32.72 -7.80
CA ALA B 3 -19.46 32.24 -9.17
C ALA B 3 -19.75 30.75 -9.18
N GLY B 4 -19.31 30.05 -8.12
CA GLY B 4 -19.53 28.63 -8.03
C GLY B 4 -18.39 27.83 -8.62
N LEU B 5 -17.43 28.53 -9.22
CA LEU B 5 -16.27 27.90 -9.85
C LEU B 5 -15.42 27.15 -8.83
N GLN B 6 -15.31 27.72 -7.64
CA GLN B 6 -14.51 27.11 -6.58
C GLN B 6 -15.14 25.79 -6.11
N GLU B 7 -16.45 25.68 -6.29
CA GLU B 7 -17.17 24.48 -5.89
C GLU B 7 -17.07 23.40 -6.95
N LYS B 8 -16.59 23.78 -8.13
CA LYS B 8 -16.43 22.83 -9.23
C LYS B 8 -15.08 22.13 -9.11
N GLU B 9 -14.07 22.88 -8.67
CA GLU B 9 -12.72 22.36 -8.52
C GLU B 9 -12.65 21.31 -7.41
N ARG B 10 -13.30 21.60 -6.28
CA ARG B 10 -13.34 20.69 -5.13
C ARG B 10 -11.95 20.47 -4.52
N GLU B 11 -10.99 21.33 -4.85
CA GLU B 11 -9.62 21.22 -4.34
C GLU B 11 -9.01 19.85 -4.62
N LEU B 12 -9.03 19.43 -5.88
CA LEU B 12 -8.48 18.14 -6.27
C LEU B 12 -6.96 18.16 -6.29
N GLU B 13 -6.39 19.34 -6.48
CA GLU B 13 -4.93 19.49 -6.53
C GLU B 13 -4.30 19.25 -5.17
N ASP B 14 -5.09 19.42 -4.11
CA ASP B 14 -4.60 19.24 -2.74
C ASP B 14 -4.18 17.80 -2.50
N LEU B 15 -5.00 16.86 -2.96
CA LEU B 15 -4.71 15.44 -2.77
C LEU B 15 -3.46 15.02 -3.54
N LYS B 16 -3.29 15.61 -4.72
CA LYS B 16 -2.14 15.28 -5.57
C LYS B 16 -0.83 15.77 -4.94
N ASP B 17 -0.92 16.80 -4.12
CA ASP B 17 0.26 17.35 -3.47
C ASP B 17 0.71 16.44 -2.34
N ALA B 18 -0.25 15.73 -1.73
CA ALA B 18 0.04 14.82 -0.63
C ALA B 18 0.82 13.61 -1.13
N GLU B 19 0.60 13.26 -2.38
CA GLU B 19 1.28 12.13 -3.02
C GLU B 19 2.79 12.31 -2.95
N LEU B 20 3.26 13.47 -3.38
CA LEU B 20 4.69 13.77 -3.39
C LEU B 20 5.18 14.19 -2.01
N LYS B 21 4.26 14.67 -1.18
CA LYS B 21 4.60 15.11 0.17
C LYS B 21 4.99 13.91 1.02
N ARG B 22 4.22 12.84 0.92
CA ARG B 22 4.48 11.63 1.68
C ARG B 22 5.60 10.81 1.03
N LEU B 23 5.41 10.50 -0.25
CA LEU B 23 6.39 9.72 -1.04
C LEU B 23 6.61 8.33 -0.45
N ASN B 24 5.69 7.90 0.42
CA ASN B 24 5.75 6.58 1.05
C ASN B 24 7.02 6.37 1.86
N GLU B 25 7.58 7.45 2.41
CA GLU B 25 8.79 7.36 3.21
C GLU B 25 8.59 6.41 4.39
N GLU B 26 7.53 6.62 5.14
CA GLU B 26 7.20 5.80 6.30
C GLU B 26 6.85 4.39 5.84
N ARG B 27 5.90 4.30 4.93
CA ARG B 27 5.46 3.04 4.36
C ARG B 27 6.64 2.15 3.95
N HIS B 28 7.58 2.74 3.21
CA HIS B 28 8.76 2.01 2.73
C HIS B 28 9.63 1.51 3.89
N ASP B 29 9.76 2.34 4.93
CA ASP B 29 10.57 2.00 6.09
C ASP B 29 9.98 0.78 6.82
N HIS B 30 8.67 0.60 6.72
CA HIS B 30 7.99 -0.50 7.37
C HIS B 30 8.37 -1.85 6.76
N ASP B 31 8.50 -1.89 5.43
CA ASP B 31 8.86 -3.13 4.75
C ASP B 31 10.31 -3.46 5.07
N LYS B 32 11.11 -2.41 5.24
CA LYS B 32 12.52 -2.55 5.59
C LYS B 32 12.64 -3.27 6.93
N ARG B 33 11.78 -2.89 7.87
CA ARG B 33 11.75 -3.49 9.19
C ARG B 33 11.31 -4.95 9.12
N GLU B 34 10.42 -5.27 8.18
CA GLU B 34 9.94 -6.64 8.02
C GLU B 34 11.06 -7.57 7.58
N ALA B 35 12.07 -7.01 6.92
CA ALA B 35 13.21 -7.79 6.47
C ALA B 35 14.00 -8.31 7.67
N GLU B 36 14.05 -7.49 8.72
CA GLU B 36 14.75 -7.86 9.95
C GLU B 36 14.04 -9.03 10.61
N ARG B 37 12.71 -9.00 10.53
CA ARG B 37 11.87 -10.05 11.10
C ARG B 37 12.07 -11.35 10.34
N LYS B 38 12.13 -11.26 9.02
CA LYS B 38 12.32 -12.41 8.17
C LYS B 38 13.65 -13.09 8.47
N ALA B 39 14.71 -12.28 8.55
CA ALA B 39 16.05 -12.80 8.84
C ALA B 39 16.09 -13.48 10.22
N LEU B 40 15.33 -12.94 11.16
CA LEU B 40 15.28 -13.50 12.52
C LEU B 40 14.72 -14.92 12.50
N GLU B 41 13.64 -15.11 11.75
CA GLU B 41 13.00 -16.43 11.66
C GLU B 41 13.84 -17.34 10.75
N ASP B 42 14.59 -16.71 9.86
CA ASP B 42 15.46 -17.43 8.93
C ASP B 42 16.59 -18.10 9.70
N LYS B 43 17.15 -17.36 10.66
CA LYS B 43 18.22 -17.87 11.50
C LYS B 43 17.71 -18.95 12.45
N LEU B 44 16.52 -18.71 12.99
CA LEU B 44 15.89 -19.64 13.93
C LEU B 44 15.60 -21.00 13.27
N ALA B 45 15.45 -20.99 11.95
CA ALA B 45 15.17 -22.22 11.22
C ALA B 45 16.39 -23.14 11.15
N ASP B 46 17.57 -22.53 11.19
CA ASP B 46 18.84 -23.26 11.12
C ASP B 46 18.95 -24.01 9.80
N LYS B 47 19.61 -23.39 8.84
CA LYS B 47 19.78 -23.99 7.52
C LYS B 47 21.25 -24.27 7.23
N GLN B 48 22.01 -23.24 6.92
CA GLN B 48 23.44 -23.40 6.63
C GLN B 48 24.27 -22.41 7.41
N GLU B 49 23.63 -21.40 7.97
CA GLU B 49 24.29 -20.36 8.75
C GLU B 49 25.36 -19.65 7.92
N HIS B 50 25.02 -19.32 6.68
CA HIS B 50 25.97 -18.64 5.79
C HIS B 50 25.90 -17.13 6.01
N LEU B 51 24.92 -16.71 6.80
CA LEU B 51 24.74 -15.30 7.11
C LEU B 51 24.87 -15.09 8.61
N ASP B 52 25.89 -14.33 9.00
CA ASP B 52 26.13 -14.04 10.40
C ASP B 52 25.14 -13.00 10.90
N GLY B 53 25.01 -11.92 10.15
CA GLY B 53 24.10 -10.87 10.53
C GLY B 53 24.77 -9.85 11.41
N ALA B 54 26.09 -9.79 11.33
CA ALA B 54 26.86 -8.85 12.12
C ALA B 54 26.72 -7.44 11.55
N LEU B 55 26.45 -7.37 10.26
CA LEU B 55 26.27 -6.09 9.58
C LEU B 55 24.94 -5.46 9.96
N ARG B 56 23.89 -6.29 9.96
CA ARG B 56 22.54 -5.84 10.28
C ARG B 56 22.08 -4.78 9.28
N TYR B 57 22.33 -5.06 8.01
CA TYR B 57 21.96 -4.16 6.91
C TYR B 57 22.67 -2.81 7.05
N GLU A 6 -11.53 -0.19 -15.05
CA GLU A 6 -10.64 -1.06 -15.82
C GLU A 6 -10.05 -2.13 -14.90
N GLU A 7 -9.79 -3.30 -15.48
CA GLU A 7 -9.21 -4.40 -14.71
C GLU A 7 -7.72 -4.52 -15.02
N CYS A 8 -7.25 -3.72 -15.97
CA CYS A 8 -5.84 -3.72 -16.35
C CYS A 8 -5.24 -2.33 -16.15
N MET A 9 -3.92 -2.26 -16.07
CA MET A 9 -3.25 -0.97 -15.88
C MET A 9 -2.47 -0.57 -17.13
N HIS A 10 -2.29 0.73 -17.30
CA HIS A 10 -1.55 1.26 -18.44
C HIS A 10 -0.18 1.76 -18.00
N GLY A 11 -0.11 2.25 -16.76
CA GLY A 11 1.14 2.77 -16.24
C GLY A 11 1.49 2.21 -14.87
N SER A 12 1.12 2.94 -13.83
CA SER A 12 1.40 2.52 -12.46
C SER A 12 0.16 1.95 -11.78
N GLY A 13 -0.99 2.54 -12.08
CA GLY A 13 -2.23 2.08 -11.48
C GLY A 13 -2.94 3.15 -10.67
N GLU A 14 -2.48 4.39 -10.78
CA GLU A 14 -3.10 5.52 -10.06
C GLU A 14 -4.56 5.65 -10.46
N ASN A 15 -4.87 5.37 -11.72
CA ASN A 15 -6.23 5.46 -12.22
C ASN A 15 -6.77 4.07 -12.51
N TYR A 16 -6.46 3.11 -11.64
CA TYR A 16 -6.92 1.74 -11.80
C TYR A 16 -8.03 1.44 -10.80
N ASP A 17 -9.21 1.08 -11.30
CA ASP A 17 -10.34 0.76 -10.44
C ASP A 17 -10.88 -0.61 -10.81
N GLY A 18 -10.18 -1.65 -10.37
CA GLY A 18 -10.59 -3.01 -10.65
C GLY A 18 -11.16 -3.69 -9.43
N LYS A 19 -11.58 -4.93 -9.58
CA LYS A 19 -12.17 -5.67 -8.48
C LYS A 19 -11.21 -6.73 -7.93
N ILE A 20 -9.96 -6.66 -8.36
CA ILE A 20 -8.93 -7.59 -7.91
C ILE A 20 -8.53 -7.27 -6.48
N SER A 21 -8.69 -8.23 -5.58
CA SER A 21 -8.34 -8.02 -4.17
C SER A 21 -7.38 -9.11 -3.69
N LYS A 22 -6.37 -9.41 -4.48
CA LYS A 22 -5.40 -10.43 -4.12
C LYS A 22 -3.99 -9.96 -4.42
N THR A 23 -3.09 -10.19 -3.48
CA THR A 23 -1.70 -9.81 -3.62
C THR A 23 -1.00 -10.64 -4.69
N MET A 24 0.27 -10.37 -4.93
CA MET A 24 1.03 -11.12 -5.92
C MET A 24 1.28 -12.53 -5.41
N SER A 25 1.39 -12.68 -4.10
CA SER A 25 1.61 -13.98 -3.50
C SER A 25 0.32 -14.80 -3.54
N GLY A 26 -0.78 -14.17 -3.12
CA GLY A 26 -2.06 -14.85 -3.12
C GLY A 26 -2.80 -14.65 -1.81
N LEU A 27 -2.69 -13.47 -1.24
CA LEU A 27 -3.34 -13.16 0.02
C LEU A 27 -4.53 -12.23 -0.23
N GLU A 28 -5.60 -12.44 0.52
CA GLU A 28 -6.79 -11.61 0.39
C GLU A 28 -6.53 -10.25 1.03
N CYS A 29 -6.73 -9.21 0.25
CA CYS A 29 -6.52 -7.85 0.72
C CYS A 29 -7.51 -7.46 1.81
N GLN A 30 -7.04 -6.67 2.75
CA GLN A 30 -7.87 -6.17 3.85
C GLN A 30 -8.63 -4.95 3.38
N ALA A 31 -9.88 -4.82 3.83
CA ALA A 31 -10.71 -3.68 3.46
C ALA A 31 -10.08 -2.38 3.90
N TRP A 32 -10.08 -1.39 3.02
CA TRP A 32 -9.49 -0.09 3.32
C TRP A 32 -10.24 0.60 4.47
N ASP A 33 -11.51 0.26 4.61
CA ASP A 33 -12.35 0.83 5.66
C ASP A 33 -12.18 0.05 6.96
N SER A 34 -11.43 -1.05 6.89
CA SER A 34 -11.20 -1.89 8.05
C SER A 34 -9.84 -1.57 8.67
N GLN A 35 -9.75 -1.68 9.98
CA GLN A 35 -8.49 -1.43 10.69
C GLN A 35 -7.95 -2.74 11.24
N SER A 36 -8.59 -3.82 10.86
CA SER A 36 -8.18 -5.15 11.29
C SER A 36 -7.89 -6.02 10.07
N PRO A 37 -6.84 -6.87 10.15
CA PRO A 37 -6.00 -6.99 11.33
C PRO A 37 -4.88 -5.95 11.41
N HIS A 38 -4.67 -5.21 10.33
CA HIS A 38 -3.62 -4.19 10.31
C HIS A 38 -4.21 -2.78 10.32
N ALA A 39 -3.69 -1.94 11.19
CA ALA A 39 -4.15 -0.56 11.29
C ALA A 39 -3.33 0.33 10.37
N HIS A 40 -3.99 1.29 9.73
CA HIS A 40 -3.31 2.18 8.80
C HIS A 40 -4.00 3.54 8.74
N GLY A 41 -3.50 4.43 7.89
CA GLY A 41 -4.07 5.77 7.76
C GLY A 41 -4.64 6.03 6.38
N TYR A 42 -4.90 4.97 5.63
CA TYR A 42 -5.45 5.10 4.29
C TYR A 42 -6.97 4.92 4.35
N ILE A 43 -7.61 5.78 5.12
CA ILE A 43 -9.06 5.73 5.31
C ILE A 43 -9.79 6.27 4.09
N PRO A 44 -10.82 5.55 3.60
CA PRO A 44 -11.62 5.98 2.44
C PRO A 44 -12.19 7.39 2.59
N SER A 45 -12.54 7.75 3.82
CA SER A 45 -13.09 9.08 4.10
C SER A 45 -11.98 10.15 4.12
N LYS A 46 -10.73 9.69 4.15
CA LYS A 46 -9.59 10.59 4.17
C LYS A 46 -9.14 10.89 2.75
N PHE A 47 -9.17 9.88 1.90
CA PHE A 47 -8.80 10.03 0.50
C PHE A 47 -9.90 9.47 -0.40
N PRO A 48 -11.04 10.17 -0.48
CA PRO A 48 -12.18 9.72 -1.30
C PRO A 48 -11.90 9.80 -2.80
N ASN A 49 -10.85 10.52 -3.16
CA ASN A 49 -10.49 10.68 -4.57
C ASN A 49 -9.59 9.55 -5.05
N LYS A 50 -9.21 8.66 -4.13
CA LYS A 50 -8.34 7.54 -4.49
C LYS A 50 -9.16 6.29 -4.79
N ASN A 51 -10.47 6.41 -4.64
CA ASN A 51 -11.39 5.31 -4.91
C ASN A 51 -11.10 4.08 -4.05
N LEU A 52 -11.02 4.28 -2.75
CA LEU A 52 -10.77 3.17 -1.83
C LEU A 52 -12.07 2.42 -1.57
N LYS A 53 -12.39 1.49 -2.45
CA LYS A 53 -13.62 0.73 -2.35
C LYS A 53 -13.36 -0.70 -1.88
N LYS A 54 -14.01 -1.08 -0.79
CA LYS A 54 -13.89 -2.41 -0.22
C LYS A 54 -12.44 -2.77 0.09
N ASN A 55 -11.98 -3.90 -0.44
CA ASN A 55 -10.62 -4.36 -0.24
C ASN A 55 -9.91 -4.56 -1.57
N TYR A 56 -10.37 -3.84 -2.58
CA TYR A 56 -9.78 -3.94 -3.91
C TYR A 56 -8.40 -3.31 -3.95
N CYS A 57 -7.49 -3.91 -4.70
CA CYS A 57 -6.13 -3.40 -4.84
C CYS A 57 -6.17 -2.03 -5.52
N ARG A 58 -5.60 -1.04 -4.86
CA ARG A 58 -5.57 0.31 -5.38
C ARG A 58 -4.19 0.90 -5.28
N ASN A 59 -4.01 2.08 -5.84
CA ASN A 59 -2.75 2.79 -5.80
C ASN A 59 -2.98 4.20 -5.31
N PRO A 60 -2.99 4.40 -3.98
CA PRO A 60 -3.25 5.70 -3.37
C PRO A 60 -2.00 6.55 -3.15
N ASP A 61 -0.82 5.94 -3.19
CA ASP A 61 0.41 6.68 -2.97
C ASP A 61 1.15 6.92 -4.27
N ARG A 62 0.54 6.50 -5.38
CA ARG A 62 1.12 6.64 -6.70
C ARG A 62 2.41 5.85 -6.82
N ASP A 63 2.35 4.61 -6.35
CA ASP A 63 3.49 3.70 -6.37
C ASP A 63 3.63 3.08 -7.76
N LEU A 64 4.67 2.28 -7.95
CA LEU A 64 4.94 1.63 -9.22
C LEU A 64 3.81 0.66 -9.56
N ARG A 65 3.42 -0.14 -8.59
CA ARG A 65 2.34 -1.11 -8.76
C ARG A 65 1.34 -0.99 -7.62
N PRO A 66 0.05 -1.27 -7.90
CA PRO A 66 -0.99 -1.21 -6.87
C PRO A 66 -0.71 -2.20 -5.75
N TRP A 67 -1.17 -1.90 -4.56
CA TRP A 67 -0.92 -2.76 -3.42
C TRP A 67 -2.11 -2.79 -2.49
N CYS A 68 -1.99 -3.57 -1.42
CA CYS A 68 -3.05 -3.70 -0.43
C CYS A 68 -2.51 -4.34 0.84
N PHE A 69 -3.28 -4.26 1.90
CA PHE A 69 -2.91 -4.88 3.16
C PHE A 69 -3.35 -6.33 3.11
N THR A 70 -2.60 -7.22 3.72
CA THR A 70 -2.94 -8.63 3.68
C THR A 70 -3.71 -9.06 4.94
N THR A 71 -4.24 -10.26 4.91
CA THR A 71 -5.01 -10.80 6.03
C THR A 71 -4.10 -11.62 6.95
N ASP A 72 -2.80 -11.54 6.73
CA ASP A 72 -1.84 -12.28 7.53
C ASP A 72 -1.17 -11.35 8.54
N PRO A 73 -1.20 -11.70 9.83
CA PRO A 73 -0.58 -10.87 10.89
C PRO A 73 0.94 -10.72 10.73
N ASN A 74 1.54 -11.52 9.87
CA ASN A 74 2.98 -11.45 9.64
C ASN A 74 3.30 -10.69 8.36
N LYS A 75 2.26 -10.20 7.70
CA LYS A 75 2.43 -9.45 6.46
C LYS A 75 1.50 -8.24 6.45
N ARG A 76 2.07 -7.06 6.59
CA ARG A 76 1.28 -5.83 6.62
C ARG A 76 0.71 -5.51 5.25
N TRP A 77 1.58 -5.25 4.29
CA TRP A 77 1.14 -4.91 2.95
C TRP A 77 1.98 -5.61 1.91
N GLU A 78 1.42 -5.74 0.72
CA GLU A 78 2.11 -6.37 -0.40
C GLU A 78 1.52 -5.85 -1.70
N TYR A 79 2.29 -5.97 -2.78
CA TYR A 79 1.85 -5.52 -4.09
C TYR A 79 0.97 -6.57 -4.74
N CYS A 80 -0.01 -6.12 -5.50
CA CYS A 80 -0.92 -7.03 -6.19
C CYS A 80 -0.44 -7.29 -7.61
N ASP A 81 -0.95 -8.35 -8.21
CA ASP A 81 -0.58 -8.70 -9.58
C ASP A 81 -1.69 -8.32 -10.55
N ILE A 82 -1.67 -7.08 -10.98
CA ILE A 82 -2.66 -6.58 -11.92
C ILE A 82 -2.13 -6.63 -13.34
N PRO A 83 -2.91 -7.19 -14.28
CA PRO A 83 -2.51 -7.30 -15.68
C PRO A 83 -2.43 -5.93 -16.36
N ARG A 84 -1.65 -5.86 -17.42
CA ARG A 84 -1.51 -4.63 -18.19
C ARG A 84 -2.41 -4.69 -19.40
N CYS A 85 -2.70 -3.53 -19.98
CA CYS A 85 -3.56 -3.47 -21.16
C CYS A 85 -2.72 -3.54 -22.43
N GLY B 1 -15.37 32.81 -6.37
CA GLY B 1 -16.57 33.21 -5.67
C GLY B 1 -17.79 33.16 -6.56
N SER B 2 -17.66 33.77 -7.73
CA SER B 2 -18.74 33.80 -8.71
C SER B 2 -18.17 33.71 -10.12
N ALA B 3 -17.08 32.98 -10.26
CA ALA B 3 -16.43 32.83 -11.54
C ALA B 3 -16.69 31.45 -12.11
N GLY B 4 -16.49 30.42 -11.30
CA GLY B 4 -16.70 29.07 -11.75
C GLY B 4 -15.46 28.51 -12.43
N LEU B 5 -14.32 29.08 -12.09
CA LEU B 5 -13.05 28.65 -12.66
C LEU B 5 -12.16 28.04 -11.60
N GLN B 6 -11.82 28.82 -10.58
CA GLN B 6 -10.97 28.34 -9.50
C GLN B 6 -11.78 27.43 -8.58
N GLU B 7 -13.06 27.75 -8.45
CA GLU B 7 -13.98 26.98 -7.62
C GLU B 7 -14.23 25.61 -8.24
N LYS B 8 -13.94 25.49 -9.53
CA LYS B 8 -14.11 24.25 -10.26
C LYS B 8 -13.03 23.25 -9.87
N GLU B 9 -11.87 23.76 -9.47
CA GLU B 9 -10.75 22.91 -9.09
C GLU B 9 -10.97 22.33 -7.70
N ARG B 10 -11.71 23.06 -6.86
CA ARG B 10 -12.02 22.65 -5.48
C ARG B 10 -10.75 22.50 -4.64
N GLU B 11 -9.68 23.13 -5.09
CA GLU B 11 -8.39 23.13 -4.39
C GLU B 11 -7.90 21.70 -4.09
N LEU B 12 -7.81 20.89 -5.13
CA LEU B 12 -7.34 19.51 -4.98
C LEU B 12 -5.82 19.48 -4.85
N GLU B 13 -5.19 20.61 -5.17
CA GLU B 13 -3.74 20.75 -5.10
C GLU B 13 -3.21 20.44 -3.70
N ASP B 14 -3.97 20.84 -2.68
CA ASP B 14 -3.58 20.60 -1.29
C ASP B 14 -3.51 19.12 -0.98
N LEU B 15 -4.44 18.36 -1.54
CA LEU B 15 -4.49 16.92 -1.32
C LEU B 15 -3.37 16.22 -2.08
N LYS B 16 -3.16 16.65 -3.32
CA LYS B 16 -2.12 16.08 -4.17
C LYS B 16 -0.73 16.33 -3.59
N ASP B 17 -0.58 17.49 -2.93
CA ASP B 17 0.69 17.86 -2.31
C ASP B 17 1.02 16.94 -1.15
N ALA B 18 -0.02 16.49 -0.44
CA ALA B 18 0.15 15.59 0.70
C ALA B 18 0.63 14.23 0.26
N GLU B 19 0.21 13.81 -0.94
CA GLU B 19 0.60 12.53 -1.50
C GLU B 19 2.13 12.45 -1.61
N LEU B 20 2.72 13.53 -2.09
CA LEU B 20 4.17 13.61 -2.26
C LEU B 20 4.85 13.97 -0.94
N LYS B 21 4.09 14.54 -0.02
CA LYS B 21 4.64 14.93 1.28
C LYS B 21 4.93 13.68 2.11
N ARG B 22 3.97 12.78 2.18
CA ARG B 22 4.15 11.54 2.94
C ARG B 22 5.21 10.68 2.26
N LEU B 23 4.98 10.38 0.98
CA LEU B 23 5.90 9.58 0.18
C LEU B 23 6.24 8.26 0.87
N ASN B 24 5.24 7.68 1.53
CA ASN B 24 5.39 6.40 2.24
C ASN B 24 6.43 6.48 3.35
N GLU B 25 6.45 7.59 4.08
CA GLU B 25 7.41 7.78 5.17
C GLU B 25 7.25 6.70 6.25
N GLU B 26 6.01 6.40 6.61
CA GLU B 26 5.75 5.40 7.63
C GLU B 26 5.76 4.01 7.01
N ARG B 27 5.01 3.86 5.92
CA ARG B 27 4.91 2.60 5.20
C ARG B 27 6.30 2.01 4.87
N HIS B 28 7.24 2.86 4.48
CA HIS B 28 8.59 2.41 4.13
C HIS B 28 9.31 1.84 5.33
N ASP B 29 9.25 2.54 6.46
CA ASP B 29 9.92 2.11 7.68
C ASP B 29 9.30 0.81 8.21
N HIS B 30 8.00 0.69 8.08
CA HIS B 30 7.29 -0.50 8.55
C HIS B 30 7.70 -1.73 7.74
N ASP B 31 8.01 -1.52 6.46
CA ASP B 31 8.44 -2.59 5.58
C ASP B 31 9.81 -3.09 6.02
N LYS B 32 10.66 -2.15 6.41
CA LYS B 32 12.01 -2.45 6.86
C LYS B 32 11.97 -3.32 8.11
N ARG B 33 11.03 -3.03 9.00
CA ARG B 33 10.87 -3.77 10.23
C ARG B 33 10.38 -5.19 9.94
N GLU B 34 9.56 -5.32 8.90
CA GLU B 34 9.01 -6.60 8.49
C GLU B 34 10.11 -7.55 8.00
N ALA B 35 11.01 -7.01 7.18
CA ALA B 35 12.11 -7.80 6.63
C ALA B 35 13.01 -8.31 7.75
N GLU B 36 13.27 -7.47 8.74
CA GLU B 36 14.10 -7.85 9.87
C GLU B 36 13.46 -8.99 10.65
N ARG B 37 12.14 -8.93 10.78
CA ARG B 37 11.39 -9.97 11.49
C ARG B 37 11.51 -11.31 10.78
N LYS B 38 11.33 -11.30 9.47
CA LYS B 38 11.42 -12.52 8.67
C LYS B 38 12.80 -13.13 8.79
N ALA B 39 13.83 -12.30 8.67
CA ALA B 39 15.21 -12.77 8.77
C ALA B 39 15.49 -13.36 10.15
N LEU B 40 14.97 -12.71 11.18
CA LEU B 40 15.14 -13.16 12.56
C LEU B 40 14.50 -14.53 12.76
N GLU B 41 13.33 -14.71 12.17
CA GLU B 41 12.60 -15.97 12.28
C GLU B 41 13.32 -17.09 11.53
N ASP B 42 13.98 -16.75 10.43
CA ASP B 42 14.70 -17.73 9.62
C ASP B 42 15.94 -18.23 10.34
N LYS B 43 16.52 -17.36 11.15
CA LYS B 43 17.73 -17.69 11.91
C LYS B 43 17.42 -18.69 13.02
N LEU B 44 16.14 -18.89 13.31
CA LEU B 44 15.73 -19.81 14.37
C LEU B 44 15.83 -21.25 13.89
N ALA B 45 16.05 -21.42 12.60
CA ALA B 45 16.17 -22.76 12.02
C ALA B 45 17.56 -23.34 12.24
N ASP B 46 18.56 -22.45 12.26
CA ASP B 46 19.95 -22.84 12.46
C ASP B 46 20.34 -23.95 11.47
N LYS B 47 20.36 -23.61 10.19
CA LYS B 47 20.68 -24.56 9.15
C LYS B 47 22.18 -24.58 8.85
N GLN B 48 22.77 -23.39 8.70
CA GLN B 48 24.19 -23.29 8.42
C GLN B 48 24.90 -22.48 9.50
N GLU B 49 24.19 -21.49 10.05
CA GLU B 49 24.73 -20.62 11.10
C GLU B 49 26.00 -19.92 10.60
N HIS B 50 25.90 -19.32 9.41
CA HIS B 50 27.02 -18.63 8.79
C HIS B 50 27.17 -17.20 9.31
N LEU B 51 26.25 -16.77 10.17
CA LEU B 51 26.30 -15.43 10.72
C LEU B 51 26.29 -15.48 12.24
N ASP B 52 27.37 -14.98 12.83
CA ASP B 52 27.50 -14.96 14.28
C ASP B 52 26.65 -13.85 14.88
N GLY B 53 26.67 -12.69 14.21
CA GLY B 53 25.92 -11.56 14.69
C GLY B 53 26.61 -10.91 15.87
N ALA B 54 27.85 -10.49 15.65
CA ALA B 54 28.63 -9.85 16.70
C ALA B 54 28.12 -8.44 16.97
N LEU B 55 27.83 -7.72 15.90
CA LEU B 55 27.31 -6.36 16.01
C LEU B 55 25.84 -6.39 16.40
N ARG B 56 25.16 -7.45 15.97
CA ARG B 56 23.74 -7.66 16.25
C ARG B 56 22.89 -6.61 15.55
N TYR B 57 23.37 -6.14 14.40
CA TYR B 57 22.68 -5.13 13.60
C TYR B 57 22.39 -3.87 14.41
N GLU A 6 -11.60 -0.07 -15.57
CA GLU A 6 -10.50 -0.79 -16.18
C GLU A 6 -9.98 -1.87 -15.23
N GLU A 7 -9.95 -3.10 -15.72
CA GLU A 7 -9.48 -4.23 -14.92
C GLU A 7 -8.02 -4.53 -15.25
N CYS A 8 -7.37 -3.58 -15.90
CA CYS A 8 -5.98 -3.71 -16.27
C CYS A 8 -5.25 -2.39 -15.99
N MET A 9 -3.92 -2.43 -15.96
CA MET A 9 -3.14 -1.23 -15.70
C MET A 9 -2.48 -0.70 -16.96
N HIS A 10 -2.48 0.62 -17.10
CA HIS A 10 -1.88 1.28 -18.25
C HIS A 10 -0.52 1.83 -17.87
N GLY A 11 -0.36 2.17 -16.60
CA GLY A 11 0.90 2.70 -16.13
C GLY A 11 1.31 2.12 -14.80
N SER A 12 1.09 2.87 -13.73
CA SER A 12 1.44 2.41 -12.39
C SER A 12 0.21 1.88 -11.66
N GLY A 13 -0.97 2.09 -12.24
CA GLY A 13 -2.19 1.61 -11.62
C GLY A 13 -2.87 2.67 -10.78
N GLU A 14 -2.55 3.94 -11.03
CA GLU A 14 -3.14 5.04 -10.31
C GLU A 14 -4.63 5.16 -10.64
N ASN A 15 -4.94 5.04 -11.91
CA ASN A 15 -6.32 5.14 -12.38
C ASN A 15 -6.97 3.77 -12.49
N TYR A 16 -6.50 2.83 -11.68
CA TYR A 16 -7.05 1.49 -11.69
C TYR A 16 -8.23 1.40 -10.72
N ASP A 17 -9.37 0.96 -11.22
CA ASP A 17 -10.58 0.84 -10.40
C ASP A 17 -11.20 -0.55 -10.60
N GLY A 18 -10.36 -1.56 -10.64
CA GLY A 18 -10.81 -2.93 -10.82
C GLY A 18 -11.25 -3.56 -9.53
N LYS A 19 -11.61 -4.85 -9.58
CA LYS A 19 -12.08 -5.54 -8.39
C LYS A 19 -11.09 -6.60 -7.88
N ILE A 20 -9.82 -6.46 -8.22
CA ILE A 20 -8.80 -7.39 -7.75
C ILE A 20 -8.60 -7.19 -6.25
N SER A 21 -8.86 -8.22 -5.47
CA SER A 21 -8.72 -8.13 -4.02
C SER A 21 -7.70 -9.13 -3.48
N LYS A 22 -6.67 -9.41 -4.26
CA LYS A 22 -5.63 -10.35 -3.85
C LYS A 22 -4.25 -9.84 -4.24
N THR A 23 -3.28 -10.09 -3.39
CA THR A 23 -1.91 -9.67 -3.63
C THR A 23 -1.22 -10.62 -4.63
N MET A 24 0.03 -10.31 -4.95
CA MET A 24 0.80 -11.13 -5.88
C MET A 24 1.07 -12.51 -5.27
N SER A 25 0.98 -12.60 -3.94
CA SER A 25 1.20 -13.86 -3.24
C SER A 25 -0.09 -14.68 -3.17
N GLY A 26 -1.21 -14.02 -3.41
CA GLY A 26 -2.49 -14.70 -3.37
C GLY A 26 -3.25 -14.45 -2.08
N LEU A 27 -2.68 -13.62 -1.22
CA LEU A 27 -3.33 -13.29 0.06
C LEU A 27 -4.47 -12.31 -0.16
N GLU A 28 -5.59 -12.56 0.48
CA GLU A 28 -6.76 -11.70 0.36
C GLU A 28 -6.50 -10.33 0.98
N CYS A 29 -6.79 -9.30 0.23
CA CYS A 29 -6.60 -7.93 0.69
C CYS A 29 -7.60 -7.54 1.76
N GLN A 30 -7.13 -6.74 2.72
CA GLN A 30 -7.98 -6.25 3.80
C GLN A 30 -8.73 -5.02 3.31
N ALA A 31 -9.96 -4.86 3.77
CA ALA A 31 -10.79 -3.72 3.36
C ALA A 31 -10.18 -2.40 3.82
N TRP A 32 -10.24 -1.40 2.95
CA TRP A 32 -9.68 -0.09 3.24
C TRP A 32 -10.42 0.58 4.40
N ASP A 33 -11.68 0.22 4.57
CA ASP A 33 -12.49 0.78 5.66
C ASP A 33 -12.32 -0.05 6.92
N SER A 34 -11.55 -1.12 6.83
CA SER A 34 -11.31 -2.00 7.96
C SER A 34 -9.96 -1.69 8.58
N GLN A 35 -9.90 -1.72 9.91
CA GLN A 35 -8.66 -1.45 10.62
C GLN A 35 -8.15 -2.73 11.29
N SER A 36 -8.69 -3.84 10.84
CA SER A 36 -8.30 -5.14 11.37
C SER A 36 -8.01 -6.10 10.22
N PRO A 37 -6.94 -6.92 10.34
CA PRO A 37 -6.06 -6.93 11.51
C PRO A 37 -4.97 -5.87 11.47
N HIS A 38 -4.74 -5.29 10.30
CA HIS A 38 -3.70 -4.28 10.15
C HIS A 38 -4.28 -2.87 10.25
N ALA A 39 -3.73 -2.07 11.16
CA ALA A 39 -4.17 -0.69 11.33
C ALA A 39 -3.41 0.21 10.37
N HIS A 40 -4.10 1.17 9.78
CA HIS A 40 -3.47 2.06 8.82
C HIS A 40 -4.09 3.45 8.84
N GLY A 41 -3.50 4.36 8.08
CA GLY A 41 -4.00 5.72 8.01
C GLY A 41 -4.58 6.05 6.64
N TYR A 42 -4.86 5.01 5.87
CA TYR A 42 -5.43 5.17 4.54
C TYR A 42 -6.95 5.02 4.61
N ILE A 43 -7.58 5.98 5.27
CA ILE A 43 -9.02 5.99 5.45
C ILE A 43 -9.73 6.40 4.17
N PRO A 44 -10.73 5.61 3.73
CA PRO A 44 -11.50 5.90 2.51
C PRO A 44 -12.11 7.30 2.48
N SER A 45 -12.57 7.77 3.64
CA SER A 45 -13.18 9.10 3.74
C SER A 45 -12.09 10.18 3.71
N LYS A 46 -10.87 9.76 4.02
CA LYS A 46 -9.72 10.67 4.04
C LYS A 46 -9.20 10.85 2.63
N PHE A 47 -9.39 9.82 1.81
CA PHE A 47 -8.97 9.83 0.41
C PHE A 47 -10.15 9.42 -0.48
N PRO A 48 -11.19 10.28 -0.56
CA PRO A 48 -12.39 9.98 -1.36
C PRO A 48 -12.13 10.10 -2.86
N ASN A 49 -10.97 10.62 -3.22
CA ASN A 49 -10.62 10.79 -4.62
C ASN A 49 -9.56 9.77 -5.03
N LYS A 50 -9.50 8.66 -4.30
CA LYS A 50 -8.51 7.62 -4.61
C LYS A 50 -9.19 6.27 -4.89
N ASN A 51 -10.51 6.30 -5.01
CA ASN A 51 -11.30 5.10 -5.31
C ASN A 51 -11.03 3.96 -4.33
N LEU A 52 -10.93 4.27 -3.04
CA LEU A 52 -10.68 3.24 -2.03
C LEU A 52 -11.98 2.49 -1.74
N LYS A 53 -12.31 1.55 -2.61
CA LYS A 53 -13.52 0.77 -2.49
C LYS A 53 -13.25 -0.64 -1.99
N LYS A 54 -14.06 -1.07 -1.02
CA LYS A 54 -13.96 -2.41 -0.44
C LYS A 54 -12.52 -2.76 -0.05
N ASN A 55 -12.02 -3.83 -0.63
CA ASN A 55 -10.67 -4.30 -0.38
C ASN A 55 -9.93 -4.47 -1.70
N TYR A 56 -10.30 -3.67 -2.67
CA TYR A 56 -9.69 -3.74 -3.99
C TYR A 56 -8.34 -3.05 -3.99
N CYS A 57 -7.37 -3.67 -4.65
CA CYS A 57 -6.02 -3.14 -4.76
C CYS A 57 -6.01 -1.78 -5.45
N ARG A 58 -5.37 -0.81 -4.83
CA ARG A 58 -5.30 0.53 -5.39
C ARG A 58 -3.90 1.10 -5.22
N ASN A 59 -3.63 2.19 -5.91
CA ASN A 59 -2.35 2.88 -5.84
C ASN A 59 -2.63 4.35 -5.52
N PRO A 60 -2.84 4.67 -4.23
CA PRO A 60 -3.17 6.03 -3.80
C PRO A 60 -1.96 6.88 -3.43
N ASP A 61 -0.82 6.26 -3.13
CA ASP A 61 0.37 7.00 -2.75
C ASP A 61 1.38 7.07 -3.89
N ARG A 62 0.91 6.78 -5.10
CA ARG A 62 1.73 6.81 -6.30
C ARG A 62 2.99 5.97 -6.15
N ASP A 63 2.81 4.70 -5.78
CA ASP A 63 3.93 3.80 -5.62
C ASP A 63 4.19 3.09 -6.95
N LEU A 64 4.95 2.00 -6.92
CA LEU A 64 5.28 1.26 -8.13
C LEU A 64 4.02 0.65 -8.75
N ARG A 65 3.40 -0.27 -8.04
CA ARG A 65 2.19 -0.93 -8.51
C ARG A 65 1.15 -0.93 -7.41
N PRO A 66 -0.15 -1.14 -7.76
CA PRO A 66 -1.23 -1.17 -6.77
C PRO A 66 -0.92 -2.17 -5.66
N TRP A 67 -1.30 -1.83 -4.45
CA TRP A 67 -1.01 -2.66 -3.30
C TRP A 67 -2.21 -2.73 -2.37
N CYS A 68 -2.08 -3.54 -1.32
CA CYS A 68 -3.13 -3.70 -0.33
C CYS A 68 -2.56 -4.36 0.91
N PHE A 69 -3.28 -4.27 2.01
CA PHE A 69 -2.87 -4.90 3.25
C PHE A 69 -3.28 -6.37 3.20
N THR A 70 -2.38 -7.25 3.59
CA THR A 70 -2.66 -8.68 3.55
C THR A 70 -3.40 -9.13 4.79
N THR A 71 -3.95 -10.34 4.73
CA THR A 71 -4.66 -10.91 5.85
C THR A 71 -3.72 -11.72 6.73
N ASP A 72 -2.43 -11.62 6.42
CA ASP A 72 -1.41 -12.34 7.16
C ASP A 72 -0.72 -11.39 8.14
N PRO A 73 -0.78 -11.69 9.45
CA PRO A 73 -0.15 -10.86 10.48
C PRO A 73 1.37 -10.75 10.33
N ASN A 74 1.96 -11.62 9.52
CA ASN A 74 3.40 -11.62 9.30
C ASN A 74 3.78 -10.74 8.11
N LYS A 75 2.79 -10.16 7.45
CA LYS A 75 3.02 -9.31 6.30
C LYS A 75 2.06 -8.12 6.32
N ARG A 76 2.60 -6.94 6.56
CA ARG A 76 1.80 -5.71 6.63
C ARG A 76 1.12 -5.42 5.29
N TRP A 77 1.91 -5.13 4.27
CA TRP A 77 1.36 -4.83 2.96
C TRP A 77 2.16 -5.52 1.86
N GLU A 78 1.55 -5.65 0.70
CA GLU A 78 2.18 -6.28 -0.44
C GLU A 78 1.56 -5.76 -1.73
N TYR A 79 2.30 -5.90 -2.83
CA TYR A 79 1.83 -5.46 -4.13
C TYR A 79 0.88 -6.50 -4.72
N CYS A 80 -0.08 -6.04 -5.49
CA CYS A 80 -1.03 -6.94 -6.13
C CYS A 80 -0.61 -7.22 -7.56
N ASP A 81 -1.10 -8.31 -8.13
CA ASP A 81 -0.75 -8.65 -9.50
C ASP A 81 -1.93 -8.38 -10.43
N ILE A 82 -1.79 -7.33 -11.22
CA ILE A 82 -2.84 -6.93 -12.16
C ILE A 82 -2.29 -6.90 -13.58
N PRO A 83 -3.00 -7.52 -14.53
CA PRO A 83 -2.58 -7.54 -15.93
C PRO A 83 -2.48 -6.13 -16.54
N ARG A 84 -1.66 -6.00 -17.58
CA ARG A 84 -1.48 -4.72 -18.23
C ARG A 84 -2.27 -4.67 -19.52
N CYS A 85 -2.69 -3.48 -19.92
CA CYS A 85 -3.47 -3.32 -21.16
C CYS A 85 -2.54 -3.14 -22.35
N GLY B 1 -20.41 24.64 -3.09
CA GLY B 1 -20.87 25.72 -2.25
C GLY B 1 -22.02 26.49 -2.87
N SER B 2 -21.82 27.78 -3.10
CA SER B 2 -22.84 28.62 -3.70
C SER B 2 -23.17 28.16 -5.11
N ALA B 3 -22.13 27.96 -5.92
CA ALA B 3 -22.30 27.49 -7.29
C ALA B 3 -22.25 25.97 -7.34
N GLY B 4 -21.57 25.39 -6.36
CA GLY B 4 -21.44 23.94 -6.28
C GLY B 4 -20.31 23.46 -7.17
N LEU B 5 -19.52 24.40 -7.67
CA LEU B 5 -18.39 24.08 -8.54
C LEU B 5 -17.25 23.45 -7.74
N GLN B 6 -17.07 23.93 -6.53
CA GLN B 6 -16.01 23.42 -5.65
C GLN B 6 -16.26 21.95 -5.32
N GLU B 7 -17.53 21.57 -5.29
CA GLU B 7 -17.92 20.20 -4.99
C GLU B 7 -17.82 19.32 -6.23
N LYS B 8 -17.66 19.97 -7.38
CA LYS B 8 -17.54 19.24 -8.64
C LYS B 8 -16.10 18.83 -8.89
N GLU B 9 -15.18 19.78 -8.71
CA GLU B 9 -13.77 19.52 -8.92
C GLU B 9 -13.18 18.77 -7.72
N ARG B 10 -13.67 19.11 -6.53
CA ARG B 10 -13.23 18.48 -5.27
C ARG B 10 -11.76 18.80 -4.96
N GLU B 11 -11.18 19.73 -5.73
CA GLU B 11 -9.78 20.13 -5.57
C GLU B 11 -8.84 18.93 -5.58
N LEU B 12 -8.88 18.18 -6.67
CA LEU B 12 -8.02 17.00 -6.82
C LEU B 12 -6.55 17.40 -6.74
N GLU B 13 -6.27 18.60 -7.21
CA GLU B 13 -4.92 19.16 -7.21
C GLU B 13 -4.38 19.32 -5.79
N ASP B 14 -5.28 19.53 -4.83
CA ASP B 14 -4.87 19.70 -3.44
C ASP B 14 -4.34 18.39 -2.88
N LEU B 15 -5.08 17.33 -3.11
CA LEU B 15 -4.69 16.00 -2.63
C LEU B 15 -3.41 15.55 -3.33
N LYS B 16 -3.26 15.95 -4.58
CA LYS B 16 -2.07 15.61 -5.36
C LYS B 16 -0.84 16.29 -4.80
N ASP B 17 -1.04 17.44 -4.16
CA ASP B 17 0.06 18.18 -3.54
C ASP B 17 0.54 17.43 -2.31
N ALA B 18 -0.41 16.83 -1.60
CA ALA B 18 -0.11 16.06 -0.40
C ALA B 18 0.67 14.81 -0.77
N GLU B 19 0.40 14.29 -1.97
CA GLU B 19 1.08 13.11 -2.47
C GLU B 19 2.57 13.39 -2.60
N LEU B 20 2.89 14.58 -3.12
CA LEU B 20 4.28 15.00 -3.30
C LEU B 20 4.92 15.33 -1.96
N LYS B 21 4.10 15.80 -1.02
CA LYS B 21 4.57 16.16 0.30
C LYS B 21 5.08 14.94 1.06
N ARG B 22 4.31 13.86 1.01
CA ARG B 22 4.67 12.63 1.69
C ARG B 22 5.75 11.87 0.92
N LEU B 23 5.47 11.55 -0.34
CA LEU B 23 6.41 10.82 -1.20
C LEU B 23 6.80 9.48 -0.59
N ASN B 24 5.96 8.97 0.32
CA ASN B 24 6.19 7.70 1.00
C ASN B 24 7.49 7.74 1.79
N GLU B 25 7.84 8.92 2.30
CA GLU B 25 9.05 9.12 3.08
C GLU B 25 9.04 8.27 4.34
N GLU B 26 7.86 8.07 4.91
CA GLU B 26 7.71 7.29 6.12
C GLU B 26 7.62 5.80 5.77
N ARG B 27 6.77 5.49 4.80
CA ARG B 27 6.58 4.13 4.32
C ARG B 27 7.92 3.44 4.03
N HIS B 28 8.85 4.15 3.40
CA HIS B 28 10.17 3.60 3.08
C HIS B 28 10.90 3.18 4.35
N ASP B 29 10.85 4.03 5.36
CA ASP B 29 11.51 3.75 6.63
C ASP B 29 10.84 2.58 7.34
N HIS B 30 9.53 2.45 7.16
CA HIS B 30 8.77 1.37 7.77
C HIS B 30 9.19 0.03 7.18
N ASP B 31 9.39 0.01 5.86
CA ASP B 31 9.82 -1.20 5.16
C ASP B 31 11.23 -1.60 5.62
N LYS B 32 12.03 -0.60 5.91
CA LYS B 32 13.40 -0.81 6.39
C LYS B 32 13.39 -1.63 7.68
N ARG B 33 12.46 -1.32 8.58
CA ARG B 33 12.33 -2.03 9.84
C ARG B 33 11.80 -3.43 9.61
N GLU B 34 10.91 -3.57 8.61
CA GLU B 34 10.33 -4.87 8.28
C GLU B 34 11.42 -5.81 7.77
N ALA B 35 12.46 -5.23 7.17
CA ALA B 35 13.57 -6.00 6.65
C ALA B 35 14.30 -6.73 7.77
N GLU B 36 14.49 -6.05 8.90
CA GLU B 36 15.17 -6.63 10.05
C GLU B 36 14.29 -7.70 10.69
N ARG B 37 12.98 -7.51 10.59
CA ARG B 37 12.02 -8.47 11.12
C ARG B 37 12.07 -9.75 10.29
N LYS B 38 12.23 -9.58 8.99
CA LYS B 38 12.31 -10.70 8.07
C LYS B 38 13.65 -11.41 8.22
N ALA B 39 14.71 -10.62 8.39
CA ALA B 39 16.05 -11.15 8.57
C ALA B 39 16.15 -11.99 9.84
N LEU B 40 15.34 -11.64 10.84
CA LEU B 40 15.33 -12.36 12.09
C LEU B 40 14.99 -13.83 11.87
N GLU B 41 14.12 -14.08 10.90
CA GLU B 41 13.70 -15.45 10.57
C GLU B 41 14.86 -16.22 9.97
N ASP B 42 15.72 -15.54 9.23
CA ASP B 42 16.88 -16.17 8.62
C ASP B 42 17.91 -16.49 9.69
N LYS B 43 18.09 -15.56 10.61
CA LYS B 43 19.03 -15.71 11.72
C LYS B 43 18.65 -16.90 12.58
N LEU B 44 17.35 -17.05 12.85
CA LEU B 44 16.85 -18.14 13.66
C LEU B 44 16.93 -19.48 12.94
N ALA B 45 16.90 -19.44 11.61
CA ALA B 45 16.96 -20.65 10.81
C ALA B 45 18.38 -21.20 10.72
N ASP B 46 19.36 -20.30 10.83
CA ASP B 46 20.78 -20.68 10.76
C ASP B 46 21.07 -21.47 9.48
N LYS B 47 20.72 -20.87 8.34
CA LYS B 47 20.92 -21.51 7.04
C LYS B 47 22.38 -21.91 6.82
N GLN B 48 23.23 -20.92 6.56
CA GLN B 48 24.65 -21.17 6.34
C GLN B 48 25.47 -20.46 7.41
N GLU B 49 24.81 -19.57 8.14
CA GLU B 49 25.44 -18.78 9.20
C GLU B 49 26.60 -17.97 8.63
N HIS B 50 26.46 -17.51 7.39
CA HIS B 50 27.50 -16.72 6.74
C HIS B 50 27.37 -15.25 7.14
N LEU B 51 26.46 -14.99 8.05
CA LEU B 51 26.23 -13.64 8.54
C LEU B 51 26.92 -13.46 9.87
N ASP B 52 27.79 -12.46 9.95
CA ASP B 52 28.52 -12.18 11.19
C ASP B 52 27.65 -11.39 12.13
N GLY B 53 26.99 -10.37 11.60
CA GLY B 53 26.11 -9.54 12.40
C GLY B 53 26.85 -8.56 13.28
N ALA B 54 28.15 -8.41 13.05
CA ALA B 54 28.95 -7.50 13.84
C ALA B 54 28.72 -6.07 13.41
N LEU B 55 28.42 -5.89 12.13
CA LEU B 55 28.17 -4.56 11.58
C LEU B 55 26.72 -4.15 11.82
N ARG B 56 25.83 -5.14 11.83
CA ARG B 56 24.39 -4.92 12.04
C ARG B 56 23.81 -4.06 10.92
N TYR B 57 24.37 -4.22 9.72
CA TYR B 57 23.92 -3.47 8.54
C TYR B 57 24.04 -1.96 8.76
N GLU A 6 -11.09 0.12 -15.40
CA GLU A 6 -10.66 -1.01 -16.21
C GLU A 6 -10.08 -2.10 -15.31
N GLU A 7 -9.98 -3.31 -15.85
CA GLU A 7 -9.43 -4.45 -15.11
C GLU A 7 -7.96 -4.64 -15.45
N CYS A 8 -7.37 -3.61 -16.03
CA CYS A 8 -5.96 -3.66 -16.41
C CYS A 8 -5.34 -2.27 -16.24
N MET A 9 -4.02 -2.21 -16.23
CA MET A 9 -3.31 -0.94 -16.07
C MET A 9 -2.52 -0.58 -17.33
N HIS A 10 -2.41 0.71 -17.60
CA HIS A 10 -1.66 1.18 -18.75
C HIS A 10 -0.28 1.65 -18.30
N GLY A 11 -0.24 2.24 -17.10
CA GLY A 11 1.01 2.72 -16.55
C GLY A 11 1.36 2.04 -15.24
N SER A 12 1.20 2.79 -14.14
CA SER A 12 1.50 2.26 -12.82
C SER A 12 0.25 1.65 -12.16
N GLY A 13 -0.92 2.13 -12.58
CA GLY A 13 -2.16 1.61 -12.02
C GLY A 13 -2.79 2.53 -11.00
N GLU A 14 -2.51 3.82 -11.10
CA GLU A 14 -3.06 4.80 -10.19
C GLU A 14 -4.53 5.07 -10.51
N ASN A 15 -4.89 4.82 -11.76
CA ASN A 15 -6.26 5.03 -12.22
C ASN A 15 -6.97 3.69 -12.39
N TYR A 16 -6.36 2.64 -11.87
CA TYR A 16 -6.93 1.31 -11.96
C TYR A 16 -8.09 1.15 -10.97
N ASP A 17 -9.28 0.93 -11.50
CA ASP A 17 -10.45 0.75 -10.65
C ASP A 17 -11.13 -0.58 -10.98
N GLY A 18 -10.38 -1.66 -10.77
CA GLY A 18 -10.89 -2.99 -11.03
C GLY A 18 -11.35 -3.68 -9.76
N LYS A 19 -11.73 -4.94 -9.88
CA LYS A 19 -12.22 -5.69 -8.73
C LYS A 19 -11.17 -6.65 -8.16
N ILE A 20 -9.93 -6.53 -8.59
CA ILE A 20 -8.86 -7.39 -8.09
C ILE A 20 -8.55 -7.03 -6.64
N SER A 21 -8.70 -7.99 -5.75
CA SER A 21 -8.44 -7.78 -4.33
C SER A 21 -7.54 -8.88 -3.77
N LYS A 22 -6.44 -9.15 -4.47
CA LYS A 22 -5.52 -10.19 -4.05
C LYS A 22 -4.07 -9.78 -4.32
N THR A 23 -3.19 -10.05 -3.37
CA THR A 23 -1.78 -9.72 -3.51
C THR A 23 -1.11 -10.64 -4.54
N MET A 24 0.16 -10.37 -4.83
CA MET A 24 0.90 -11.18 -5.79
C MET A 24 1.12 -12.59 -5.23
N SER A 25 1.10 -12.71 -3.90
CA SER A 25 1.28 -14.00 -3.25
C SER A 25 -0.04 -14.76 -3.17
N GLY A 26 -1.12 -14.07 -3.52
CA GLY A 26 -2.43 -14.69 -3.49
C GLY A 26 -3.10 -14.56 -2.14
N LEU A 27 -2.83 -13.45 -1.45
CA LEU A 27 -3.43 -13.22 -0.14
C LEU A 27 -4.61 -12.27 -0.27
N GLU A 28 -5.63 -12.48 0.55
CA GLU A 28 -6.82 -11.65 0.53
C GLU A 28 -6.53 -10.28 1.11
N CYS A 29 -6.75 -9.24 0.31
CA CYS A 29 -6.51 -7.87 0.74
C CYS A 29 -7.46 -7.46 1.87
N GLN A 30 -6.94 -6.69 2.81
CA GLN A 30 -7.73 -6.20 3.93
C GLN A 30 -8.59 -5.02 3.47
N ALA A 31 -9.80 -4.92 4.02
CA ALA A 31 -10.71 -3.84 3.67
C ALA A 31 -10.13 -2.49 4.09
N TRP A 32 -10.20 -1.51 3.19
CA TRP A 32 -9.69 -0.18 3.45
C TRP A 32 -10.50 0.52 4.53
N ASP A 33 -11.73 0.05 4.73
CA ASP A 33 -12.62 0.61 5.72
C ASP A 33 -12.47 -0.12 7.06
N SER A 34 -11.56 -1.08 7.10
CA SER A 34 -11.32 -1.86 8.30
C SER A 34 -9.89 -1.66 8.78
N GLN A 35 -9.69 -1.79 10.08
CA GLN A 35 -8.38 -1.63 10.69
C GLN A 35 -7.88 -2.95 11.24
N SER A 36 -8.46 -4.03 10.74
CA SER A 36 -8.09 -5.38 11.15
C SER A 36 -7.70 -6.19 9.92
N PRO A 37 -6.62 -6.97 10.00
CA PRO A 37 -5.79 -7.09 11.20
C PRO A 37 -4.68 -6.04 11.30
N HIS A 38 -4.58 -5.17 10.31
CA HIS A 38 -3.55 -4.14 10.31
C HIS A 38 -4.17 -2.75 10.41
N ALA A 39 -3.66 -1.96 11.35
CA ALA A 39 -4.15 -0.60 11.55
C ALA A 39 -3.36 0.36 10.68
N HIS A 40 -4.07 1.14 9.89
CA HIS A 40 -3.42 2.08 8.99
C HIS A 40 -4.09 3.45 9.05
N GLY A 41 -3.70 4.34 8.15
CA GLY A 41 -4.25 5.68 8.11
C GLY A 41 -4.82 6.02 6.74
N TYR A 42 -5.00 5.01 5.90
CA TYR A 42 -5.53 5.21 4.56
C TYR A 42 -7.06 5.14 4.62
N ILE A 43 -7.63 6.09 5.31
CA ILE A 43 -9.08 6.16 5.49
C ILE A 43 -9.76 6.58 4.19
N PRO A 44 -10.74 5.77 3.72
CA PRO A 44 -11.48 6.06 2.49
C PRO A 44 -12.15 7.44 2.53
N SER A 45 -12.55 7.87 3.72
CA SER A 45 -13.20 9.16 3.90
C SER A 45 -12.17 10.28 3.77
N LYS A 46 -10.91 9.98 4.06
CA LYS A 46 -9.84 10.95 3.97
C LYS A 46 -9.36 11.07 2.52
N PHE A 47 -9.43 9.97 1.80
CA PHE A 47 -9.03 9.93 0.40
C PHE A 47 -10.16 9.37 -0.46
N PRO A 48 -11.26 10.12 -0.61
CA PRO A 48 -12.42 9.67 -1.40
C PRO A 48 -12.19 9.81 -2.90
N ASN A 49 -11.06 10.37 -3.28
CA ASN A 49 -10.74 10.55 -4.68
C ASN A 49 -9.66 9.57 -5.13
N LYS A 50 -9.38 8.59 -4.28
CA LYS A 50 -8.37 7.58 -4.59
C LYS A 50 -9.02 6.25 -4.92
N ASN A 51 -10.35 6.24 -4.93
CA ASN A 51 -11.14 5.06 -5.25
C ASN A 51 -10.85 3.89 -4.29
N LEU A 52 -10.71 4.21 -3.01
CA LEU A 52 -10.45 3.19 -1.99
C LEU A 52 -11.77 2.50 -1.64
N LYS A 53 -12.14 1.51 -2.43
CA LYS A 53 -13.39 0.79 -2.22
C LYS A 53 -13.15 -0.64 -1.75
N LYS A 54 -13.94 -1.06 -0.77
CA LYS A 54 -13.86 -2.42 -0.21
C LYS A 54 -12.43 -2.79 0.17
N ASN A 55 -11.87 -3.75 -0.56
CA ASN A 55 -10.52 -4.22 -0.31
C ASN A 55 -9.79 -4.39 -1.64
N TYR A 56 -10.24 -3.67 -2.66
CA TYR A 56 -9.63 -3.77 -3.98
C TYR A 56 -8.24 -3.15 -3.99
N CYS A 57 -7.36 -3.72 -4.79
CA CYS A 57 -5.99 -3.23 -4.91
C CYS A 57 -5.97 -1.87 -5.61
N ARG A 58 -5.44 -0.87 -4.94
CA ARG A 58 -5.36 0.47 -5.48
C ARG A 58 -3.97 1.04 -5.25
N ASN A 59 -3.68 2.18 -5.88
CA ASN A 59 -2.40 2.86 -5.72
C ASN A 59 -2.64 4.22 -5.10
N PRO A 60 -2.60 4.30 -3.75
CA PRO A 60 -2.85 5.53 -3.00
C PRO A 60 -1.72 6.56 -3.06
N ASP A 61 -0.54 6.20 -2.53
CA ASP A 61 0.59 7.12 -2.46
C ASP A 61 1.43 7.17 -3.75
N ARG A 62 0.80 6.85 -4.87
CA ARG A 62 1.47 6.89 -6.17
C ARG A 62 2.75 6.05 -6.19
N ASP A 63 2.63 4.82 -5.74
CA ASP A 63 3.76 3.89 -5.70
C ASP A 63 3.96 3.28 -7.09
N LEU A 64 4.77 2.23 -7.18
CA LEU A 64 5.04 1.58 -8.46
C LEU A 64 3.79 0.91 -9.02
N ARG A 65 3.22 0.00 -8.25
CA ARG A 65 2.02 -0.71 -8.67
C ARG A 65 1.02 -0.77 -7.52
N PRO A 66 -0.28 -1.01 -7.82
CA PRO A 66 -1.31 -1.11 -6.78
C PRO A 66 -0.95 -2.13 -5.71
N TRP A 67 -1.29 -1.82 -4.46
CA TRP A 67 -0.97 -2.69 -3.35
C TRP A 67 -2.13 -2.72 -2.37
N CYS A 68 -2.01 -3.56 -1.35
CA CYS A 68 -3.04 -3.67 -0.34
C CYS A 68 -2.47 -4.34 0.91
N PHE A 69 -3.20 -4.21 2.02
CA PHE A 69 -2.80 -4.85 3.26
C PHE A 69 -3.25 -6.29 3.20
N THR A 70 -2.49 -7.20 3.78
CA THR A 70 -2.87 -8.60 3.71
C THR A 70 -3.62 -9.04 4.97
N THR A 71 -4.23 -10.20 4.90
CA THR A 71 -4.97 -10.74 6.03
C THR A 71 -4.05 -11.57 6.91
N ASP A 72 -2.74 -11.42 6.69
CA ASP A 72 -1.75 -12.15 7.45
C ASP A 72 -0.99 -11.20 8.37
N PRO A 73 -1.02 -11.44 9.70
CA PRO A 73 -0.35 -10.59 10.68
C PRO A 73 1.18 -10.57 10.53
N ASN A 74 1.72 -11.50 9.76
CA ASN A 74 3.17 -11.57 9.56
C ASN A 74 3.58 -10.82 8.29
N LYS A 75 2.60 -10.25 7.61
CA LYS A 75 2.85 -9.48 6.40
C LYS A 75 1.89 -8.31 6.35
N ARG A 76 2.37 -7.14 6.74
CA ARG A 76 1.54 -5.94 6.78
C ARG A 76 0.90 -5.62 5.42
N TRP A 77 1.72 -5.43 4.39
CA TRP A 77 1.19 -5.09 3.08
C TRP A 77 2.05 -5.69 1.97
N GLU A 78 1.46 -5.82 0.79
CA GLU A 78 2.16 -6.36 -0.37
C GLU A 78 1.53 -5.83 -1.66
N TYR A 79 2.26 -5.93 -2.76
CA TYR A 79 1.79 -5.46 -4.05
C TYR A 79 0.91 -6.52 -4.71
N CYS A 80 -0.05 -6.08 -5.51
CA CYS A 80 -0.95 -6.98 -6.20
C CYS A 80 -0.47 -7.20 -7.64
N ASP A 81 -1.00 -8.22 -8.30
CA ASP A 81 -0.62 -8.51 -9.67
C ASP A 81 -1.80 -8.26 -10.61
N ILE A 82 -1.84 -7.06 -11.17
CA ILE A 82 -2.90 -6.67 -12.09
C ILE A 82 -2.39 -6.69 -13.52
N PRO A 83 -3.11 -7.36 -14.43
CA PRO A 83 -2.73 -7.44 -15.85
C PRO A 83 -2.63 -6.07 -16.49
N ARG A 84 -1.78 -5.95 -17.51
CA ARG A 84 -1.60 -4.70 -18.21
C ARG A 84 -2.37 -4.72 -19.51
N CYS A 85 -2.81 -3.55 -19.96
CA CYS A 85 -3.57 -3.45 -21.20
C CYS A 85 -2.65 -3.43 -22.41
N GLY B 1 -14.76 29.82 -4.26
CA GLY B 1 -16.02 30.03 -3.57
C GLY B 1 -17.13 30.42 -4.51
N SER B 2 -16.80 31.22 -5.50
CA SER B 2 -17.78 31.68 -6.48
C SER B 2 -17.26 31.49 -7.91
N ALA B 3 -16.25 30.64 -8.06
CA ALA B 3 -15.67 30.39 -9.36
C ALA B 3 -16.07 29.02 -9.91
N GLY B 4 -15.86 27.99 -9.09
CA GLY B 4 -16.20 26.65 -9.52
C GLY B 4 -15.01 25.95 -10.16
N LEU B 5 -13.84 26.13 -9.57
CA LEU B 5 -12.61 25.52 -10.08
C LEU B 5 -11.83 24.87 -8.95
N GLN B 6 -11.42 25.68 -7.98
CA GLN B 6 -10.66 25.19 -6.82
C GLN B 6 -11.57 24.34 -5.95
N GLU B 7 -12.84 24.74 -5.95
CA GLU B 7 -13.88 24.04 -5.18
C GLU B 7 -14.08 22.63 -5.75
N LYS B 8 -13.68 22.46 -7.01
CA LYS B 8 -13.80 21.17 -7.67
C LYS B 8 -12.56 20.32 -7.39
N GLU B 9 -11.40 20.96 -7.33
CA GLU B 9 -10.14 20.27 -7.07
C GLU B 9 -10.09 19.75 -5.64
N ARG B 10 -10.68 20.52 -4.73
CA ARG B 10 -10.77 20.15 -3.31
C ARG B 10 -9.40 20.10 -2.63
N GLU B 11 -8.47 20.94 -3.10
CA GLU B 11 -7.12 21.03 -2.54
C GLU B 11 -6.39 19.68 -2.51
N LEU B 12 -6.37 18.99 -3.64
CA LEU B 12 -5.70 17.71 -3.73
C LEU B 12 -4.19 17.90 -3.87
N GLU B 13 -3.81 19.11 -4.24
CA GLU B 13 -2.40 19.45 -4.43
C GLU B 13 -1.60 19.30 -3.15
N ASP B 14 -2.18 19.77 -2.05
CA ASP B 14 -1.52 19.72 -0.75
C ASP B 14 -1.28 18.28 -0.31
N LEU B 15 -2.23 17.40 -0.61
CA LEU B 15 -2.13 15.99 -0.25
C LEU B 15 -0.99 15.34 -1.00
N LYS B 16 -0.81 15.74 -2.26
CA LYS B 16 0.25 15.20 -3.09
C LYS B 16 1.62 15.61 -2.56
N ASP B 17 1.67 16.80 -1.96
CA ASP B 17 2.92 17.31 -1.38
C ASP B 17 3.29 16.53 -0.13
N ALA B 18 2.27 16.17 0.65
CA ALA B 18 2.45 15.43 1.89
C ALA B 18 3.15 14.09 1.63
N GLU B 19 2.77 13.45 0.53
CA GLU B 19 3.37 12.17 0.13
C GLU B 19 4.88 12.29 0.02
N LEU B 20 5.33 13.37 -0.61
CA LEU B 20 6.75 13.62 -0.82
C LEU B 20 7.43 14.07 0.48
N LYS B 21 6.67 14.77 1.30
CA LYS B 21 7.19 15.28 2.57
C LYS B 21 7.45 14.12 3.55
N ARG B 22 6.46 13.25 3.69
CA ARG B 22 6.60 12.10 4.60
C ARG B 22 7.52 11.05 4.00
N LEU B 23 7.40 10.84 2.69
CA LEU B 23 8.23 9.87 1.96
C LEU B 23 8.03 8.45 2.49
N ASN B 24 6.92 8.21 3.19
CA ASN B 24 6.60 6.90 3.75
C ASN B 24 7.70 6.39 4.68
N GLU B 25 8.34 7.31 5.40
CA GLU B 25 9.42 6.96 6.31
C GLU B 25 8.96 5.94 7.35
N GLU B 26 7.73 6.13 7.86
CA GLU B 26 7.19 5.21 8.86
C GLU B 26 7.02 3.83 8.24
N ARG B 27 6.24 3.75 7.18
CA ARG B 27 6.01 2.51 6.44
C ARG B 27 7.33 1.81 6.10
N HIS B 28 8.31 2.60 5.68
CA HIS B 28 9.62 2.07 5.31
C HIS B 28 10.32 1.44 6.52
N ASP B 29 10.30 2.13 7.65
CA ASP B 29 10.95 1.62 8.86
C ASP B 29 10.23 0.38 9.39
N HIS B 30 8.90 0.43 9.41
CA HIS B 30 8.11 -0.68 9.91
C HIS B 30 8.33 -1.94 9.07
N ASP B 31 8.47 -1.74 7.76
CA ASP B 31 8.72 -2.85 6.84
C ASP B 31 10.07 -3.48 7.16
N LYS B 32 11.03 -2.62 7.49
CA LYS B 32 12.37 -3.05 7.83
C LYS B 32 12.37 -3.83 9.15
N ARG B 33 11.53 -3.41 10.09
CA ARG B 33 11.44 -4.06 11.38
C ARG B 33 10.78 -5.43 11.26
N GLU B 34 9.81 -5.52 10.35
CA GLU B 34 9.10 -6.77 10.09
C GLU B 34 10.08 -7.83 9.60
N ALA B 35 11.05 -7.40 8.81
CA ALA B 35 12.06 -8.30 8.26
C ALA B 35 12.95 -8.87 9.35
N GLU B 36 13.38 -8.01 10.27
CA GLU B 36 14.24 -8.43 11.37
C GLU B 36 13.50 -9.43 12.26
N ARG B 37 12.19 -9.28 12.34
CA ARG B 37 11.35 -10.17 13.14
C ARG B 37 11.33 -11.56 12.49
N LYS B 38 11.15 -11.57 11.17
CA LYS B 38 11.11 -12.81 10.42
C LYS B 38 12.45 -13.55 10.49
N ALA B 39 13.54 -12.79 10.41
CA ALA B 39 14.88 -13.36 10.47
C ALA B 39 15.14 -14.03 11.80
N LEU B 40 14.51 -13.52 12.85
CA LEU B 40 14.67 -14.08 14.18
C LEU B 40 14.11 -15.50 14.24
N GLU B 41 13.03 -15.72 13.49
CA GLU B 41 12.39 -17.03 13.44
C GLU B 41 13.30 -18.05 12.75
N ASP B 42 13.93 -17.62 11.66
CA ASP B 42 14.83 -18.50 10.90
C ASP B 42 16.09 -18.80 11.71
N LYS B 43 16.67 -17.77 12.30
CA LYS B 43 17.89 -17.93 13.09
C LYS B 43 17.66 -18.86 14.29
N LEU B 44 16.49 -18.73 14.90
CA LEU B 44 16.14 -19.54 16.07
C LEU B 44 15.84 -20.99 15.69
N ALA B 45 15.84 -21.29 14.40
CA ALA B 45 15.56 -22.64 13.93
C ALA B 45 16.83 -23.47 13.81
N ASP B 46 17.97 -22.85 14.12
CA ASP B 46 19.28 -23.52 14.06
C ASP B 46 19.54 -24.11 12.67
N LYS B 47 19.39 -23.29 11.64
CA LYS B 47 19.59 -23.75 10.27
C LYS B 47 21.06 -23.93 9.93
N GLN B 48 21.81 -22.83 9.94
CA GLN B 48 23.23 -22.87 9.61
C GLN B 48 24.08 -22.25 10.71
N GLU B 49 23.53 -21.24 11.39
CA GLU B 49 24.25 -20.55 12.47
C GLU B 49 25.54 -19.92 11.92
N HIS B 50 25.46 -19.38 10.71
CA HIS B 50 26.62 -18.76 10.08
C HIS B 50 26.71 -17.27 10.41
N LEU B 51 25.86 -16.83 11.32
CA LEU B 51 25.84 -15.43 11.72
C LEU B 51 25.38 -15.29 13.16
N ASP B 52 26.32 -14.94 14.03
CA ASP B 52 26.01 -14.76 15.45
C ASP B 52 25.31 -13.43 15.66
N GLY B 53 25.77 -12.41 14.94
CA GLY B 53 25.18 -11.09 15.04
C GLY B 53 25.78 -10.30 16.18
N ALA B 54 27.05 -9.95 16.04
CA ALA B 54 27.74 -9.19 17.06
C ALA B 54 27.41 -7.70 16.95
N LEU B 55 27.28 -7.23 15.71
CA LEU B 55 26.96 -5.83 15.46
C LEU B 55 25.49 -5.57 15.71
N ARG B 56 24.67 -6.60 15.51
CA ARG B 56 23.22 -6.52 15.70
C ARG B 56 22.61 -5.49 14.75
N TYR B 57 23.19 -5.38 13.56
CA TYR B 57 22.72 -4.44 12.54
C TYR B 57 22.66 -3.01 13.07
N GLU A 6 -11.56 -0.05 -15.17
CA GLU A 6 -10.42 -0.72 -15.77
C GLU A 6 -9.91 -1.84 -14.87
N GLU A 7 -9.96 -3.07 -15.38
CA GLU A 7 -9.50 -4.21 -14.61
C GLU A 7 -8.01 -4.45 -14.86
N CYS A 8 -7.43 -3.65 -15.74
CA CYS A 8 -6.02 -3.76 -16.07
C CYS A 8 -5.33 -2.42 -15.85
N MET A 9 -4.01 -2.40 -15.84
CA MET A 9 -3.27 -1.16 -15.63
C MET A 9 -2.61 -0.68 -16.92
N HIS A 10 -2.48 0.63 -17.05
CA HIS A 10 -1.86 1.22 -18.23
C HIS A 10 -0.46 1.71 -17.90
N GLY A 11 -0.30 2.26 -16.71
CA GLY A 11 0.99 2.76 -16.26
C GLY A 11 1.38 2.20 -14.91
N SER A 12 1.21 3.00 -13.87
CA SER A 12 1.53 2.58 -12.52
C SER A 12 0.30 2.01 -11.82
N GLY A 13 -0.85 2.14 -12.46
CA GLY A 13 -2.08 1.63 -11.90
C GLY A 13 -2.78 2.62 -11.00
N GLU A 14 -2.47 3.90 -11.20
CA GLU A 14 -3.06 4.97 -10.42
C GLU A 14 -4.51 5.22 -10.86
N ASN A 15 -4.82 4.81 -12.08
CA ASN A 15 -6.16 4.97 -12.62
C ASN A 15 -6.87 3.64 -12.64
N TYR A 16 -6.34 2.70 -11.87
CA TYR A 16 -6.91 1.36 -11.78
C TYR A 16 -8.10 1.33 -10.82
N ASP A 17 -9.25 0.93 -11.33
CA ASP A 17 -10.45 0.83 -10.51
C ASP A 17 -11.09 -0.54 -10.68
N GLY A 18 -10.24 -1.55 -10.73
CA GLY A 18 -10.70 -2.92 -10.87
C GLY A 18 -11.21 -3.50 -9.58
N LYS A 19 -11.73 -4.72 -9.64
CA LYS A 19 -12.28 -5.38 -8.45
C LYS A 19 -11.36 -6.49 -7.94
N ILE A 20 -10.10 -6.46 -8.33
CA ILE A 20 -9.14 -7.45 -7.86
C ILE A 20 -8.75 -7.14 -6.42
N SER A 21 -8.87 -8.12 -5.55
CA SER A 21 -8.54 -7.93 -4.14
C SER A 21 -7.53 -8.97 -3.65
N LYS A 22 -6.60 -9.35 -4.52
CA LYS A 22 -5.60 -10.34 -4.16
C LYS A 22 -4.20 -9.85 -4.51
N THR A 23 -3.28 -10.08 -3.60
CA THR A 23 -1.90 -9.68 -3.78
C THR A 23 -1.16 -10.64 -4.71
N MET A 24 0.07 -10.31 -5.08
CA MET A 24 0.87 -11.16 -5.95
C MET A 24 1.20 -12.46 -5.24
N SER A 25 1.16 -12.43 -3.93
CA SER A 25 1.43 -13.59 -3.10
C SER A 25 0.22 -14.52 -3.09
N GLY A 26 -0.97 -13.94 -3.15
CA GLY A 26 -2.19 -14.72 -3.14
C GLY A 26 -3.02 -14.48 -1.89
N LEU A 27 -2.63 -13.49 -1.11
CA LEU A 27 -3.35 -13.16 0.11
C LEU A 27 -4.48 -12.17 -0.17
N GLU A 28 -5.63 -12.40 0.46
CA GLU A 28 -6.79 -11.54 0.28
C GLU A 28 -6.53 -10.18 0.94
N CYS A 29 -6.68 -9.12 0.17
CA CYS A 29 -6.48 -7.77 0.68
C CYS A 29 -7.45 -7.43 1.81
N GLN A 30 -6.98 -6.62 2.75
CA GLN A 30 -7.80 -6.18 3.85
C GLN A 30 -8.65 -4.99 3.42
N ALA A 31 -9.88 -4.91 3.90
CA ALA A 31 -10.77 -3.82 3.55
C ALA A 31 -10.18 -2.48 3.96
N TRP A 32 -10.28 -1.49 3.08
CA TRP A 32 -9.74 -0.16 3.33
C TRP A 32 -10.46 0.53 4.49
N ASP A 33 -11.69 0.11 4.75
CA ASP A 33 -12.46 0.69 5.84
C ASP A 33 -12.23 -0.08 7.13
N SER A 34 -11.52 -1.20 7.03
CA SER A 34 -11.23 -2.04 8.19
C SER A 34 -9.85 -1.71 8.75
N GLN A 35 -9.72 -1.79 10.06
CA GLN A 35 -8.45 -1.52 10.72
C GLN A 35 -7.88 -2.81 11.28
N SER A 36 -8.38 -3.93 10.77
CA SER A 36 -7.93 -5.24 11.19
C SER A 36 -7.68 -6.11 9.96
N PRO A 37 -6.66 -6.99 9.99
CA PRO A 37 -5.78 -7.18 11.14
C PRO A 37 -4.68 -6.12 11.26
N HIS A 38 -4.56 -5.27 10.26
CA HIS A 38 -3.55 -4.23 10.28
C HIS A 38 -4.17 -2.85 10.29
N ALA A 39 -3.68 -1.99 11.16
CA ALA A 39 -4.19 -0.63 11.26
C ALA A 39 -3.45 0.27 10.28
N HIS A 40 -4.13 1.25 9.74
CA HIS A 40 -3.51 2.15 8.77
C HIS A 40 -4.22 3.51 8.76
N GLY A 41 -3.67 4.45 7.99
CA GLY A 41 -4.25 5.77 7.91
C GLY A 41 -4.83 6.07 6.54
N TYR A 42 -5.10 5.02 5.77
CA TYR A 42 -5.66 5.18 4.43
C TYR A 42 -7.16 4.95 4.49
N ILE A 43 -7.83 5.83 5.20
CA ILE A 43 -9.28 5.76 5.37
C ILE A 43 -10.00 6.21 4.10
N PRO A 44 -11.04 5.45 3.69
CA PRO A 44 -11.84 5.79 2.49
C PRO A 44 -12.38 7.22 2.54
N SER A 45 -12.65 7.72 3.73
CA SER A 45 -13.17 9.07 3.90
C SER A 45 -12.03 10.08 3.85
N LYS A 46 -10.86 9.67 4.28
CA LYS A 46 -9.67 10.52 4.28
C LYS A 46 -9.19 10.72 2.84
N PHE A 47 -9.29 9.66 2.06
CA PHE A 47 -8.89 9.71 0.66
C PHE A 47 -10.04 9.24 -0.24
N PRO A 48 -11.09 10.06 -0.37
CA PRO A 48 -12.25 9.71 -1.18
C PRO A 48 -11.99 9.79 -2.68
N ASN A 49 -10.95 10.52 -3.06
CA ASN A 49 -10.62 10.68 -4.46
C ASN A 49 -9.58 9.66 -4.91
N LYS A 50 -9.31 8.69 -4.04
CA LYS A 50 -8.33 7.65 -4.35
C LYS A 50 -9.03 6.33 -4.70
N ASN A 51 -10.37 6.36 -4.69
CA ASN A 51 -11.18 5.19 -5.04
C ASN A 51 -10.93 4.00 -4.11
N LEU A 52 -10.87 4.25 -2.81
CA LEU A 52 -10.65 3.21 -1.83
C LEU A 52 -11.96 2.50 -1.52
N LYS A 53 -12.28 1.49 -2.32
CA LYS A 53 -13.51 0.74 -2.15
C LYS A 53 -13.25 -0.70 -1.73
N LYS A 54 -14.02 -1.16 -0.74
CA LYS A 54 -13.90 -2.52 -0.21
C LYS A 54 -12.44 -2.87 0.11
N ASN A 55 -11.94 -3.90 -0.55
CA ASN A 55 -10.57 -4.35 -0.35
C ASN A 55 -9.87 -4.49 -1.69
N TYR A 56 -10.30 -3.70 -2.67
CA TYR A 56 -9.73 -3.75 -4.01
C TYR A 56 -8.35 -3.11 -4.03
N CYS A 57 -7.44 -3.71 -4.77
CA CYS A 57 -6.08 -3.20 -4.89
C CYS A 57 -6.08 -1.82 -5.54
N ARG A 58 -5.47 -0.85 -4.88
CA ARG A 58 -5.43 0.50 -5.40
C ARG A 58 -4.03 1.08 -5.27
N ASN A 59 -3.83 2.24 -5.88
CA ASN A 59 -2.54 2.91 -5.82
C ASN A 59 -2.77 4.38 -5.42
N PRO A 60 -2.89 4.64 -4.12
CA PRO A 60 -3.15 5.98 -3.60
C PRO A 60 -1.90 6.77 -3.21
N ASP A 61 -0.73 6.17 -3.39
CA ASP A 61 0.52 6.84 -3.03
C ASP A 61 1.44 6.99 -4.24
N ARG A 62 0.96 6.60 -5.41
CA ARG A 62 1.74 6.68 -6.65
C ARG A 62 2.92 5.72 -6.62
N ASP A 63 2.70 4.51 -6.12
CA ASP A 63 3.75 3.51 -6.04
C ASP A 63 3.94 2.83 -7.39
N LEU A 64 4.87 1.89 -7.44
CA LEU A 64 5.17 1.15 -8.67
C LEU A 64 3.93 0.47 -9.24
N ARG A 65 3.33 -0.39 -8.42
CA ARG A 65 2.12 -1.11 -8.81
C ARG A 65 1.11 -1.04 -7.68
N PRO A 66 -0.19 -1.21 -7.97
CA PRO A 66 -1.23 -1.18 -6.94
C PRO A 66 -0.93 -2.16 -5.81
N TRP A 67 -1.29 -1.80 -4.59
CA TRP A 67 -1.02 -2.63 -3.44
C TRP A 67 -2.19 -2.63 -2.47
N CYS A 68 -2.03 -3.36 -1.37
CA CYS A 68 -3.07 -3.47 -0.36
C CYS A 68 -2.48 -4.10 0.89
N PHE A 69 -3.20 -4.01 1.99
CA PHE A 69 -2.77 -4.63 3.22
C PHE A 69 -3.24 -6.07 3.21
N THR A 70 -2.43 -6.99 3.73
CA THR A 70 -2.81 -8.39 3.71
C THR A 70 -3.58 -8.77 4.96
N THR A 71 -4.23 -9.92 4.91
CA THR A 71 -4.99 -10.41 6.04
C THR A 71 -4.11 -11.24 6.96
N ASP A 72 -2.84 -11.35 6.59
CA ASP A 72 -1.87 -12.12 7.36
C ASP A 72 -1.16 -11.22 8.36
N PRO A 73 -1.25 -11.54 9.66
CA PRO A 73 -0.63 -10.74 10.72
C PRO A 73 0.90 -10.72 10.63
N ASN A 74 1.47 -11.54 9.76
CA ASN A 74 2.92 -11.61 9.61
C ASN A 74 3.38 -10.81 8.40
N LYS A 75 2.45 -10.16 7.72
CA LYS A 75 2.79 -9.37 6.55
C LYS A 75 1.86 -8.16 6.46
N ARG A 76 2.41 -6.99 6.71
CA ARG A 76 1.62 -5.75 6.69
C ARG A 76 0.97 -5.49 5.33
N TRP A 77 1.78 -5.36 4.29
CA TRP A 77 1.26 -5.07 2.95
C TRP A 77 2.07 -5.79 1.89
N GLU A 78 1.43 -6.01 0.75
CA GLU A 78 2.06 -6.67 -0.38
C GLU A 78 1.58 -6.03 -1.68
N TYR A 79 2.34 -6.21 -2.75
CA TYR A 79 1.96 -5.66 -4.04
C TYR A 79 0.99 -6.59 -4.74
N CYS A 80 0.05 -6.01 -5.47
CA CYS A 80 -0.94 -6.80 -6.19
C CYS A 80 -0.44 -7.05 -7.62
N ASP A 81 -0.96 -8.07 -8.25
CA ASP A 81 -0.55 -8.41 -9.60
C ASP A 81 -1.69 -8.24 -10.59
N ILE A 82 -1.68 -7.12 -11.28
CA ILE A 82 -2.70 -6.81 -12.27
C ILE A 82 -2.06 -6.70 -13.65
N PRO A 83 -2.55 -7.45 -14.64
CA PRO A 83 -2.03 -7.41 -16.01
C PRO A 83 -2.18 -6.01 -16.63
N ARG A 84 -1.33 -5.71 -17.60
CA ARG A 84 -1.38 -4.42 -18.26
C ARG A 84 -2.28 -4.49 -19.49
N CYS A 85 -2.85 -3.36 -19.85
CA CYS A 85 -3.72 -3.29 -21.02
C CYS A 85 -2.91 -3.14 -22.29
N GLY B 1 -13.57 32.04 -3.37
CA GLY B 1 -14.51 32.46 -2.35
C GLY B 1 -15.84 32.88 -2.93
N SER B 2 -15.79 33.73 -3.94
CA SER B 2 -17.00 34.22 -4.57
C SER B 2 -17.02 33.87 -6.05
N ALA B 3 -15.83 33.84 -6.66
CA ALA B 3 -15.71 33.54 -8.07
C ALA B 3 -15.93 32.06 -8.35
N GLY B 4 -15.48 31.21 -7.43
CA GLY B 4 -15.64 29.78 -7.60
C GLY B 4 -14.53 29.19 -8.45
N LEU B 5 -13.42 29.90 -8.50
CA LEU B 5 -12.26 29.46 -9.28
C LEU B 5 -11.33 28.61 -8.44
N GLN B 6 -10.89 29.15 -7.32
CA GLN B 6 -9.98 28.45 -6.43
C GLN B 6 -10.64 27.22 -5.82
N GLU B 7 -11.93 27.32 -5.52
CA GLU B 7 -12.68 26.22 -4.94
C GLU B 7 -12.79 25.06 -5.92
N LYS B 8 -12.56 25.34 -7.19
CA LYS B 8 -12.63 24.32 -8.23
C LYS B 8 -11.28 23.62 -8.39
N GLU B 9 -10.23 24.28 -7.93
CA GLU B 9 -8.88 23.73 -8.01
C GLU B 9 -8.59 22.85 -6.79
N ARG B 10 -9.05 23.32 -5.63
CA ARG B 10 -8.90 22.59 -4.35
C ARG B 10 -7.44 22.36 -3.97
N GLU B 11 -6.54 23.15 -4.55
CA GLU B 11 -5.09 23.04 -4.28
C GLU B 11 -4.55 21.65 -4.56
N LEU B 12 -4.97 21.06 -5.67
CA LEU B 12 -4.50 19.74 -6.04
C LEU B 12 -2.98 19.70 -6.18
N GLU B 13 -2.41 20.77 -6.71
CA GLU B 13 -0.97 20.86 -6.88
C GLU B 13 -0.24 20.82 -5.54
N ASP B 14 -0.91 21.31 -4.50
CA ASP B 14 -0.33 21.34 -3.16
C ASP B 14 -0.34 19.95 -2.55
N LEU B 15 -1.43 19.22 -2.76
CA LEU B 15 -1.55 17.86 -2.24
C LEU B 15 -0.58 16.94 -2.96
N LYS B 16 -0.46 17.10 -4.26
CA LYS B 16 0.44 16.28 -5.07
C LYS B 16 1.89 16.53 -4.64
N ASP B 17 2.18 17.78 -4.29
CA ASP B 17 3.52 18.16 -3.85
C ASP B 17 3.88 17.41 -2.58
N ALA B 18 2.90 17.28 -1.70
CA ALA B 18 3.09 16.58 -0.42
C ALA B 18 3.31 15.09 -0.65
N GLU B 19 2.60 14.53 -1.62
CA GLU B 19 2.74 13.10 -1.94
C GLU B 19 4.18 12.77 -2.30
N LEU B 20 4.77 13.58 -3.18
CA LEU B 20 6.15 13.38 -3.61
C LEU B 20 7.13 13.82 -2.52
N LYS B 21 6.70 14.73 -1.65
CA LYS B 21 7.55 15.21 -0.57
C LYS B 21 7.79 14.09 0.44
N ARG B 22 6.73 13.35 0.74
CA ARG B 22 6.82 12.24 1.68
C ARG B 22 7.61 11.10 1.06
N LEU B 23 7.15 10.66 -0.11
CA LEU B 23 7.80 9.58 -0.86
C LEU B 23 7.86 8.29 -0.03
N ASN B 24 6.84 8.08 0.78
CA ASN B 24 6.75 6.91 1.67
C ASN B 24 7.90 6.89 2.65
N GLU B 25 7.73 7.59 3.76
CA GLU B 25 8.75 7.66 4.79
C GLU B 25 8.49 6.61 5.86
N GLU B 26 7.34 6.71 6.50
CA GLU B 26 6.97 5.78 7.56
C GLU B 26 6.78 4.38 6.99
N ARG B 27 5.95 4.28 5.96
CA ARG B 27 5.70 3.02 5.29
C ARG B 27 7.01 2.31 4.91
N HIS B 28 7.98 3.08 4.42
CA HIS B 28 9.26 2.53 4.03
C HIS B 28 10.01 1.96 5.24
N ASP B 29 9.97 2.71 6.34
CA ASP B 29 10.63 2.26 7.57
C ASP B 29 10.00 0.97 8.08
N HIS B 30 8.67 0.90 7.99
CA HIS B 30 7.93 -0.28 8.43
C HIS B 30 8.31 -1.49 7.58
N ASP B 31 8.44 -1.26 6.27
CA ASP B 31 8.80 -2.29 5.31
C ASP B 31 10.21 -2.81 5.62
N LYS B 32 11.11 -1.89 5.94
CA LYS B 32 12.49 -2.23 6.29
C LYS B 32 12.53 -3.07 7.57
N ARG B 33 11.66 -2.72 8.51
CA ARG B 33 11.56 -3.41 9.78
C ARG B 33 11.02 -4.83 9.57
N GLU B 34 10.11 -4.98 8.61
CA GLU B 34 9.50 -6.26 8.32
C GLU B 34 10.52 -7.19 7.65
N ALA B 35 11.49 -6.62 6.96
CA ALA B 35 12.52 -7.39 6.28
C ALA B 35 13.34 -8.19 7.30
N GLU B 36 13.61 -7.57 8.43
CA GLU B 36 14.37 -8.21 9.50
C GLU B 36 13.54 -9.32 10.15
N ARG B 37 12.24 -9.11 10.17
CA ARG B 37 11.31 -10.09 10.74
C ARG B 37 11.33 -11.37 9.92
N LYS B 38 11.42 -11.20 8.61
CA LYS B 38 11.45 -12.34 7.69
C LYS B 38 12.76 -13.13 7.87
N ALA B 39 13.87 -12.40 7.94
CA ALA B 39 15.18 -13.02 8.11
C ALA B 39 15.29 -13.69 9.47
N LEU B 40 14.50 -13.22 10.43
CA LEU B 40 14.49 -13.77 11.77
C LEU B 40 14.08 -15.24 11.75
N GLU B 41 13.07 -15.54 10.94
CA GLU B 41 12.57 -16.90 10.83
C GLU B 41 13.56 -17.76 10.04
N ASP B 42 14.32 -17.12 9.17
CA ASP B 42 15.31 -17.80 8.35
C ASP B 42 16.47 -18.29 9.22
N LYS B 43 16.95 -17.40 10.08
CA LYS B 43 18.05 -17.73 10.98
C LYS B 43 17.63 -18.78 12.00
N LEU B 44 16.36 -18.72 12.40
CA LEU B 44 15.83 -19.66 13.38
C LEU B 44 15.64 -21.05 12.77
N ALA B 45 15.64 -21.12 11.44
CA ALA B 45 15.47 -22.39 10.74
C ALA B 45 16.76 -23.19 10.74
N ASP B 46 17.89 -22.50 10.83
CA ASP B 46 19.22 -23.13 10.84
C ASP B 46 19.41 -24.04 9.63
N LYS B 47 19.00 -23.56 8.46
CA LYS B 47 19.10 -24.37 7.25
C LYS B 47 20.54 -24.43 6.74
N GLN B 48 21.05 -23.29 6.28
CA GLN B 48 22.40 -23.23 5.75
C GLN B 48 23.26 -22.25 6.54
N GLU B 49 22.62 -21.21 7.07
CA GLU B 49 23.32 -20.18 7.86
C GLU B 49 24.38 -19.47 7.02
N HIS B 50 24.07 -19.19 5.76
CA HIS B 50 25.02 -18.53 4.89
C HIS B 50 24.97 -17.01 5.06
N LEU B 51 24.37 -16.56 6.15
CA LEU B 51 24.26 -15.14 6.45
C LEU B 51 24.87 -14.84 7.80
N ASP B 52 25.96 -14.08 7.79
CA ASP B 52 26.65 -13.72 9.01
C ASP B 52 26.23 -12.33 9.47
N GLY B 53 26.50 -11.33 8.65
CA GLY B 53 26.16 -9.98 9.00
C GLY B 53 27.33 -9.25 9.61
N ALA B 54 28.52 -9.52 9.09
CA ALA B 54 29.73 -8.89 9.60
C ALA B 54 29.95 -7.52 8.97
N LEU B 55 29.65 -7.42 7.68
CA LEU B 55 29.82 -6.16 6.95
C LEU B 55 28.57 -5.30 7.08
N ARG B 56 27.42 -5.87 6.75
CA ARG B 56 26.14 -5.17 6.82
C ARG B 56 26.12 -3.97 5.89
N TYR B 57 26.60 -4.17 4.66
CA TYR B 57 26.64 -3.11 3.64
C TYR B 57 27.51 -1.94 4.10
N GLU A 6 -11.45 -0.38 -15.80
CA GLU A 6 -10.81 -1.49 -16.49
C GLU A 6 -10.11 -2.39 -15.48
N GLU A 7 -9.92 -3.65 -15.85
CA GLU A 7 -9.26 -4.61 -14.97
C GLU A 7 -7.77 -4.69 -15.28
N CYS A 8 -7.30 -3.79 -16.14
CA CYS A 8 -5.90 -3.75 -16.51
C CYS A 8 -5.35 -2.34 -16.34
N MET A 9 -4.04 -2.24 -16.21
CA MET A 9 -3.38 -0.94 -16.02
C MET A 9 -2.69 -0.52 -17.32
N HIS A 10 -2.34 0.76 -17.38
CA HIS A 10 -1.65 1.31 -18.54
C HIS A 10 -0.26 1.79 -18.16
N GLY A 11 -0.13 2.27 -16.93
CA GLY A 11 1.14 2.76 -16.44
C GLY A 11 1.49 2.18 -15.08
N SER A 12 1.27 2.95 -14.04
CA SER A 12 1.57 2.51 -12.68
C SER A 12 0.36 1.81 -12.06
N GLY A 13 -0.83 2.24 -12.47
CA GLY A 13 -2.05 1.63 -11.95
C GLY A 13 -2.74 2.51 -10.93
N GLU A 14 -2.51 3.81 -11.00
CA GLU A 14 -3.13 4.75 -10.08
C GLU A 14 -4.59 4.97 -10.46
N ASN A 15 -4.85 4.94 -11.75
CA ASN A 15 -6.20 5.14 -12.27
C ASN A 15 -6.92 3.80 -12.43
N TYR A 16 -6.36 2.76 -11.82
CA TYR A 16 -6.94 1.43 -11.89
C TYR A 16 -8.05 1.27 -10.86
N ASP A 17 -9.25 0.99 -11.35
CA ASP A 17 -10.40 0.79 -10.49
C ASP A 17 -11.06 -0.55 -10.82
N GLY A 18 -10.35 -1.63 -10.50
CA GLY A 18 -10.87 -2.96 -10.77
C GLY A 18 -11.35 -3.65 -9.51
N LYS A 19 -11.81 -4.89 -9.66
CA LYS A 19 -12.33 -5.65 -8.53
C LYS A 19 -11.32 -6.66 -7.99
N ILE A 20 -10.07 -6.55 -8.40
CA ILE A 20 -9.04 -7.47 -7.93
C ILE A 20 -8.65 -7.13 -6.49
N SER A 21 -8.84 -8.09 -5.59
CA SER A 21 -8.50 -7.91 -4.18
C SER A 21 -7.53 -8.99 -3.72
N LYS A 22 -6.69 -9.45 -4.64
CA LYS A 22 -5.72 -10.50 -4.32
C LYS A 22 -4.30 -10.04 -4.64
N THR A 23 -3.40 -10.26 -3.69
CA THR A 23 -2.01 -9.88 -3.86
C THR A 23 -1.27 -10.88 -4.74
N MET A 24 -0.05 -10.55 -5.13
CA MET A 24 0.76 -11.43 -5.96
C MET A 24 1.15 -12.69 -5.19
N SER A 25 1.02 -12.61 -3.87
CA SER A 25 1.33 -13.73 -2.99
C SER A 25 0.15 -14.69 -2.88
N GLY A 26 -1.00 -14.26 -3.40
CA GLY A 26 -2.19 -15.09 -3.36
C GLY A 26 -2.99 -14.92 -2.08
N LEU A 27 -2.87 -13.75 -1.47
CA LEU A 27 -3.58 -13.46 -0.24
C LEU A 27 -4.64 -12.40 -0.46
N GLU A 28 -5.75 -12.50 0.26
CA GLU A 28 -6.85 -11.55 0.13
C GLU A 28 -6.53 -10.24 0.85
N CYS A 29 -6.70 -9.14 0.14
CA CYS A 29 -6.46 -7.81 0.68
C CYS A 29 -7.45 -7.45 1.79
N GLN A 30 -6.95 -6.69 2.77
CA GLN A 30 -7.76 -6.23 3.88
C GLN A 30 -8.58 -5.02 3.43
N ALA A 31 -9.82 -4.94 3.89
CA ALA A 31 -10.71 -3.84 3.53
C ALA A 31 -10.11 -2.50 3.97
N TRP A 32 -10.22 -1.50 3.10
CA TRP A 32 -9.70 -0.16 3.37
C TRP A 32 -10.48 0.50 4.50
N ASP A 33 -11.69 0.01 4.75
CA ASP A 33 -12.53 0.55 5.81
C ASP A 33 -12.31 -0.24 7.10
N SER A 34 -11.47 -1.26 7.03
CA SER A 34 -11.18 -2.09 8.18
C SER A 34 -9.81 -1.75 8.77
N GLN A 35 -9.69 -1.90 10.07
CA GLN A 35 -8.46 -1.62 10.78
C GLN A 35 -7.89 -2.90 11.38
N SER A 36 -8.41 -4.03 10.93
CA SER A 36 -7.98 -5.33 11.39
C SER A 36 -7.56 -6.20 10.21
N PRO A 37 -6.46 -6.96 10.35
CA PRO A 37 -5.65 -7.00 11.57
C PRO A 37 -4.61 -5.90 11.64
N HIS A 38 -4.42 -5.17 10.54
CA HIS A 38 -3.42 -4.10 10.51
C HIS A 38 -4.09 -2.73 10.55
N ALA A 39 -3.57 -1.87 11.41
CA ALA A 39 -4.09 -0.52 11.56
C ALA A 39 -3.37 0.41 10.59
N HIS A 40 -4.13 1.05 9.72
CA HIS A 40 -3.56 1.95 8.73
C HIS A 40 -4.27 3.31 8.74
N GLY A 41 -3.73 4.26 8.00
CA GLY A 41 -4.33 5.58 7.94
C GLY A 41 -4.93 5.89 6.58
N TYR A 42 -5.09 4.86 5.76
CA TYR A 42 -5.67 5.03 4.42
C TYR A 42 -7.19 4.90 4.50
N ILE A 43 -7.80 5.80 5.25
CA ILE A 43 -9.24 5.81 5.42
C ILE A 43 -9.94 6.30 4.15
N PRO A 44 -10.94 5.54 3.66
CA PRO A 44 -11.70 5.91 2.45
C PRO A 44 -12.30 7.32 2.52
N SER A 45 -12.65 7.76 3.72
CA SER A 45 -13.23 9.09 3.90
C SER A 45 -12.15 10.17 3.85
N LYS A 46 -10.91 9.78 4.11
CA LYS A 46 -9.79 10.70 4.09
C LYS A 46 -9.31 10.90 2.66
N PHE A 47 -9.37 9.84 1.87
CA PHE A 47 -8.98 9.88 0.47
C PHE A 47 -10.12 9.37 -0.41
N PRO A 48 -11.22 10.13 -0.54
CA PRO A 48 -12.38 9.71 -1.34
C PRO A 48 -12.12 9.85 -2.83
N ASN A 49 -11.01 10.47 -3.17
CA ASN A 49 -10.65 10.67 -4.58
C ASN A 49 -9.53 9.73 -5.00
N LYS A 50 -9.36 8.64 -4.25
CA LYS A 50 -8.31 7.67 -4.56
C LYS A 50 -8.92 6.31 -4.89
N ASN A 51 -10.25 6.27 -4.96
CA ASN A 51 -10.99 5.05 -5.29
C ASN A 51 -10.76 3.92 -4.30
N LEU A 52 -10.71 4.26 -3.02
CA LEU A 52 -10.51 3.26 -1.98
C LEU A 52 -11.84 2.58 -1.66
N LYS A 53 -12.21 1.63 -2.50
CA LYS A 53 -13.47 0.90 -2.34
C LYS A 53 -13.24 -0.55 -1.91
N LYS A 54 -14.07 -1.00 -0.97
CA LYS A 54 -14.01 -2.38 -0.46
C LYS A 54 -12.60 -2.75 0.00
N ASN A 55 -12.04 -3.77 -0.63
CA ASN A 55 -10.70 -4.23 -0.31
C ASN A 55 -9.91 -4.47 -1.59
N TYR A 56 -10.31 -3.78 -2.65
CA TYR A 56 -9.66 -3.93 -3.94
C TYR A 56 -8.27 -3.28 -3.92
N CYS A 57 -7.37 -3.84 -4.73
CA CYS A 57 -6.01 -3.32 -4.83
C CYS A 57 -6.02 -1.94 -5.48
N ARG A 58 -5.43 -0.97 -4.80
CA ARG A 58 -5.39 0.39 -5.32
C ARG A 58 -4.01 0.99 -5.15
N ASN A 59 -3.81 2.18 -5.67
CA ASN A 59 -2.55 2.88 -5.58
C ASN A 59 -2.78 4.29 -5.03
N PRO A 60 -2.84 4.42 -3.70
CA PRO A 60 -3.11 5.70 -3.04
C PRO A 60 -1.86 6.49 -2.67
N ASP A 61 -0.68 5.92 -2.87
CA ASP A 61 0.56 6.61 -2.54
C ASP A 61 1.40 6.90 -3.77
N ARG A 62 0.91 6.45 -4.93
CA ARG A 62 1.60 6.64 -6.21
C ARG A 62 2.83 5.74 -6.32
N ASP A 63 2.65 4.49 -5.94
CA ASP A 63 3.72 3.48 -5.99
C ASP A 63 3.84 2.95 -7.43
N LEU A 64 4.79 2.07 -7.67
CA LEU A 64 5.02 1.51 -9.00
C LEU A 64 3.88 0.58 -9.37
N ARG A 65 3.44 -0.21 -8.39
CA ARG A 65 2.36 -1.15 -8.59
C ARG A 65 1.33 -1.01 -7.48
N PRO A 66 0.03 -1.17 -7.81
CA PRO A 66 -1.03 -1.10 -6.80
C PRO A 66 -0.80 -2.14 -5.71
N TRP A 67 -1.23 -1.83 -4.50
CA TRP A 67 -1.00 -2.74 -3.40
C TRP A 67 -2.17 -2.70 -2.42
N CYS A 68 -2.03 -3.42 -1.34
CA CYS A 68 -3.06 -3.49 -0.32
C CYS A 68 -2.46 -4.07 0.95
N PHE A 69 -3.21 -4.02 2.03
CA PHE A 69 -2.76 -4.57 3.29
C PHE A 69 -3.18 -6.03 3.35
N THR A 70 -2.23 -6.89 3.63
CA THR A 70 -2.50 -8.31 3.69
C THR A 70 -3.26 -8.67 4.97
N THR A 71 -4.19 -9.61 4.86
CA THR A 71 -4.99 -10.02 6.01
C THR A 71 -4.17 -10.93 6.93
N ASP A 72 -2.89 -11.04 6.65
CA ASP A 72 -1.97 -11.85 7.43
C ASP A 72 -1.13 -10.95 8.32
N PRO A 73 -1.24 -11.10 9.65
CA PRO A 73 -0.47 -10.30 10.62
C PRO A 73 1.05 -10.40 10.44
N ASN A 74 1.49 -11.43 9.72
CA ASN A 74 2.92 -11.64 9.49
C ASN A 74 3.44 -10.73 8.37
N LYS A 75 2.54 -10.07 7.66
CA LYS A 75 2.91 -9.19 6.57
C LYS A 75 2.01 -7.97 6.56
N ARG A 76 2.60 -6.79 6.77
CA ARG A 76 1.84 -5.55 6.81
C ARG A 76 1.15 -5.26 5.47
N TRP A 77 1.94 -5.16 4.41
CA TRP A 77 1.39 -4.88 3.09
C TRP A 77 2.11 -5.69 2.03
N GLU A 78 1.43 -5.92 0.92
CA GLU A 78 1.99 -6.67 -0.19
C GLU A 78 1.53 -6.07 -1.50
N TYR A 79 2.25 -6.39 -2.58
CA TYR A 79 1.92 -5.86 -3.90
C TYR A 79 0.94 -6.77 -4.62
N CYS A 80 0.06 -6.17 -5.41
CA CYS A 80 -0.92 -6.93 -6.17
C CYS A 80 -0.44 -7.10 -7.61
N ASP A 81 -0.98 -8.10 -8.29
CA ASP A 81 -0.60 -8.37 -9.67
C ASP A 81 -1.76 -8.06 -10.61
N ILE A 82 -1.72 -6.88 -11.21
CA ILE A 82 -2.76 -6.48 -12.13
C ILE A 82 -2.19 -6.42 -13.56
N PRO A 83 -2.84 -7.12 -14.50
CA PRO A 83 -2.42 -7.16 -15.90
C PRO A 83 -2.40 -5.77 -16.54
N ARG A 84 -1.75 -5.66 -17.70
CA ARG A 84 -1.67 -4.40 -18.41
C ARG A 84 -2.42 -4.49 -19.73
N CYS A 85 -3.03 -3.39 -20.13
CA CYS A 85 -3.80 -3.34 -21.37
C CYS A 85 -2.88 -3.21 -22.59
N GLY B 1 -17.77 29.55 -0.96
CA GLY B 1 -18.61 30.63 -0.45
C GLY B 1 -19.93 30.71 -1.18
N SER B 2 -20.21 31.87 -1.76
CA SER B 2 -21.45 32.09 -2.49
C SER B 2 -21.45 31.28 -3.78
N ALA B 3 -20.27 31.10 -4.35
CA ALA B 3 -20.12 30.35 -5.59
C ALA B 3 -20.15 28.85 -5.30
N GLY B 4 -19.40 28.44 -4.30
CA GLY B 4 -19.36 27.04 -3.93
C GLY B 4 -18.51 26.21 -4.88
N LEU B 5 -17.50 26.84 -5.47
CA LEU B 5 -16.62 26.17 -6.41
C LEU B 5 -15.72 25.17 -5.70
N GLN B 6 -15.37 25.48 -4.45
CA GLN B 6 -14.49 24.61 -3.66
C GLN B 6 -15.10 23.22 -3.50
N GLU B 7 -16.42 23.18 -3.37
CA GLU B 7 -17.15 21.93 -3.22
C GLU B 7 -16.92 21.03 -4.44
N LYS B 8 -16.91 21.65 -5.61
CA LYS B 8 -16.71 20.93 -6.86
C LYS B 8 -15.24 20.73 -7.17
N GLU B 9 -14.38 21.50 -6.51
CA GLU B 9 -12.95 21.39 -6.71
C GLU B 9 -12.41 20.09 -6.14
N ARG B 10 -12.89 19.72 -4.96
CA ARG B 10 -12.49 18.48 -4.27
C ARG B 10 -11.07 18.56 -3.71
N GLU B 11 -10.28 19.53 -4.18
CA GLU B 11 -8.90 19.74 -3.72
C GLU B 11 -8.05 18.50 -4.01
N LEU B 12 -7.93 18.17 -5.29
CA LEU B 12 -7.16 17.00 -5.72
C LEU B 12 -5.66 17.17 -5.44
N GLU B 13 -5.13 18.35 -5.74
CA GLU B 13 -3.71 18.62 -5.56
C GLU B 13 -3.32 18.52 -4.07
N ASP B 14 -4.23 18.89 -3.19
CA ASP B 14 -3.97 18.81 -1.75
C ASP B 14 -3.68 17.36 -1.35
N LEU B 15 -4.50 16.45 -1.86
CA LEU B 15 -4.35 15.02 -1.57
C LEU B 15 -3.08 14.48 -2.21
N LYS B 16 -2.77 14.99 -3.40
CA LYS B 16 -1.58 14.55 -4.14
C LYS B 16 -0.31 15.05 -3.46
N ASP B 17 -0.40 16.16 -2.75
CA ASP B 17 0.75 16.71 -2.05
C ASP B 17 1.19 15.81 -0.92
N ALA B 18 0.20 15.16 -0.28
CA ALA B 18 0.47 14.26 0.83
C ALA B 18 1.37 13.10 0.39
N GLU B 19 1.18 12.63 -0.84
CA GLU B 19 1.96 11.53 -1.39
C GLU B 19 3.46 11.85 -1.33
N LEU B 20 3.83 13.02 -1.83
CA LEU B 20 5.22 13.44 -1.85
C LEU B 20 5.67 13.92 -0.48
N LYS B 21 4.73 14.41 0.30
CA LYS B 21 5.02 14.90 1.65
C LYS B 21 5.50 13.76 2.54
N ARG B 22 4.79 12.63 2.47
CA ARG B 22 5.14 11.46 3.25
C ARG B 22 6.37 10.78 2.69
N LEU B 23 6.32 10.49 1.38
CA LEU B 23 7.42 9.85 0.66
C LEU B 23 7.68 8.43 1.19
N ASN B 24 6.68 7.87 1.88
CA ASN B 24 6.77 6.51 2.43
C ASN B 24 7.99 6.36 3.33
N GLU B 25 8.35 7.43 4.02
CA GLU B 25 9.51 7.43 4.91
C GLU B 25 9.33 6.44 6.05
N GLU B 26 8.10 6.35 6.56
CA GLU B 26 7.79 5.43 7.65
C GLU B 26 7.66 4.02 7.10
N ARG B 27 6.82 3.90 6.06
CA ARG B 27 6.59 2.63 5.38
C ARG B 27 7.91 1.93 5.05
N HIS B 28 8.84 2.67 4.45
CA HIS B 28 10.15 2.11 4.09
C HIS B 28 10.90 1.64 5.33
N ASP B 29 10.84 2.43 6.39
CA ASP B 29 11.51 2.10 7.65
C ASP B 29 10.98 0.78 8.22
N HIS B 30 9.65 0.67 8.24
CA HIS B 30 9.01 -0.53 8.76
C HIS B 30 9.29 -1.74 7.88
N ASP B 31 9.43 -1.48 6.58
CA ASP B 31 9.72 -2.53 5.62
C ASP B 31 11.12 -3.09 5.84
N LYS B 32 12.06 -2.19 6.10
CA LYS B 32 13.45 -2.56 6.35
C LYS B 32 13.57 -3.31 7.69
N ARG B 33 12.74 -2.92 8.65
CA ARG B 33 12.76 -3.53 9.97
C ARG B 33 12.35 -5.00 9.91
N GLU B 34 11.43 -5.30 9.00
CA GLU B 34 10.94 -6.65 8.83
C GLU B 34 12.05 -7.61 8.42
N ALA B 35 13.04 -7.10 7.71
CA ALA B 35 14.17 -7.92 7.25
C ALA B 35 14.98 -8.43 8.43
N GLU B 36 15.30 -7.52 9.36
CA GLU B 36 16.07 -7.88 10.55
C GLU B 36 15.30 -8.87 11.42
N ARG B 37 13.98 -8.72 11.42
CA ARG B 37 13.12 -9.61 12.20
C ARG B 37 13.18 -11.03 11.64
N LYS B 38 13.18 -11.11 10.31
CA LYS B 38 13.25 -12.40 9.63
C LYS B 38 14.60 -13.06 9.86
N ALA B 39 15.65 -12.26 9.79
CA ALA B 39 17.01 -12.76 10.01
C ALA B 39 17.18 -13.32 11.42
N LEU B 40 16.52 -12.67 12.37
CA LEU B 40 16.59 -13.10 13.77
C LEU B 40 16.10 -14.53 13.92
N GLU B 41 15.01 -14.86 13.25
CA GLU B 41 14.43 -16.19 13.29
C GLU B 41 15.29 -17.17 12.53
N ASP B 42 15.88 -16.71 11.44
CA ASP B 42 16.74 -17.54 10.60
C ASP B 42 17.95 -18.03 11.38
N LYS B 43 18.49 -17.17 12.23
CA LYS B 43 19.63 -17.52 13.06
C LYS B 43 19.20 -18.50 14.15
N LEU B 44 18.03 -18.22 14.73
CA LEU B 44 17.50 -19.05 15.80
C LEU B 44 17.15 -20.45 15.32
N ALA B 45 16.78 -20.56 14.06
CA ALA B 45 16.43 -21.85 13.47
C ALA B 45 17.67 -22.61 13.02
N ASP B 46 18.83 -21.97 13.12
CA ASP B 46 20.11 -22.57 12.73
C ASP B 46 20.04 -23.10 11.30
N LYS B 47 19.83 -22.20 10.35
CA LYS B 47 19.73 -22.59 8.95
C LYS B 47 21.08 -22.98 8.35
N GLN B 48 22.09 -22.11 8.51
CA GLN B 48 23.41 -22.41 7.97
C GLN B 48 24.49 -21.57 8.65
N GLU B 49 24.10 -20.43 9.23
CA GLU B 49 25.04 -19.53 9.90
C GLU B 49 26.01 -18.93 8.88
N HIS B 50 25.49 -18.61 7.71
CA HIS B 50 26.30 -18.03 6.64
C HIS B 50 26.36 -16.51 6.76
N LEU B 51 25.74 -15.99 7.80
CA LEU B 51 25.72 -14.56 8.04
C LEU B 51 26.15 -14.26 9.46
N ASP B 52 27.38 -13.77 9.61
CA ASP B 52 27.92 -13.43 10.93
C ASP B 52 27.07 -12.38 11.61
N GLY B 53 26.92 -11.24 10.94
CA GLY B 53 26.14 -10.16 11.50
C GLY B 53 26.98 -9.22 12.34
N ALA B 54 28.29 -9.49 12.37
CA ALA B 54 29.22 -8.68 13.13
C ALA B 54 29.30 -7.25 12.60
N LEU B 55 29.11 -7.11 11.29
CA LEU B 55 29.15 -5.80 10.66
C LEU B 55 27.82 -5.08 10.90
N ARG B 56 26.77 -5.86 11.14
CA ARG B 56 25.44 -5.33 11.41
C ARG B 56 24.92 -4.56 10.21
N TYR B 57 25.24 -5.05 9.01
CA TYR B 57 24.81 -4.42 7.77
C TYR B 57 25.24 -2.95 7.69
N GLU A 6 -11.02 0.15 -16.15
CA GLU A 6 -10.55 -1.08 -16.78
C GLU A 6 -9.99 -2.02 -15.70
N GLU A 7 -9.93 -3.31 -16.02
CA GLU A 7 -9.41 -4.31 -15.09
C GLU A 7 -7.91 -4.52 -15.32
N CYS A 8 -7.27 -3.47 -15.82
CA CYS A 8 -5.84 -3.50 -16.08
C CYS A 8 -5.25 -2.12 -15.82
N MET A 9 -3.94 -1.99 -16.01
CA MET A 9 -3.29 -0.70 -15.78
C MET A 9 -2.52 -0.26 -17.01
N HIS A 10 -2.44 1.04 -17.19
CA HIS A 10 -1.71 1.62 -18.31
C HIS A 10 -0.34 2.06 -17.84
N GLY A 11 -0.29 2.62 -16.64
CA GLY A 11 0.96 3.07 -16.07
C GLY A 11 1.24 2.40 -14.74
N SER A 12 1.25 3.17 -13.67
CA SER A 12 1.50 2.63 -12.34
C SER A 12 0.24 1.97 -11.78
N GLY A 13 -0.91 2.37 -12.30
CA GLY A 13 -2.18 1.79 -11.86
C GLY A 13 -2.88 2.61 -10.80
N GLU A 14 -2.69 3.93 -10.83
CA GLU A 14 -3.34 4.81 -9.86
C GLU A 14 -4.79 5.04 -10.27
N ASN A 15 -5.04 4.93 -11.57
CA ASN A 15 -6.38 5.11 -12.11
C ASN A 15 -7.07 3.75 -12.26
N TYR A 16 -6.49 2.73 -11.65
CA TYR A 16 -7.05 1.40 -11.72
C TYR A 16 -8.22 1.25 -10.74
N ASP A 17 -9.40 1.05 -11.27
CA ASP A 17 -10.60 0.88 -10.45
C ASP A 17 -11.23 -0.48 -10.74
N GLY A 18 -10.41 -1.52 -10.70
CA GLY A 18 -10.88 -2.86 -10.95
C GLY A 18 -11.36 -3.55 -9.69
N LYS A 19 -11.66 -4.84 -9.80
CA LYS A 19 -12.15 -5.60 -8.64
C LYS A 19 -11.14 -6.61 -8.11
N ILE A 20 -9.88 -6.53 -8.55
CA ILE A 20 -8.86 -7.45 -8.06
C ILE A 20 -8.58 -7.14 -6.59
N SER A 21 -8.78 -8.12 -5.72
CA SER A 21 -8.57 -7.91 -4.29
C SER A 21 -7.65 -8.97 -3.69
N LYS A 22 -6.51 -9.22 -4.34
CA LYS A 22 -5.57 -10.20 -3.83
C LYS A 22 -4.14 -9.78 -4.13
N THR A 23 -3.24 -10.08 -3.20
CA THR A 23 -1.83 -9.74 -3.34
C THR A 23 -1.17 -10.63 -4.37
N MET A 24 0.09 -10.35 -4.68
CA MET A 24 0.83 -11.16 -5.65
C MET A 24 1.04 -12.57 -5.10
N SER A 25 1.10 -12.68 -3.78
CA SER A 25 1.27 -13.97 -3.13
C SER A 25 0.00 -14.80 -3.27
N GLY A 26 -1.15 -14.12 -3.25
CA GLY A 26 -2.43 -14.80 -3.38
C GLY A 26 -3.26 -14.68 -2.12
N LEU A 27 -3.00 -13.64 -1.34
CA LEU A 27 -3.74 -13.41 -0.10
C LEU A 27 -4.84 -12.38 -0.34
N GLU A 28 -5.97 -12.56 0.33
CA GLU A 28 -7.10 -11.65 0.19
C GLU A 28 -6.77 -10.33 0.89
N CYS A 29 -6.87 -9.23 0.15
CA CYS A 29 -6.58 -7.91 0.70
C CYS A 29 -7.57 -7.53 1.80
N GLN A 30 -7.07 -6.81 2.79
CA GLN A 30 -7.90 -6.33 3.90
C GLN A 30 -8.67 -5.09 3.44
N ALA A 31 -9.88 -4.92 3.95
CA ALA A 31 -10.71 -3.78 3.59
C ALA A 31 -10.04 -2.48 4.01
N TRP A 32 -10.07 -1.49 3.11
CA TRP A 32 -9.46 -0.19 3.38
C TRP A 32 -10.19 0.51 4.53
N ASP A 33 -11.46 0.19 4.70
CA ASP A 33 -12.28 0.77 5.75
C ASP A 33 -12.09 0.01 7.07
N SER A 34 -11.35 -1.08 6.99
CA SER A 34 -11.09 -1.92 8.15
C SER A 34 -9.70 -1.63 8.70
N GLN A 35 -9.56 -1.70 10.01
CA GLN A 35 -8.29 -1.47 10.67
C GLN A 35 -7.79 -2.76 11.29
N SER A 36 -8.45 -3.85 10.93
CA SER A 36 -8.09 -5.17 11.42
C SER A 36 -7.78 -6.08 10.24
N PRO A 37 -6.68 -6.88 10.32
CA PRO A 37 -5.79 -6.91 11.49
C PRO A 37 -4.70 -5.83 11.46
N HIS A 38 -4.58 -5.13 10.33
CA HIS A 38 -3.56 -4.09 10.19
C HIS A 38 -4.17 -2.69 10.21
N ALA A 39 -3.67 -1.85 11.11
CA ALA A 39 -4.16 -0.48 11.21
C ALA A 39 -3.32 0.43 10.31
N HIS A 40 -3.97 1.37 9.64
CA HIS A 40 -3.27 2.27 8.72
C HIS A 40 -3.92 3.65 8.70
N GLY A 41 -3.35 4.55 7.91
CA GLY A 41 -3.88 5.89 7.81
C GLY A 41 -4.43 6.20 6.43
N TYR A 42 -4.88 5.16 5.73
CA TYR A 42 -5.43 5.33 4.39
C TYR A 42 -6.93 5.03 4.41
N ILE A 43 -7.66 5.89 5.09
CA ILE A 43 -9.10 5.75 5.24
C ILE A 43 -9.82 6.29 4.00
N PRO A 44 -10.79 5.53 3.46
CA PRO A 44 -11.57 5.93 2.28
C PRO A 44 -12.18 7.32 2.42
N SER A 45 -12.58 7.68 3.63
CA SER A 45 -13.18 8.98 3.89
C SER A 45 -12.14 10.09 3.78
N LYS A 46 -10.88 9.72 3.88
CA LYS A 46 -9.78 10.68 3.79
C LYS A 46 -9.31 10.80 2.34
N PHE A 47 -9.34 9.68 1.63
CA PHE A 47 -8.92 9.66 0.23
C PHE A 47 -10.05 9.13 -0.67
N PRO A 48 -11.14 9.90 -0.84
CA PRO A 48 -12.27 9.47 -1.66
C PRO A 48 -11.98 9.56 -3.16
N ASN A 49 -10.94 10.29 -3.51
CA ASN A 49 -10.57 10.48 -4.91
C ASN A 49 -9.55 9.44 -5.36
N LYS A 50 -9.23 8.50 -4.48
CA LYS A 50 -8.26 7.47 -4.79
C LYS A 50 -8.95 6.14 -5.06
N ASN A 51 -10.28 6.18 -5.15
CA ASN A 51 -11.10 5.00 -5.44
C ASN A 51 -10.86 3.86 -4.44
N LEU A 52 -10.75 4.21 -3.17
CA LEU A 52 -10.54 3.20 -2.12
C LEU A 52 -11.86 2.55 -1.75
N LYS A 53 -12.20 1.48 -2.44
CA LYS A 53 -13.45 0.77 -2.20
C LYS A 53 -13.20 -0.65 -1.72
N LYS A 54 -13.97 -1.05 -0.71
CA LYS A 54 -13.88 -2.39 -0.12
C LYS A 54 -12.44 -2.80 0.19
N ASN A 55 -11.98 -3.85 -0.48
CA ASN A 55 -10.64 -4.36 -0.28
C ASN A 55 -9.92 -4.53 -1.62
N TYR A 56 -10.36 -3.80 -2.63
CA TYR A 56 -9.75 -3.90 -3.95
C TYR A 56 -8.35 -3.32 -3.96
N CYS A 57 -7.48 -3.89 -4.78
CA CYS A 57 -6.10 -3.41 -4.91
C CYS A 57 -6.10 -2.02 -5.52
N ARG A 58 -5.51 -1.06 -4.82
CA ARG A 58 -5.46 0.30 -5.30
C ARG A 58 -4.06 0.89 -5.12
N ASN A 59 -3.83 2.01 -5.76
CA ASN A 59 -2.54 2.70 -5.66
C ASN A 59 -2.80 4.13 -5.23
N PRO A 60 -2.93 4.36 -3.91
CA PRO A 60 -3.22 5.69 -3.37
C PRO A 60 -1.98 6.53 -3.07
N ASP A 61 -0.85 5.88 -2.82
CA ASP A 61 0.37 6.61 -2.47
C ASP A 61 1.23 6.88 -3.70
N ARG A 62 0.75 6.46 -4.87
CA ARG A 62 1.45 6.67 -6.14
C ARG A 62 2.71 5.80 -6.20
N ASP A 63 2.58 4.55 -5.78
CA ASP A 63 3.69 3.61 -5.79
C ASP A 63 3.89 3.05 -7.20
N LEU A 64 4.83 2.12 -7.35
CA LEU A 64 5.12 1.51 -8.64
C LEU A 64 3.91 0.76 -9.19
N ARG A 65 3.37 -0.13 -8.37
CA ARG A 65 2.20 -0.92 -8.75
C ARG A 65 1.19 -0.89 -7.61
N PRO A 66 -0.10 -1.08 -7.90
CA PRO A 66 -1.14 -1.09 -6.87
C PRO A 66 -0.85 -2.15 -5.80
N TRP A 67 -1.26 -1.87 -4.58
CA TRP A 67 -1.00 -2.77 -3.48
C TRP A 67 -2.17 -2.79 -2.52
N CYS A 68 -2.05 -3.58 -1.46
CA CYS A 68 -3.08 -3.69 -0.46
C CYS A 68 -2.52 -4.34 0.79
N PHE A 69 -3.25 -4.21 1.89
CA PHE A 69 -2.85 -4.82 3.15
C PHE A 69 -3.29 -6.28 3.12
N THR A 70 -2.44 -7.18 3.57
CA THR A 70 -2.77 -8.59 3.55
C THR A 70 -3.56 -8.98 4.79
N THR A 71 -4.14 -10.17 4.76
CA THR A 71 -4.90 -10.68 5.88
C THR A 71 -4.02 -11.49 6.83
N ASP A 72 -2.72 -11.48 6.55
CA ASP A 72 -1.76 -12.20 7.37
C ASP A 72 -1.02 -11.24 8.28
N PRO A 73 -1.06 -11.48 9.61
CA PRO A 73 -0.40 -10.62 10.59
C PRO A 73 1.13 -10.57 10.45
N ASN A 74 1.69 -11.49 9.67
CA ASN A 74 3.13 -11.54 9.47
C ASN A 74 3.55 -10.72 8.25
N LYS A 75 2.56 -10.20 7.53
CA LYS A 75 2.83 -9.39 6.35
C LYS A 75 1.84 -8.23 6.30
N ARG A 76 2.31 -7.05 6.65
CA ARG A 76 1.48 -5.86 6.66
C ARG A 76 0.93 -5.51 5.27
N TRP A 77 1.81 -5.20 4.34
CA TRP A 77 1.37 -4.83 3.00
C TRP A 77 2.17 -5.54 1.92
N GLU A 78 1.56 -5.68 0.75
CA GLU A 78 2.19 -6.31 -0.40
C GLU A 78 1.54 -5.81 -1.68
N TYR A 79 2.25 -5.92 -2.79
CA TYR A 79 1.74 -5.47 -4.08
C TYR A 79 0.88 -6.55 -4.73
N CYS A 80 0.00 -6.14 -5.61
CA CYS A 80 -0.88 -7.07 -6.30
C CYS A 80 -0.36 -7.33 -7.72
N ASP A 81 -0.83 -8.41 -8.33
CA ASP A 81 -0.42 -8.76 -9.68
C ASP A 81 -1.56 -8.48 -10.64
N ILE A 82 -1.70 -7.23 -11.01
CA ILE A 82 -2.76 -6.81 -11.92
C ILE A 82 -2.22 -6.70 -13.34
N PRO A 83 -2.89 -7.37 -14.31
CA PRO A 83 -2.49 -7.33 -15.72
C PRO A 83 -2.43 -5.92 -16.29
N ARG A 84 -1.71 -5.77 -17.39
CA ARG A 84 -1.57 -4.48 -18.05
C ARG A 84 -2.42 -4.45 -19.31
N CYS A 85 -2.80 -3.25 -19.74
CA CYS A 85 -3.63 -3.11 -20.93
C CYS A 85 -2.76 -3.10 -22.19
N GLY B 1 -17.14 28.95 -1.28
CA GLY B 1 -18.30 28.50 -0.51
C GLY B 1 -19.58 29.14 -1.00
N SER B 2 -19.50 30.40 -1.42
CA SER B 2 -20.67 31.10 -1.93
C SER B 2 -20.83 30.84 -3.42
N ALA B 3 -19.73 30.48 -4.07
CA ALA B 3 -19.75 30.19 -5.50
C ALA B 3 -20.26 28.78 -5.75
N GLY B 4 -19.67 27.80 -5.09
CA GLY B 4 -20.07 26.42 -5.27
C GLY B 4 -19.26 25.71 -6.33
N LEU B 5 -18.38 26.46 -6.99
CA LEU B 5 -17.53 25.90 -8.05
C LEU B 5 -16.21 25.41 -7.48
N GLN B 6 -15.92 25.81 -6.25
CA GLN B 6 -14.68 25.40 -5.60
C GLN B 6 -14.88 24.02 -4.98
N GLU B 7 -16.06 23.82 -4.44
CA GLU B 7 -16.43 22.56 -3.82
C GLU B 7 -16.50 21.45 -4.86
N LYS B 8 -16.54 21.84 -6.13
CA LYS B 8 -16.60 20.90 -7.24
C LYS B 8 -15.32 20.06 -7.28
N GLU B 9 -14.20 20.72 -7.04
CA GLU B 9 -12.90 20.05 -7.07
C GLU B 9 -12.57 19.40 -5.73
N ARG B 10 -13.18 19.94 -4.66
CA ARG B 10 -12.96 19.43 -3.30
C ARG B 10 -11.52 19.59 -2.84
N GLU B 11 -10.79 20.47 -3.53
CA GLU B 11 -9.37 20.74 -3.22
C GLU B 11 -8.53 19.48 -3.36
N LEU B 12 -8.21 19.12 -4.60
CA LEU B 12 -7.40 17.94 -4.86
C LEU B 12 -5.98 18.14 -4.33
N GLU B 13 -5.48 19.36 -4.53
CA GLU B 13 -4.14 19.73 -4.09
C GLU B 13 -3.97 19.59 -2.59
N ASP B 14 -5.02 19.93 -1.84
CA ASP B 14 -4.98 19.84 -0.39
C ASP B 14 -4.81 18.39 0.05
N LEU B 15 -5.42 17.48 -0.71
CA LEU B 15 -5.34 16.06 -0.41
C LEU B 15 -3.99 15.49 -0.83
N LYS B 16 -3.54 15.87 -2.03
CA LYS B 16 -2.26 15.39 -2.56
C LYS B 16 -1.09 15.87 -1.70
N ASP B 17 -1.29 16.99 -1.02
CA ASP B 17 -0.25 17.56 -0.15
C ASP B 17 0.11 16.58 0.95
N ALA B 18 -0.89 15.88 1.48
CA ALA B 18 -0.68 14.91 2.54
C ALA B 18 0.12 13.72 2.04
N GLU B 19 -0.08 13.37 0.78
CA GLU B 19 0.63 12.24 0.17
C GLU B 19 2.11 12.54 0.12
N LEU B 20 2.43 13.77 -0.25
CA LEU B 20 3.82 14.21 -0.36
C LEU B 20 4.42 14.47 1.03
N LYS B 21 3.59 14.92 1.95
CA LYS B 21 4.02 15.23 3.31
C LYS B 21 4.48 13.98 4.05
N ARG B 22 3.66 12.94 4.03
CA ARG B 22 4.00 11.70 4.72
C ARG B 22 5.09 10.94 3.98
N LEU B 23 4.88 10.75 2.68
CA LEU B 23 5.83 10.04 1.81
C LEU B 23 6.13 8.63 2.33
N ASN B 24 5.13 8.00 2.93
CA ASN B 24 5.25 6.64 3.46
C ASN B 24 6.33 6.52 4.52
N GLU B 25 6.51 7.56 5.32
CA GLU B 25 7.51 7.54 6.38
C GLU B 25 7.21 6.44 7.39
N GLU B 26 5.93 6.33 7.75
CA GLU B 26 5.50 5.31 8.70
C GLU B 26 5.66 3.93 8.08
N ARG B 27 5.13 3.80 6.86
CA ARG B 27 5.23 2.56 6.09
C ARG B 27 6.65 1.98 6.13
N HIS B 28 7.64 2.84 5.90
CA HIS B 28 9.04 2.41 5.90
C HIS B 28 9.49 1.94 7.28
N ASP B 29 9.17 2.71 8.31
CA ASP B 29 9.56 2.38 9.68
C ASP B 29 8.84 1.12 10.18
N HIS B 30 7.57 1.01 9.84
CA HIS B 30 6.76 -0.14 10.25
C HIS B 30 7.32 -1.43 9.67
N ASP B 31 7.75 -1.37 8.42
CA ASP B 31 8.30 -2.54 7.74
C ASP B 31 9.63 -2.93 8.37
N LYS B 32 10.39 -1.92 8.78
CA LYS B 32 11.70 -2.10 9.41
C LYS B 32 11.57 -3.01 10.64
N ARG B 33 10.54 -2.75 11.45
CA ARG B 33 10.30 -3.52 12.66
C ARG B 33 9.74 -4.90 12.32
N GLU B 34 8.88 -4.94 11.30
CA GLU B 34 8.27 -6.19 10.86
C GLU B 34 9.33 -7.18 10.40
N ALA B 35 10.31 -6.68 9.66
CA ALA B 35 11.40 -7.50 9.16
C ALA B 35 12.20 -8.11 10.31
N GLU B 36 12.32 -7.35 11.40
CA GLU B 36 13.06 -7.82 12.57
C GLU B 36 12.33 -8.96 13.25
N ARG B 37 11.00 -8.94 13.19
CA ARG B 37 10.19 -9.99 13.79
C ARG B 37 10.39 -11.29 13.03
N LYS B 38 10.48 -11.19 11.71
CA LYS B 38 10.67 -12.36 10.86
C LYS B 38 12.04 -12.97 11.12
N ALA B 39 13.07 -12.13 11.18
CA ALA B 39 14.42 -12.59 11.44
C ALA B 39 14.54 -13.28 12.79
N LEU B 40 13.72 -12.85 13.75
CA LEU B 40 13.72 -13.43 15.09
C LEU B 40 13.36 -14.91 15.03
N GLU B 41 12.39 -15.24 14.18
CA GLU B 41 11.95 -16.62 14.03
C GLU B 41 12.87 -17.38 13.09
N ASP B 42 13.42 -16.64 12.13
CA ASP B 42 14.34 -17.18 11.14
C ASP B 42 15.61 -17.72 11.80
N LYS B 43 16.23 -16.90 12.64
CA LYS B 43 17.45 -17.31 13.33
C LYS B 43 17.17 -18.33 14.42
N LEU B 44 15.93 -18.35 14.90
CA LEU B 44 15.52 -19.28 15.95
C LEU B 44 15.32 -20.68 15.39
N ALA B 45 15.48 -20.84 14.08
CA ALA B 45 15.32 -22.13 13.43
C ALA B 45 16.56 -22.99 13.63
N ASP B 46 17.70 -22.33 13.90
CA ASP B 46 18.99 -23.01 14.12
C ASP B 46 19.27 -24.00 12.99
N LYS B 47 19.13 -23.54 11.75
CA LYS B 47 19.34 -24.39 10.59
C LYS B 47 20.83 -24.70 10.40
N GLN B 48 21.65 -23.66 10.31
CA GLN B 48 23.08 -23.85 10.14
C GLN B 48 23.85 -23.23 11.29
N GLU B 49 23.23 -22.24 11.95
CA GLU B 49 23.85 -21.54 13.08
C GLU B 49 25.15 -20.88 12.65
N HIS B 50 25.12 -20.30 11.45
CA HIS B 50 26.29 -19.64 10.87
C HIS B 50 26.43 -18.19 11.35
N LEU B 51 26.10 -17.95 12.61
CA LEU B 51 26.20 -16.59 13.16
C LEU B 51 26.74 -16.63 14.58
N ASP B 52 27.82 -15.90 14.82
CA ASP B 52 28.44 -15.83 16.14
C ASP B 52 27.77 -14.75 16.97
N GLY B 53 27.41 -13.66 16.31
CA GLY B 53 26.76 -12.56 16.99
C GLY B 53 27.75 -11.45 17.34
N ALA B 54 28.77 -11.30 16.51
CA ALA B 54 29.78 -10.27 16.72
C ALA B 54 29.28 -8.92 16.22
N LEU B 55 29.08 -8.81 14.92
CA LEU B 55 28.60 -7.57 14.31
C LEU B 55 27.13 -7.36 14.63
N ARG B 56 26.34 -8.42 14.50
CA ARG B 56 24.91 -8.39 14.76
C ARG B 56 24.21 -7.49 13.74
N TYR B 57 24.74 -7.48 12.52
CA TYR B 57 24.21 -6.67 11.43
C TYR B 57 24.06 -5.20 11.84
N GLU A 6 -11.66 -0.58 -15.04
CA GLU A 6 -11.01 -1.57 -15.87
C GLU A 6 -10.33 -2.62 -15.01
N GLU A 7 -10.07 -3.78 -15.60
CA GLU A 7 -9.42 -4.88 -14.90
C GLU A 7 -7.94 -4.98 -15.28
N CYS A 8 -7.40 -3.89 -15.82
CA CYS A 8 -6.01 -3.86 -16.21
C CYS A 8 -5.41 -2.49 -15.92
N MET A 9 -4.10 -2.41 -15.88
CA MET A 9 -3.43 -1.13 -15.60
C MET A 9 -2.70 -0.63 -16.84
N HIS A 10 -2.65 0.69 -16.99
CA HIS A 10 -1.99 1.30 -18.14
C HIS A 10 -0.55 1.64 -17.79
N GLY A 11 -0.34 2.06 -16.55
CA GLY A 11 0.99 2.42 -16.10
C GLY A 11 1.23 1.98 -14.67
N SER A 12 1.34 2.93 -13.76
CA SER A 12 1.57 2.63 -12.36
C SER A 12 0.32 2.07 -11.69
N GLY A 13 -0.82 2.24 -12.35
CA GLY A 13 -2.07 1.73 -11.81
C GLY A 13 -2.78 2.75 -10.95
N GLU A 14 -2.42 4.01 -11.14
CA GLU A 14 -3.01 5.12 -10.40
C GLU A 14 -4.47 5.29 -10.79
N ASN A 15 -4.77 5.00 -12.05
CA ASN A 15 -6.12 5.13 -12.57
C ASN A 15 -6.78 3.77 -12.71
N TYR A 16 -6.41 2.83 -11.83
CA TYR A 16 -6.96 1.49 -11.85
C TYR A 16 -8.12 1.36 -10.87
N ASP A 17 -9.26 0.89 -11.36
CA ASP A 17 -10.43 0.70 -10.53
C ASP A 17 -11.11 -0.64 -10.85
N GLY A 18 -10.37 -1.71 -10.60
CA GLY A 18 -10.89 -3.05 -10.87
C GLY A 18 -11.41 -3.72 -9.61
N LYS A 19 -11.74 -4.99 -9.72
CA LYS A 19 -12.28 -5.73 -8.58
C LYS A 19 -11.26 -6.72 -8.02
N ILE A 20 -10.01 -6.60 -8.43
CA ILE A 20 -8.95 -7.48 -7.95
C ILE A 20 -8.64 -7.17 -6.49
N SER A 21 -8.78 -8.18 -5.64
CA SER A 21 -8.53 -8.02 -4.22
C SER A 21 -7.55 -9.08 -3.71
N LYS A 22 -6.55 -9.40 -4.52
CA LYS A 22 -5.57 -10.40 -4.13
C LYS A 22 -4.14 -9.92 -4.39
N THR A 23 -3.27 -10.20 -3.43
CA THR A 23 -1.88 -9.82 -3.51
C THR A 23 -1.14 -10.67 -4.55
N MET A 24 0.15 -10.39 -4.75
CA MET A 24 0.94 -11.17 -5.69
C MET A 24 1.13 -12.58 -5.18
N SER A 25 1.09 -12.73 -3.85
CA SER A 25 1.22 -14.02 -3.21
C SER A 25 -0.06 -14.83 -3.34
N GLY A 26 -1.19 -14.13 -3.46
CA GLY A 26 -2.47 -14.79 -3.59
C GLY A 26 -3.30 -14.70 -2.33
N LEU A 27 -3.05 -13.66 -1.53
CA LEU A 27 -3.78 -13.45 -0.29
C LEU A 27 -4.92 -12.47 -0.53
N GLU A 28 -6.01 -12.64 0.20
CA GLU A 28 -7.15 -11.73 0.07
C GLU A 28 -6.86 -10.45 0.83
N CYS A 29 -6.94 -9.33 0.15
CA CYS A 29 -6.66 -8.03 0.74
C CYS A 29 -7.65 -7.68 1.85
N GLN A 30 -7.18 -6.86 2.77
CA GLN A 30 -8.00 -6.37 3.89
C GLN A 30 -8.75 -5.12 3.42
N ALA A 31 -9.98 -4.96 3.90
CA ALA A 31 -10.80 -3.81 3.53
C ALA A 31 -10.15 -2.51 3.97
N TRP A 32 -10.17 -1.52 3.09
CA TRP A 32 -9.57 -0.22 3.37
C TRP A 32 -10.31 0.50 4.50
N ASP A 33 -11.58 0.16 4.69
CA ASP A 33 -12.38 0.77 5.72
C ASP A 33 -12.27 -0.01 7.03
N SER A 34 -11.41 -1.03 7.01
CA SER A 34 -11.19 -1.85 8.19
C SER A 34 -9.79 -1.62 8.71
N GLN A 35 -9.62 -1.68 10.03
CA GLN A 35 -8.32 -1.47 10.66
C GLN A 35 -7.81 -2.74 11.30
N SER A 36 -8.40 -3.86 10.91
CA SER A 36 -8.00 -5.16 11.45
C SER A 36 -7.66 -6.12 10.32
N PRO A 37 -6.57 -6.89 10.45
CA PRO A 37 -5.69 -6.86 11.62
C PRO A 37 -4.62 -5.76 11.54
N HIS A 38 -4.47 -5.17 10.37
CA HIS A 38 -3.47 -4.12 10.18
C HIS A 38 -4.11 -2.74 10.22
N ALA A 39 -3.65 -1.91 11.15
CA ALA A 39 -4.16 -0.56 11.30
C ALA A 39 -3.34 0.41 10.44
N HIS A 40 -4.02 1.30 9.74
CA HIS A 40 -3.37 2.26 8.86
C HIS A 40 -4.07 3.62 8.94
N GLY A 41 -3.55 4.58 8.18
CA GLY A 41 -4.13 5.90 8.19
C GLY A 41 -4.75 6.29 6.86
N TYR A 42 -4.91 5.32 5.97
CA TYR A 42 -5.50 5.58 4.67
C TYR A 42 -7.02 5.50 4.76
N ILE A 43 -7.60 6.50 5.39
CA ILE A 43 -9.04 6.58 5.57
C ILE A 43 -9.74 6.85 4.24
N PRO A 44 -10.64 5.96 3.82
CA PRO A 44 -11.38 6.11 2.57
C PRO A 44 -12.13 7.42 2.47
N SER A 45 -12.57 7.93 3.62
CA SER A 45 -13.31 9.18 3.69
C SER A 45 -12.37 10.38 3.50
N LYS A 46 -11.11 10.22 3.92
CA LYS A 46 -10.13 11.28 3.79
C LYS A 46 -9.66 11.37 2.34
N PHE A 47 -9.49 10.21 1.71
CA PHE A 47 -9.06 10.15 0.32
C PHE A 47 -10.14 9.49 -0.54
N PRO A 48 -11.20 10.24 -0.89
CA PRO A 48 -12.31 9.72 -1.68
C PRO A 48 -12.01 9.70 -3.18
N ASN A 49 -10.84 10.21 -3.55
CA ASN A 49 -10.45 10.26 -4.95
C ASN A 49 -9.41 9.20 -5.29
N LYS A 50 -9.11 8.33 -4.33
CA LYS A 50 -8.13 7.28 -4.57
C LYS A 50 -8.81 5.94 -4.84
N ASN A 51 -10.13 5.98 -4.96
CA ASN A 51 -10.94 4.80 -5.26
C ASN A 51 -10.72 3.66 -4.26
N LEU A 52 -10.63 3.99 -2.98
CA LEU A 52 -10.45 2.98 -1.95
C LEU A 52 -11.78 2.30 -1.67
N LYS A 53 -12.11 1.33 -2.52
CA LYS A 53 -13.37 0.60 -2.41
C LYS A 53 -13.14 -0.82 -1.92
N LYS A 54 -13.90 -1.19 -0.89
CA LYS A 54 -13.84 -2.53 -0.30
C LYS A 54 -12.40 -2.91 0.06
N ASN A 55 -11.92 -3.99 -0.54
CA ASN A 55 -10.57 -4.48 -0.31
C ASN A 55 -9.83 -4.63 -1.62
N TYR A 56 -10.23 -3.84 -2.62
CA TYR A 56 -9.61 -3.90 -3.93
C TYR A 56 -8.24 -3.21 -3.92
N CYS A 57 -7.30 -3.80 -4.64
CA CYS A 57 -5.94 -3.26 -4.73
C CYS A 57 -5.94 -1.91 -5.43
N ARG A 58 -5.34 -0.91 -4.79
CA ARG A 58 -5.28 0.43 -5.34
C ARG A 58 -3.90 1.05 -5.11
N ASN A 59 -3.68 2.21 -5.69
CA ASN A 59 -2.43 2.95 -5.54
C ASN A 59 -2.76 4.35 -5.06
N PRO A 60 -2.89 4.53 -3.74
CA PRO A 60 -3.26 5.82 -3.15
C PRO A 60 -2.10 6.76 -2.84
N ASP A 61 -0.87 6.32 -3.06
CA ASP A 61 0.27 7.18 -2.75
C ASP A 61 1.32 7.20 -3.86
N ARG A 62 0.95 6.73 -5.05
CA ARG A 62 1.86 6.71 -6.19
C ARG A 62 3.16 5.95 -5.90
N ASP A 63 3.05 4.81 -5.24
CA ASP A 63 4.25 4.03 -4.92
C ASP A 63 4.85 3.41 -6.18
N LEU A 64 4.27 2.29 -6.62
CA LEU A 64 4.76 1.60 -7.81
C LEU A 64 3.60 0.97 -8.56
N ARG A 65 2.98 -0.02 -7.93
CA ARG A 65 1.84 -0.72 -8.51
C ARG A 65 0.76 -0.85 -7.45
N PRO A 66 -0.49 -1.11 -7.83
CA PRO A 66 -1.59 -1.27 -6.88
C PRO A 66 -1.21 -2.24 -5.77
N TRP A 67 -1.53 -1.89 -4.54
CA TRP A 67 -1.17 -2.71 -3.40
C TRP A 67 -2.34 -2.76 -2.43
N CYS A 68 -2.19 -3.56 -1.38
CA CYS A 68 -3.23 -3.70 -0.37
C CYS A 68 -2.66 -4.34 0.89
N PHE A 69 -3.39 -4.20 1.98
CA PHE A 69 -2.99 -4.82 3.23
C PHE A 69 -3.43 -6.28 3.19
N THR A 70 -2.58 -7.17 3.66
CA THR A 70 -2.90 -8.59 3.61
C THR A 70 -3.63 -9.03 4.87
N THR A 71 -4.18 -10.23 4.83
CA THR A 71 -4.88 -10.80 5.97
C THR A 71 -3.92 -11.67 6.77
N ASP A 72 -2.64 -11.55 6.43
CA ASP A 72 -1.59 -12.30 7.08
C ASP A 72 -0.77 -11.37 7.99
N PRO A 73 -0.74 -11.64 9.30
CA PRO A 73 0.00 -10.82 10.26
C PRO A 73 1.52 -10.85 10.03
N ASN A 74 1.97 -11.72 9.15
CA ASN A 74 3.40 -11.85 8.85
C ASN A 74 3.83 -10.84 7.78
N LYS A 75 2.86 -10.18 7.16
CA LYS A 75 3.15 -9.18 6.13
C LYS A 75 2.06 -8.11 6.10
N ARG A 76 2.42 -6.92 6.55
CA ARG A 76 1.49 -5.79 6.62
C ARG A 76 0.85 -5.47 5.27
N TRP A 77 1.67 -5.15 4.28
CA TRP A 77 1.18 -4.79 2.96
C TRP A 77 1.97 -5.53 1.89
N GLU A 78 1.37 -5.64 0.70
CA GLU A 78 2.01 -6.31 -0.41
C GLU A 78 1.45 -5.79 -1.73
N TYR A 79 2.21 -5.92 -2.80
CA TYR A 79 1.77 -5.48 -4.12
C TYR A 79 0.91 -6.55 -4.76
N CYS A 80 -0.09 -6.12 -5.53
CA CYS A 80 -0.97 -7.05 -6.20
C CYS A 80 -0.53 -7.25 -7.65
N ASP A 81 -1.04 -8.29 -8.28
CA ASP A 81 -0.68 -8.58 -9.67
C ASP A 81 -1.87 -8.37 -10.58
N ILE A 82 -1.83 -7.29 -11.34
CA ILE A 82 -2.89 -6.95 -12.27
C ILE A 82 -2.31 -6.82 -13.67
N PRO A 83 -2.82 -7.59 -14.64
CA PRO A 83 -2.33 -7.53 -16.03
C PRO A 83 -2.43 -6.13 -16.62
N ARG A 84 -1.48 -5.79 -17.49
CA ARG A 84 -1.45 -4.49 -18.14
C ARG A 84 -2.32 -4.52 -19.38
N CYS A 85 -2.77 -3.37 -19.83
CA CYS A 85 -3.63 -3.28 -21.01
C CYS A 85 -2.80 -3.19 -22.28
N GLY B 1 -15.56 32.98 -2.40
CA GLY B 1 -15.64 34.14 -3.27
C GLY B 1 -17.02 34.29 -3.87
N SER B 2 -17.17 35.26 -4.76
CA SER B 2 -18.46 35.51 -5.40
C SER B 2 -18.54 34.81 -6.76
N ALA B 3 -17.41 34.75 -7.46
CA ALA B 3 -17.37 34.13 -8.77
C ALA B 3 -17.54 32.62 -8.65
N GLY B 4 -16.92 32.05 -7.63
CA GLY B 4 -17.03 30.61 -7.40
C GLY B 4 -16.23 29.79 -8.39
N LEU B 5 -15.21 30.40 -8.97
CA LEU B 5 -14.37 29.71 -9.95
C LEU B 5 -13.40 28.76 -9.23
N GLN B 6 -13.14 29.06 -7.97
CA GLN B 6 -12.23 28.26 -7.16
C GLN B 6 -12.87 26.93 -6.78
N GLU B 7 -14.19 26.87 -6.85
CA GLU B 7 -14.93 25.67 -6.49
C GLU B 7 -14.76 24.59 -7.55
N LYS B 8 -14.24 24.99 -8.72
CA LYS B 8 -14.03 24.07 -9.83
C LYS B 8 -12.69 23.36 -9.68
N GLU B 9 -11.84 23.89 -8.82
CA GLU B 9 -10.51 23.32 -8.61
C GLU B 9 -10.56 22.17 -7.62
N ARG B 10 -11.46 22.26 -6.63
CA ARG B 10 -11.64 21.24 -5.61
C ARG B 10 -10.37 21.03 -4.78
N GLU B 11 -9.45 22.00 -4.85
CA GLU B 11 -8.18 21.94 -4.13
C GLU B 11 -7.37 20.70 -4.49
N LEU B 12 -7.54 20.21 -5.71
CA LEU B 12 -6.83 19.04 -6.17
C LEU B 12 -5.35 19.36 -6.41
N GLU B 13 -5.09 20.64 -6.68
CA GLU B 13 -3.73 21.10 -6.91
C GLU B 13 -2.92 20.99 -5.61
N ASP B 14 -3.59 21.25 -4.49
CA ASP B 14 -2.97 21.18 -3.18
C ASP B 14 -2.71 19.72 -2.80
N LEU B 15 -3.61 18.84 -3.20
CA LEU B 15 -3.49 17.42 -2.91
C LEU B 15 -2.25 16.83 -3.58
N LYS B 16 -1.96 17.28 -4.79
CA LYS B 16 -0.78 16.82 -5.52
C LYS B 16 0.50 17.18 -4.77
N ASP B 17 0.47 18.33 -4.11
CA ASP B 17 1.62 18.80 -3.34
C ASP B 17 1.82 17.94 -2.10
N ALA B 18 0.71 17.43 -1.55
CA ALA B 18 0.75 16.58 -0.37
C ALA B 18 1.41 15.24 -0.68
N GLU B 19 1.10 14.70 -1.85
CA GLU B 19 1.66 13.43 -2.30
C GLU B 19 3.18 13.50 -2.33
N LEU B 20 3.69 14.60 -2.88
CA LEU B 20 5.13 14.80 -2.99
C LEU B 20 5.74 15.17 -1.64
N LYS B 21 4.91 15.71 -0.75
CA LYS B 21 5.37 16.11 0.58
C LYS B 21 5.70 14.89 1.42
N ARG B 22 4.84 13.88 1.38
CA ARG B 22 5.04 12.66 2.14
C ARG B 22 6.21 11.86 1.57
N LEU B 23 6.16 11.62 0.25
CA LEU B 23 7.20 10.89 -0.47
C LEU B 23 7.34 9.44 0.05
N ASN B 24 6.29 8.97 0.73
CA ASN B 24 6.26 7.62 1.28
C ASN B 24 7.47 7.36 2.17
N GLU B 25 7.93 8.40 2.86
CA GLU B 25 9.08 8.30 3.74
C GLU B 25 8.80 7.34 4.89
N GLU B 26 7.54 7.30 5.33
CA GLU B 26 7.14 6.44 6.44
C GLU B 26 7.32 4.98 6.03
N ARG B 27 6.71 4.62 4.90
CA ARG B 27 6.79 3.27 4.36
C ARG B 27 8.23 2.77 4.30
N HIS B 28 9.16 3.61 3.86
CA HIS B 28 10.56 3.21 3.76
C HIS B 28 11.13 2.82 5.13
N ASP B 29 10.87 3.63 6.14
CA ASP B 29 11.34 3.35 7.50
C ASP B 29 10.63 2.12 8.07
N HIS B 30 9.35 2.02 7.78
CA HIS B 30 8.53 0.90 8.25
C HIS B 30 9.04 -0.41 7.69
N ASP B 31 9.35 -0.41 6.39
CA ASP B 31 9.87 -1.58 5.71
C ASP B 31 11.26 -1.94 6.22
N LYS B 32 12.00 -0.91 6.63
CA LYS B 32 13.34 -1.09 7.17
C LYS B 32 13.29 -1.86 8.48
N ARG B 33 12.35 -1.48 9.35
CA ARG B 33 12.20 -2.14 10.64
C ARG B 33 11.72 -3.58 10.45
N GLU B 34 10.93 -3.81 9.41
CA GLU B 34 10.42 -5.14 9.12
C GLU B 34 11.57 -6.07 8.71
N ALA B 35 12.59 -5.50 8.07
CA ALA B 35 13.75 -6.27 7.63
C ALA B 35 14.44 -6.92 8.82
N GLU B 36 14.56 -6.18 9.91
CA GLU B 36 15.18 -6.68 11.12
C GLU B 36 14.41 -7.88 11.66
N ARG B 37 13.10 -7.85 11.47
CA ARG B 37 12.23 -8.93 11.91
C ARG B 37 12.44 -10.15 11.02
N LYS B 38 12.59 -9.92 9.73
CA LYS B 38 12.80 -10.99 8.76
C LYS B 38 14.14 -11.70 9.02
N ALA B 39 15.17 -10.91 9.26
CA ALA B 39 16.50 -11.44 9.54
C ALA B 39 16.47 -12.30 10.80
N LEU B 40 15.63 -11.90 11.75
CA LEU B 40 15.50 -12.64 13.00
C LEU B 40 14.98 -14.04 12.73
N GLU B 41 14.10 -14.16 11.73
CA GLU B 41 13.53 -15.44 11.36
C GLU B 41 14.57 -16.34 10.72
N ASP B 42 15.49 -15.73 9.97
CA ASP B 42 16.56 -16.47 9.31
C ASP B 42 17.58 -16.96 10.34
N LYS B 43 17.81 -16.14 11.36
CA LYS B 43 18.74 -16.49 12.43
C LYS B 43 18.24 -17.71 13.20
N LEU B 44 16.92 -17.81 13.29
CA LEU B 44 16.28 -18.90 14.01
C LEU B 44 16.41 -20.24 13.27
N ALA B 45 16.90 -20.18 12.04
CA ALA B 45 17.06 -21.39 11.25
C ALA B 45 18.50 -21.93 11.35
N ASP B 46 19.41 -21.05 11.77
CA ASP B 46 20.83 -21.41 11.90
C ASP B 46 21.36 -21.98 10.59
N LYS B 47 21.39 -21.16 9.57
CA LYS B 47 21.86 -21.59 8.25
C LYS B 47 23.34 -21.33 8.08
N GLN B 48 23.69 -20.11 7.69
CA GLN B 48 25.08 -19.75 7.47
C GLN B 48 25.63 -18.99 8.67
N GLU B 49 24.78 -18.16 9.29
CA GLU B 49 25.17 -17.36 10.45
C GLU B 49 26.35 -16.45 10.10
N HIS B 50 26.36 -15.95 8.88
CA HIS B 50 27.43 -15.07 8.41
C HIS B 50 27.29 -13.67 9.02
N LEU B 51 26.09 -13.35 9.45
CA LEU B 51 25.80 -12.06 10.05
C LEU B 51 25.45 -12.23 11.51
N ASP B 52 26.22 -11.59 12.37
CA ASP B 52 25.98 -11.64 13.80
C ASP B 52 24.83 -10.73 14.16
N GLY B 53 24.71 -9.64 13.43
CA GLY B 53 23.64 -8.70 13.66
C GLY B 53 24.01 -7.67 14.71
N ALA B 54 25.30 -7.59 15.04
CA ALA B 54 25.78 -6.65 16.04
C ALA B 54 25.65 -5.21 15.53
N LEU B 55 25.84 -5.04 14.22
CA LEU B 55 25.72 -3.73 13.60
C LEU B 55 24.28 -3.25 13.63
N ARG B 56 23.34 -4.20 13.67
CA ARG B 56 21.91 -3.91 13.71
C ARG B 56 21.48 -3.05 12.52
N TYR B 57 22.10 -3.30 11.37
CA TYR B 57 21.81 -2.56 10.14
C TYR B 57 22.03 -1.07 10.34
N GLU A 6 -11.50 -0.22 -15.20
CA GLU A 6 -10.78 -1.23 -15.98
C GLU A 6 -10.21 -2.29 -15.05
N GLU A 7 -9.88 -3.46 -15.61
CA GLU A 7 -9.32 -4.55 -14.83
C GLU A 7 -7.86 -4.78 -15.19
N CYS A 8 -7.22 -3.71 -15.61
CA CYS A 8 -5.81 -3.76 -15.98
C CYS A 8 -5.18 -2.39 -15.76
N MET A 9 -3.85 -2.32 -15.78
CA MET A 9 -3.16 -1.07 -15.57
C MET A 9 -2.48 -0.60 -16.86
N HIS A 10 -2.50 0.70 -17.08
CA HIS A 10 -1.85 1.28 -18.25
C HIS A 10 -0.46 1.79 -17.88
N GLY A 11 -0.33 2.28 -16.67
CA GLY A 11 0.93 2.78 -16.18
C GLY A 11 1.32 2.16 -14.85
N SER A 12 1.16 2.93 -13.78
CA SER A 12 1.50 2.45 -12.45
C SER A 12 0.28 1.87 -11.73
N GLY A 13 -0.90 2.11 -12.29
CA GLY A 13 -2.12 1.60 -11.68
C GLY A 13 -2.85 2.66 -10.88
N GLU A 14 -2.49 3.91 -11.07
CA GLU A 14 -3.12 5.02 -10.35
C GLU A 14 -4.57 5.15 -10.79
N ASN A 15 -4.81 5.06 -12.08
CA ASN A 15 -6.15 5.19 -12.63
C ASN A 15 -6.84 3.83 -12.74
N TYR A 16 -6.41 2.88 -11.93
CA TYR A 16 -6.98 1.54 -11.93
C TYR A 16 -8.13 1.45 -10.94
N ASP A 17 -9.25 0.93 -11.40
CA ASP A 17 -10.43 0.77 -10.56
C ASP A 17 -11.11 -0.56 -10.89
N GLY A 18 -10.43 -1.65 -10.53
CA GLY A 18 -10.95 -2.97 -10.79
C GLY A 18 -11.40 -3.67 -9.53
N LYS A 19 -11.73 -4.94 -9.65
CA LYS A 19 -12.21 -5.72 -8.52
C LYS A 19 -11.17 -6.72 -8.00
N ILE A 20 -9.93 -6.60 -8.48
CA ILE A 20 -8.88 -7.50 -8.02
C ILE A 20 -8.52 -7.15 -6.58
N SER A 21 -8.60 -8.13 -5.70
CA SER A 21 -8.32 -7.90 -4.29
C SER A 21 -7.36 -8.95 -3.72
N LYS A 22 -6.37 -9.34 -4.50
CA LYS A 22 -5.41 -10.32 -4.04
C LYS A 22 -3.99 -9.90 -4.41
N THR A 23 -3.08 -10.07 -3.47
CA THR A 23 -1.69 -9.73 -3.66
C THR A 23 -1.02 -10.70 -4.62
N MET A 24 0.24 -10.42 -4.97
CA MET A 24 0.99 -11.29 -5.86
C MET A 24 1.22 -12.64 -5.19
N SER A 25 1.13 -12.65 -3.87
CA SER A 25 1.30 -13.85 -3.08
C SER A 25 0.01 -14.66 -3.01
N GLY A 26 -1.08 -14.05 -3.48
CA GLY A 26 -2.37 -14.71 -3.47
C GLY A 26 -3.10 -14.54 -2.16
N LEU A 27 -2.84 -13.41 -1.49
CA LEU A 27 -3.48 -13.13 -0.22
C LEU A 27 -4.61 -12.12 -0.41
N GLU A 28 -5.76 -12.39 0.20
CA GLU A 28 -6.90 -11.49 0.11
C GLU A 28 -6.59 -10.19 0.85
N CYS A 29 -6.70 -9.08 0.15
CA CYS A 29 -6.43 -7.78 0.73
C CYS A 29 -7.40 -7.42 1.85
N GLN A 30 -6.93 -6.59 2.77
CA GLN A 30 -7.74 -6.13 3.88
C GLN A 30 -8.55 -4.91 3.44
N ALA A 31 -9.78 -4.81 3.90
CA ALA A 31 -10.64 -3.69 3.55
C ALA A 31 -10.03 -2.37 4.01
N TRP A 32 -10.09 -1.37 3.14
CA TRP A 32 -9.54 -0.06 3.43
C TRP A 32 -10.29 0.60 4.60
N ASP A 33 -11.51 0.17 4.82
CA ASP A 33 -12.33 0.72 5.90
C ASP A 33 -12.17 -0.10 7.17
N SER A 34 -11.43 -1.20 7.07
CA SER A 34 -11.21 -2.08 8.22
C SER A 34 -9.88 -1.75 8.87
N GLN A 35 -9.86 -1.76 10.20
CA GLN A 35 -8.64 -1.49 10.95
C GLN A 35 -8.03 -2.80 11.44
N SER A 36 -8.62 -3.90 11.00
CA SER A 36 -8.14 -5.23 11.35
C SER A 36 -7.85 -6.01 10.08
N PRO A 37 -6.80 -6.86 10.08
CA PRO A 37 -5.93 -7.05 11.25
C PRO A 37 -4.90 -5.94 11.43
N HIS A 38 -4.58 -5.22 10.37
CA HIS A 38 -3.59 -4.15 10.44
C HIS A 38 -4.25 -2.79 10.50
N ALA A 39 -3.80 -1.95 11.43
CA ALA A 39 -4.34 -0.61 11.57
C ALA A 39 -3.59 0.33 10.65
N HIS A 40 -4.28 1.29 10.06
CA HIS A 40 -3.64 2.22 9.13
C HIS A 40 -4.43 3.53 9.02
N GLY A 41 -3.88 4.47 8.26
CA GLY A 41 -4.54 5.75 8.08
C GLY A 41 -5.02 5.94 6.65
N TYR A 42 -5.19 4.84 5.95
CA TYR A 42 -5.66 4.88 4.57
C TYR A 42 -7.18 4.74 4.54
N ILE A 43 -7.83 5.61 5.28
CA ILE A 43 -9.27 5.62 5.41
C ILE A 43 -9.92 6.23 4.16
N PRO A 44 -10.94 5.56 3.60
CA PRO A 44 -11.66 6.06 2.41
C PRO A 44 -12.22 7.46 2.61
N SER A 45 -12.51 7.82 3.85
CA SER A 45 -13.04 9.14 4.16
C SER A 45 -11.93 10.19 4.08
N LYS A 46 -10.69 9.75 4.30
CA LYS A 46 -9.54 10.64 4.25
C LYS A 46 -9.10 10.84 2.81
N PHE A 47 -9.26 9.78 2.01
CA PHE A 47 -8.90 9.83 0.60
C PHE A 47 -10.08 9.39 -0.26
N PRO A 48 -11.14 10.21 -0.33
CA PRO A 48 -12.35 9.87 -1.11
C PRO A 48 -12.11 9.94 -2.61
N ASN A 49 -11.07 10.66 -3.01
CA ASN A 49 -10.74 10.82 -4.42
C ASN A 49 -9.68 9.82 -4.85
N LYS A 50 -9.59 8.70 -4.15
CA LYS A 50 -8.59 7.68 -4.49
C LYS A 50 -9.24 6.34 -4.81
N ASN A 51 -10.57 6.33 -4.93
CA ASN A 51 -11.33 5.12 -5.26
C ASN A 51 -11.05 3.96 -4.29
N LEU A 52 -10.91 4.28 -3.01
CA LEU A 52 -10.65 3.24 -2.01
C LEU A 52 -11.95 2.54 -1.67
N LYS A 53 -12.25 1.48 -2.41
CA LYS A 53 -13.47 0.71 -2.21
C LYS A 53 -13.16 -0.71 -1.74
N LYS A 54 -13.88 -1.14 -0.71
CA LYS A 54 -13.74 -2.48 -0.14
C LYS A 54 -12.28 -2.83 0.15
N ASN A 55 -11.80 -3.90 -0.46
CA ASN A 55 -10.44 -4.36 -0.27
C ASN A 55 -9.74 -4.52 -1.61
N TYR A 56 -10.20 -3.79 -2.60
CA TYR A 56 -9.64 -3.87 -3.94
C TYR A 56 -8.26 -3.23 -3.98
N CYS A 57 -7.37 -3.82 -4.78
CA CYS A 57 -6.01 -3.31 -4.93
C CYS A 57 -6.02 -1.94 -5.58
N ARG A 58 -5.38 -0.97 -4.95
CA ARG A 58 -5.33 0.38 -5.49
C ARG A 58 -3.94 0.98 -5.33
N ASN A 59 -3.74 2.14 -5.93
CA ASN A 59 -2.46 2.84 -5.87
C ASN A 59 -2.71 4.27 -5.44
N PRO A 60 -2.79 4.52 -4.12
CA PRO A 60 -3.07 5.84 -3.57
C PRO A 60 -1.83 6.64 -3.18
N ASP A 61 -0.64 6.10 -3.44
CA ASP A 61 0.59 6.80 -3.09
C ASP A 61 1.47 7.03 -4.32
N ARG A 62 0.95 6.64 -5.48
CA ARG A 62 1.65 6.78 -6.75
C ARG A 62 2.89 5.87 -6.79
N ASP A 63 2.72 4.65 -6.30
CA ASP A 63 3.80 3.67 -6.28
C ASP A 63 3.95 3.03 -7.66
N LEU A 64 4.90 2.12 -7.78
CA LEU A 64 5.14 1.43 -9.05
C LEU A 64 3.95 0.57 -9.45
N ARG A 65 3.52 -0.29 -8.54
CA ARG A 65 2.39 -1.16 -8.79
C ARG A 65 1.39 -1.06 -7.65
N PRO A 66 0.10 -1.25 -7.93
CA PRO A 66 -0.94 -1.21 -6.89
C PRO A 66 -0.66 -2.19 -5.78
N TRP A 67 -1.06 -1.85 -4.57
CA TRP A 67 -0.82 -2.70 -3.41
C TRP A 67 -2.03 -2.70 -2.49
N CYS A 68 -1.91 -3.42 -1.40
CA CYS A 68 -2.98 -3.53 -0.42
C CYS A 68 -2.46 -4.19 0.85
N PHE A 69 -3.22 -4.06 1.92
CA PHE A 69 -2.88 -4.71 3.17
C PHE A 69 -3.33 -6.15 3.09
N THR A 70 -2.64 -7.07 3.72
CA THR A 70 -3.03 -8.47 3.63
C THR A 70 -3.75 -8.93 4.88
N THR A 71 -4.32 -10.13 4.82
CA THR A 71 -5.03 -10.70 5.94
C THR A 71 -4.06 -11.50 6.82
N ASP A 72 -2.79 -11.44 6.46
CA ASP A 72 -1.74 -12.14 7.20
C ASP A 72 -1.05 -11.17 8.15
N PRO A 73 -1.11 -11.44 9.47
CA PRO A 73 -0.48 -10.59 10.49
C PRO A 73 1.03 -10.48 10.30
N ASN A 74 1.60 -11.41 9.54
CA ASN A 74 3.04 -11.41 9.29
C ASN A 74 3.37 -10.62 8.03
N LYS A 75 2.36 -10.06 7.40
CA LYS A 75 2.55 -9.28 6.18
C LYS A 75 1.60 -8.09 6.18
N ARG A 76 2.10 -6.94 6.61
CA ARG A 76 1.30 -5.72 6.68
C ARG A 76 0.71 -5.38 5.32
N TRP A 77 1.57 -5.13 4.35
CA TRP A 77 1.13 -4.78 3.02
C TRP A 77 1.94 -5.55 1.99
N GLU A 78 1.35 -5.74 0.81
CA GLU A 78 2.01 -6.46 -0.26
C GLU A 78 1.57 -5.89 -1.60
N TYR A 79 2.28 -6.24 -2.66
CA TYR A 79 1.95 -5.76 -3.99
C TYR A 79 0.98 -6.71 -4.67
N CYS A 80 0.10 -6.17 -5.50
CA CYS A 80 -0.88 -6.98 -6.21
C CYS A 80 -0.39 -7.30 -7.63
N ASP A 81 -0.91 -8.38 -8.19
CA ASP A 81 -0.52 -8.77 -9.54
C ASP A 81 -1.67 -8.53 -10.51
N ILE A 82 -1.71 -7.33 -11.04
CA ILE A 82 -2.76 -6.93 -11.98
C ILE A 82 -2.20 -6.86 -13.39
N PRO A 83 -2.91 -7.43 -14.38
CA PRO A 83 -2.48 -7.43 -15.77
C PRO A 83 -2.39 -6.02 -16.37
N ARG A 84 -1.73 -5.91 -17.50
CA ARG A 84 -1.58 -4.64 -18.19
C ARG A 84 -2.47 -4.59 -19.41
N CYS A 85 -2.81 -3.39 -19.85
CA CYS A 85 -3.67 -3.22 -21.02
C CYS A 85 -2.84 -3.02 -22.29
N GLY B 1 -13.08 30.52 -7.76
CA GLY B 1 -12.90 31.85 -7.21
C GLY B 1 -13.79 32.86 -7.91
N SER B 2 -13.18 33.94 -8.40
CA SER B 2 -13.91 34.99 -9.08
C SER B 2 -14.37 34.50 -10.46
N ALA B 3 -13.53 33.72 -11.12
CA ALA B 3 -13.85 33.17 -12.42
C ALA B 3 -14.34 31.73 -12.31
N GLY B 4 -14.11 31.15 -11.14
CA GLY B 4 -14.53 29.78 -10.90
C GLY B 4 -13.43 28.78 -11.20
N LEU B 5 -12.25 29.30 -11.56
CA LEU B 5 -11.11 28.46 -11.89
C LEU B 5 -10.66 27.66 -10.68
N GLN B 6 -10.73 28.29 -9.51
CA GLN B 6 -10.32 27.64 -8.27
C GLN B 6 -11.35 26.57 -7.88
N GLU B 7 -12.59 26.76 -8.34
CA GLU B 7 -13.66 25.82 -8.04
C GLU B 7 -13.49 24.57 -8.89
N LYS B 8 -12.79 24.72 -10.00
CA LYS B 8 -12.53 23.61 -10.91
C LYS B 8 -11.40 22.76 -10.35
N GLU B 9 -10.40 23.42 -9.78
CA GLU B 9 -9.23 22.76 -9.22
C GLU B 9 -9.59 21.95 -7.99
N ARG B 10 -10.29 22.59 -7.04
CA ARG B 10 -10.70 21.94 -5.79
C ARG B 10 -9.49 21.47 -4.98
N GLU B 11 -8.32 22.00 -5.32
CA GLU B 11 -7.06 21.67 -4.67
C GLU B 11 -6.81 20.16 -4.70
N LEU B 12 -7.20 19.52 -5.79
CA LEU B 12 -7.00 18.07 -5.94
C LEU B 12 -5.52 17.77 -6.11
N GLU B 13 -4.80 18.70 -6.74
CA GLU B 13 -3.37 18.56 -6.96
C GLU B 13 -2.60 18.57 -5.64
N ASP B 14 -3.22 19.15 -4.62
CA ASP B 14 -2.61 19.24 -3.30
C ASP B 14 -2.46 17.85 -2.68
N LEU B 15 -3.41 16.98 -3.00
CA LEU B 15 -3.40 15.60 -2.49
C LEU B 15 -2.24 14.82 -3.11
N LYS B 16 -1.85 15.21 -4.31
CA LYS B 16 -0.76 14.56 -5.03
C LYS B 16 0.59 15.10 -4.59
N ASP B 17 0.59 16.32 -4.06
CA ASP B 17 1.83 16.94 -3.60
C ASP B 17 2.30 16.25 -2.32
N ALA B 18 1.34 15.93 -1.45
CA ALA B 18 1.64 15.27 -0.18
C ALA B 18 2.18 13.86 -0.40
N GLU B 19 1.72 13.21 -1.48
CA GLU B 19 2.17 11.87 -1.82
C GLU B 19 3.69 11.82 -1.98
N LEU B 20 4.21 12.77 -2.75
CA LEU B 20 5.64 12.86 -3.00
C LEU B 20 6.36 13.45 -1.79
N LYS B 21 5.64 14.28 -1.05
CA LYS B 21 6.19 14.93 0.14
C LYS B 21 6.55 13.90 1.22
N ARG B 22 5.71 12.90 1.39
CA ARG B 22 5.94 11.85 2.37
C ARG B 22 6.79 10.74 1.77
N LEU B 23 6.45 10.36 0.54
CA LEU B 23 7.17 9.31 -0.19
C LEU B 23 7.20 8.00 0.59
N ASN B 24 6.08 7.68 1.24
CA ASN B 24 5.92 6.45 2.02
C ASN B 24 7.02 6.28 3.06
N GLU B 25 7.41 7.37 3.71
CA GLU B 25 8.45 7.32 4.73
C GLU B 25 8.11 6.30 5.83
N GLU B 26 6.86 6.33 6.28
CA GLU B 26 6.40 5.43 7.33
C GLU B 26 6.25 4.01 6.78
N ARG B 27 5.41 3.88 5.77
CA ARG B 27 5.14 2.59 5.12
C ARG B 27 6.42 1.83 4.78
N HIS B 28 7.41 2.51 4.23
CA HIS B 28 8.67 1.88 3.85
C HIS B 28 9.46 1.40 5.07
N ASP B 29 9.49 2.21 6.11
CA ASP B 29 10.22 1.86 7.33
C ASP B 29 9.59 0.66 8.02
N HIS B 30 8.30 0.48 7.81
CA HIS B 30 7.58 -0.63 8.41
C HIS B 30 8.03 -1.95 7.79
N ASP B 31 8.37 -1.91 6.51
CA ASP B 31 8.85 -3.10 5.79
C ASP B 31 10.22 -3.49 6.33
N LYS B 32 11.03 -2.48 6.63
CA LYS B 32 12.37 -2.67 7.17
C LYS B 32 12.32 -3.44 8.48
N ARG B 33 11.30 -3.15 9.28
CA ARG B 33 11.11 -3.79 10.58
C ARG B 33 10.49 -5.18 10.42
N GLU B 34 9.52 -5.28 9.52
CA GLU B 34 8.83 -6.55 9.27
C GLU B 34 9.80 -7.62 8.78
N ALA B 35 10.78 -7.20 8.00
CA ALA B 35 11.77 -8.12 7.46
C ALA B 35 12.53 -8.84 8.58
N GLU B 36 12.77 -8.15 9.68
CA GLU B 36 13.48 -8.73 10.81
C GLU B 36 12.63 -9.79 11.49
N ARG B 37 11.32 -9.62 11.42
CA ARG B 37 10.39 -10.59 12.02
C ARG B 37 10.44 -11.91 11.28
N LYS B 38 10.53 -11.82 9.96
CA LYS B 38 10.60 -13.00 9.12
C LYS B 38 11.89 -13.76 9.37
N ALA B 39 12.98 -13.02 9.55
CA ALA B 39 14.29 -13.61 9.80
C ALA B 39 14.38 -14.10 11.25
N LEU B 40 13.54 -13.53 12.11
CA LEU B 40 13.53 -13.89 13.52
C LEU B 40 13.16 -15.36 13.69
N GLU B 41 12.13 -15.79 12.97
CA GLU B 41 11.67 -17.17 13.05
C GLU B 41 12.68 -18.08 12.36
N ASP B 42 13.46 -17.50 11.46
CA ASP B 42 14.50 -18.26 10.74
C ASP B 42 15.60 -18.65 11.71
N LYS B 43 15.82 -17.80 12.71
CA LYS B 43 16.84 -18.06 13.73
C LYS B 43 16.42 -19.25 14.57
N LEU B 44 15.12 -19.36 14.80
CA LEU B 44 14.56 -20.45 15.59
C LEU B 44 14.59 -21.76 14.81
N ALA B 45 14.69 -21.64 13.49
CA ALA B 45 14.73 -22.81 12.63
C ALA B 45 16.16 -23.35 12.54
N ASP B 46 17.10 -22.59 13.11
CA ASP B 46 18.51 -22.96 13.13
C ASP B 46 19.06 -23.20 11.73
N LYS B 47 18.88 -22.23 10.84
CA LYS B 47 19.35 -22.36 9.47
C LYS B 47 20.84 -22.04 9.38
N GLN B 48 21.20 -20.78 9.57
CA GLN B 48 22.59 -20.39 9.48
C GLN B 48 22.94 -19.30 10.49
N GLU B 49 22.13 -18.24 10.53
CA GLU B 49 22.36 -17.12 11.44
C GLU B 49 23.71 -16.46 11.12
N HIS B 50 23.83 -15.89 9.94
CA HIS B 50 25.07 -15.25 9.51
C HIS B 50 25.11 -13.77 9.85
N LEU B 51 24.16 -13.33 10.67
CA LEU B 51 24.10 -11.93 11.05
C LEU B 51 24.82 -11.72 12.39
N ASP B 52 25.79 -10.81 12.38
CA ASP B 52 26.53 -10.49 13.59
C ASP B 52 25.73 -9.53 14.46
N GLY B 53 25.11 -8.56 13.81
CA GLY B 53 24.31 -7.59 14.51
C GLY B 53 25.10 -6.33 14.85
N ALA B 54 26.33 -6.27 14.36
CA ALA B 54 27.18 -5.12 14.60
C ALA B 54 26.80 -3.98 13.65
N LEU B 55 26.83 -4.25 12.35
CA LEU B 55 26.49 -3.26 11.36
C LEU B 55 24.98 -3.15 11.17
N ARG B 56 24.32 -4.30 11.11
CA ARG B 56 22.87 -4.38 10.93
C ARG B 56 22.47 -3.74 9.59
N TYR B 57 23.36 -3.86 8.62
CA TYR B 57 23.15 -3.32 7.27
C TYR B 57 22.85 -1.83 7.31
N GLU A 6 -11.53 -0.09 -15.32
CA GLU A 6 -10.70 -0.99 -16.11
C GLU A 6 -10.06 -2.06 -15.23
N GLU A 7 -9.85 -3.23 -15.81
CA GLU A 7 -9.25 -4.35 -15.09
C GLU A 7 -7.79 -4.53 -15.48
N CYS A 8 -7.21 -3.49 -16.06
CA CYS A 8 -5.81 -3.52 -16.46
C CYS A 8 -5.16 -2.18 -16.17
N MET A 9 -3.84 -2.18 -16.06
CA MET A 9 -3.11 -0.95 -15.78
C MET A 9 -2.38 -0.45 -17.02
N HIS A 10 -2.29 0.87 -17.14
CA HIS A 10 -1.60 1.47 -18.27
C HIS A 10 -0.17 1.85 -17.86
N GLY A 11 -0.05 2.44 -16.69
CA GLY A 11 1.24 2.83 -16.18
C GLY A 11 1.51 2.25 -14.81
N SER A 12 1.28 3.05 -13.78
CA SER A 12 1.51 2.60 -12.41
C SER A 12 0.22 2.00 -11.83
N GLY A 13 -0.91 2.34 -12.43
CA GLY A 13 -2.18 1.81 -11.97
C GLY A 13 -2.92 2.73 -11.02
N GLU A 14 -2.67 4.03 -11.13
CA GLU A 14 -3.34 5.00 -10.26
C GLU A 14 -4.82 5.10 -10.62
N ASN A 15 -5.13 4.77 -11.87
CA ASN A 15 -6.51 4.82 -12.35
C ASN A 15 -7.13 3.44 -12.39
N TYR A 16 -6.55 2.50 -11.66
CA TYR A 16 -7.07 1.14 -11.65
C TYR A 16 -8.20 1.00 -10.63
N ASP A 17 -9.42 0.94 -11.12
CA ASP A 17 -10.58 0.78 -10.25
C ASP A 17 -11.20 -0.60 -10.49
N GLY A 18 -10.33 -1.60 -10.54
CA GLY A 18 -10.77 -2.96 -10.75
C GLY A 18 -11.29 -3.60 -9.48
N LYS A 19 -11.73 -4.84 -9.59
CA LYS A 19 -12.28 -5.55 -8.44
C LYS A 19 -11.30 -6.59 -7.89
N ILE A 20 -10.08 -6.60 -8.39
CA ILE A 20 -9.08 -7.55 -7.89
C ILE A 20 -8.62 -7.12 -6.50
N SER A 21 -8.75 -8.02 -5.54
CA SER A 21 -8.38 -7.73 -4.17
C SER A 21 -7.45 -8.80 -3.60
N LYS A 22 -6.41 -9.13 -4.33
CA LYS A 22 -5.47 -10.13 -3.86
C LYS A 22 -4.04 -9.75 -4.21
N THR A 23 -3.13 -10.06 -3.31
CA THR A 23 -1.72 -9.77 -3.51
C THR A 23 -1.14 -10.66 -4.58
N MET A 24 0.08 -10.36 -5.02
CA MET A 24 0.75 -11.16 -6.04
C MET A 24 1.01 -12.57 -5.51
N SER A 25 1.00 -12.71 -4.20
CA SER A 25 1.21 -13.98 -3.55
C SER A 25 -0.08 -14.79 -3.53
N GLY A 26 -1.22 -14.10 -3.54
CA GLY A 26 -2.49 -14.78 -3.54
C GLY A 26 -3.26 -14.60 -2.25
N LEU A 27 -2.89 -13.60 -1.47
CA LEU A 27 -3.56 -13.34 -0.20
C LEU A 27 -4.65 -12.29 -0.40
N GLU A 28 -5.83 -12.56 0.14
CA GLU A 28 -6.95 -11.64 0.04
C GLU A 28 -6.64 -10.36 0.83
N CYS A 29 -6.72 -9.23 0.15
CA CYS A 29 -6.45 -7.94 0.77
C CYS A 29 -7.47 -7.59 1.84
N GLN A 30 -7.04 -6.77 2.78
CA GLN A 30 -7.89 -6.31 3.87
C GLN A 30 -8.64 -5.05 3.42
N ALA A 31 -9.88 -4.89 3.86
CA ALA A 31 -10.69 -3.73 3.51
C ALA A 31 -10.01 -2.44 3.96
N TRP A 32 -9.99 -1.45 3.07
CA TRP A 32 -9.37 -0.16 3.35
C TRP A 32 -10.09 0.56 4.49
N ASP A 33 -11.35 0.20 4.71
CA ASP A 33 -12.14 0.82 5.77
C ASP A 33 -11.96 0.06 7.09
N SER A 34 -11.32 -1.09 7.02
CA SER A 34 -11.10 -1.91 8.19
C SER A 34 -9.75 -1.62 8.81
N GLN A 35 -9.67 -1.70 10.13
CA GLN A 35 -8.43 -1.48 10.86
C GLN A 35 -7.90 -2.79 11.39
N SER A 36 -8.53 -3.88 10.97
CA SER A 36 -8.13 -5.20 11.39
C SER A 36 -7.89 -6.09 10.17
N PRO A 37 -6.83 -6.91 10.20
CA PRO A 37 -5.93 -7.01 11.36
C PRO A 37 -4.86 -5.91 11.39
N HIS A 38 -4.64 -5.24 10.27
CA HIS A 38 -3.63 -4.20 10.20
C HIS A 38 -4.25 -2.81 10.28
N ALA A 39 -3.77 -2.02 11.23
CA ALA A 39 -4.26 -0.66 11.41
C ALA A 39 -3.46 0.30 10.53
N HIS A 40 -4.16 1.13 9.77
CA HIS A 40 -3.52 2.07 8.87
C HIS A 40 -4.32 3.37 8.78
N GLY A 41 -3.73 4.38 8.16
CA GLY A 41 -4.39 5.66 8.02
C GLY A 41 -4.95 5.88 6.62
N TYR A 42 -5.03 4.80 5.85
CA TYR A 42 -5.56 4.89 4.49
C TYR A 42 -7.08 4.75 4.52
N ILE A 43 -7.72 5.63 5.27
CA ILE A 43 -9.16 5.62 5.42
C ILE A 43 -9.82 6.12 4.13
N PRO A 44 -10.81 5.38 3.60
CA PRO A 44 -11.52 5.76 2.38
C PRO A 44 -12.17 7.15 2.50
N SER A 45 -12.44 7.57 3.73
CA SER A 45 -13.04 8.88 3.97
C SER A 45 -11.97 9.96 3.95
N LYS A 46 -10.72 9.54 4.16
CA LYS A 46 -9.59 10.46 4.17
C LYS A 46 -9.19 10.76 2.73
N PHE A 47 -9.32 9.76 1.88
CA PHE A 47 -9.01 9.91 0.46
C PHE A 47 -10.12 9.29 -0.38
N PRO A 48 -11.32 9.92 -0.38
CA PRO A 48 -12.48 9.42 -1.12
C PRO A 48 -12.31 9.56 -2.63
N ASN A 49 -11.31 10.33 -3.03
CA ASN A 49 -11.04 10.53 -4.43
C ASN A 49 -9.89 9.65 -4.91
N LYS A 50 -9.58 8.63 -4.13
CA LYS A 50 -8.51 7.70 -4.47
C LYS A 50 -9.07 6.34 -4.83
N ASN A 51 -10.39 6.24 -4.85
CA ASN A 51 -11.10 5.00 -5.20
C ASN A 51 -10.81 3.86 -4.22
N LEU A 52 -10.76 4.18 -2.92
CA LEU A 52 -10.51 3.17 -1.91
C LEU A 52 -11.82 2.46 -1.58
N LYS A 53 -12.16 1.48 -2.39
CA LYS A 53 -13.40 0.74 -2.24
C LYS A 53 -13.13 -0.70 -1.82
N LYS A 54 -13.84 -1.13 -0.77
CA LYS A 54 -13.72 -2.49 -0.24
C LYS A 54 -12.26 -2.84 0.08
N ASN A 55 -11.78 -3.92 -0.50
CA ASN A 55 -10.42 -4.36 -0.29
C ASN A 55 -9.69 -4.49 -1.62
N TYR A 56 -10.22 -3.83 -2.65
CA TYR A 56 -9.64 -3.88 -3.98
C TYR A 56 -8.26 -3.21 -4.00
N CYS A 57 -7.35 -3.78 -4.78
CA CYS A 57 -6.00 -3.24 -4.88
C CYS A 57 -6.00 -1.87 -5.54
N ARG A 58 -5.34 -0.91 -4.90
CA ARG A 58 -5.29 0.46 -5.41
C ARG A 58 -3.88 1.03 -5.30
N ASN A 59 -3.70 2.22 -5.85
CA ASN A 59 -2.41 2.91 -5.80
C ASN A 59 -2.65 4.37 -5.40
N PRO A 60 -2.82 4.62 -4.09
CA PRO A 60 -3.09 5.96 -3.58
C PRO A 60 -1.85 6.73 -3.14
N ASP A 61 -0.67 6.15 -3.36
CA ASP A 61 0.57 6.83 -2.97
C ASP A 61 1.55 6.95 -4.12
N ARG A 62 1.05 6.76 -5.34
CA ARG A 62 1.85 6.88 -6.56
C ARG A 62 3.05 5.94 -6.54
N ASP A 63 2.80 4.68 -6.22
CA ASP A 63 3.86 3.67 -6.17
C ASP A 63 4.08 3.08 -7.57
N LEU A 64 4.93 2.06 -7.66
CA LEU A 64 5.24 1.42 -8.93
C LEU A 64 4.02 0.65 -9.44
N ARG A 65 3.50 -0.22 -8.60
CA ARG A 65 2.34 -1.02 -8.92
C ARG A 65 1.34 -0.97 -7.76
N PRO A 66 0.05 -1.17 -8.03
CA PRO A 66 -0.98 -1.15 -6.98
C PRO A 66 -0.68 -2.16 -5.89
N TRP A 67 -1.05 -1.83 -4.66
CA TRP A 67 -0.79 -2.70 -3.54
C TRP A 67 -1.99 -2.74 -2.60
N CYS A 68 -1.87 -3.47 -1.51
CA CYS A 68 -2.94 -3.58 -0.53
C CYS A 68 -2.41 -4.19 0.76
N PHE A 69 -3.21 -4.07 1.81
CA PHE A 69 -2.85 -4.65 3.10
C PHE A 69 -3.33 -6.09 3.10
N THR A 70 -2.53 -7.00 3.62
CA THR A 70 -2.92 -8.40 3.62
C THR A 70 -3.74 -8.72 4.86
N THR A 71 -4.35 -9.89 4.85
CA THR A 71 -5.14 -10.33 5.98
C THR A 71 -4.29 -11.18 6.91
N ASP A 72 -3.01 -11.28 6.56
CA ASP A 72 -2.05 -12.04 7.34
C ASP A 72 -1.28 -11.12 8.27
N PRO A 73 -1.41 -11.31 9.60
CA PRO A 73 -0.73 -10.48 10.60
C PRO A 73 0.79 -10.59 10.56
N ASN A 74 1.32 -11.36 9.63
CA ASN A 74 2.76 -11.52 9.53
C ASN A 74 3.34 -10.64 8.43
N LYS A 75 2.48 -9.91 7.73
CA LYS A 75 2.89 -9.00 6.67
C LYS A 75 1.89 -7.86 6.56
N ARG A 76 2.34 -6.65 6.90
CA ARG A 76 1.49 -5.46 6.88
C ARG A 76 0.88 -5.21 5.51
N TRP A 77 1.73 -5.07 4.50
CA TRP A 77 1.26 -4.80 3.15
C TRP A 77 2.07 -5.59 2.13
N GLU A 78 1.51 -5.75 0.94
CA GLU A 78 2.17 -6.48 -0.14
C GLU A 78 1.75 -5.92 -1.50
N TYR A 79 2.46 -6.34 -2.53
CA TYR A 79 2.17 -5.89 -3.88
C TYR A 79 1.08 -6.75 -4.51
N CYS A 80 0.27 -6.13 -5.37
CA CYS A 80 -0.82 -6.84 -6.04
C CYS A 80 -0.44 -7.19 -7.47
N ASP A 81 -1.13 -8.18 -8.02
CA ASP A 81 -0.88 -8.62 -9.39
C ASP A 81 -2.04 -8.23 -10.29
N ILE A 82 -1.83 -7.21 -11.10
CA ILE A 82 -2.86 -6.73 -12.01
C ILE A 82 -2.34 -6.73 -13.45
N PRO A 83 -3.12 -7.30 -14.39
CA PRO A 83 -2.75 -7.36 -15.81
C PRO A 83 -2.55 -5.97 -16.43
N ARG A 84 -1.91 -5.95 -17.58
CA ARG A 84 -1.64 -4.71 -18.29
C ARG A 84 -2.35 -4.72 -19.64
N CYS A 85 -2.76 -3.55 -20.10
CA CYS A 85 -3.45 -3.43 -21.39
C CYS A 85 -2.45 -3.33 -22.54
N GLY B 1 -16.26 28.67 -6.32
CA GLY B 1 -17.25 28.94 -5.30
C GLY B 1 -18.59 29.31 -5.89
N SER B 2 -18.55 29.98 -7.03
CA SER B 2 -19.75 30.39 -7.74
C SER B 2 -19.55 30.21 -9.23
N ALA B 3 -18.57 29.39 -9.59
CA ALA B 3 -18.27 29.14 -10.99
C ALA B 3 -18.74 27.76 -11.42
N GLY B 4 -18.71 26.81 -10.49
CA GLY B 4 -19.13 25.46 -10.79
C GLY B 4 -17.99 24.61 -11.28
N LEU B 5 -17.18 25.17 -12.17
CA LEU B 5 -16.05 24.46 -12.74
C LEU B 5 -15.05 24.04 -11.67
N GLN B 6 -14.81 24.91 -10.70
CA GLN B 6 -13.87 24.64 -9.62
C GLN B 6 -14.44 23.61 -8.66
N GLU B 7 -15.71 23.78 -8.32
CA GLU B 7 -16.40 22.86 -7.42
C GLU B 7 -16.43 21.45 -7.99
N LYS B 8 -16.47 21.35 -9.32
CA LYS B 8 -16.50 20.06 -10.00
C LYS B 8 -15.16 19.35 -9.85
N GLU B 9 -14.09 20.12 -9.66
CA GLU B 9 -12.76 19.57 -9.51
C GLU B 9 -12.50 19.15 -8.06
N ARG B 10 -13.13 19.88 -7.13
CA ARG B 10 -12.99 19.60 -5.69
C ARG B 10 -11.54 19.75 -5.22
N GLU B 11 -10.78 20.59 -5.93
CA GLU B 11 -9.38 20.85 -5.62
C GLU B 11 -8.55 19.56 -5.58
N LEU B 12 -8.42 18.92 -6.74
CA LEU B 12 -7.63 17.70 -6.85
C LEU B 12 -6.14 18.01 -6.71
N GLU B 13 -5.77 19.22 -7.11
CA GLU B 13 -4.40 19.68 -7.04
C GLU B 13 -3.94 19.80 -5.58
N ASP B 14 -4.89 19.97 -4.69
CA ASP B 14 -4.61 20.12 -3.27
C ASP B 14 -4.28 18.77 -2.64
N LEU B 15 -5.04 17.75 -3.04
CA LEU B 15 -4.84 16.40 -2.52
C LEU B 15 -3.47 15.84 -2.90
N LYS B 16 -3.02 16.19 -4.09
CA LYS B 16 -1.73 15.74 -4.60
C LYS B 16 -0.57 16.31 -3.79
N ASP B 17 -0.82 17.42 -3.09
CA ASP B 17 0.21 18.06 -2.28
C ASP B 17 0.59 17.17 -1.09
N ALA B 18 -0.43 16.49 -0.55
CA ALA B 18 -0.22 15.60 0.58
C ALA B 18 0.49 14.33 0.13
N GLU B 19 0.24 13.95 -1.13
CA GLU B 19 0.87 12.77 -1.73
C GLU B 19 2.38 12.88 -1.69
N LEU B 20 2.88 14.08 -1.95
CA LEU B 20 4.31 14.34 -1.97
C LEU B 20 4.84 14.60 -0.56
N LYS B 21 3.95 14.97 0.34
CA LYS B 21 4.32 15.27 1.72
C LYS B 21 4.66 13.98 2.47
N ARG B 22 3.79 12.98 2.39
CA ARG B 22 4.02 11.72 3.07
C ARG B 22 5.15 10.94 2.42
N LEU B 23 5.04 10.72 1.11
CA LEU B 23 6.04 9.98 0.33
C LEU B 23 6.29 8.59 0.91
N ASN B 24 5.25 8.01 1.53
CA ASN B 24 5.32 6.67 2.12
C ASN B 24 6.43 6.55 3.15
N GLU B 25 6.66 7.62 3.91
CA GLU B 25 7.71 7.63 4.93
C GLU B 25 7.51 6.51 5.95
N GLU B 26 6.33 6.45 6.56
CA GLU B 26 6.02 5.45 7.56
C GLU B 26 6.03 4.04 6.96
N ARG B 27 5.29 3.88 5.86
CA ARG B 27 5.19 2.60 5.17
C ARG B 27 6.57 2.03 4.83
N HIS B 28 7.50 2.89 4.45
CA HIS B 28 8.84 2.45 4.10
C HIS B 28 9.61 1.98 5.33
N ASP B 29 9.63 2.78 6.38
CA ASP B 29 10.35 2.44 7.61
C ASP B 29 9.70 1.25 8.32
N HIS B 30 8.37 1.17 8.27
CA HIS B 30 7.65 0.08 8.92
C HIS B 30 7.93 -1.25 8.24
N ASP B 31 8.06 -1.23 6.91
CA ASP B 31 8.35 -2.45 6.15
C ASP B 31 9.79 -2.88 6.43
N LYS B 32 10.63 -1.88 6.67
CA LYS B 32 12.05 -2.10 6.99
C LYS B 32 12.14 -2.96 8.25
N ARG B 33 11.32 -2.61 9.23
CA ARG B 33 11.26 -3.34 10.50
C ARG B 33 10.65 -4.73 10.29
N GLU B 34 9.75 -4.84 9.32
CA GLU B 34 9.08 -6.10 9.02
C GLU B 34 10.11 -7.15 8.56
N ALA B 35 11.23 -6.68 8.03
CA ALA B 35 12.29 -7.57 7.55
C ALA B 35 12.92 -8.32 8.72
N GLU B 36 13.24 -7.58 9.79
CA GLU B 36 13.84 -8.17 10.98
C GLU B 36 12.85 -9.10 11.67
N ARG B 37 11.57 -8.76 11.54
CA ARG B 37 10.49 -9.55 12.12
C ARG B 37 10.46 -10.95 11.52
N LYS B 38 10.49 -11.00 10.19
CA LYS B 38 10.47 -12.29 9.48
C LYS B 38 11.74 -13.07 9.76
N ALA B 39 12.86 -12.36 9.83
CA ALA B 39 14.15 -12.98 10.07
C ALA B 39 14.21 -13.61 11.46
N LEU B 40 13.49 -13.02 12.40
CA LEU B 40 13.45 -13.53 13.77
C LEU B 40 12.88 -14.95 13.81
N GLU B 41 11.81 -15.17 13.04
CA GLU B 41 11.17 -16.48 12.98
C GLU B 41 12.00 -17.43 12.13
N ASP B 42 12.63 -16.89 11.11
CA ASP B 42 13.46 -17.68 10.20
C ASP B 42 14.64 -18.29 10.95
N LYS B 43 15.33 -17.46 11.72
CA LYS B 43 16.48 -17.92 12.50
C LYS B 43 16.03 -18.83 13.65
N LEU B 44 14.81 -18.59 14.14
CA LEU B 44 14.26 -19.38 15.23
C LEU B 44 14.07 -20.84 14.81
N ALA B 45 13.83 -21.04 13.52
CA ALA B 45 13.63 -22.38 12.99
C ALA B 45 14.96 -23.05 12.69
N ASP B 46 16.06 -22.33 12.92
CA ASP B 46 17.42 -22.84 12.70
C ASP B 46 17.60 -23.31 11.25
N LYS B 47 17.10 -22.50 10.32
CA LYS B 47 17.21 -22.83 8.89
C LYS B 47 18.67 -22.96 8.47
N GLN B 48 19.43 -21.92 8.75
CA GLN B 48 20.84 -21.87 8.40
C GLN B 48 21.55 -20.79 9.20
N GLU B 49 20.82 -19.72 9.51
CA GLU B 49 21.36 -18.59 10.27
C GLU B 49 22.54 -17.99 9.54
N HIS B 50 22.33 -17.70 8.25
CA HIS B 50 23.38 -17.11 7.41
C HIS B 50 23.55 -15.61 7.68
N LEU B 51 23.53 -15.25 8.95
CA LEU B 51 23.69 -13.87 9.36
C LEU B 51 24.05 -13.81 10.83
N ASP B 52 25.30 -13.45 11.11
CA ASP B 52 25.77 -13.36 12.50
C ASP B 52 25.07 -12.23 13.22
N GLY B 53 24.85 -11.13 12.51
CA GLY B 53 24.20 -9.99 13.11
C GLY B 53 25.15 -9.26 14.04
N ALA B 54 26.43 -9.36 13.76
CA ALA B 54 27.45 -8.73 14.59
C ALA B 54 27.42 -7.21 14.41
N LEU B 55 27.50 -6.76 13.16
CA LEU B 55 27.47 -5.33 12.87
C LEU B 55 26.08 -4.77 13.11
N ARG B 56 25.06 -5.61 12.89
CA ARG B 56 23.66 -5.23 13.08
C ARG B 56 23.24 -4.17 12.07
N TYR B 57 23.81 -4.27 10.87
CA TYR B 57 23.52 -3.33 9.78
C TYR B 57 23.87 -1.90 10.17
#